data_7NT5
#
_entry.id   7NT5
#
_cell.length_a   1.00
_cell.length_b   1.00
_cell.length_c   1.00
_cell.angle_alpha   90.00
_cell.angle_beta   90.00
_cell.angle_gamma   90.00
#
_symmetry.space_group_name_H-M   'P 1'
#
loop_
_entity.id
_entity.type
_entity.pdbx_description
1 polymer Nucleoprotein
2 polymer 'RNA (78-MER)'
#
loop_
_entity_poly.entity_id
_entity_poly.type
_entity_poly.pdbx_seq_one_letter_code
_entity_poly.pdbx_strand_id
1 'polypeptide(L)'
;MGSSHHHHHHSSGLEVLFQGPAMSDIFEEAASFRSYQSKLGRDGRASAATATLTTKIRIFVPATNSPELRWELTLFALDV
IRSPSAAESMKVGAAFTLISMYSERPGALIRSLLNDPDIEAVIIDVGSMVNGIPVMERRGDKAQEEMEGLMRILKTARDS
SKGKTPFVDSRAYGLRITDMSTLVSAVITIEAQIWILIAKAVTAPDTAEESETRRWAKYVQQKRVNPFFALTQQWLTEMR
NLLSQSLSVRKFMVEILIEVKKGGSAKGRAVEIISDIGNYVEETGMAGFFATIRFGLETRYPALALNEFQSDLNTIKSLM
LLYREIGPRAPYMVLLEESIQTKFAPGGYPLLWSFAMGVATTIDRSMGALNINRGYLEPMYFRLGQKSARHHAGGIDQNM
ANRLGLSSDQVAELAAAVQETSAGRQESNVQAREAKFAAGGVLIGGSDQDIDEGEEPIEQSGRQSVTFKREMSISSLANS
VPSSSVSTSGGTRLTNSLLNLRSRLAAKAAKEAASSNATDDPAISNRTQGESEKKNNQDLKPAQNDLDFVRADV
;
A,B,C,D,E,F,G,H,I,J,K,L,M
2 'polyribonucleotide' UUUUUUUUUUUUUUUUUUUUUUUUUUUUUUUUUUUUUUUUUUUUUUUUUUUUUUUUUUUUUUUUUUUUUUUUUUUUUU N
#
# COMPACT_ATOMS: atom_id res chain seq x y z
N ILE A 26 11.56 -16.04 -32.32
CA ILE A 26 11.32 -17.32 -33.07
C ILE A 26 10.37 -17.07 -34.25
N PHE A 27 9.16 -16.60 -33.94
CA PHE A 27 8.13 -16.37 -34.95
C PHE A 27 8.50 -15.26 -35.94
N GLU A 28 9.33 -14.30 -35.49
CA GLU A 28 9.93 -13.20 -36.26
C GLU A 28 10.53 -13.74 -37.56
N GLU A 29 11.24 -14.86 -37.43
CA GLU A 29 11.96 -15.44 -38.53
C GLU A 29 10.99 -15.97 -39.57
N ALA A 30 9.95 -16.66 -39.09
CA ALA A 30 8.89 -17.22 -39.93
C ALA A 30 8.14 -16.11 -40.69
N ALA A 31 7.76 -15.04 -39.97
CA ALA A 31 7.11 -13.91 -40.60
C ALA A 31 7.99 -13.26 -41.66
N SER A 32 9.29 -13.11 -41.38
CA SER A 32 10.27 -12.55 -42.32
C SER A 32 10.44 -13.50 -43.50
N PHE A 33 10.34 -14.81 -43.26
CA PHE A 33 10.47 -15.82 -44.30
C PHE A 33 9.27 -15.77 -45.25
N ARG A 34 8.04 -15.64 -44.70
CA ARG A 34 6.87 -15.43 -45.52
C ARG A 34 7.06 -14.22 -46.42
N SER A 35 7.59 -13.15 -45.83
CA SER A 35 7.87 -11.93 -46.58
C SER A 35 8.89 -12.20 -47.67
N TYR A 36 9.91 -13.01 -47.34
CA TYR A 36 10.99 -13.32 -48.27
C TYR A 36 10.43 -14.05 -49.47
N GLN A 37 9.63 -15.11 -49.23
CA GLN A 37 8.98 -15.86 -50.30
C GLN A 37 8.25 -14.90 -51.22
N SER A 38 7.49 -13.98 -50.61
CA SER A 38 6.58 -13.09 -51.31
C SER A 38 7.32 -12.11 -52.21
N LYS A 39 8.55 -11.75 -51.81
CA LYS A 39 9.34 -10.77 -52.56
C LYS A 39 10.42 -11.43 -53.42
N LEU A 40 10.71 -12.72 -53.20
CA LEU A 40 11.77 -13.43 -53.88
C LEU A 40 11.50 -13.47 -55.39
N GLY A 41 12.49 -13.07 -56.19
CA GLY A 41 12.33 -13.07 -57.63
C GLY A 41 11.46 -11.89 -58.07
N ARG A 42 11.27 -11.73 -59.38
CA ARG A 42 10.61 -10.56 -59.96
C ARG A 42 11.43 -9.29 -59.73
N ASP A 43 12.54 -9.35 -58.96
CA ASP A 43 13.54 -8.31 -58.81
C ASP A 43 14.36 -8.25 -60.09
N GLY A 44 14.94 -7.08 -60.37
CA GLY A 44 15.70 -6.85 -61.59
C GLY A 44 14.81 -6.82 -62.83
N ARG A 45 15.33 -7.31 -63.99
CA ARG A 45 14.52 -7.51 -65.18
C ARG A 45 14.64 -8.94 -65.71
N ALA A 46 13.47 -9.56 -66.00
CA ALA A 46 13.37 -10.80 -66.75
C ALA A 46 13.78 -10.60 -68.22
N SER A 47 14.55 -11.60 -68.73
CA SER A 47 15.36 -11.51 -69.93
C SER A 47 14.53 -11.26 -71.19
N ALA A 48 15.04 -10.39 -72.08
CA ALA A 48 14.41 -10.05 -73.34
C ALA A 48 14.25 -11.27 -74.27
N ALA A 49 14.99 -12.36 -73.98
CA ALA A 49 14.86 -13.64 -74.68
C ALA A 49 13.44 -14.21 -74.58
N THR A 50 12.70 -13.83 -73.53
CA THR A 50 11.33 -14.29 -73.29
C THR A 50 10.29 -13.57 -74.16
N ALA A 51 10.67 -12.57 -74.98
CA ALA A 51 9.75 -11.74 -75.76
C ALA A 51 8.81 -12.55 -76.66
N THR A 52 7.50 -12.26 -76.55
CA THR A 52 6.43 -12.92 -77.28
C THR A 52 6.44 -12.47 -78.74
N LEU A 53 5.99 -13.36 -79.66
CA LEU A 53 5.82 -13.03 -81.08
C LEU A 53 4.79 -11.89 -81.20
N THR A 54 5.24 -10.73 -81.71
CA THR A 54 4.38 -9.56 -81.79
C THR A 54 3.44 -9.67 -83.00
N THR A 55 2.32 -8.91 -82.98
CA THR A 55 1.24 -9.16 -83.94
C THR A 55 0.71 -7.84 -84.54
N LYS A 56 0.49 -7.83 -85.88
CA LYS A 56 0.16 -6.61 -86.62
C LYS A 56 -1.30 -6.20 -86.41
N ILE A 57 -1.52 -4.99 -85.87
CA ILE A 57 -2.85 -4.42 -85.67
C ILE A 57 -2.96 -3.11 -86.43
N ARG A 58 -3.94 -3.02 -87.35
CA ARG A 58 -4.03 -1.87 -88.23
C ARG A 58 -4.96 -0.84 -87.61
N ILE A 59 -4.49 0.40 -87.41
CA ILE A 59 -5.21 1.40 -86.63
C ILE A 59 -5.52 2.61 -87.51
N PHE A 60 -6.80 2.80 -87.77
CA PHE A 60 -7.28 3.88 -88.62
C PHE A 60 -7.39 5.15 -87.77
N VAL A 61 -6.85 6.29 -88.23
CA VAL A 61 -6.82 7.46 -87.36
C VAL A 61 -7.24 8.74 -88.10
N PRO A 62 -8.06 9.65 -87.51
CA PRO A 62 -8.47 10.88 -88.21
C PRO A 62 -7.34 11.87 -88.38
N ALA A 63 -6.95 12.06 -89.65
CA ALA A 63 -5.89 13.01 -89.99
C ALA A 63 -6.29 14.48 -89.77
N THR A 64 -7.58 14.77 -89.49
CA THR A 64 -8.14 16.10 -89.63
C THR A 64 -9.25 16.32 -88.60
N ASN A 65 -9.46 17.56 -88.19
CA ASN A 65 -10.33 17.88 -87.07
C ASN A 65 -11.82 17.82 -87.41
N SER A 66 -12.14 18.05 -88.69
CA SER A 66 -13.47 18.26 -89.26
C SER A 66 -14.46 17.14 -88.92
N PRO A 67 -15.68 17.42 -88.38
CA PRO A 67 -16.57 16.39 -87.87
C PRO A 67 -16.99 15.31 -88.86
N GLU A 68 -17.03 15.63 -90.17
CA GLU A 68 -17.40 14.71 -91.25
C GLU A 68 -16.71 13.35 -91.15
N LEU A 69 -15.38 13.39 -91.25
CA LEU A 69 -14.59 12.17 -91.28
C LEU A 69 -14.58 11.48 -89.92
N ARG A 70 -14.58 12.25 -88.81
CA ARG A 70 -14.57 11.68 -87.47
C ARG A 70 -15.84 10.89 -87.19
N TRP A 71 -16.96 11.45 -87.60
CA TRP A 71 -18.20 10.74 -87.42
C TRP A 71 -18.32 9.53 -88.36
N GLU A 72 -17.95 9.68 -89.63
CA GLU A 72 -18.02 8.54 -90.55
C GLU A 72 -17.09 7.40 -90.11
N LEU A 73 -15.90 7.74 -89.60
CA LEU A 73 -14.96 6.78 -89.04
C LEU A 73 -15.58 6.08 -87.83
N THR A 74 -16.30 6.81 -86.98
CA THR A 74 -16.95 6.22 -85.82
C THR A 74 -17.98 5.19 -86.29
N LEU A 75 -18.79 5.54 -87.29
CA LEU A 75 -19.78 4.63 -87.84
C LEU A 75 -19.13 3.40 -88.45
N PHE A 76 -18.10 3.59 -89.26
CA PHE A 76 -17.28 2.54 -89.83
C PHE A 76 -16.78 1.60 -88.72
N ALA A 77 -16.19 2.14 -87.65
CA ALA A 77 -15.61 1.37 -86.57
C ALA A 77 -16.67 0.58 -85.79
N LEU A 78 -17.82 1.20 -85.53
CA LEU A 78 -18.93 0.51 -84.93
C LEU A 78 -19.31 -0.69 -85.82
N ASP A 79 -19.36 -0.51 -87.14
CA ASP A 79 -19.70 -1.55 -88.10
C ASP A 79 -18.62 -2.63 -88.15
N VAL A 80 -17.34 -2.28 -88.12
CA VAL A 80 -16.27 -3.27 -88.05
C VAL A 80 -16.47 -4.22 -86.87
N ILE A 81 -16.83 -3.70 -85.71
CA ILE A 81 -17.06 -4.50 -84.52
C ILE A 81 -18.38 -5.29 -84.62
N ARG A 82 -19.35 -4.78 -85.39
CA ARG A 82 -20.63 -5.43 -85.67
C ARG A 82 -20.48 -6.59 -86.68
N SER A 83 -19.46 -6.57 -87.53
CA SER A 83 -19.26 -7.52 -88.61
C SER A 83 -18.94 -8.93 -88.12
N PRO A 84 -19.55 -9.99 -88.71
CA PRO A 84 -19.10 -11.35 -88.46
C PRO A 84 -17.88 -11.75 -89.28
N SER A 85 -17.55 -10.98 -90.35
CA SER A 85 -16.49 -11.34 -91.30
C SER A 85 -15.16 -10.65 -91.00
N ALA A 86 -15.17 -9.65 -90.11
CA ALA A 86 -13.94 -8.98 -89.71
C ALA A 86 -13.06 -9.91 -88.86
N ALA A 87 -11.74 -9.81 -89.06
CA ALA A 87 -10.75 -10.49 -88.24
C ALA A 87 -10.55 -9.73 -86.93
N GLU A 88 -10.17 -10.44 -85.84
CA GLU A 88 -9.72 -9.85 -84.58
C GLU A 88 -8.64 -8.77 -84.78
N SER A 89 -7.75 -8.99 -85.77
CA SER A 89 -6.68 -8.09 -86.12
C SER A 89 -7.18 -6.69 -86.50
N MET A 90 -8.35 -6.63 -87.16
CA MET A 90 -8.90 -5.32 -87.41
C MET A 90 -10.01 -4.89 -86.44
N LYS A 91 -10.63 -5.81 -85.70
CA LYS A 91 -11.52 -5.45 -84.60
C LYS A 91 -10.83 -4.72 -83.46
N VAL A 92 -9.65 -5.18 -83.06
CA VAL A 92 -8.88 -4.50 -82.03
C VAL A 92 -8.51 -3.11 -82.52
N GLY A 93 -8.07 -2.99 -83.77
CA GLY A 93 -7.68 -1.70 -84.33
C GLY A 93 -8.85 -0.74 -84.44
N ALA A 94 -10.05 -1.24 -84.79
CA ALA A 94 -11.31 -0.51 -84.72
C ALA A 94 -11.58 -0.04 -83.29
N ALA A 95 -11.48 -0.90 -82.27
CA ALA A 95 -11.72 -0.49 -80.88
C ALA A 95 -10.78 0.62 -80.44
N PHE A 96 -9.51 0.57 -80.90
CA PHE A 96 -8.52 1.64 -80.70
C PHE A 96 -8.94 2.95 -81.36
N THR A 97 -9.46 2.90 -82.59
CA THR A 97 -9.91 4.11 -83.28
C THR A 97 -11.11 4.71 -82.55
N LEU A 98 -12.04 3.82 -82.18
CA LEU A 98 -13.29 4.16 -81.55
C LEU A 98 -13.08 4.85 -80.18
N ILE A 99 -12.13 4.36 -79.37
CA ILE A 99 -11.82 4.95 -78.07
C ILE A 99 -10.94 6.20 -78.18
N SER A 100 -10.22 6.40 -79.28
CA SER A 100 -9.28 7.49 -79.30
C SER A 100 -9.89 8.82 -79.79
N MET A 101 -11.20 8.82 -80.12
CA MET A 101 -11.93 9.96 -80.69
C MET A 101 -12.00 11.23 -79.83
N TYR A 102 -11.73 11.15 -78.51
CA TYR A 102 -11.52 12.27 -77.58
C TYR A 102 -10.53 13.29 -78.11
N SER A 103 -9.38 12.76 -78.54
CA SER A 103 -8.18 13.58 -78.63
C SER A 103 -8.18 14.49 -79.87
N GLU A 104 -7.54 15.66 -79.71
CA GLU A 104 -7.17 16.47 -80.86
C GLU A 104 -6.22 15.73 -81.81
N ARG A 105 -5.38 14.81 -81.27
CA ARG A 105 -4.44 14.00 -82.03
C ARG A 105 -4.53 12.53 -81.64
N PRO A 106 -5.55 11.79 -82.10
CA PRO A 106 -5.79 10.43 -81.63
C PRO A 106 -4.66 9.44 -81.84
N GLY A 107 -3.84 9.69 -82.87
CA GLY A 107 -2.64 8.92 -83.13
C GLY A 107 -1.64 8.97 -81.97
N ALA A 108 -1.44 10.16 -81.41
CA ALA A 108 -0.57 10.38 -80.26
C ALA A 108 -1.04 9.60 -79.03
N LEU A 109 -2.36 9.64 -78.76
CA LEU A 109 -2.95 8.95 -77.63
C LEU A 109 -2.74 7.44 -77.69
N ILE A 110 -3.00 6.83 -78.85
CA ILE A 110 -2.68 5.42 -79.02
C ILE A 110 -1.17 5.14 -78.85
N ARG A 111 -0.32 5.80 -79.63
CA ARG A 111 1.09 5.42 -79.69
C ARG A 111 1.80 5.59 -78.35
N SER A 112 1.39 6.61 -77.57
CA SER A 112 2.03 6.96 -76.31
C SER A 112 1.59 6.07 -75.14
N LEU A 113 0.37 5.53 -75.23
CA LEU A 113 -0.11 4.72 -74.14
C LEU A 113 -0.49 3.30 -74.54
N LEU A 114 0.01 2.85 -75.71
CA LEU A 114 -0.14 1.46 -76.10
C LEU A 114 0.57 0.50 -75.13
N ASN A 115 1.89 0.63 -74.99
CA ASN A 115 2.73 -0.10 -74.05
C ASN A 115 2.43 -1.61 -74.02
N ASP A 116 2.57 -2.27 -75.19
CA ASP A 116 2.17 -3.64 -75.40
C ASP A 116 3.16 -4.43 -76.28
N PRO A 117 3.90 -5.44 -75.75
CA PRO A 117 4.79 -6.24 -76.58
C PRO A 117 4.12 -7.22 -77.53
N ASP A 118 2.87 -7.57 -77.21
CA ASP A 118 2.09 -8.47 -78.04
C ASP A 118 1.73 -7.82 -79.37
N ILE A 119 1.81 -6.47 -79.47
CA ILE A 119 1.24 -5.73 -80.59
C ILE A 119 2.26 -4.87 -81.31
N GLU A 120 2.24 -4.98 -82.64
CA GLU A 120 2.86 -4.12 -83.63
C GLU A 120 1.75 -3.24 -84.22
N ALA A 121 1.56 -2.05 -83.63
CA ALA A 121 0.54 -1.15 -84.15
C ALA A 121 0.99 -0.48 -85.44
N VAL A 122 0.10 -0.46 -86.44
CA VAL A 122 0.36 0.07 -87.78
C VAL A 122 -0.69 1.18 -87.90
N ILE A 123 -0.35 2.41 -87.50
CA ILE A 123 -1.30 3.52 -87.54
C ILE A 123 -1.27 4.19 -88.91
N ILE A 124 -2.47 4.36 -89.49
CA ILE A 124 -2.66 4.93 -90.81
C ILE A 124 -3.73 6.02 -90.77
N ASP A 125 -3.33 7.17 -91.35
CA ASP A 125 -4.17 8.33 -91.63
C ASP A 125 -5.28 7.96 -92.62
N VAL A 126 -6.54 8.34 -92.29
CA VAL A 126 -7.69 7.88 -93.05
C VAL A 126 -7.96 8.69 -94.32
N GLY A 127 -7.05 9.57 -94.74
CA GLY A 127 -7.07 10.17 -96.07
C GLY A 127 -8.35 10.94 -96.40
N SER A 128 -8.90 11.64 -95.39
CA SER A 128 -10.13 12.41 -95.42
C SER A 128 -11.41 11.58 -95.69
N MET A 129 -11.35 10.25 -95.52
CA MET A 129 -12.47 9.32 -95.39
C MET A 129 -13.45 9.39 -96.58
N VAL A 130 -12.95 9.54 -97.82
CA VAL A 130 -13.76 9.91 -98.98
C VAL A 130 -14.66 8.77 -99.49
N ASN A 131 -14.13 7.53 -99.51
CA ASN A 131 -14.64 6.52 -100.44
C ASN A 131 -15.89 5.80 -99.92
N GLY A 132 -17.00 6.54 -99.74
CA GLY A 132 -18.22 5.98 -99.18
C GLY A 132 -18.05 5.65 -97.69
N ILE A 133 -18.49 4.45 -97.29
CA ILE A 133 -18.43 4.02 -95.90
C ILE A 133 -16.99 3.69 -95.45
N PRO A 134 -16.13 2.94 -96.21
CA PRO A 134 -14.81 2.54 -95.73
C PRO A 134 -13.79 3.67 -95.68
N VAL A 135 -12.69 3.39 -94.97
CA VAL A 135 -11.57 4.32 -94.84
C VAL A 135 -10.91 4.59 -96.20
N MET A 136 -10.42 5.83 -96.40
CA MET A 136 -9.66 6.14 -97.61
C MET A 136 -8.18 5.79 -97.40
N GLU A 137 -7.56 5.12 -98.38
CA GLU A 137 -6.25 4.53 -98.18
C GLU A 137 -5.14 5.57 -98.31
N ARG A 138 -4.22 5.62 -97.33
CA ARG A 138 -2.96 6.36 -97.41
C ARG A 138 -2.09 5.90 -98.61
N ARG A 139 -2.20 4.62 -98.98
CA ARG A 139 -1.54 4.02 -100.13
C ARG A 139 -2.31 4.23 -101.44
N GLY A 140 -3.44 4.93 -101.44
CA GLY A 140 -4.27 5.15 -102.62
C GLY A 140 -5.16 3.96 -102.97
N ASP A 141 -4.51 2.79 -103.16
CA ASP A 141 -5.14 1.55 -103.59
C ASP A 141 -5.10 0.47 -102.49
N LYS A 142 -4.35 0.72 -101.38
CA LYS A 142 -3.95 -0.30 -100.42
C LYS A 142 -3.29 -1.49 -101.13
N ALA A 143 -3.48 -2.73 -100.61
CA ALA A 143 -3.05 -3.95 -101.29
C ALA A 143 -4.07 -4.43 -102.31
N GLN A 144 -4.78 -3.46 -102.94
CA GLN A 144 -5.67 -3.64 -104.08
C GLN A 144 -6.90 -4.49 -103.71
N GLU A 145 -7.10 -4.75 -102.40
CA GLU A 145 -8.15 -5.62 -101.88
C GLU A 145 -8.66 -5.10 -100.53
N GLU A 146 -7.89 -4.23 -99.87
CA GLU A 146 -8.10 -3.85 -98.48
C GLU A 146 -9.42 -3.08 -98.35
N MET A 147 -9.67 -2.17 -99.29
CA MET A 147 -10.90 -1.40 -99.39
C MET A 147 -12.10 -2.34 -99.60
N GLU A 148 -11.94 -3.34 -100.46
CA GLU A 148 -12.96 -4.35 -100.73
C GLU A 148 -13.18 -5.22 -99.49
N GLY A 149 -12.10 -5.49 -98.74
CA GLY A 149 -12.17 -6.20 -97.46
C GLY A 149 -13.05 -5.46 -96.47
N LEU A 150 -12.77 -4.15 -96.32
CA LEU A 150 -13.56 -3.28 -95.47
C LEU A 150 -15.01 -3.21 -95.96
N MET A 151 -15.25 -3.09 -97.27
CA MET A 151 -16.60 -3.09 -97.82
C MET A 151 -17.37 -4.38 -97.49
N ARG A 152 -16.73 -5.54 -97.63
CA ARG A 152 -17.32 -6.82 -97.25
C ARG A 152 -17.65 -6.86 -95.76
N ILE A 153 -16.70 -6.36 -94.95
CA ILE A 153 -16.85 -6.27 -93.50
C ILE A 153 -18.10 -5.45 -93.17
N LEU A 154 -18.24 -4.25 -93.76
CA LEU A 154 -19.32 -3.37 -93.37
C LEU A 154 -20.67 -3.82 -93.96
N LYS A 155 -20.67 -4.42 -95.15
CA LYS A 155 -21.86 -5.06 -95.70
C LYS A 155 -22.32 -6.17 -94.77
N THR A 156 -21.44 -7.13 -94.45
CA THR A 156 -21.78 -8.25 -93.59
C THR A 156 -22.25 -7.78 -92.22
N ALA A 157 -21.70 -6.66 -91.71
CA ALA A 157 -22.22 -6.03 -90.50
C ALA A 157 -23.72 -5.71 -90.61
N ARG A 158 -24.12 -4.97 -91.66
CA ARG A 158 -25.50 -4.58 -91.94
C ARG A 158 -26.40 -5.81 -92.17
N ASP A 159 -25.90 -6.76 -92.99
CA ASP A 159 -26.66 -7.90 -93.47
C ASP A 159 -26.94 -8.89 -92.31
N SER A 160 -25.92 -9.13 -91.47
CA SER A 160 -26.02 -10.05 -90.35
C SER A 160 -26.92 -9.46 -89.24
N SER A 161 -26.91 -8.13 -89.12
CA SER A 161 -27.75 -7.42 -88.19
C SER A 161 -29.20 -7.35 -88.67
N LYS A 162 -29.46 -7.78 -89.92
CA LYS A 162 -30.81 -7.77 -90.49
C LYS A 162 -31.30 -6.32 -90.57
N GLY A 163 -30.39 -5.41 -90.98
CA GLY A 163 -30.68 -4.00 -91.27
C GLY A 163 -30.94 -3.16 -90.02
N LYS A 164 -30.51 -3.66 -88.85
CA LYS A 164 -30.69 -2.96 -87.57
C LYS A 164 -29.38 -2.31 -87.19
N THR A 165 -29.43 -1.00 -86.94
CA THR A 165 -28.24 -0.18 -86.78
C THR A 165 -27.61 -0.47 -85.42
N PRO A 166 -26.36 -0.02 -85.14
CA PRO A 166 -25.76 -0.17 -83.80
C PRO A 166 -26.59 0.56 -82.74
N PHE A 167 -27.17 1.71 -83.10
CA PHE A 167 -27.96 2.56 -82.19
C PHE A 167 -29.39 2.04 -82.04
N VAL A 168 -30.05 2.41 -80.93
CA VAL A 168 -31.43 2.04 -80.67
C VAL A 168 -32.40 2.83 -81.57
N ASP A 169 -32.03 4.07 -81.96
CA ASP A 169 -32.75 4.84 -82.97
C ASP A 169 -31.90 5.00 -84.23
N SER A 170 -32.43 4.48 -85.34
CA SER A 170 -31.76 4.37 -86.63
C SER A 170 -31.35 5.75 -87.17
N ARG A 171 -32.07 6.80 -86.76
CA ARG A 171 -31.77 8.15 -87.24
C ARG A 171 -30.35 8.57 -86.84
N ALA A 172 -29.89 8.09 -85.68
CA ALA A 172 -28.53 8.33 -85.23
C ALA A 172 -27.50 7.75 -86.22
N TYR A 173 -27.79 6.58 -86.79
CA TYR A 173 -26.92 5.98 -87.81
C TYR A 173 -27.03 6.71 -89.15
N GLY A 174 -28.24 7.16 -89.46
CA GLY A 174 -28.54 7.85 -90.71
C GLY A 174 -27.90 9.23 -90.84
N LEU A 175 -27.86 9.99 -89.73
CA LEU A 175 -27.27 11.31 -89.63
C LEU A 175 -25.78 11.31 -89.95
N ARG A 176 -25.32 12.35 -90.68
CA ARG A 176 -23.98 12.86 -90.48
C ARG A 176 -24.01 14.14 -89.65
N ILE A 177 -23.21 14.13 -88.58
CA ILE A 177 -22.92 15.29 -87.75
C ILE A 177 -22.08 16.31 -88.54
N THR A 178 -22.38 17.60 -88.32
CA THR A 178 -21.74 18.71 -89.05
C THR A 178 -21.09 19.77 -88.15
N ASP A 179 -21.13 19.61 -86.80
CA ASP A 179 -20.56 20.58 -85.86
C ASP A 179 -19.87 19.89 -84.68
N MET A 180 -18.85 20.54 -84.11
CA MET A 180 -18.04 19.90 -83.07
C MET A 180 -18.85 19.59 -81.80
N SER A 181 -19.85 20.41 -81.46
CA SER A 181 -20.61 20.22 -80.23
C SER A 181 -21.42 18.92 -80.24
N THR A 182 -22.10 18.67 -81.36
CA THR A 182 -22.85 17.43 -81.51
C THR A 182 -21.90 16.25 -81.72
N LEU A 183 -20.76 16.45 -82.38
CA LEU A 183 -19.75 15.41 -82.50
C LEU A 183 -19.27 14.93 -81.14
N VAL A 184 -18.81 15.86 -80.27
CA VAL A 184 -18.35 15.47 -78.94
C VAL A 184 -19.46 14.86 -78.11
N SER A 185 -20.67 15.40 -78.21
CA SER A 185 -21.82 14.76 -77.56
C SER A 185 -21.94 13.30 -77.96
N ALA A 186 -21.85 13.03 -79.28
CA ALA A 186 -22.03 11.72 -79.89
C ALA A 186 -20.89 10.77 -79.52
N VAL A 187 -19.65 11.19 -79.82
CA VAL A 187 -18.52 10.32 -79.53
C VAL A 187 -18.41 10.06 -78.02
N ILE A 188 -18.58 11.05 -77.15
CA ILE A 188 -18.56 10.87 -75.72
C ILE A 188 -19.65 9.87 -75.31
N THR A 189 -20.78 9.87 -76.01
CA THR A 189 -21.87 8.98 -75.64
C THR A 189 -21.58 7.54 -76.04
N ILE A 190 -21.00 7.34 -77.22
CA ILE A 190 -20.54 6.05 -77.70
C ILE A 190 -19.41 5.54 -76.80
N GLU A 191 -18.42 6.37 -76.50
CA GLU A 191 -17.32 5.97 -75.63
C GLU A 191 -17.88 5.55 -74.28
N ALA A 192 -18.69 6.36 -73.63
CA ALA A 192 -19.21 5.99 -72.34
C ALA A 192 -19.87 4.62 -72.42
N GLN A 193 -20.52 4.31 -73.55
CA GLN A 193 -21.17 3.03 -73.77
C GLN A 193 -20.17 1.88 -73.88
N ILE A 194 -18.92 2.14 -74.30
CA ILE A 194 -17.84 1.16 -74.22
C ILE A 194 -17.38 1.02 -72.79
N TRP A 195 -17.09 2.15 -72.16
CA TRP A 195 -16.46 2.18 -70.88
C TRP A 195 -17.36 1.64 -69.78
N ILE A 196 -18.71 1.66 -69.93
CA ILE A 196 -19.56 1.01 -68.92
C ILE A 196 -19.30 -0.49 -68.87
N LEU A 197 -18.81 -1.06 -70.00
CA LEU A 197 -18.63 -2.50 -70.17
C LEU A 197 -17.41 -3.01 -69.40
N ILE A 198 -16.31 -2.28 -69.54
CA ILE A 198 -14.99 -2.67 -69.03
C ILE A 198 -15.01 -3.00 -67.54
N ALA A 199 -15.92 -2.41 -66.77
CA ALA A 199 -16.06 -2.68 -65.35
C ALA A 199 -16.35 -4.14 -65.01
N LYS A 200 -16.96 -4.85 -65.99
CA LYS A 200 -17.32 -6.23 -65.79
C LYS A 200 -16.87 -7.18 -66.94
N ALA A 201 -16.32 -6.63 -68.03
CA ALA A 201 -16.00 -7.36 -69.26
C ALA A 201 -15.13 -8.59 -68.99
N VAL A 202 -14.25 -8.50 -67.98
CA VAL A 202 -13.35 -9.62 -67.73
C VAL A 202 -13.85 -10.52 -66.61
N THR A 203 -14.56 -9.92 -65.66
CA THR A 203 -14.87 -10.64 -64.41
C THR A 203 -16.21 -11.38 -64.52
N ALA A 204 -17.18 -10.83 -65.26
CA ALA A 204 -18.45 -11.46 -65.57
C ALA A 204 -19.05 -10.72 -66.78
N PRO A 205 -18.65 -11.14 -68.00
CA PRO A 205 -19.17 -10.59 -69.27
C PRO A 205 -20.64 -10.90 -69.54
N ASP A 206 -21.29 -11.59 -68.62
CA ASP A 206 -22.72 -11.83 -68.60
C ASP A 206 -23.17 -11.54 -67.16
N THR A 207 -24.44 -11.18 -66.92
CA THR A 207 -24.94 -10.48 -65.73
C THR A 207 -24.45 -9.02 -65.69
N ALA A 208 -23.78 -8.55 -66.75
CA ALA A 208 -23.17 -7.22 -66.74
C ALA A 208 -24.26 -6.18 -67.06
N GLU A 209 -25.25 -6.48 -67.92
CA GLU A 209 -26.26 -5.58 -68.47
C GLU A 209 -26.98 -4.74 -67.39
N GLU A 210 -27.28 -5.38 -66.26
CA GLU A 210 -28.01 -4.74 -65.17
C GLU A 210 -27.26 -3.52 -64.64
N SER A 211 -25.95 -3.72 -64.46
CA SER A 211 -25.05 -2.72 -63.93
C SER A 211 -24.73 -1.73 -65.04
N GLU A 212 -24.50 -2.17 -66.28
CA GLU A 212 -24.14 -1.29 -67.38
C GLU A 212 -25.22 -0.25 -67.65
N THR A 213 -26.46 -0.72 -67.63
CA THR A 213 -27.60 0.17 -67.76
C THR A 213 -27.76 1.09 -66.55
N ARG A 214 -27.51 0.61 -65.31
CA ARG A 214 -27.51 1.43 -64.08
C ARG A 214 -26.52 2.60 -64.22
N ARG A 215 -25.34 2.35 -64.74
CA ARG A 215 -24.36 3.39 -64.93
C ARG A 215 -24.80 4.34 -66.06
N TRP A 216 -25.37 3.79 -67.13
CA TRP A 216 -25.82 4.57 -68.26
C TRP A 216 -26.92 5.55 -67.86
N ALA A 217 -27.88 5.09 -67.07
CA ALA A 217 -28.90 5.91 -66.43
C ALA A 217 -28.33 7.15 -65.77
N LYS A 218 -27.32 6.96 -64.93
CA LYS A 218 -26.59 8.04 -64.29
C LYS A 218 -26.00 9.05 -65.29
N TYR A 219 -25.28 8.66 -66.33
CA TYR A 219 -24.68 9.64 -67.24
C TYR A 219 -25.71 10.40 -68.07
N VAL A 220 -26.87 9.77 -68.36
CA VAL A 220 -27.98 10.39 -69.09
C VAL A 220 -28.71 11.37 -68.16
N GLN A 221 -28.95 10.97 -66.91
CA GLN A 221 -29.60 11.79 -65.91
C GLN A 221 -28.76 13.05 -65.62
N GLN A 222 -27.46 12.93 -65.63
CA GLN A 222 -26.57 14.08 -65.50
C GLN A 222 -26.40 14.89 -66.80
N LYS A 223 -27.05 14.45 -67.87
CA LYS A 223 -26.91 15.12 -69.17
C LYS A 223 -25.52 15.06 -69.77
N ARG A 224 -24.61 14.24 -69.22
CA ARG A 224 -23.23 14.07 -69.68
C ARG A 224 -23.12 13.33 -71.00
N VAL A 225 -24.18 12.58 -71.36
CA VAL A 225 -24.27 11.85 -72.61
C VAL A 225 -25.66 12.14 -73.18
N ASN A 226 -25.77 12.11 -74.53
CA ASN A 226 -27.03 12.35 -75.22
C ASN A 226 -27.73 11.02 -75.55
N PRO A 227 -28.84 10.60 -74.88
CA PRO A 227 -29.40 9.24 -75.04
C PRO A 227 -29.98 8.92 -76.41
N PHE A 228 -30.06 9.91 -77.30
CA PHE A 228 -30.38 9.64 -78.70
C PHE A 228 -29.34 8.71 -79.31
N PHE A 229 -28.08 8.78 -78.86
CA PHE A 229 -27.02 7.88 -79.28
C PHE A 229 -26.85 6.62 -78.41
N ALA A 230 -27.91 6.12 -77.76
CA ALA A 230 -27.84 4.82 -77.07
C ALA A 230 -27.50 3.70 -78.09
N LEU A 231 -26.59 2.79 -77.72
CA LEU A 231 -26.26 1.60 -78.49
C LEU A 231 -27.06 0.38 -78.01
N THR A 232 -27.47 -0.46 -78.98
CA THR A 232 -28.31 -1.64 -78.76
C THR A 232 -27.56 -2.70 -77.96
N GLN A 233 -28.29 -3.49 -77.16
CA GLN A 233 -27.71 -4.60 -76.40
C GLN A 233 -26.89 -5.56 -77.28
N GLN A 234 -27.35 -5.74 -78.51
CA GLN A 234 -26.70 -6.48 -79.61
C GLN A 234 -25.25 -6.04 -79.81
N TRP A 235 -25.11 -4.74 -80.14
CA TRP A 235 -23.82 -4.15 -80.46
C TRP A 235 -22.94 -4.13 -79.20
N LEU A 236 -23.53 -3.75 -78.07
CA LEU A 236 -22.80 -3.74 -76.81
C LEU A 236 -22.27 -5.11 -76.45
N THR A 237 -23.01 -6.20 -76.69
CA THR A 237 -22.48 -7.52 -76.37
C THR A 237 -21.36 -7.92 -77.34
N GLU A 238 -21.47 -7.56 -78.63
CA GLU A 238 -20.36 -7.81 -79.55
C GLU A 238 -19.09 -7.06 -79.16
N MET A 239 -19.22 -5.83 -78.66
CA MET A 239 -18.09 -5.07 -78.12
C MET A 239 -17.62 -5.59 -76.76
N ARG A 240 -18.54 -5.97 -75.86
CA ARG A 240 -18.15 -6.54 -74.58
C ARG A 240 -17.34 -7.83 -74.79
N ASN A 241 -17.74 -8.66 -75.75
CA ASN A 241 -17.04 -9.89 -76.05
C ASN A 241 -15.65 -9.58 -76.63
N LEU A 242 -15.52 -8.59 -77.53
CA LEU A 242 -14.20 -8.18 -78.01
C LEU A 242 -13.29 -7.76 -76.84
N LEU A 243 -13.82 -7.00 -75.89
CA LEU A 243 -13.09 -6.61 -74.67
C LEU A 243 -12.71 -7.81 -73.78
N SER A 244 -13.62 -8.78 -73.57
CA SER A 244 -13.30 -9.97 -72.78
C SER A 244 -12.15 -10.78 -73.39
N GLN A 245 -12.10 -10.87 -74.74
CA GLN A 245 -11.21 -11.83 -75.41
C GLN A 245 -9.93 -11.18 -75.96
N SER A 246 -9.85 -9.84 -75.94
CA SER A 246 -8.58 -9.19 -76.25
C SER A 246 -8.01 -8.55 -74.98
N LEU A 247 -6.79 -8.97 -74.65
CA LEU A 247 -6.03 -8.30 -73.61
C LEU A 247 -5.46 -7.00 -74.15
N SER A 248 -5.08 -6.94 -75.44
CA SER A 248 -4.46 -5.73 -75.97
C SER A 248 -5.38 -4.50 -75.87
N VAL A 249 -6.69 -4.67 -76.09
CA VAL A 249 -7.59 -3.54 -75.89
C VAL A 249 -7.74 -3.20 -74.39
N ARG A 250 -7.87 -4.18 -73.50
CA ARG A 250 -7.88 -3.89 -72.06
C ARG A 250 -6.60 -3.22 -71.54
N LYS A 251 -5.44 -3.57 -72.10
CA LYS A 251 -4.18 -2.90 -71.83
C LYS A 251 -4.31 -1.42 -72.16
N PHE A 252 -4.74 -1.06 -73.37
CA PHE A 252 -4.92 0.34 -73.72
C PHE A 252 -5.94 1.07 -72.86
N MET A 253 -7.08 0.43 -72.60
CA MET A 253 -8.06 0.98 -71.68
C MET A 253 -7.45 1.31 -70.33
N VAL A 254 -6.81 0.35 -69.68
CA VAL A 254 -6.25 0.61 -68.37
C VAL A 254 -5.08 1.61 -68.41
N GLU A 255 -4.30 1.65 -69.48
CA GLU A 255 -3.21 2.63 -69.58
C GLU A 255 -3.79 4.03 -69.58
N ILE A 256 -4.82 4.26 -70.41
CA ILE A 256 -5.45 5.58 -70.44
C ILE A 256 -6.33 5.88 -69.24
N LEU A 257 -6.88 4.85 -68.63
CA LEU A 257 -7.61 5.02 -67.39
C LEU A 257 -6.70 5.52 -66.25
N ILE A 258 -5.51 4.94 -66.11
CA ILE A 258 -4.54 5.39 -65.12
C ILE A 258 -4.12 6.81 -65.47
N GLU A 259 -3.90 7.08 -66.76
CA GLU A 259 -3.39 8.38 -67.21
C GLU A 259 -4.32 9.50 -66.79
N VAL A 260 -5.64 9.30 -66.99
CA VAL A 260 -6.60 10.36 -66.70
C VAL A 260 -6.96 10.38 -65.22
N LYS A 261 -6.71 9.31 -64.49
CA LYS A 261 -6.97 9.30 -63.05
C LYS A 261 -6.01 10.15 -62.24
N LYS A 262 -4.91 10.61 -62.86
CA LYS A 262 -3.97 11.58 -62.29
C LYS A 262 -4.64 12.92 -61.96
N GLY A 263 -4.23 13.54 -60.84
CA GLY A 263 -4.71 14.84 -60.42
C GLY A 263 -3.97 15.96 -61.16
N GLY A 264 -4.02 17.18 -60.60
CA GLY A 264 -3.13 18.27 -60.97
C GLY A 264 -3.20 18.71 -62.43
N SER A 265 -4.32 18.40 -63.09
CA SER A 265 -4.51 18.61 -64.52
C SER A 265 -5.89 19.20 -64.84
N ALA A 266 -5.93 20.08 -65.84
CA ALA A 266 -7.19 20.60 -66.39
C ALA A 266 -7.86 19.53 -67.25
N LYS A 267 -9.18 19.37 -67.08
CA LYS A 267 -9.88 18.24 -67.67
C LYS A 267 -11.07 18.68 -68.54
N GLY A 268 -11.24 18.02 -69.71
CA GLY A 268 -12.48 18.10 -70.45
C GLY A 268 -13.53 17.11 -69.92
N ARG A 269 -14.82 17.37 -70.22
CA ARG A 269 -15.92 16.49 -69.82
C ARG A 269 -15.64 15.06 -70.28
N ALA A 270 -14.97 14.94 -71.47
CA ALA A 270 -14.61 13.68 -72.06
C ALA A 270 -13.81 12.80 -71.07
N VAL A 271 -12.63 13.27 -70.67
CA VAL A 271 -11.77 12.51 -69.78
C VAL A 271 -12.36 12.38 -68.39
N GLU A 272 -13.19 13.36 -67.98
CA GLU A 272 -13.87 13.33 -66.68
C GLU A 272 -14.79 12.10 -66.64
N ILE A 273 -15.54 11.86 -67.72
CA ILE A 273 -16.44 10.72 -67.75
C ILE A 273 -15.65 9.45 -67.59
N ILE A 274 -14.56 9.32 -68.32
CA ILE A 274 -13.72 8.14 -68.18
C ILE A 274 -13.26 7.93 -66.74
N SER A 275 -12.74 9.02 -66.15
CA SER A 275 -12.26 8.98 -64.78
C SER A 275 -13.39 8.53 -63.84
N ASP A 276 -14.62 9.00 -64.10
CA ASP A 276 -15.80 8.71 -63.31
C ASP A 276 -16.09 7.21 -63.36
N ILE A 277 -16.10 6.68 -64.60
CA ILE A 277 -16.24 5.26 -64.86
C ILE A 277 -15.20 4.46 -64.09
N GLY A 278 -13.99 4.99 -64.07
CA GLY A 278 -12.89 4.35 -63.40
C GLY A 278 -13.26 3.87 -62.03
N ASN A 279 -14.10 4.61 -61.30
CA ASN A 279 -14.37 4.28 -59.91
C ASN A 279 -15.16 2.99 -59.75
N TYR A 280 -15.74 2.51 -60.87
CA TYR A 280 -16.40 1.20 -60.88
C TYR A 280 -15.47 0.10 -61.40
N VAL A 281 -14.45 0.51 -62.18
CA VAL A 281 -13.45 -0.35 -62.79
C VAL A 281 -12.39 -0.75 -61.77
N GLU A 282 -12.01 0.16 -60.87
CA GLU A 282 -11.06 -0.14 -59.80
C GLU A 282 -11.51 -1.35 -58.98
N GLU A 283 -10.51 -2.08 -58.48
CA GLU A 283 -10.65 -3.24 -57.63
C GLU A 283 -11.44 -4.38 -58.28
N THR A 284 -11.77 -4.26 -59.59
CA THR A 284 -12.51 -5.27 -60.34
C THR A 284 -11.78 -6.60 -60.30
N GLY A 285 -12.57 -7.64 -60.10
CA GLY A 285 -12.01 -8.97 -60.13
C GLY A 285 -11.23 -9.29 -58.85
N MET A 286 -11.30 -8.41 -57.82
CA MET A 286 -10.52 -8.65 -56.60
C MET A 286 -11.44 -8.57 -55.40
N ALA A 287 -12.75 -8.79 -55.61
CA ALA A 287 -13.79 -8.64 -54.57
C ALA A 287 -13.42 -9.37 -53.28
N GLY A 288 -13.04 -10.64 -53.39
CA GLY A 288 -12.63 -11.44 -52.25
C GLY A 288 -11.47 -10.85 -51.44
N PHE A 289 -10.42 -10.31 -52.10
CA PHE A 289 -9.28 -9.67 -51.45
C PHE A 289 -9.74 -8.52 -50.55
N PHE A 290 -10.33 -7.51 -51.18
CA PHE A 290 -10.72 -6.33 -50.45
C PHE A 290 -11.83 -6.66 -49.46
N ALA A 291 -12.67 -7.66 -49.74
CA ALA A 291 -13.69 -8.08 -48.80
C ALA A 291 -13.08 -8.67 -47.52
N THR A 292 -11.92 -9.32 -47.61
CA THR A 292 -11.24 -9.74 -46.39
C THR A 292 -10.66 -8.57 -45.59
N ILE A 293 -10.32 -7.47 -46.26
CA ILE A 293 -9.91 -6.27 -45.55
C ILE A 293 -11.13 -5.60 -44.92
N ARG A 294 -12.13 -5.23 -45.73
CA ARG A 294 -13.32 -4.51 -45.28
C ARG A 294 -14.05 -5.27 -44.18
N PHE A 295 -14.24 -6.59 -44.35
CA PHE A 295 -15.14 -7.35 -43.49
C PHE A 295 -14.38 -8.29 -42.56
N GLY A 296 -13.18 -8.79 -42.92
CA GLY A 296 -12.41 -9.56 -41.97
C GLY A 296 -11.61 -8.63 -41.04
N LEU A 297 -10.63 -7.91 -41.60
CA LEU A 297 -9.63 -7.17 -40.87
C LEU A 297 -10.24 -5.97 -40.14
N GLU A 298 -10.86 -5.04 -40.87
CA GLU A 298 -11.09 -3.67 -40.40
C GLU A 298 -12.20 -3.62 -39.37
N THR A 299 -13.07 -4.64 -39.36
CA THR A 299 -14.12 -4.78 -38.36
C THR A 299 -13.58 -5.18 -36.98
N ARG A 300 -12.41 -5.83 -36.94
CA ARG A 300 -11.74 -6.33 -35.74
C ARG A 300 -12.67 -7.14 -34.82
N TYR A 301 -13.60 -7.96 -35.37
CA TYR A 301 -14.48 -8.82 -34.58
C TYR A 301 -13.64 -9.77 -33.70
N PRO A 302 -14.03 -10.07 -32.44
CA PRO A 302 -13.20 -10.79 -31.47
C PRO A 302 -12.56 -12.09 -31.94
N ALA A 303 -13.24 -12.80 -32.83
CA ALA A 303 -12.74 -14.07 -33.36
C ALA A 303 -11.41 -13.95 -34.11
N LEU A 304 -11.00 -12.76 -34.54
CA LEU A 304 -9.67 -12.59 -35.11
C LEU A 304 -8.51 -13.00 -34.20
N ALA A 305 -8.75 -13.10 -32.89
CA ALA A 305 -7.75 -13.56 -31.94
C ALA A 305 -7.57 -15.10 -31.92
N LEU A 306 -8.31 -15.84 -32.76
CA LEU A 306 -8.11 -17.27 -32.93
C LEU A 306 -6.80 -17.58 -33.66
N ASN A 307 -6.08 -18.56 -33.12
CA ASN A 307 -4.73 -18.94 -33.53
C ASN A 307 -4.63 -19.25 -35.02
N GLU A 308 -5.71 -19.82 -35.59
CA GLU A 308 -5.73 -20.29 -36.97
C GLU A 308 -5.53 -19.14 -37.97
N PHE A 309 -6.07 -17.98 -37.65
CA PHE A 309 -6.05 -16.85 -38.57
C PHE A 309 -4.68 -16.19 -38.67
N GLN A 310 -3.77 -16.48 -37.72
CA GLN A 310 -2.54 -15.70 -37.64
C GLN A 310 -1.74 -15.75 -38.94
N SER A 311 -1.66 -16.96 -39.52
CA SER A 311 -0.96 -17.19 -40.79
C SER A 311 -1.58 -16.38 -41.91
N ASP A 312 -2.91 -16.32 -41.93
CA ASP A 312 -3.68 -15.61 -42.93
C ASP A 312 -3.47 -14.11 -42.78
N LEU A 313 -3.50 -13.60 -41.54
CA LEU A 313 -3.25 -12.20 -41.28
C LEU A 313 -1.86 -11.81 -41.78
N ASN A 314 -0.86 -12.61 -41.47
CA ASN A 314 0.50 -12.37 -41.95
C ASN A 314 0.52 -12.38 -43.49
N THR A 315 -0.32 -13.22 -44.10
CA THR A 315 -0.44 -13.23 -45.54
C THR A 315 -0.97 -11.88 -46.03
N ILE A 316 -2.08 -11.43 -45.44
CA ILE A 316 -2.70 -10.19 -45.88
C ILE A 316 -1.69 -9.05 -45.74
N LYS A 317 -0.93 -9.01 -44.66
CA LYS A 317 0.06 -7.96 -44.46
C LYS A 317 1.04 -7.95 -45.63
N SER A 318 1.54 -9.13 -45.99
CA SER A 318 2.44 -9.28 -47.13
C SER A 318 1.79 -8.84 -48.45
N LEU A 319 0.49 -9.10 -48.58
CA LEU A 319 -0.24 -8.72 -49.77
C LEU A 319 -0.42 -7.20 -49.82
N MET A 320 -0.71 -6.54 -48.68
CA MET A 320 -0.90 -5.10 -48.68
C MET A 320 0.39 -4.40 -49.06
N LEU A 321 1.50 -4.84 -48.49
CA LEU A 321 2.78 -4.24 -48.84
C LEU A 321 3.10 -4.55 -50.31
N LEU A 322 2.74 -5.73 -50.78
CA LEU A 322 2.93 -6.10 -52.17
C LEU A 322 2.06 -5.19 -53.08
N TYR A 323 0.81 -4.93 -52.70
CA TYR A 323 -0.09 -4.04 -53.42
C TYR A 323 0.57 -2.68 -53.55
N ARG A 324 1.12 -2.19 -52.44
CA ARG A 324 1.84 -0.92 -52.43
C ARG A 324 2.97 -0.96 -53.46
N GLU A 325 3.71 -2.08 -53.47
CA GLU A 325 4.89 -2.26 -54.32
C GLU A 325 4.54 -2.30 -55.80
N ILE A 326 3.35 -2.83 -56.13
CA ILE A 326 2.93 -2.91 -57.52
C ILE A 326 2.59 -1.51 -58.04
N GLY A 327 2.07 -0.64 -57.15
CA GLY A 327 1.79 0.77 -57.42
C GLY A 327 0.59 1.01 -58.34
N PRO A 328 0.67 1.87 -59.40
CA PRO A 328 -0.53 2.38 -60.08
C PRO A 328 -1.39 1.31 -60.73
N ARG A 329 -0.76 0.19 -61.14
CA ARG A 329 -1.48 -0.85 -61.85
C ARG A 329 -2.31 -1.68 -60.90
N ALA A 330 -2.11 -1.57 -59.58
CA ALA A 330 -2.64 -2.54 -58.62
C ALA A 330 -4.18 -2.70 -58.65
N PRO A 331 -4.96 -1.59 -58.75
CA PRO A 331 -6.41 -1.70 -58.79
C PRO A 331 -6.98 -2.31 -60.08
N TYR A 332 -6.13 -2.53 -61.07
CA TYR A 332 -6.55 -2.99 -62.39
C TYR A 332 -5.85 -4.30 -62.78
N MET A 333 -5.36 -5.06 -61.80
CA MET A 333 -4.46 -6.16 -62.16
C MET A 333 -5.21 -7.32 -62.78
N VAL A 334 -6.53 -7.31 -62.65
CA VAL A 334 -7.28 -8.41 -63.22
C VAL A 334 -7.64 -8.07 -64.65
N LEU A 335 -7.89 -6.82 -64.95
CA LEU A 335 -8.22 -6.38 -66.31
C LEU A 335 -6.98 -6.47 -67.18
N LEU A 336 -5.90 -5.85 -66.68
CA LEU A 336 -4.60 -5.98 -67.29
C LEU A 336 -4.13 -7.28 -66.65
N GLU A 337 -4.21 -8.38 -67.39
CA GLU A 337 -4.06 -9.70 -66.76
C GLU A 337 -2.62 -9.87 -66.30
N GLU A 338 -2.42 -10.04 -64.99
CA GLU A 338 -1.09 -10.10 -64.38
C GLU A 338 -1.08 -11.22 -63.37
N SER A 339 -0.03 -12.02 -63.49
CA SER A 339 0.14 -13.23 -62.72
C SER A 339 0.13 -12.96 -61.23
N ILE A 340 0.51 -11.77 -60.80
CA ILE A 340 0.53 -11.44 -59.38
C ILE A 340 -0.85 -11.60 -58.76
N GLN A 341 -1.90 -11.46 -59.60
CA GLN A 341 -3.27 -11.58 -59.14
C GLN A 341 -3.46 -12.89 -58.36
N THR A 342 -2.78 -13.94 -58.78
CA THR A 342 -2.94 -15.25 -58.18
C THR A 342 -2.57 -15.21 -56.70
N LYS A 343 -1.58 -14.37 -56.36
CA LYS A 343 -1.12 -14.20 -55.00
C LYS A 343 -2.26 -13.67 -54.15
N PHE A 344 -2.97 -12.72 -54.77
CA PHE A 344 -4.07 -12.05 -54.14
C PHE A 344 -5.32 -12.91 -54.07
N ALA A 345 -5.42 -13.99 -54.86
CA ALA A 345 -6.61 -14.84 -54.83
C ALA A 345 -6.87 -15.42 -53.42
N PRO A 346 -8.12 -15.47 -52.94
CA PRO A 346 -8.42 -15.91 -51.58
C PRO A 346 -8.02 -17.34 -51.20
N GLY A 347 -7.67 -18.16 -52.18
CA GLY A 347 -7.04 -19.45 -51.89
C GLY A 347 -5.76 -19.32 -51.06
N GLY A 348 -5.13 -18.13 -51.11
CA GLY A 348 -3.96 -17.78 -50.32
C GLY A 348 -4.29 -17.55 -48.84
N TYR A 349 -5.56 -17.37 -48.46
CA TYR A 349 -5.93 -17.00 -47.07
C TYR A 349 -7.36 -17.43 -46.78
N PRO A 350 -7.69 -18.71 -47.05
CA PRO A 350 -9.08 -19.14 -47.15
C PRO A 350 -9.86 -19.20 -45.84
N LEU A 351 -9.17 -19.33 -44.70
CA LEU A 351 -9.84 -19.35 -43.41
C LEU A 351 -10.36 -17.94 -43.09
N LEU A 352 -9.47 -16.94 -43.21
CA LEU A 352 -9.83 -15.55 -43.05
C LEU A 352 -10.89 -15.11 -44.08
N TRP A 353 -10.76 -15.56 -45.33
CA TRP A 353 -11.73 -15.22 -46.36
C TRP A 353 -13.09 -15.85 -46.08
N SER A 354 -13.16 -17.14 -45.75
CA SER A 354 -14.45 -17.78 -45.45
C SER A 354 -15.16 -17.06 -44.30
N PHE A 355 -14.42 -16.75 -43.22
CA PHE A 355 -14.95 -15.97 -42.12
C PHE A 355 -15.41 -14.56 -42.55
N ALA A 356 -14.55 -13.83 -43.30
CA ALA A 356 -14.83 -12.48 -43.81
C ALA A 356 -16.08 -12.45 -44.70
N MET A 357 -16.28 -13.46 -45.57
CA MET A 357 -17.49 -13.53 -46.36
C MET A 357 -18.72 -13.78 -45.48
N GLY A 358 -18.56 -14.60 -44.44
CA GLY A 358 -19.60 -14.77 -43.42
C GLY A 358 -20.02 -13.44 -42.78
N VAL A 359 -19.03 -12.60 -42.43
CA VAL A 359 -19.28 -11.24 -41.98
C VAL A 359 -19.97 -10.39 -43.07
N ALA A 360 -19.35 -10.31 -44.26
CA ALA A 360 -19.79 -9.46 -45.38
C ALA A 360 -21.26 -9.71 -45.72
N THR A 361 -21.65 -10.98 -45.86
CA THR A 361 -23.00 -11.39 -46.17
C THR A 361 -24.01 -11.01 -45.09
N THR A 362 -23.58 -10.85 -43.83
CA THR A 362 -24.50 -10.34 -42.80
C THR A 362 -24.60 -8.81 -42.83
N ILE A 363 -23.45 -8.12 -42.94
CA ILE A 363 -23.43 -6.69 -42.64
C ILE A 363 -23.77 -5.82 -43.86
N ASP A 364 -23.43 -6.28 -45.07
CA ASP A 364 -23.66 -5.52 -46.28
C ASP A 364 -24.77 -6.18 -47.12
N ARG A 365 -25.88 -5.48 -47.37
CA ARG A 365 -27.05 -6.08 -47.98
C ARG A 365 -26.79 -6.53 -49.42
N SER A 366 -25.88 -5.86 -50.12
CA SER A 366 -25.54 -6.21 -51.50
C SER A 366 -24.59 -7.42 -51.58
N MET A 367 -23.82 -7.72 -50.53
CA MET A 367 -23.11 -8.98 -50.48
C MET A 367 -24.08 -10.17 -50.38
N GLY A 368 -23.56 -11.38 -50.62
CA GLY A 368 -24.38 -12.57 -50.69
C GLY A 368 -25.01 -12.76 -52.07
N ALA A 369 -25.28 -11.64 -52.78
CA ALA A 369 -25.56 -11.67 -54.19
C ALA A 369 -24.28 -11.90 -55.03
N LEU A 370 -23.09 -11.69 -54.43
CA LEU A 370 -21.82 -12.11 -55.02
C LEU A 370 -21.60 -13.62 -54.80
N ASN A 371 -21.24 -14.34 -55.88
CA ASN A 371 -20.88 -15.74 -55.91
C ASN A 371 -19.63 -16.05 -55.08
N ILE A 372 -19.83 -16.88 -54.02
CA ILE A 372 -18.73 -17.35 -53.19
C ILE A 372 -18.53 -18.87 -53.27
N ASN A 373 -19.03 -19.48 -54.33
CA ASN A 373 -18.80 -20.89 -54.62
C ASN A 373 -17.35 -21.13 -55.09
N ARG A 374 -16.43 -21.36 -54.13
CA ARG A 374 -15.04 -21.73 -54.38
C ARG A 374 -14.68 -22.92 -53.49
N GLY A 375 -13.73 -23.75 -53.97
CA GLY A 375 -13.30 -24.99 -53.31
C GLY A 375 -12.71 -24.77 -51.92
N TYR A 376 -12.10 -23.59 -51.76
CA TYR A 376 -11.39 -23.21 -50.56
C TYR A 376 -12.27 -22.51 -49.52
N LEU A 377 -13.60 -22.48 -49.69
CA LEU A 377 -14.52 -22.18 -48.60
C LEU A 377 -14.44 -23.21 -47.48
N GLU A 378 -14.51 -22.72 -46.23
CA GLU A 378 -14.98 -23.56 -45.14
C GLU A 378 -16.32 -23.02 -44.65
N PRO A 379 -17.46 -23.74 -44.76
CA PRO A 379 -18.74 -23.26 -44.21
C PRO A 379 -18.75 -23.10 -42.68
N MET A 380 -17.89 -23.85 -41.97
CA MET A 380 -17.72 -23.70 -40.54
C MET A 380 -17.33 -22.26 -40.20
N TYR A 381 -16.29 -21.78 -40.87
CA TYR A 381 -15.73 -20.46 -40.64
C TYR A 381 -16.58 -19.34 -41.21
N PHE A 382 -17.28 -19.59 -42.32
CA PHE A 382 -18.33 -18.70 -42.81
C PHE A 382 -19.41 -18.53 -41.73
N ARG A 383 -19.92 -19.62 -41.14
CA ARG A 383 -20.95 -19.54 -40.12
C ARG A 383 -20.41 -18.83 -38.87
N LEU A 384 -19.14 -19.06 -38.53
CA LEU A 384 -18.49 -18.31 -37.46
C LEU A 384 -18.48 -16.80 -37.76
N GLY A 385 -18.19 -16.42 -39.02
CA GLY A 385 -18.12 -15.01 -39.41
C GLY A 385 -19.52 -14.40 -39.39
N GLN A 386 -20.50 -15.14 -39.90
CA GLN A 386 -21.92 -14.79 -39.91
C GLN A 386 -22.42 -14.54 -38.49
N LYS A 387 -22.29 -15.55 -37.61
CA LYS A 387 -22.82 -15.51 -36.25
C LYS A 387 -22.10 -14.44 -35.41
N SER A 388 -20.78 -14.31 -35.63
CA SER A 388 -19.95 -13.36 -34.89
C SER A 388 -20.35 -11.93 -35.25
N ALA A 389 -20.52 -11.61 -36.54
CA ALA A 389 -20.86 -10.25 -36.97
C ALA A 389 -22.34 -9.89 -36.79
N ARG A 390 -23.25 -10.86 -36.97
CA ARG A 390 -24.69 -10.67 -36.83
C ARG A 390 -25.13 -10.49 -35.38
N HIS A 391 -24.52 -11.22 -34.42
CA HIS A 391 -24.99 -11.17 -33.03
C HIS A 391 -23.97 -11.48 -31.94
N HIS A 392 -23.07 -12.45 -32.14
CA HIS A 392 -22.23 -13.00 -31.07
C HIS A 392 -21.27 -11.94 -30.50
N ALA A 393 -20.50 -11.32 -31.39
CA ALA A 393 -19.87 -10.03 -31.12
C ALA A 393 -20.80 -8.88 -31.54
N GLY A 394 -21.47 -9.02 -32.70
CA GLY A 394 -22.68 -8.32 -33.09
C GLY A 394 -22.53 -6.81 -33.25
N GLY A 395 -21.29 -6.31 -33.29
CA GLY A 395 -21.05 -4.90 -33.02
C GLY A 395 -21.19 -4.51 -31.55
N ILE A 396 -22.16 -5.12 -30.84
CA ILE A 396 -22.57 -4.81 -29.48
C ILE A 396 -21.44 -4.97 -28.45
N ASP A 397 -20.40 -5.75 -28.78
CA ASP A 397 -19.10 -5.72 -28.11
C ASP A 397 -18.39 -4.41 -28.47
N GLN A 398 -18.88 -3.30 -27.89
CA GLN A 398 -18.59 -1.92 -28.28
C GLN A 398 -17.40 -1.31 -27.51
N ASN A 399 -16.69 -2.11 -26.72
CA ASN A 399 -15.60 -1.69 -25.84
C ASN A 399 -14.40 -1.08 -26.60
N MET A 400 -14.39 -1.23 -27.93
CA MET A 400 -13.36 -0.79 -28.88
C MET A 400 -13.28 0.74 -28.98
N ALA A 401 -14.44 1.40 -28.96
CA ALA A 401 -14.58 2.84 -29.19
C ALA A 401 -14.27 3.65 -27.93
N ASN A 402 -12.99 3.65 -27.52
CA ASN A 402 -12.61 4.13 -26.19
C ASN A 402 -12.73 5.65 -26.01
N ARG A 403 -12.67 6.45 -27.08
CA ARG A 403 -12.84 7.90 -26.94
C ARG A 403 -14.31 8.26 -26.71
N LEU A 404 -15.22 7.50 -27.36
CA LEU A 404 -16.66 7.65 -27.12
C LEU A 404 -17.03 7.30 -25.67
N GLY A 405 -16.32 6.31 -25.05
CA GLY A 405 -16.33 6.07 -23.61
C GLY A 405 -17.71 6.06 -22.96
N LEU A 406 -18.58 5.23 -23.53
CA LEU A 406 -19.95 5.10 -23.06
C LEU A 406 -20.01 4.42 -21.68
N SER A 407 -20.99 4.84 -20.88
CA SER A 407 -21.29 4.24 -19.57
C SER A 407 -21.79 2.81 -19.77
N SER A 408 -21.57 1.89 -18.81
CA SER A 408 -21.99 0.48 -18.87
C SER A 408 -23.46 0.28 -19.31
N ASP A 409 -24.35 1.02 -18.62
CA ASP A 409 -25.79 1.03 -18.86
C ASP A 409 -26.11 1.46 -20.30
N GLN A 410 -25.43 2.53 -20.75
CA GLN A 410 -25.57 3.14 -22.07
C GLN A 410 -25.12 2.14 -23.14
N VAL A 411 -24.02 1.42 -22.90
CA VAL A 411 -23.52 0.37 -23.79
C VAL A 411 -24.52 -0.79 -23.90
N ALA A 412 -25.17 -1.16 -22.78
CA ALA A 412 -26.20 -2.19 -22.81
C ALA A 412 -27.42 -1.73 -23.63
N GLU A 413 -27.79 -0.45 -23.48
CA GLU A 413 -28.89 0.15 -24.24
C GLU A 413 -28.59 0.11 -25.74
N LEU A 414 -27.33 0.43 -26.12
CA LEU A 414 -26.84 0.37 -27.50
C LEU A 414 -26.96 -1.04 -28.05
N ALA A 415 -26.58 -2.04 -27.24
CA ALA A 415 -26.70 -3.45 -27.63
C ALA A 415 -28.15 -3.87 -27.85
N ALA A 416 -29.08 -3.38 -27.02
CA ALA A 416 -30.50 -3.64 -27.17
C ALA A 416 -31.07 -3.01 -28.45
N ALA A 417 -30.65 -1.77 -28.75
CA ALA A 417 -31.09 -1.02 -29.93
C ALA A 417 -30.54 -1.63 -31.21
N VAL A 418 -29.30 -2.16 -31.15
CA VAL A 418 -28.66 -2.79 -32.29
C VAL A 418 -29.10 -4.24 -32.46
N GLN A 419 -29.91 -4.78 -31.53
CA GLN A 419 -30.33 -6.18 -31.51
C GLN A 419 -29.08 -7.09 -31.58
N ILE B 26 -0.65 -4.56 -36.67
CA ILE B 26 -1.78 -5.34 -37.32
C ILE B 26 -2.73 -4.36 -38.03
N PHE B 27 -3.72 -3.82 -37.31
CA PHE B 27 -4.86 -3.13 -37.89
C PHE B 27 -4.48 -1.81 -38.54
N GLU B 28 -3.47 -1.15 -37.95
CA GLU B 28 -2.96 0.13 -38.42
C GLU B 28 -2.51 0.02 -39.88
N GLU B 29 -1.99 -1.15 -40.26
CA GLU B 29 -1.50 -1.34 -41.61
C GLU B 29 -2.67 -1.33 -42.61
N ALA B 30 -3.80 -1.95 -42.23
CA ALA B 30 -5.04 -1.92 -43.01
C ALA B 30 -5.60 -0.49 -43.13
N ALA B 31 -5.73 0.14 -41.97
CA ALA B 31 -6.36 1.44 -41.87
C ALA B 31 -5.58 2.49 -42.69
N SER B 32 -4.24 2.41 -42.66
CA SER B 32 -3.34 3.15 -43.53
C SER B 32 -3.32 2.69 -44.98
N PHE B 33 -3.37 1.40 -45.31
CA PHE B 33 -3.57 0.90 -46.68
C PHE B 33 -4.82 1.52 -47.34
N ARG B 34 -5.91 1.65 -46.57
CA ARG B 34 -7.03 2.35 -47.19
C ARG B 34 -6.50 3.67 -47.76
N SER B 35 -5.62 4.33 -46.98
CA SER B 35 -5.13 5.65 -47.38
C SER B 35 -4.25 5.60 -48.63
N TYR B 36 -3.41 4.57 -48.76
CA TYR B 36 -2.63 4.46 -49.97
C TYR B 36 -3.59 4.40 -51.16
N GLN B 37 -4.67 3.61 -51.02
CA GLN B 37 -5.61 3.43 -52.11
C GLN B 37 -6.16 4.80 -52.45
N SER B 38 -6.47 5.58 -51.40
CA SER B 38 -7.10 6.88 -51.60
C SER B 38 -6.21 7.81 -52.43
N LYS B 39 -4.91 7.82 -52.11
CA LYS B 39 -4.02 8.77 -52.77
C LYS B 39 -3.39 8.17 -54.04
N LEU B 40 -3.52 6.85 -54.24
CA LEU B 40 -2.79 6.18 -55.31
C LEU B 40 -3.29 6.67 -56.67
N GLY B 41 -2.32 7.00 -57.57
CA GLY B 41 -2.61 7.34 -58.96
C GLY B 41 -3.26 8.72 -59.07
N ARG B 42 -3.37 9.44 -57.95
CA ARG B 42 -3.98 10.76 -57.94
C ARG B 42 -2.87 11.81 -57.91
N ASP B 43 -1.63 11.38 -58.18
CA ASP B 43 -0.46 12.26 -58.13
C ASP B 43 0.28 12.27 -59.45
N GLY B 44 0.72 13.47 -59.89
CA GLY B 44 1.44 13.67 -61.16
C GLY B 44 0.64 14.45 -62.21
N ARG B 45 0.89 14.17 -63.50
CA ARG B 45 0.35 14.95 -64.59
C ARG B 45 -0.21 14.00 -65.66
N ALA B 46 -1.42 14.30 -66.17
CA ALA B 46 -1.91 13.58 -67.34
C ALA B 46 -1.21 14.11 -68.60
N SER B 47 -0.95 13.21 -69.55
CA SER B 47 -0.26 13.57 -70.78
C SER B 47 -1.12 14.44 -71.71
N ALA B 48 -0.47 15.27 -72.53
CA ALA B 48 -1.12 16.09 -73.54
C ALA B 48 -1.94 15.27 -74.56
N ALA B 49 -1.63 13.96 -74.65
CA ALA B 49 -2.33 13.01 -75.51
C ALA B 49 -3.82 12.95 -75.16
N THR B 50 -4.18 13.25 -73.88
CA THR B 50 -5.58 13.15 -73.49
C THR B 50 -6.36 14.43 -73.79
N ALA B 51 -5.80 15.37 -74.56
CA ALA B 51 -6.46 16.64 -74.91
C ALA B 51 -7.78 16.44 -75.66
N THR B 52 -8.89 16.88 -75.04
CA THR B 52 -10.25 16.74 -75.57
C THR B 52 -10.49 17.82 -76.62
N LEU B 53 -11.39 17.53 -77.60
CA LEU B 53 -11.80 18.51 -78.61
C LEU B 53 -12.29 19.83 -77.98
N THR B 54 -11.66 20.93 -78.37
CA THR B 54 -12.12 22.28 -78.04
C THR B 54 -13.36 22.65 -78.86
N THR B 55 -14.23 23.47 -78.26
CA THR B 55 -15.47 23.92 -78.89
C THR B 55 -15.39 25.43 -79.04
N LYS B 56 -15.53 25.93 -80.27
CA LYS B 56 -15.47 27.35 -80.50
C LYS B 56 -16.84 28.00 -80.29
N ILE B 57 -16.91 28.97 -79.37
CA ILE B 57 -18.14 29.64 -78.97
C ILE B 57 -17.97 31.15 -79.08
N ARG B 58 -19.02 31.87 -79.50
CA ARG B 58 -18.94 33.32 -79.67
C ARG B 58 -19.44 33.99 -78.39
N ILE B 59 -18.62 34.79 -77.69
CA ILE B 59 -19.06 35.60 -76.55
C ILE B 59 -18.95 37.08 -76.87
N PHE B 60 -20.10 37.73 -76.96
CA PHE B 60 -20.18 39.14 -77.31
C PHE B 60 -20.11 39.89 -75.98
N VAL B 61 -19.27 40.93 -75.91
CA VAL B 61 -19.09 41.64 -74.65
C VAL B 61 -19.21 43.15 -74.86
N PRO B 62 -19.69 43.93 -73.85
CA PRO B 62 -19.92 45.36 -74.04
C PRO B 62 -18.65 46.17 -74.32
N ALA B 63 -17.54 45.81 -73.65
CA ALA B 63 -16.22 46.40 -73.85
C ALA B 63 -16.15 47.92 -73.64
N THR B 64 -17.21 48.52 -73.04
CA THR B 64 -17.49 49.95 -72.99
C THR B 64 -18.33 50.26 -71.75
N ASN B 65 -18.37 51.51 -71.24
CA ASN B 65 -19.05 51.82 -69.99
C ASN B 65 -20.53 52.22 -70.18
N SER B 66 -20.92 52.65 -71.40
CA SER B 66 -22.26 53.17 -71.72
C SER B 66 -23.39 52.26 -71.27
N PRO B 67 -24.32 52.73 -70.39
CA PRO B 67 -25.44 51.92 -69.93
C PRO B 67 -26.38 51.45 -71.04
N GLU B 68 -26.51 52.24 -72.11
CA GLU B 68 -27.46 51.94 -73.17
C GLU B 68 -27.16 50.60 -73.84
N LEU B 69 -25.91 50.49 -74.32
CA LEU B 69 -25.47 49.28 -74.98
C LEU B 69 -25.33 48.11 -74.01
N ARG B 70 -24.93 48.35 -72.74
CA ARG B 70 -24.91 47.31 -71.73
C ARG B 70 -26.31 46.72 -71.50
N TRP B 71 -27.32 47.58 -71.44
CA TRP B 71 -28.66 47.08 -71.25
C TRP B 71 -29.18 46.41 -72.52
N GLU B 72 -28.98 46.98 -73.72
CA GLU B 72 -29.41 46.35 -74.95
C GLU B 72 -28.79 44.96 -75.15
N LEU B 73 -27.50 44.86 -74.85
CA LEU B 73 -26.79 43.59 -74.88
C LEU B 73 -27.36 42.59 -73.85
N THR B 74 -27.74 43.05 -72.67
CA THR B 74 -28.41 42.20 -71.69
C THR B 74 -29.76 41.71 -72.21
N LEU B 75 -30.53 42.57 -72.88
CA LEU B 75 -31.80 42.18 -73.47
C LEU B 75 -31.60 41.16 -74.58
N PHE B 76 -30.61 41.40 -75.46
CA PHE B 76 -30.19 40.44 -76.48
C PHE B 76 -29.88 39.08 -75.83
N ALA B 77 -29.07 39.08 -74.78
CA ALA B 77 -28.66 37.86 -74.10
C ALA B 77 -29.83 37.11 -73.46
N LEU B 78 -30.73 37.84 -72.79
CA LEU B 78 -31.95 37.26 -72.27
C LEU B 78 -32.70 36.57 -73.41
N ASP B 79 -32.78 37.22 -74.56
CA ASP B 79 -33.50 36.70 -75.71
C ASP B 79 -32.82 35.49 -76.34
N VAL B 80 -31.49 35.46 -76.42
CA VAL B 80 -30.80 34.28 -76.91
C VAL B 80 -31.19 33.06 -76.09
N ILE B 81 -31.22 33.17 -74.77
CA ILE B 81 -31.60 32.04 -73.94
C ILE B 81 -33.12 31.73 -74.06
N ARG B 82 -33.97 32.74 -74.37
CA ARG B 82 -35.40 32.61 -74.61
C ARG B 82 -35.70 31.90 -75.93
N SER B 83 -34.76 31.91 -76.87
CA SER B 83 -34.94 31.36 -78.21
C SER B 83 -35.02 29.82 -78.23
N PRO B 84 -35.94 29.19 -78.99
CA PRO B 84 -35.85 27.76 -79.26
C PRO B 84 -34.90 27.43 -80.42
N SER B 85 -34.50 28.43 -81.23
CA SER B 85 -33.72 28.22 -82.46
C SER B 85 -32.21 28.45 -82.26
N ALA B 86 -31.83 29.02 -81.12
CA ALA B 86 -30.41 29.19 -80.78
C ALA B 86 -29.71 27.86 -80.52
N ALA B 87 -28.46 27.76 -81.01
CA ALA B 87 -27.56 26.65 -80.75
C ALA B 87 -27.02 26.74 -79.33
N GLU B 88 -26.68 25.60 -78.72
CA GLU B 88 -26.10 25.55 -77.38
C GLU B 88 -24.81 26.38 -77.27
N SER B 89 -24.00 26.40 -78.34
CA SER B 89 -22.78 27.20 -78.42
C SER B 89 -23.07 28.71 -78.32
N MET B 90 -24.18 29.16 -78.90
CA MET B 90 -24.64 30.54 -78.78
C MET B 90 -25.17 30.79 -77.37
N LYS B 91 -25.96 29.84 -76.84
CA LYS B 91 -26.57 29.96 -75.53
C LYS B 91 -25.55 30.06 -74.39
N VAL B 92 -24.50 29.25 -74.39
CA VAL B 92 -23.51 29.37 -73.35
C VAL B 92 -22.74 30.69 -73.51
N GLY B 93 -22.44 31.12 -74.74
CA GLY B 93 -21.80 32.41 -74.97
C GLY B 93 -22.63 33.59 -74.46
N ALA B 94 -23.94 33.51 -74.68
CA ALA B 94 -24.92 34.41 -74.10
C ALA B 94 -24.88 34.39 -72.57
N ALA B 95 -24.92 33.22 -71.92
CA ALA B 95 -24.84 33.09 -70.46
C ALA B 95 -23.56 33.72 -69.90
N PHE B 96 -22.43 33.62 -70.62
CA PHE B 96 -21.16 34.29 -70.31
C PHE B 96 -21.30 35.81 -70.36
N THR B 97 -21.94 36.35 -71.40
CA THR B 97 -22.11 37.80 -71.43
C THR B 97 -23.07 38.28 -70.35
N LEU B 98 -24.11 37.47 -70.10
CA LEU B 98 -25.12 37.78 -69.12
C LEU B 98 -24.51 37.87 -67.71
N ILE B 99 -23.92 36.79 -67.15
CA ILE B 99 -23.27 36.85 -65.84
C ILE B 99 -21.83 37.42 -65.85
N SER B 100 -21.60 38.45 -66.67
CA SER B 100 -20.34 39.17 -66.69
C SER B 100 -20.51 40.69 -66.72
N MET B 101 -21.75 41.20 -66.79
CA MET B 101 -22.01 42.66 -66.85
C MET B 101 -21.58 43.45 -65.60
N TYR B 102 -21.37 42.79 -64.44
CA TYR B 102 -20.69 43.28 -63.23
C TYR B 102 -19.43 44.08 -63.52
N SER B 103 -18.55 43.46 -64.31
CA SER B 103 -17.15 43.87 -64.32
C SER B 103 -16.98 45.18 -65.07
N GLU B 104 -15.96 45.95 -64.61
CA GLU B 104 -15.50 47.07 -65.39
C GLU B 104 -15.07 46.59 -66.79
N ARG B 105 -14.41 45.41 -66.85
CA ARG B 105 -13.92 44.79 -68.09
C ARG B 105 -14.38 43.32 -68.18
N PRO B 106 -15.61 43.07 -68.64
CA PRO B 106 -16.14 41.72 -68.69
C PRO B 106 -15.32 40.74 -69.53
N GLY B 107 -14.66 41.23 -70.58
CA GLY B 107 -13.79 40.40 -71.39
C GLY B 107 -12.61 39.82 -70.60
N ALA B 108 -12.00 40.66 -69.75
CA ALA B 108 -10.94 40.23 -68.84
C ALA B 108 -11.45 39.20 -67.83
N LEU B 109 -12.65 39.39 -67.28
CA LEU B 109 -13.25 38.47 -66.34
C LEU B 109 -13.42 37.07 -66.94
N ILE B 110 -14.02 37.00 -68.13
CA ILE B 110 -14.15 35.70 -68.77
C ILE B 110 -12.76 35.10 -69.09
N ARG B 111 -11.89 35.84 -69.79
CA ARG B 111 -10.62 35.26 -70.24
C ARG B 111 -9.75 34.79 -69.07
N SER B 112 -9.81 35.48 -67.92
CA SER B 112 -8.99 35.19 -66.76
C SER B 112 -9.49 34.00 -65.94
N LEU B 113 -10.80 33.77 -65.92
CA LEU B 113 -11.34 32.70 -65.11
C LEU B 113 -11.87 31.55 -65.97
N LEU B 114 -11.71 31.57 -67.31
CA LEU B 114 -12.23 30.54 -68.20
C LEU B 114 -11.75 29.16 -67.77
N ASN B 115 -10.42 28.94 -67.85
CA ASN B 115 -9.75 27.72 -67.41
C ASN B 115 -10.50 26.44 -67.87
N ASP B 116 -10.71 26.29 -69.18
CA ASP B 116 -11.57 25.25 -69.74
C ASP B 116 -11.03 24.71 -71.05
N PRO B 117 -10.64 23.41 -71.16
CA PRO B 117 -10.19 22.84 -72.44
C PRO B 117 -11.33 22.42 -73.36
N ASP B 118 -12.57 22.35 -72.87
CA ASP B 118 -13.72 22.08 -73.72
C ASP B 118 -14.04 23.30 -74.59
N ILE B 119 -13.48 24.48 -74.27
CA ILE B 119 -13.85 25.76 -74.89
C ILE B 119 -12.64 26.47 -75.51
N GLU B 120 -12.86 27.08 -76.67
CA GLU B 120 -12.03 28.17 -77.20
C GLU B 120 -12.94 29.37 -77.50
N ALA B 121 -13.02 30.35 -76.59
CA ALA B 121 -14.04 31.36 -76.77
C ALA B 121 -13.52 32.48 -77.67
N VAL B 122 -14.21 32.76 -78.79
CA VAL B 122 -13.92 33.96 -79.55
C VAL B 122 -14.67 35.12 -78.89
N ILE B 123 -13.95 36.16 -78.48
CA ILE B 123 -14.54 37.30 -77.78
C ILE B 123 -14.72 38.43 -78.81
N ILE B 124 -15.93 38.96 -78.84
CA ILE B 124 -16.29 40.03 -79.76
C ILE B 124 -16.67 41.26 -78.93
N ASP B 125 -15.93 42.37 -79.08
CA ASP B 125 -16.43 43.64 -78.54
C ASP B 125 -17.62 44.13 -79.39
N VAL B 126 -18.75 44.44 -78.76
CA VAL B 126 -19.92 44.91 -79.50
C VAL B 126 -19.77 46.38 -79.94
N GLY B 127 -18.79 47.10 -79.38
CA GLY B 127 -18.40 48.43 -79.81
C GLY B 127 -19.51 49.48 -79.64
N SER B 128 -20.32 49.69 -80.71
CA SER B 128 -21.35 50.71 -80.78
C SER B 128 -22.78 50.15 -80.78
N MET B 129 -22.95 48.82 -80.83
CA MET B 129 -24.25 48.12 -80.74
C MET B 129 -25.33 48.74 -81.65
N VAL B 130 -25.07 48.80 -82.97
CA VAL B 130 -25.84 49.58 -83.93
C VAL B 130 -27.24 49.02 -84.22
N ASN B 131 -27.34 47.69 -84.30
CA ASN B 131 -28.58 47.05 -84.74
C ASN B 131 -29.59 47.06 -83.58
N GLY B 132 -30.89 47.10 -83.93
CA GLY B 132 -31.99 47.43 -83.03
C GLY B 132 -32.40 46.36 -82.01
N ILE B 133 -32.06 45.08 -82.27
CA ILE B 133 -32.07 44.05 -81.24
C ILE B 133 -30.78 43.21 -81.26
N PRO B 134 -30.31 42.66 -82.40
CA PRO B 134 -29.08 41.86 -82.42
C PRO B 134 -27.82 42.66 -82.10
N VAL B 135 -26.78 41.95 -81.66
CA VAL B 135 -25.42 42.46 -81.50
C VAL B 135 -24.89 43.09 -82.79
N MET B 136 -24.07 44.15 -82.67
CA MET B 136 -23.39 44.69 -83.84
C MET B 136 -22.21 43.81 -84.25
N GLU B 137 -22.20 43.40 -85.54
CA GLU B 137 -21.09 42.65 -86.10
C GLU B 137 -20.00 43.59 -86.61
N ARG B 138 -18.97 43.78 -85.77
CA ARG B 138 -17.84 44.68 -85.97
C ARG B 138 -16.99 44.28 -87.18
N ARG B 139 -17.00 42.98 -87.53
CA ARG B 139 -16.15 42.35 -88.52
C ARG B 139 -16.60 42.62 -89.98
N GLY B 140 -17.85 43.06 -90.21
CA GLY B 140 -18.30 43.58 -91.51
C GLY B 140 -18.27 42.52 -92.61
N ASP B 141 -17.53 42.80 -93.69
CA ASP B 141 -17.39 41.96 -94.87
C ASP B 141 -16.65 40.64 -94.61
N LYS B 142 -16.14 40.43 -93.39
CA LYS B 142 -15.41 39.22 -93.00
C LYS B 142 -16.27 37.96 -93.09
N ALA B 143 -17.58 38.11 -92.81
CA ALA B 143 -18.64 37.14 -93.04
C ALA B 143 -19.97 37.84 -93.35
N GLN B 144 -21.03 37.04 -93.50
CA GLN B 144 -22.36 37.57 -93.82
C GLN B 144 -23.44 36.67 -93.22
N GLU B 145 -24.57 37.28 -92.80
CA GLU B 145 -25.78 36.51 -92.48
C GLU B 145 -25.73 35.94 -91.06
N GLU B 146 -24.61 35.97 -90.34
CA GLU B 146 -24.62 35.55 -88.93
C GLU B 146 -25.61 36.47 -88.21
N MET B 147 -25.73 37.68 -88.78
CA MET B 147 -26.72 38.67 -88.41
C MET B 147 -28.14 38.12 -88.60
N GLU B 148 -28.34 37.35 -89.69
CA GLU B 148 -29.64 36.75 -89.98
C GLU B 148 -29.93 35.64 -88.98
N GLY B 149 -28.89 34.90 -88.57
CA GLY B 149 -28.97 33.90 -87.52
C GLY B 149 -29.46 34.51 -86.22
N LEU B 150 -28.78 35.60 -85.81
CA LEU B 150 -29.14 36.33 -84.62
C LEU B 150 -30.57 36.87 -84.71
N MET B 151 -30.95 37.44 -85.85
CA MET B 151 -32.30 37.96 -86.00
C MET B 151 -33.35 36.85 -85.88
N ARG B 152 -33.12 35.70 -86.51
CA ARG B 152 -34.02 34.56 -86.39
C ARG B 152 -34.11 34.09 -84.94
N ILE B 153 -32.96 34.04 -84.25
CA ILE B 153 -32.89 33.67 -82.85
C ILE B 153 -33.82 34.58 -82.02
N LEU B 154 -33.69 35.90 -82.20
CA LEU B 154 -34.43 36.89 -81.43
C LEU B 154 -35.92 36.90 -81.76
N LYS B 155 -36.24 36.76 -83.04
CA LYS B 155 -37.62 36.66 -83.49
C LYS B 155 -38.27 35.41 -82.89
N THR B 156 -37.64 34.24 -83.06
CA THR B 156 -38.18 32.99 -82.52
C THR B 156 -38.33 33.03 -81.01
N ALA B 157 -37.46 33.78 -80.31
CA ALA B 157 -37.64 34.00 -78.88
C ALA B 157 -39.01 34.66 -78.58
N ARG B 158 -39.27 35.81 -79.22
CA ARG B 158 -40.53 36.55 -79.12
C ARG B 158 -41.73 35.70 -79.54
N ASP B 159 -41.62 35.03 -80.68
CA ASP B 159 -42.72 34.31 -81.32
C ASP B 159 -43.12 33.07 -80.52
N SER B 160 -42.12 32.33 -80.03
CA SER B 160 -42.35 31.12 -79.25
C SER B 160 -42.93 31.45 -77.87
N SER B 161 -42.53 32.60 -77.34
CA SER B 161 -43.06 33.11 -76.09
C SER B 161 -44.47 33.68 -76.23
N LYS B 162 -44.97 33.79 -77.48
CA LYS B 162 -46.30 34.32 -77.75
C LYS B 162 -46.37 35.78 -77.29
N GLY B 163 -45.29 36.53 -77.54
CA GLY B 163 -45.20 37.97 -77.33
C GLY B 163 -45.07 38.36 -75.85
N LYS B 164 -44.71 37.39 -75.00
CA LYS B 164 -44.51 37.60 -73.56
C LYS B 164 -43.00 37.74 -73.32
N THR B 165 -42.63 38.86 -72.71
CA THR B 165 -41.23 39.21 -72.53
C THR B 165 -40.64 38.38 -71.39
N PRO B 166 -39.30 38.39 -71.19
CA PRO B 166 -38.66 37.60 -70.12
C PRO B 166 -39.18 38.00 -68.73
N PHE B 167 -39.43 39.30 -68.53
CA PHE B 167 -39.87 39.87 -67.25
C PHE B 167 -41.37 39.71 -67.03
N VAL B 168 -41.75 39.73 -65.74
CA VAL B 168 -43.15 39.66 -65.32
C VAL B 168 -43.93 40.94 -65.67
N ASP B 169 -43.26 42.10 -65.72
CA ASP B 169 -43.79 43.32 -66.31
C ASP B 169 -43.02 43.68 -67.58
N SER B 170 -43.76 43.71 -68.71
CA SER B 170 -43.22 44.01 -70.03
C SER B 170 -42.59 45.40 -70.14
N ARG B 171 -42.95 46.33 -69.27
CA ARG B 171 -42.34 47.66 -69.27
C ARG B 171 -40.84 47.59 -68.97
N ALA B 172 -40.41 46.59 -68.19
CA ALA B 172 -39.01 46.34 -67.98
C ALA B 172 -38.31 46.01 -69.30
N TYR B 173 -38.97 45.21 -70.15
CA TYR B 173 -38.46 44.88 -71.48
C TYR B 173 -38.50 46.07 -72.45
N GLY B 174 -39.51 46.92 -72.27
CA GLY B 174 -39.67 48.12 -73.06
C GLY B 174 -38.61 49.19 -72.80
N LEU B 175 -38.24 49.35 -71.52
CA LEU B 175 -37.30 50.34 -71.01
C LEU B 175 -35.95 50.26 -71.70
N ARG B 176 -35.39 51.44 -72.10
CA ARG B 176 -33.99 51.59 -72.50
C ARG B 176 -33.27 52.42 -71.44
N ILE B 177 -32.55 51.72 -70.54
CA ILE B 177 -31.79 52.32 -69.45
C ILE B 177 -30.64 53.20 -69.99
N THR B 178 -30.53 54.43 -69.43
CA THR B 178 -29.55 55.41 -69.90
C THR B 178 -28.45 55.76 -68.88
N ASP B 179 -28.65 55.45 -67.58
CA ASP B 179 -27.87 55.99 -66.48
C ASP B 179 -27.40 54.87 -65.54
N MET B 180 -26.20 55.05 -64.96
CA MET B 180 -25.46 53.93 -64.38
C MET B 180 -26.15 53.33 -63.15
N SER B 181 -26.77 54.20 -62.33
CA SER B 181 -27.44 53.75 -61.11
C SER B 181 -28.61 52.83 -61.44
N THR B 182 -29.43 53.23 -62.41
CA THR B 182 -30.51 52.45 -62.98
C THR B 182 -30.00 51.16 -63.62
N LEU B 183 -28.86 51.20 -64.31
CA LEU B 183 -28.26 50.02 -64.94
C LEU B 183 -27.94 48.95 -63.90
N VAL B 184 -27.18 49.30 -62.86
CA VAL B 184 -26.85 48.31 -61.86
C VAL B 184 -28.08 47.88 -61.05
N SER B 185 -29.02 48.78 -60.82
CA SER B 185 -30.30 48.43 -60.23
C SER B 185 -31.03 47.37 -61.06
N ALA B 186 -30.83 47.30 -62.38
CA ALA B 186 -31.33 46.23 -63.25
C ALA B 186 -30.41 45.00 -63.25
N VAL B 187 -29.17 45.18 -63.72
CA VAL B 187 -28.24 44.12 -64.06
C VAL B 187 -28.09 43.14 -62.91
N ILE B 188 -27.76 43.62 -61.72
CA ILE B 188 -27.44 42.73 -60.63
C ILE B 188 -28.71 41.99 -60.22
N THR B 189 -29.91 42.49 -60.56
CA THR B 189 -31.13 41.78 -60.17
C THR B 189 -31.41 40.63 -61.11
N ILE B 190 -31.09 40.74 -62.40
CA ILE B 190 -31.17 39.58 -63.30
C ILE B 190 -29.99 38.64 -63.06
N GLU B 191 -28.80 39.15 -62.77
CA GLU B 191 -27.67 38.27 -62.41
C GLU B 191 -28.05 37.44 -61.21
N ALA B 192 -28.55 38.07 -60.17
CA ALA B 192 -29.01 37.37 -58.99
C ALA B 192 -30.03 36.29 -59.36
N GLN B 193 -30.87 36.56 -60.35
CA GLN B 193 -31.89 35.63 -60.81
C GLN B 193 -31.26 34.44 -61.54
N ILE B 194 -30.06 34.56 -62.14
CA ILE B 194 -29.31 33.43 -62.68
C ILE B 194 -28.70 32.66 -61.51
N TRP B 195 -28.04 33.39 -60.63
CA TRP B 195 -27.24 32.77 -59.61
C TRP B 195 -28.09 32.06 -58.58
N ILE B 196 -29.38 32.41 -58.36
CA ILE B 196 -30.26 31.65 -57.44
C ILE B 196 -30.42 30.22 -57.98
N LEU B 197 -30.25 30.04 -59.32
CA LEU B 197 -30.53 28.78 -60.02
C LEU B 197 -29.45 27.73 -59.79
N ILE B 198 -28.20 28.18 -59.99
CA ILE B 198 -27.00 27.33 -59.95
C ILE B 198 -26.99 26.41 -58.71
N ALA B 199 -27.54 26.82 -57.58
CA ALA B 199 -27.60 26.05 -56.36
C ALA B 199 -28.29 24.72 -56.50
N LYS B 200 -29.22 24.64 -57.48
CA LYS B 200 -29.98 23.42 -57.72
C LYS B 200 -30.00 22.97 -59.19
N ALA B 201 -29.43 23.74 -60.12
CA ALA B 201 -29.41 23.43 -61.55
C ALA B 201 -28.87 22.03 -61.84
N VAL B 202 -27.94 21.54 -61.00
CA VAL B 202 -27.33 20.23 -61.24
C VAL B 202 -27.98 19.15 -60.37
N THR B 203 -28.50 19.55 -59.21
CA THR B 203 -28.85 18.57 -58.20
C THR B 203 -30.33 18.23 -58.18
N ALA B 204 -31.19 19.21 -58.43
CA ALA B 204 -32.62 18.95 -58.62
C ALA B 204 -33.27 20.13 -59.37
N PRO B 205 -32.99 20.28 -60.69
CA PRO B 205 -33.42 21.44 -61.48
C PRO B 205 -34.92 21.59 -61.65
N ASP B 206 -35.65 20.53 -61.32
CA ASP B 206 -37.10 20.59 -61.19
C ASP B 206 -37.41 20.43 -59.70
N THR B 207 -38.30 21.24 -59.14
CA THR B 207 -38.39 21.52 -57.70
C THR B 207 -37.29 22.48 -57.23
N ALA B 208 -36.50 23.03 -58.15
CA ALA B 208 -35.66 24.18 -57.85
C ALA B 208 -36.51 25.43 -57.57
N GLU B 209 -37.66 25.52 -58.24
CA GLU B 209 -38.50 26.71 -58.36
C GLU B 209 -38.88 27.27 -57.00
N GLU B 210 -39.15 26.39 -56.02
CA GLU B 210 -39.57 26.82 -54.68
C GLU B 210 -38.45 27.63 -54.02
N SER B 211 -37.30 26.96 -53.92
CA SER B 211 -36.13 27.44 -53.20
C SER B 211 -35.63 28.68 -53.91
N GLU B 212 -35.55 28.69 -55.25
CA GLU B 212 -35.05 29.83 -56.00
C GLU B 212 -35.95 31.07 -55.80
N THR B 213 -37.27 30.88 -55.68
CA THR B 213 -38.23 31.92 -55.28
C THR B 213 -37.98 32.42 -53.84
N ARG B 214 -37.75 31.48 -52.90
CA ARG B 214 -37.52 31.78 -51.48
C ARG B 214 -36.30 32.69 -51.30
N ARG B 215 -35.25 32.44 -52.09
CA ARG B 215 -34.06 33.28 -52.10
C ARG B 215 -34.32 34.62 -52.78
N TRP B 216 -35.20 34.66 -53.78
CA TRP B 216 -35.62 35.90 -54.42
C TRP B 216 -36.25 36.87 -53.45
N ALA B 217 -37.19 36.30 -52.68
CA ALA B 217 -37.86 37.04 -51.61
C ALA B 217 -36.86 37.77 -50.70
N LYS B 218 -35.89 37.04 -50.15
CA LYS B 218 -34.81 37.58 -49.35
C LYS B 218 -34.08 38.77 -50.03
N TYR B 219 -33.59 38.65 -51.25
CA TYR B 219 -32.77 39.73 -51.83
C TYR B 219 -33.57 40.99 -52.14
N VAL B 220 -34.87 40.81 -52.43
CA VAL B 220 -35.77 41.92 -52.65
C VAL B 220 -36.17 42.58 -51.34
N GLN B 221 -36.49 41.77 -50.31
CA GLN B 221 -36.85 42.23 -48.99
C GLN B 221 -35.70 43.08 -48.40
N GLN B 222 -34.48 42.64 -48.64
CA GLN B 222 -33.31 43.35 -48.17
C GLN B 222 -32.95 44.49 -49.09
N LYS B 223 -33.77 44.79 -50.10
CA LYS B 223 -33.56 45.93 -51.01
C LYS B 223 -32.22 45.90 -51.74
N ARG B 224 -31.62 44.69 -51.91
CA ARG B 224 -30.42 44.47 -52.71
C ARG B 224 -30.77 44.47 -54.21
N VAL B 225 -32.00 44.07 -54.55
CA VAL B 225 -32.43 43.91 -55.93
C VAL B 225 -33.83 44.48 -56.09
N ASN B 226 -34.06 45.07 -57.27
CA ASN B 226 -35.26 45.80 -57.64
C ASN B 226 -36.32 44.91 -58.31
N PRO B 227 -37.43 44.51 -57.65
CA PRO B 227 -38.33 43.44 -58.14
C PRO B 227 -39.10 43.81 -59.42
N PHE B 228 -39.00 45.08 -59.86
CA PHE B 228 -39.48 45.50 -61.17
C PHE B 228 -38.83 44.65 -62.27
N PHE B 229 -37.60 44.19 -62.05
CA PHE B 229 -36.92 43.31 -62.99
C PHE B 229 -37.11 41.81 -62.75
N ALA B 230 -38.14 41.37 -62.04
CA ALA B 230 -38.37 39.92 -61.84
C ALA B 230 -38.60 39.22 -63.20
N LEU B 231 -37.98 38.05 -63.36
CA LEU B 231 -38.08 37.24 -64.57
C LEU B 231 -39.14 36.14 -64.37
N THR B 232 -39.87 35.85 -65.46
CA THR B 232 -40.97 34.89 -65.50
C THR B 232 -40.43 33.46 -65.34
N GLN B 233 -41.24 32.59 -64.69
CA GLN B 233 -40.76 31.24 -64.46
C GLN B 233 -40.40 30.48 -65.76
N GLN B 234 -41.03 30.86 -66.87
CA GLN B 234 -40.67 30.31 -68.18
C GLN B 234 -39.23 30.66 -68.58
N TRP B 235 -38.83 31.94 -68.48
CA TRP B 235 -37.48 32.34 -68.83
C TRP B 235 -36.48 31.71 -67.85
N LEU B 236 -36.85 31.73 -66.60
CA LEU B 236 -36.01 31.19 -65.53
C LEU B 236 -35.74 29.70 -65.75
N THR B 237 -36.76 28.94 -66.16
CA THR B 237 -36.56 27.52 -66.41
C THR B 237 -35.71 27.27 -67.65
N GLU B 238 -35.86 28.08 -68.69
CA GLU B 238 -35.01 27.99 -69.86
C GLU B 238 -33.55 28.22 -69.54
N MET B 239 -33.29 29.18 -68.64
CA MET B 239 -31.93 29.39 -68.15
C MET B 239 -31.43 28.29 -67.19
N ARG B 240 -32.30 27.86 -66.30
CA ARG B 240 -31.93 26.77 -65.41
C ARG B 240 -31.57 25.51 -66.20
N ASN B 241 -32.30 25.19 -67.27
CA ASN B 241 -32.02 24.04 -68.11
C ASN B 241 -30.71 24.21 -68.86
N LEU B 242 -30.42 25.41 -69.37
CA LEU B 242 -29.10 25.65 -69.94
C LEU B 242 -27.98 25.33 -68.95
N LEU B 243 -28.13 25.74 -67.69
CA LEU B 243 -27.13 25.44 -66.67
C LEU B 243 -27.05 23.94 -66.33
N SER B 244 -28.20 23.28 -66.23
CA SER B 244 -28.27 21.88 -65.90
C SER B 244 -27.53 21.01 -66.93
N GLN B 245 -27.21 21.51 -68.14
CA GLN B 245 -26.63 20.62 -69.12
C GLN B 245 -25.33 21.14 -69.74
N SER B 246 -25.11 22.46 -69.75
CA SER B 246 -23.76 22.94 -70.06
C SER B 246 -22.87 22.74 -68.83
N LEU B 247 -21.72 22.11 -69.09
CA LEU B 247 -20.71 22.09 -68.06
C LEU B 247 -19.91 23.37 -68.15
N SER B 248 -19.68 23.88 -69.37
CA SER B 248 -18.78 25.01 -69.57
C SER B 248 -19.18 26.25 -68.74
N VAL B 249 -20.49 26.54 -68.70
CA VAL B 249 -20.94 27.66 -67.89
C VAL B 249 -20.83 27.35 -66.41
N ARG B 250 -21.20 26.15 -65.97
CA ARG B 250 -20.92 25.81 -64.58
C ARG B 250 -19.45 25.89 -64.13
N LYS B 251 -18.53 25.53 -65.02
CA LYS B 251 -17.10 25.71 -64.79
C LYS B 251 -16.79 27.18 -64.50
N PHE B 252 -17.23 28.09 -65.37
CA PHE B 252 -17.06 29.52 -65.14
C PHE B 252 -17.72 30.04 -63.88
N MET B 253 -18.96 29.62 -63.61
CA MET B 253 -19.62 30.00 -62.38
C MET B 253 -18.82 29.62 -61.16
N VAL B 254 -18.42 28.35 -61.06
CA VAL B 254 -17.67 27.95 -59.88
C VAL B 254 -16.29 28.59 -59.81
N GLU B 255 -15.67 28.84 -60.96
CA GLU B 255 -14.39 29.55 -61.01
C GLU B 255 -14.52 30.93 -60.38
N ILE B 256 -15.53 31.70 -60.83
CA ILE B 256 -15.73 33.04 -60.28
C ILE B 256 -16.28 33.07 -58.88
N LEU B 257 -17.08 32.06 -58.55
CA LEU B 257 -17.61 31.95 -57.21
C LEU B 257 -16.48 31.74 -56.19
N ILE B 258 -15.49 30.88 -56.51
CA ILE B 258 -14.34 30.69 -55.63
C ILE B 258 -13.52 31.98 -55.61
N GLU B 259 -13.35 32.63 -56.76
CA GLU B 259 -12.53 33.82 -56.85
C GLU B 259 -13.04 34.93 -55.92
N VAL B 260 -14.37 35.13 -55.85
CA VAL B 260 -14.94 36.20 -55.03
C VAL B 260 -15.09 35.79 -53.57
N LYS B 261 -15.10 34.49 -53.28
CA LYS B 261 -15.23 33.99 -51.91
C LYS B 261 -13.98 34.31 -51.07
N LYS B 262 -12.84 34.66 -51.69
CA LYS B 262 -11.62 35.10 -51.03
C LYS B 262 -11.85 36.38 -50.21
N GLY B 263 -11.23 36.47 -49.03
CA GLY B 263 -11.51 37.59 -48.14
C GLY B 263 -10.54 38.75 -48.32
N GLY B 264 -10.41 39.53 -47.22
CA GLY B 264 -9.34 40.49 -47.02
C GLY B 264 -9.29 41.60 -48.06
N SER B 265 -10.40 41.83 -48.76
CA SER B 265 -10.50 42.77 -49.87
C SER B 265 -11.87 43.47 -49.87
N ALA B 266 -11.86 44.71 -50.37
CA ALA B 266 -13.06 45.48 -50.66
C ALA B 266 -13.90 44.78 -51.73
N LYS B 267 -15.23 44.84 -51.55
CA LYS B 267 -16.18 44.18 -52.43
C LYS B 267 -17.28 45.16 -52.86
N GLY B 268 -17.63 45.08 -54.15
CA GLY B 268 -18.82 45.77 -54.64
C GLY B 268 -20.09 44.98 -54.29
N ARG B 269 -21.23 45.69 -54.20
CA ARG B 269 -22.53 45.09 -53.91
C ARG B 269 -22.78 43.92 -54.86
N ALA B 270 -22.33 44.08 -56.11
CA ALA B 270 -22.50 43.08 -57.16
C ALA B 270 -21.84 41.74 -56.75
N VAL B 271 -20.53 41.73 -56.48
CA VAL B 271 -19.87 40.48 -56.10
C VAL B 271 -20.34 39.97 -54.76
N GLU B 272 -20.76 40.87 -53.88
CA GLU B 272 -21.25 40.50 -52.56
C GLU B 272 -22.50 39.63 -52.72
N ILE B 273 -23.43 40.01 -53.62
CA ILE B 273 -24.62 39.20 -53.78
C ILE B 273 -24.29 37.82 -54.32
N ILE B 274 -23.33 37.72 -55.25
CA ILE B 274 -22.86 36.41 -55.70
C ILE B 274 -22.32 35.59 -54.55
N SER B 275 -21.48 36.23 -53.73
CA SER B 275 -20.83 35.56 -52.62
C SER B 275 -21.89 35.04 -51.64
N ASP B 276 -22.96 35.82 -51.45
CA ASP B 276 -24.06 35.49 -50.56
C ASP B 276 -24.69 34.21 -51.07
N ILE B 277 -25.01 34.24 -52.37
CA ILE B 277 -25.59 33.08 -53.06
C ILE B 277 -24.71 31.83 -52.91
N GLY B 278 -23.41 32.07 -52.97
CA GLY B 278 -22.46 31.00 -52.79
C GLY B 278 -22.78 30.11 -51.60
N ASN B 279 -23.25 30.68 -50.48
CA ASN B 279 -23.46 29.91 -49.26
C ASN B 279 -24.55 28.84 -49.39
N TYR B 280 -25.34 28.96 -50.47
CA TYR B 280 -26.33 27.94 -50.77
C TYR B 280 -25.82 26.95 -51.82
N VAL B 281 -24.87 27.41 -52.66
CA VAL B 281 -24.23 26.65 -53.74
C VAL B 281 -23.20 25.66 -53.17
N GLU B 282 -22.48 26.03 -52.09
CA GLU B 282 -21.56 25.14 -51.35
C GLU B 282 -22.26 23.87 -50.86
N GLU B 283 -21.53 22.77 -50.86
CA GLU B 283 -21.92 21.44 -50.41
C GLU B 283 -23.08 20.84 -51.22
N THR B 284 -23.46 21.51 -52.33
CA THR B 284 -24.55 21.07 -53.20
C THR B 284 -24.27 19.70 -53.76
N GLY B 285 -25.31 18.86 -53.70
CA GLY B 285 -25.17 17.55 -54.29
C GLY B 285 -24.31 16.62 -53.45
N MET B 286 -24.01 17.04 -52.20
CA MET B 286 -23.23 16.17 -51.32
C MET B 286 -23.95 15.96 -50.00
N ALA B 287 -25.27 16.13 -50.00
CA ALA B 287 -26.21 15.98 -48.89
C ALA B 287 -25.80 14.81 -47.99
N GLY B 288 -25.75 13.64 -48.65
CA GLY B 288 -25.50 12.38 -47.99
C GLY B 288 -24.19 12.39 -47.19
N PHE B 289 -23.10 12.89 -47.80
CA PHE B 289 -21.77 12.95 -47.19
C PHE B 289 -21.79 13.75 -45.89
N PHE B 290 -22.15 15.02 -46.00
CA PHE B 290 -22.13 15.88 -44.85
C PHE B 290 -23.19 15.50 -43.84
N ALA B 291 -24.29 14.87 -44.29
CA ALA B 291 -25.29 14.38 -43.35
C ALA B 291 -24.77 13.18 -42.53
N THR B 292 -23.85 12.39 -43.06
CA THR B 292 -23.22 11.37 -42.22
C THR B 292 -22.29 11.99 -41.19
N ILE B 293 -21.70 13.16 -41.47
CA ILE B 293 -20.89 13.83 -40.47
C ILE B 293 -21.82 14.45 -39.42
N ARG B 294 -22.76 15.31 -39.85
CA ARG B 294 -23.65 16.03 -38.97
C ARG B 294 -24.45 15.06 -38.08
N PHE B 295 -25.11 14.08 -38.71
CA PHE B 295 -26.03 13.21 -38.00
C PHE B 295 -25.42 11.88 -37.57
N GLY B 296 -24.49 11.28 -38.35
CA GLY B 296 -23.87 10.02 -37.95
C GLY B 296 -22.77 10.23 -36.91
N LEU B 297 -21.72 10.91 -37.35
CA LEU B 297 -20.50 11.05 -36.58
C LEU B 297 -20.67 11.97 -35.36
N GLU B 298 -21.12 13.22 -35.56
CA GLU B 298 -20.96 14.24 -34.55
C GLU B 298 -21.97 14.04 -33.41
N THR B 299 -23.06 13.29 -33.65
CA THR B 299 -24.02 12.94 -32.60
C THR B 299 -23.48 11.88 -31.63
N ARG B 300 -22.50 11.09 -32.06
CA ARG B 300 -21.77 10.09 -31.29
C ARG B 300 -22.61 9.25 -30.34
N TYR B 301 -23.72 8.71 -30.86
CA TYR B 301 -24.62 7.86 -30.08
C TYR B 301 -23.95 6.57 -29.62
N PRO B 302 -24.50 5.86 -28.59
CA PRO B 302 -24.04 4.52 -28.19
C PRO B 302 -23.84 3.52 -29.32
N ALA B 303 -24.65 3.65 -30.35
CA ALA B 303 -24.63 2.73 -31.46
C ALA B 303 -23.34 2.81 -32.29
N LEU B 304 -22.60 3.91 -32.22
CA LEU B 304 -21.51 4.11 -33.17
C LEU B 304 -20.33 3.14 -32.93
N ALA B 305 -20.32 2.45 -31.79
CA ALA B 305 -19.35 1.44 -31.41
C ALA B 305 -19.59 0.08 -32.11
N LEU B 306 -20.67 -0.07 -32.87
CA LEU B 306 -20.95 -1.35 -33.50
C LEU B 306 -19.97 -1.64 -34.63
N ASN B 307 -19.11 -2.66 -34.46
CA ASN B 307 -17.89 -2.99 -35.18
C ASN B 307 -17.92 -2.73 -36.69
N GLU B 308 -19.07 -2.98 -37.31
CA GLU B 308 -19.30 -2.71 -38.74
C GLU B 308 -18.96 -1.27 -39.12
N PHE B 309 -19.37 -0.32 -38.26
CA PHE B 309 -19.18 1.09 -38.52
C PHE B 309 -17.72 1.48 -38.49
N GLN B 310 -16.83 0.70 -37.89
CA GLN B 310 -15.43 1.12 -37.87
C GLN B 310 -14.82 1.20 -39.27
N SER B 311 -15.18 0.29 -40.18
CA SER B 311 -14.73 0.40 -41.56
C SER B 311 -15.26 1.67 -42.22
N ASP B 312 -16.50 2.00 -41.93
CA ASP B 312 -17.15 3.19 -42.45
C ASP B 312 -16.48 4.45 -41.89
N LEU B 313 -16.20 4.49 -40.60
CA LEU B 313 -15.53 5.62 -39.98
C LEU B 313 -14.16 5.81 -40.60
N ASN B 314 -13.39 4.73 -40.82
CA ASN B 314 -12.12 4.81 -41.52
C ASN B 314 -12.30 5.37 -42.94
N THR B 315 -13.44 5.06 -43.55
CA THR B 315 -13.78 5.64 -44.83
C THR B 315 -13.95 7.15 -44.67
N ILE B 316 -14.76 7.60 -43.70
CA ILE B 316 -15.05 9.02 -43.54
C ILE B 316 -13.74 9.76 -43.30
N LYS B 317 -12.84 9.19 -42.47
CA LYS B 317 -11.57 9.83 -42.19
C LYS B 317 -10.82 10.05 -43.51
N SER B 318 -10.74 9.00 -44.33
CA SER B 318 -10.10 9.07 -45.62
C SER B 318 -10.76 10.13 -46.51
N LEU B 319 -12.08 10.25 -46.41
CA LEU B 319 -12.80 11.20 -47.22
C LEU B 319 -12.51 12.62 -46.76
N MET B 320 -12.37 12.78 -45.44
CA MET B 320 -12.15 14.14 -44.97
C MET B 320 -10.82 14.61 -45.53
N LEU B 321 -9.79 13.78 -45.45
CA LEU B 321 -8.50 14.20 -45.96
C LEU B 321 -8.62 14.34 -47.47
N LEU B 322 -9.41 13.46 -48.10
CA LEU B 322 -9.55 13.54 -49.53
C LEU B 322 -10.10 14.93 -49.85
N TYR B 323 -10.99 15.41 -48.98
CA TYR B 323 -11.65 16.69 -49.16
C TYR B 323 -10.63 17.81 -49.00
N ARG B 324 -9.83 17.71 -47.94
CA ARG B 324 -8.75 18.65 -47.68
C ARG B 324 -7.78 18.70 -48.86
N GLU B 325 -7.46 17.53 -49.42
CA GLU B 325 -6.50 17.40 -50.51
C GLU B 325 -7.01 18.06 -51.78
N ILE B 326 -8.33 18.01 -52.00
CA ILE B 326 -8.90 18.61 -53.20
C ILE B 326 -8.82 20.15 -53.10
N GLY B 327 -8.98 20.68 -51.87
CA GLY B 327 -8.89 22.09 -51.52
C GLY B 327 -10.10 22.91 -51.98
N PRO B 328 -9.92 24.10 -52.62
CA PRO B 328 -11.00 25.06 -52.80
C PRO B 328 -12.19 24.55 -53.64
N ARG B 329 -11.98 23.62 -54.58
CA ARG B 329 -13.06 23.15 -55.43
C ARG B 329 -13.98 22.23 -54.67
N ALA B 330 -13.57 21.72 -53.51
CA ALA B 330 -14.26 20.60 -52.84
C ALA B 330 -15.75 20.82 -52.56
N PRO B 331 -16.18 22.01 -52.11
CA PRO B 331 -17.58 22.27 -51.88
C PRO B 331 -18.46 22.39 -53.12
N TYR B 332 -17.90 22.34 -54.30
CA TYR B 332 -18.62 22.54 -55.54
C TYR B 332 -18.39 21.36 -56.52
N MET B 333 -17.97 20.20 -55.98
CA MET B 333 -17.45 19.18 -56.87
C MET B 333 -18.55 18.55 -57.71
N VAL B 334 -19.80 18.84 -57.36
CA VAL B 334 -20.89 18.24 -58.10
C VAL B 334 -21.18 19.13 -59.29
N LEU B 335 -21.08 20.44 -59.12
CA LEU B 335 -21.38 21.42 -60.19
C LEU B 335 -20.28 21.35 -61.22
N LEU B 336 -19.02 21.32 -60.78
CA LEU B 336 -17.93 20.85 -61.62
C LEU B 336 -18.18 19.36 -61.72
N GLU B 337 -17.86 18.68 -62.86
CA GLU B 337 -18.32 17.31 -62.87
C GLU B 337 -17.32 16.32 -62.23
N GLU B 338 -16.64 16.68 -61.13
CA GLU B 338 -15.37 16.03 -60.78
C GLU B 338 -15.57 14.61 -60.30
N SER B 339 -14.88 13.69 -60.98
CA SER B 339 -14.95 12.26 -60.82
C SER B 339 -14.83 11.84 -59.36
N ILE B 340 -14.02 12.59 -58.59
CA ILE B 340 -13.74 12.22 -57.21
C ILE B 340 -15.05 12.14 -56.41
N GLN B 341 -16.08 12.87 -56.85
CA GLN B 341 -17.38 12.92 -56.21
C GLN B 341 -17.83 11.50 -55.85
N THR B 342 -17.58 10.57 -56.78
CA THR B 342 -18.16 9.26 -56.58
C THR B 342 -17.57 8.61 -55.34
N LYS B 343 -16.32 8.97 -54.95
CA LYS B 343 -15.70 8.44 -53.75
C LYS B 343 -16.51 8.87 -52.55
N PHE B 344 -17.00 10.12 -52.65
CA PHE B 344 -17.80 10.74 -51.62
C PHE B 344 -19.22 10.19 -51.57
N ALA B 345 -19.71 9.56 -52.65
CA ALA B 345 -21.06 9.02 -52.66
C ALA B 345 -21.30 8.01 -51.52
N PRO B 346 -22.47 8.04 -50.82
CA PRO B 346 -22.74 7.18 -49.65
C PRO B 346 -22.74 5.66 -49.85
N GLY B 347 -22.71 5.21 -51.11
CA GLY B 347 -22.40 3.82 -51.41
C GLY B 347 -21.05 3.37 -50.85
N GLY B 348 -20.15 4.33 -50.61
CA GLY B 348 -18.84 4.11 -50.00
C GLY B 348 -18.93 3.84 -48.51
N TYR B 349 -20.06 4.11 -47.82
CA TYR B 349 -20.17 4.00 -46.36
C TYR B 349 -21.62 3.82 -45.97
N PRO B 350 -22.31 2.85 -46.58
CA PRO B 350 -23.77 2.77 -46.54
C PRO B 350 -24.38 2.42 -45.19
N LEU B 351 -23.63 1.72 -44.32
CA LEU B 351 -24.12 1.39 -43.00
C LEU B 351 -24.20 2.65 -42.15
N LEU B 352 -23.10 3.38 -42.10
CA LEU B 352 -23.08 4.64 -41.40
C LEU B 352 -24.07 5.66 -42.01
N TRP B 353 -24.22 5.69 -43.33
CA TRP B 353 -25.19 6.58 -43.99
C TRP B 353 -26.62 6.22 -43.68
N SER B 354 -27.00 4.94 -43.76
CA SER B 354 -28.35 4.53 -43.40
C SER B 354 -28.70 4.92 -41.94
N PHE B 355 -27.78 4.64 -41.02
CA PHE B 355 -27.86 5.08 -39.64
C PHE B 355 -28.00 6.60 -39.47
N ALA B 356 -27.13 7.36 -40.14
CA ALA B 356 -27.12 8.81 -40.10
C ALA B 356 -28.42 9.41 -40.64
N MET B 357 -28.96 8.88 -41.75
CA MET B 357 -30.23 9.35 -42.24
C MET B 357 -31.34 9.03 -41.27
N GLY B 358 -31.26 7.87 -40.59
CA GLY B 358 -32.19 7.52 -39.51
C GLY B 358 -32.25 8.57 -38.40
N VAL B 359 -31.06 9.03 -37.99
CA VAL B 359 -30.93 10.15 -37.06
C VAL B 359 -31.50 11.44 -37.67
N ALA B 360 -31.02 11.83 -38.86
CA ALA B 360 -31.37 13.08 -39.55
C ALA B 360 -32.89 13.28 -39.65
N THR B 361 -33.55 12.26 -40.18
CA THR B 361 -34.98 12.25 -40.39
C THR B 361 -35.77 12.30 -39.07
N THR B 362 -35.16 11.90 -37.95
CA THR B 362 -35.81 11.90 -36.66
C THR B 362 -35.67 13.27 -35.99
N ILE B 363 -34.50 13.91 -36.15
CA ILE B 363 -34.21 15.05 -35.30
C ILE B 363 -34.45 16.38 -36.00
N ASP B 364 -34.32 16.42 -37.33
CA ASP B 364 -34.37 17.66 -38.09
C ASP B 364 -35.61 17.68 -38.98
N ARG B 365 -36.42 18.76 -38.91
CA ARG B 365 -37.63 18.90 -39.71
C ARG B 365 -37.36 19.02 -41.23
N SER B 366 -36.23 19.65 -41.62
CA SER B 366 -35.95 19.86 -43.04
C SER B 366 -35.38 18.62 -43.73
N MET B 367 -34.68 17.76 -42.97
CA MET B 367 -34.28 16.44 -43.45
C MET B 367 -35.50 15.55 -43.64
N GLY B 368 -35.33 14.48 -44.43
CA GLY B 368 -36.44 13.57 -44.72
C GLY B 368 -37.37 14.06 -45.82
N ALA B 369 -37.44 15.39 -46.03
CA ALA B 369 -37.95 15.97 -47.25
C ALA B 369 -36.94 15.78 -48.43
N LEU B 370 -35.67 15.53 -48.11
CA LEU B 370 -34.64 15.08 -49.05
C LEU B 370 -34.85 13.57 -49.36
N ASN B 371 -34.82 13.24 -50.66
CA ASN B 371 -35.03 11.89 -51.15
C ASN B 371 -33.87 10.93 -50.83
N ILE B 372 -34.19 9.90 -50.04
CA ILE B 372 -33.22 8.85 -49.68
C ILE B 372 -33.59 7.44 -50.20
N ASN B 373 -34.42 7.36 -51.23
CA ASN B 373 -34.69 6.09 -51.89
C ASN B 373 -33.51 5.68 -52.77
N ARG B 374 -32.51 5.00 -52.17
CA ARG B 374 -31.24 4.64 -52.83
C ARG B 374 -30.84 3.20 -52.49
N GLY B 375 -30.05 2.60 -53.39
CA GLY B 375 -29.61 1.22 -53.28
C GLY B 375 -28.73 0.93 -52.07
N TYR B 376 -28.08 1.95 -51.53
CA TYR B 376 -27.19 1.92 -50.38
C TYR B 376 -27.88 1.52 -49.06
N LEU B 377 -29.21 1.69 -48.99
CA LEU B 377 -29.94 1.66 -47.72
C LEU B 377 -29.94 0.28 -47.07
N GLU B 378 -29.80 0.25 -45.74
CA GLU B 378 -30.15 -0.93 -44.96
C GLU B 378 -31.07 -0.57 -43.81
N PRO B 379 -32.36 -0.98 -43.82
CA PRO B 379 -33.35 -0.43 -42.91
C PRO B 379 -33.11 -0.73 -41.44
N MET B 380 -32.41 -1.82 -41.09
CA MET B 380 -32.07 -2.10 -39.70
C MET B 380 -31.19 -1.01 -39.07
N TYR B 381 -30.22 -0.52 -39.84
CA TYR B 381 -29.30 0.52 -39.40
C TYR B 381 -29.99 1.88 -39.39
N PHE B 382 -30.87 2.13 -40.37
CA PHE B 382 -31.70 3.34 -40.38
C PHE B 382 -32.64 3.37 -39.17
N ARG B 383 -33.32 2.27 -38.88
CA ARG B 383 -34.17 2.14 -37.69
C ARG B 383 -33.37 2.24 -36.41
N LEU B 384 -32.14 1.74 -36.38
CA LEU B 384 -31.26 2.00 -35.25
C LEU B 384 -30.96 3.52 -35.15
N GLY B 385 -30.80 4.25 -36.26
CA GLY B 385 -30.66 5.70 -36.26
C GLY B 385 -31.89 6.41 -35.70
N GLN B 386 -33.10 6.01 -36.10
CA GLN B 386 -34.34 6.44 -35.47
C GLN B 386 -34.36 6.16 -33.95
N LYS B 387 -34.01 4.93 -33.55
CA LYS B 387 -33.94 4.50 -32.16
C LYS B 387 -32.80 5.20 -31.40
N SER B 388 -31.78 5.73 -32.05
CA SER B 388 -30.70 6.47 -31.43
C SER B 388 -31.23 7.78 -30.87
N ALA B 389 -32.08 8.51 -31.62
CA ALA B 389 -32.77 9.69 -31.09
C ALA B 389 -33.95 9.31 -30.16
N ARG B 390 -34.71 8.26 -30.51
CA ARG B 390 -35.98 8.03 -29.81
C ARG B 390 -35.82 7.12 -28.58
N HIS B 391 -35.10 6.00 -28.73
CA HIS B 391 -34.82 5.08 -27.63
C HIS B 391 -33.94 5.74 -26.55
N HIS B 392 -33.11 6.74 -26.95
CA HIS B 392 -32.30 7.48 -26.02
C HIS B 392 -33.12 8.62 -25.42
N ALA B 393 -34.45 8.67 -25.62
CA ALA B 393 -35.32 9.68 -25.00
C ALA B 393 -34.88 11.11 -25.35
N GLY B 394 -34.64 11.36 -26.64
CA GLY B 394 -34.16 12.68 -27.03
C GLY B 394 -32.64 12.81 -26.84
N GLY B 395 -31.93 11.67 -26.84
CA GLY B 395 -30.47 11.64 -26.81
C GLY B 395 -29.92 12.24 -25.51
N ILE B 396 -30.63 11.99 -24.41
CA ILE B 396 -30.17 12.41 -23.09
C ILE B 396 -29.12 11.44 -22.51
N ASP B 397 -28.89 10.30 -23.18
CA ASP B 397 -28.06 9.18 -22.76
C ASP B 397 -26.60 9.61 -22.57
N GLN B 398 -26.16 10.60 -23.38
CA GLN B 398 -24.77 11.06 -23.46
C GLN B 398 -24.31 11.66 -22.12
N ASN B 399 -23.18 11.15 -21.59
CA ASN B 399 -22.58 11.61 -20.35
C ASN B 399 -21.27 12.35 -20.63
N MET B 400 -21.17 12.78 -21.91
CA MET B 400 -20.02 13.48 -22.47
C MET B 400 -19.84 14.89 -21.89
N ALA B 401 -20.94 15.61 -21.60
CA ALA B 401 -20.88 16.88 -20.89
C ALA B 401 -20.68 16.63 -19.39
N ASN B 402 -19.48 16.16 -19.05
CA ASN B 402 -19.07 16.06 -17.65
C ASN B 402 -18.72 17.45 -17.10
N ARG B 403 -18.30 18.40 -17.97
CA ARG B 403 -18.15 19.82 -17.66
C ARG B 403 -19.49 20.41 -17.20
N LEU B 404 -20.59 20.00 -17.83
CA LEU B 404 -21.92 20.42 -17.37
C LEU B 404 -22.25 19.85 -15.99
N GLY B 405 -21.80 18.61 -15.71
CA GLY B 405 -21.86 18.01 -14.39
C GLY B 405 -23.28 17.99 -13.83
N LEU B 406 -24.25 17.65 -14.69
CA LEU B 406 -25.64 17.66 -14.29
C LEU B 406 -25.93 16.48 -13.35
N SER B 407 -26.84 16.66 -12.38
CA SER B 407 -27.33 15.55 -11.57
C SER B 407 -28.13 14.57 -12.43
N SER B 408 -28.13 13.27 -12.06
CA SER B 408 -28.75 12.23 -12.86
C SER B 408 -30.26 12.47 -13.02
N ASP B 409 -30.91 12.92 -11.93
CA ASP B 409 -32.33 13.28 -11.86
C ASP B 409 -32.66 14.37 -12.90
N GLN B 410 -31.80 15.39 -12.96
CA GLN B 410 -31.94 16.55 -13.84
C GLN B 410 -31.86 16.10 -15.31
N VAL B 411 -30.93 15.18 -15.63
CA VAL B 411 -30.79 14.60 -16.96
C VAL B 411 -32.05 13.80 -17.35
N ALA B 412 -32.61 13.07 -16.38
CA ALA B 412 -33.84 12.32 -16.62
C ALA B 412 -35.01 13.27 -16.90
N GLU B 413 -35.08 14.39 -16.15
CA GLU B 413 -36.09 15.42 -16.34
C GLU B 413 -36.00 16.03 -17.75
N LEU B 414 -34.77 16.29 -18.21
CA LEU B 414 -34.47 16.78 -19.55
C LEU B 414 -34.97 15.80 -20.61
N ALA B 415 -34.76 14.48 -20.39
CA ALA B 415 -35.23 13.44 -21.29
C ALA B 415 -36.75 13.41 -21.38
N ALA B 416 -37.43 13.60 -20.22
CA ALA B 416 -38.89 13.63 -20.16
C ALA B 416 -39.44 14.84 -20.91
N ALA B 417 -38.80 16.01 -20.73
CA ALA B 417 -39.20 17.24 -21.40
C ALA B 417 -38.98 17.14 -22.92
N VAL B 418 -37.88 16.50 -23.33
CA VAL B 418 -37.56 16.21 -24.72
C VAL B 418 -38.62 15.29 -25.33
N GLN B 419 -39.14 14.32 -24.53
CA GLN B 419 -40.23 13.43 -24.93
C GLN B 419 -40.01 12.77 -26.31
N GLU B 420 -38.79 12.28 -26.56
CA GLU B 420 -38.42 11.75 -27.88
C GLU B 420 -37.73 10.39 -27.75
N ILE C 26 -10.08 10.48 -33.95
CA ILE C 26 -11.49 9.90 -34.08
C ILE C 26 -12.54 10.95 -34.48
N PHE C 27 -13.11 11.59 -33.47
CA PHE C 27 -14.08 12.66 -33.69
C PHE C 27 -13.32 13.96 -33.97
N GLU C 28 -12.05 13.98 -33.53
CA GLU C 28 -11.22 15.19 -33.58
C GLU C 28 -11.06 15.59 -35.06
N GLU C 29 -11.00 14.58 -35.93
CA GLU C 29 -10.80 14.82 -37.35
C GLU C 29 -12.02 15.57 -37.92
N ALA C 30 -13.21 15.09 -37.53
CA ALA C 30 -14.49 15.68 -37.92
C ALA C 30 -14.62 17.10 -37.44
N ALA C 31 -14.31 17.35 -36.17
CA ALA C 31 -14.36 18.70 -35.62
C ALA C 31 -13.39 19.63 -36.38
N SER C 32 -12.19 19.14 -36.67
CA SER C 32 -11.20 19.92 -37.42
C SER C 32 -11.66 20.15 -38.87
N PHE C 33 -12.40 19.17 -39.41
CA PHE C 33 -12.94 19.25 -40.75
C PHE C 33 -14.07 20.29 -40.82
N ARG C 34 -14.95 20.34 -39.81
CA ARG C 34 -15.94 21.41 -39.67
C ARG C 34 -15.26 22.76 -39.71
N SER C 35 -14.17 22.86 -38.96
CA SER C 35 -13.38 24.09 -38.92
C SER C 35 -12.82 24.40 -40.31
N TYR C 36 -12.36 23.36 -40.99
CA TYR C 36 -11.77 23.49 -42.30
C TYR C 36 -12.80 24.07 -43.27
N GLN C 37 -14.01 23.50 -43.31
CA GLN C 37 -15.06 23.97 -44.20
C GLN C 37 -15.29 25.45 -43.95
N SER C 38 -15.36 25.82 -42.66
CA SER C 38 -15.76 27.17 -42.30
C SER C 38 -14.68 28.21 -42.62
N LYS C 39 -13.42 27.77 -42.75
CA LYS C 39 -12.38 28.68 -43.16
C LYS C 39 -11.95 28.54 -44.63
N LEU C 40 -12.37 27.45 -45.31
CA LEU C 40 -11.84 27.05 -46.61
C LEU C 40 -12.08 28.15 -47.65
N GLY C 41 -11.00 28.48 -48.37
CA GLY C 41 -10.98 29.35 -49.54
C GLY C 41 -11.15 30.82 -49.19
N ARG C 42 -11.33 31.08 -47.88
CA ARG C 42 -11.51 32.45 -47.39
C ARG C 42 -10.16 33.15 -47.37
N ASP C 43 -9.06 32.39 -47.43
CA ASP C 43 -7.71 32.95 -47.46
C ASP C 43 -7.40 33.64 -48.80
N GLY C 44 -6.42 34.55 -48.83
CA GLY C 44 -5.92 35.13 -50.07
C GLY C 44 -6.80 36.27 -50.62
N ARG C 45 -6.68 36.57 -51.92
CA ARG C 45 -7.21 37.79 -52.53
C ARG C 45 -7.97 37.50 -53.83
N ALA C 46 -9.14 38.15 -53.98
CA ALA C 46 -9.95 38.10 -55.18
C ALA C 46 -9.26 38.81 -56.36
N SER C 47 -9.37 38.20 -57.54
CA SER C 47 -8.94 38.72 -58.83
C SER C 47 -9.56 40.08 -59.16
N ALA C 48 -8.72 40.97 -59.73
CA ALA C 48 -9.19 42.30 -60.13
C ALA C 48 -10.22 42.26 -61.26
N ALA C 49 -10.39 41.10 -61.91
CA ALA C 49 -11.45 40.91 -62.89
C ALA C 49 -12.85 41.04 -62.27
N THR C 50 -12.97 40.82 -60.96
CA THR C 50 -14.22 40.96 -60.23
C THR C 50 -14.61 42.41 -59.94
N ALA C 51 -13.82 43.41 -60.36
CA ALA C 51 -14.06 44.81 -60.04
C ALA C 51 -15.34 45.35 -60.67
N THR C 52 -16.23 45.86 -59.80
CA THR C 52 -17.62 46.20 -60.10
C THR C 52 -17.63 47.59 -60.73
N LEU C 53 -18.59 47.90 -61.63
CA LEU C 53 -18.84 49.25 -62.12
C LEU C 53 -19.04 50.23 -60.96
N THR C 54 -18.21 51.28 -60.90
CA THR C 54 -18.42 52.45 -60.08
C THR C 54 -19.64 53.27 -60.52
N THR C 55 -20.26 53.98 -59.58
CA THR C 55 -21.20 55.06 -59.89
C THR C 55 -20.69 56.39 -59.36
N LYS C 56 -20.88 57.44 -60.16
CA LYS C 56 -20.36 58.76 -59.85
C LYS C 56 -21.39 59.56 -59.04
N ILE C 57 -20.99 59.98 -57.82
CA ILE C 57 -21.85 60.78 -56.95
C ILE C 57 -21.18 62.10 -56.57
N ARG C 58 -21.94 63.21 -56.56
CA ARG C 58 -21.37 64.52 -56.24
C ARG C 58 -21.59 64.83 -54.75
N ILE C 59 -20.53 65.17 -54.00
CA ILE C 59 -20.62 65.58 -52.60
C ILE C 59 -20.10 66.99 -52.41
N PHE C 60 -21.02 67.85 -51.98
CA PHE C 60 -20.70 69.24 -51.74
C PHE C 60 -20.12 69.46 -50.34
N VAL C 61 -18.80 69.49 -50.23
CA VAL C 61 -18.18 69.57 -48.92
C VAL C 61 -18.00 71.05 -48.51
N PRO C 62 -18.23 71.43 -47.23
CA PRO C 62 -18.17 72.85 -46.82
C PRO C 62 -16.78 73.49 -46.95
N ALA C 63 -15.72 72.73 -46.60
CA ALA C 63 -14.31 73.05 -46.76
C ALA C 63 -13.87 74.40 -46.16
N THR C 64 -14.69 74.96 -45.24
CA THR C 64 -14.49 76.30 -44.68
C THR C 64 -14.97 76.35 -43.23
N ASN C 65 -14.47 77.31 -42.43
CA ASN C 65 -14.93 77.50 -41.05
C ASN C 65 -15.98 78.63 -40.94
N SER C 66 -16.53 79.12 -42.07
CA SER C 66 -17.59 80.13 -42.05
C SER C 66 -18.93 79.50 -41.65
N PRO C 67 -19.48 79.80 -40.45
CA PRO C 67 -20.63 79.06 -39.92
C PRO C 67 -21.90 79.17 -40.75
N GLU C 68 -22.06 80.33 -41.41
CA GLU C 68 -23.15 80.65 -42.32
C GLU C 68 -23.30 79.58 -43.40
N LEU C 69 -22.20 79.33 -44.13
CA LEU C 69 -22.16 78.36 -45.23
C LEU C 69 -22.42 76.94 -44.71
N ARG C 70 -21.86 76.56 -43.55
CA ARG C 70 -22.07 75.24 -42.97
C ARG C 70 -23.55 75.01 -42.68
N TRP C 71 -24.20 76.00 -42.06
CA TRP C 71 -25.61 75.80 -41.78
C TRP C 71 -26.48 75.83 -43.05
N GLU C 72 -26.21 76.74 -43.99
CA GLU C 72 -26.92 76.75 -45.26
C GLU C 72 -26.80 75.43 -46.04
N LEU C 73 -25.58 74.89 -46.07
CA LEU C 73 -25.33 73.58 -46.67
C LEU C 73 -26.08 72.44 -45.96
N THR C 74 -26.18 72.52 -44.64
CA THR C 74 -26.96 71.55 -43.89
C THR C 74 -28.43 71.62 -44.30
N LEU C 75 -28.98 72.84 -44.43
CA LEU C 75 -30.34 73.03 -44.89
C LEU C 75 -30.56 72.50 -46.31
N PHE C 76 -29.65 72.84 -47.23
CA PHE C 76 -29.62 72.30 -48.58
C PHE C 76 -29.70 70.77 -48.57
N ALA C 77 -28.81 70.13 -47.78
CA ALA C 77 -28.72 68.68 -47.70
C ALA C 77 -29.98 68.03 -47.11
N LEU C 78 -30.52 68.63 -46.06
CA LEU C 78 -31.78 68.19 -45.50
C LEU C 78 -32.84 68.22 -46.59
N ASP C 79 -32.86 69.29 -47.39
CA ASP C 79 -33.87 69.47 -48.43
C ASP C 79 -33.66 68.47 -49.57
N VAL C 80 -32.42 68.17 -49.95
CA VAL C 80 -32.19 67.13 -50.95
C VAL C 80 -32.84 65.81 -50.55
N ILE C 81 -32.73 65.41 -49.30
CA ILE C 81 -33.34 64.17 -48.84
C ILE C 81 -34.87 64.31 -48.67
N ARG C 82 -35.38 65.56 -48.45
CA ARG C 82 -36.81 65.87 -48.38
C ARG C 82 -37.48 65.79 -49.76
N SER C 83 -36.71 65.69 -50.86
CA SER C 83 -37.21 65.87 -52.23
C SER C 83 -37.49 64.55 -52.97
N PRO C 84 -38.71 64.34 -53.52
CA PRO C 84 -39.01 63.14 -54.29
C PRO C 84 -38.59 63.21 -55.76
N SER C 85 -38.18 64.40 -56.21
CA SER C 85 -37.62 64.65 -57.54
C SER C 85 -36.11 64.44 -57.68
N ALA C 86 -35.37 64.30 -56.58
CA ALA C 86 -33.95 63.96 -56.59
C ALA C 86 -33.72 62.47 -56.89
N ALA C 87 -32.57 62.15 -57.50
CA ALA C 87 -32.13 60.77 -57.68
C ALA C 87 -31.45 60.26 -56.41
N GLU C 88 -31.47 58.93 -56.19
CA GLU C 88 -30.70 58.27 -55.13
C GLU C 88 -29.21 58.65 -55.13
N SER C 89 -28.60 58.80 -56.31
CA SER C 89 -27.19 59.13 -56.46
C SER C 89 -26.81 60.46 -55.80
N MET C 90 -27.70 61.46 -55.94
CA MET C 90 -27.48 62.74 -55.29
C MET C 90 -27.98 62.73 -53.83
N LYS C 91 -29.00 61.91 -53.50
CA LYS C 91 -29.38 61.76 -52.10
C LYS C 91 -28.28 61.16 -51.22
N VAL C 92 -27.60 60.10 -51.68
CA VAL C 92 -26.42 59.56 -51.02
C VAL C 92 -25.36 60.66 -50.84
N GLY C 93 -25.11 61.43 -51.89
CA GLY C 93 -24.14 62.52 -51.84
C GLY C 93 -24.49 63.59 -50.79
N ALA C 94 -25.76 63.92 -50.69
CA ALA C 94 -26.29 64.76 -49.64
C ALA C 94 -26.07 64.15 -48.24
N ALA C 95 -26.37 62.87 -48.02
CA ALA C 95 -26.10 62.23 -46.73
C ALA C 95 -24.60 62.28 -46.33
N PHE C 96 -23.73 62.16 -47.32
CA PHE C 96 -22.31 62.39 -47.15
C PHE C 96 -21.93 63.83 -46.81
N THR C 97 -22.68 64.86 -47.18
CA THR C 97 -22.41 66.21 -46.71
C THR C 97 -23.03 66.44 -45.33
N LEU C 98 -24.14 65.71 -45.06
CA LEU C 98 -25.05 65.99 -43.96
C LEU C 98 -24.44 65.44 -42.69
N ILE C 99 -23.99 64.16 -42.70
CA ILE C 99 -23.13 63.74 -41.60
C ILE C 99 -21.76 64.26 -41.97
N SER C 100 -20.76 64.28 -41.09
CA SER C 100 -19.49 64.84 -41.55
C SER C 100 -19.41 66.38 -41.57
N MET C 101 -20.42 67.09 -41.07
CA MET C 101 -20.19 68.51 -40.76
C MET C 101 -19.24 68.76 -39.57
N TYR C 102 -18.78 67.71 -38.87
CA TYR C 102 -17.96 67.66 -37.66
C TYR C 102 -16.60 68.38 -37.85
N SER C 103 -15.85 67.87 -38.83
CA SER C 103 -14.43 68.13 -38.87
C SER C 103 -14.15 69.44 -39.59
N GLU C 104 -12.96 69.97 -39.26
CA GLU C 104 -12.47 71.18 -39.91
C GLU C 104 -12.29 70.97 -41.43
N ARG C 105 -11.90 69.75 -41.83
CA ARG C 105 -11.65 69.40 -43.23
C ARG C 105 -12.44 68.13 -43.63
N PRO C 106 -13.75 68.20 -43.89
CA PRO C 106 -14.52 67.00 -44.18
C PRO C 106 -14.09 66.29 -45.46
N GLY C 107 -13.42 66.97 -46.38
CA GLY C 107 -12.81 66.33 -47.52
C GLY C 107 -11.75 65.29 -47.13
N ALA C 108 -10.95 65.52 -46.08
CA ALA C 108 -10.08 64.48 -45.53
C ALA C 108 -10.85 63.29 -44.97
N LEU C 109 -11.93 63.55 -44.22
CA LEU C 109 -12.80 62.52 -43.66
C LEU C 109 -13.39 61.62 -44.74
N ILE C 110 -13.96 62.25 -45.77
CA ILE C 110 -14.46 61.49 -46.91
C ILE C 110 -13.36 60.66 -47.58
N ARG C 111 -12.29 61.31 -48.05
CA ARG C 111 -11.31 60.59 -48.86
C ARG C 111 -10.65 59.45 -48.07
N SER C 112 -10.46 59.63 -46.75
CA SER C 112 -9.80 58.63 -45.92
C SER C 112 -10.73 57.50 -45.46
N LEU C 113 -12.03 57.77 -45.30
CA LEU C 113 -12.91 56.71 -44.81
C LEU C 113 -13.93 56.26 -45.85
N LEU C 114 -13.79 56.67 -47.11
CA LEU C 114 -14.80 56.37 -48.12
C LEU C 114 -14.92 54.88 -48.38
N ASN C 115 -13.81 54.29 -48.88
CA ASN C 115 -13.60 52.85 -48.96
C ASN C 115 -14.80 52.05 -49.52
N ASP C 116 -15.18 52.34 -50.78
CA ASP C 116 -16.33 51.70 -51.43
C ASP C 116 -16.07 51.52 -52.92
N PRO C 117 -15.98 50.30 -53.47
CA PRO C 117 -15.83 50.10 -54.92
C PRO C 117 -17.11 50.33 -55.75
N ASP C 118 -18.28 50.38 -55.10
CA ASP C 118 -19.52 50.78 -55.77
C ASP C 118 -19.50 52.25 -56.17
N ILE C 119 -18.62 53.06 -55.57
CA ILE C 119 -18.69 54.52 -55.63
C ILE C 119 -17.36 55.12 -56.17
N GLU C 120 -17.51 56.12 -57.06
CA GLU C 120 -16.50 57.16 -57.21
C GLU C 120 -17.13 58.49 -56.81
N ALA C 121 -16.68 59.03 -55.68
CA ALA C 121 -17.23 60.30 -55.21
C ALA C 121 -16.43 61.47 -55.75
N VAL C 122 -17.12 62.42 -56.39
CA VAL C 122 -16.50 63.66 -56.78
C VAL C 122 -16.81 64.65 -55.67
N ILE C 123 -15.73 65.21 -55.09
CA ILE C 123 -15.84 66.13 -53.97
C ILE C 123 -15.72 67.55 -54.52
N ILE C 124 -16.70 68.38 -54.17
CA ILE C 124 -16.72 69.77 -54.61
C ILE C 124 -16.68 70.66 -53.35
N ASP C 125 -15.61 71.46 -53.19
CA ASP C 125 -15.67 72.50 -52.18
C ASP C 125 -16.69 73.57 -52.60
N VAL C 126 -17.67 73.83 -51.71
CA VAL C 126 -18.67 74.85 -51.96
C VAL C 126 -18.08 76.27 -51.79
N GLY C 127 -16.86 76.37 -51.22
CA GLY C 127 -16.06 77.59 -51.22
C GLY C 127 -16.81 78.72 -50.49
N SER C 128 -17.15 79.78 -51.23
CA SER C 128 -17.84 80.95 -50.68
C SER C 128 -19.35 80.71 -50.45
N MET C 129 -19.91 79.63 -51.02
CA MET C 129 -21.35 79.35 -51.06
C MET C 129 -22.20 80.57 -51.46
N VAL C 130 -21.83 81.21 -52.60
CA VAL C 130 -22.42 82.45 -53.11
C VAL C 130 -23.91 82.30 -53.47
N ASN C 131 -24.30 81.15 -54.04
CA ASN C 131 -25.65 80.87 -54.50
C ASN C 131 -26.60 80.84 -53.29
N GLY C 132 -27.84 81.31 -53.50
CA GLY C 132 -28.77 81.69 -52.44
C GLY C 132 -29.29 80.52 -51.61
N ILE C 133 -29.95 79.55 -52.28
CA ILE C 133 -30.58 78.40 -51.66
C ILE C 133 -29.89 77.10 -52.09
N PRO C 134 -29.58 76.85 -53.40
CA PRO C 134 -28.68 75.77 -53.79
C PRO C 134 -27.21 76.12 -53.54
N VAL C 135 -26.35 75.09 -53.61
CA VAL C 135 -24.90 75.23 -53.55
C VAL C 135 -24.38 76.06 -54.73
N MET C 136 -23.25 76.76 -54.53
CA MET C 136 -22.58 77.43 -55.65
C MET C 136 -21.72 76.44 -56.44
N GLU C 137 -21.86 76.43 -57.78
CA GLU C 137 -21.04 75.57 -58.62
C GLU C 137 -19.69 76.23 -58.87
N ARG C 138 -18.59 75.49 -58.60
CA ARG C 138 -17.23 76.02 -58.77
C ARG C 138 -16.94 76.31 -60.25
N ARG C 139 -17.46 75.46 -61.15
CA ARG C 139 -17.44 75.70 -62.60
C ARG C 139 -18.83 76.20 -62.96
N GLY C 140 -19.17 77.39 -62.44
CA GLY C 140 -20.47 78.03 -62.63
C GLY C 140 -20.98 77.99 -64.08
N ASP C 141 -20.05 78.21 -65.02
CA ASP C 141 -20.32 78.34 -66.45
C ASP C 141 -20.66 77.01 -67.13
N LYS C 142 -20.17 75.86 -66.63
CA LYS C 142 -20.13 74.59 -67.36
C LYS C 142 -21.54 74.01 -67.58
N ALA C 143 -22.42 74.21 -66.60
CA ALA C 143 -23.84 73.88 -66.72
C ALA C 143 -24.61 74.85 -65.83
N GLN C 144 -25.60 75.58 -66.36
CA GLN C 144 -26.57 76.27 -65.50
C GLN C 144 -27.70 75.31 -65.10
N GLU C 145 -27.91 74.26 -65.92
CA GLU C 145 -29.00 73.31 -65.80
C GLU C 145 -28.88 72.46 -64.53
N GLU C 146 -27.66 72.28 -64.00
CA GLU C 146 -27.49 71.56 -62.75
C GLU C 146 -27.92 72.43 -61.57
N MET C 147 -27.63 73.73 -61.59
CA MET C 147 -28.14 74.67 -60.60
C MET C 147 -29.67 74.73 -60.66
N GLU C 148 -30.23 74.73 -61.88
CA GLU C 148 -31.67 74.63 -62.08
C GLU C 148 -32.21 73.32 -61.52
N GLY C 149 -31.54 72.19 -61.78
CA GLY C 149 -31.94 70.87 -61.30
C GLY C 149 -32.03 70.86 -59.78
N LEU C 150 -30.97 71.33 -59.12
CA LEU C 150 -30.98 71.48 -57.68
C LEU C 150 -32.07 72.43 -57.19
N MET C 151 -32.27 73.59 -57.83
CA MET C 151 -33.32 74.49 -57.40
C MET C 151 -34.71 73.85 -57.52
N ARG C 152 -34.96 73.13 -58.62
CA ARG C 152 -36.18 72.36 -58.83
C ARG C 152 -36.34 71.31 -57.73
N ILE C 153 -35.27 70.59 -57.40
CA ILE C 153 -35.27 69.61 -56.32
C ILE C 153 -35.67 70.27 -55.00
N LEU C 154 -35.09 71.43 -54.65
CA LEU C 154 -35.35 72.19 -53.43
C LEU C 154 -36.78 72.73 -53.36
N LYS C 155 -37.28 73.27 -54.47
CA LYS C 155 -38.68 73.66 -54.58
C LYS C 155 -39.60 72.47 -54.38
N THR C 156 -39.34 71.37 -55.11
CA THR C 156 -40.03 70.12 -54.91
C THR C 156 -40.02 69.63 -53.46
N ALA C 157 -38.89 69.80 -52.76
CA ALA C 157 -38.76 69.42 -51.36
C ALA C 157 -39.78 70.20 -50.52
N ARG C 158 -39.84 71.54 -50.66
CA ARG C 158 -40.82 72.38 -49.99
C ARG C 158 -42.26 71.99 -50.36
N ASP C 159 -42.54 71.92 -51.67
CA ASP C 159 -43.90 71.88 -52.17
C ASP C 159 -44.54 70.50 -51.93
N SER C 160 -43.77 69.43 -52.10
CA SER C 160 -44.25 68.07 -51.88
C SER C 160 -44.43 67.79 -50.40
N SER C 161 -43.60 68.42 -49.56
CA SER C 161 -43.75 68.31 -48.10
C SER C 161 -44.83 69.26 -47.58
N LYS C 162 -45.59 69.89 -48.48
CA LYS C 162 -46.78 70.68 -48.18
C LYS C 162 -46.39 71.88 -47.30
N GLY C 163 -45.19 72.43 -47.51
CA GLY C 163 -44.76 73.62 -46.77
C GLY C 163 -44.17 73.32 -45.39
N LYS C 164 -44.22 72.07 -44.93
CA LYS C 164 -43.68 71.72 -43.62
C LYS C 164 -42.17 71.59 -43.71
N THR C 165 -41.48 72.27 -42.80
CA THR C 165 -40.03 72.24 -42.68
C THR C 165 -39.55 70.85 -42.23
N PRO C 166 -38.25 70.55 -42.41
CA PRO C 166 -37.71 69.28 -41.90
C PRO C 166 -37.86 69.17 -40.38
N PHE C 167 -37.72 70.31 -39.68
CA PHE C 167 -37.82 70.43 -38.22
C PHE C 167 -39.27 70.55 -37.76
N VAL C 168 -39.51 70.14 -36.50
CA VAL C 168 -40.82 70.26 -35.86
C VAL C 168 -41.15 71.73 -35.51
N ASP C 169 -40.16 72.59 -35.27
CA ASP C 169 -40.36 74.04 -35.28
C ASP C 169 -39.69 74.70 -36.50
N SER C 170 -40.53 75.32 -37.32
CA SER C 170 -40.18 75.99 -38.57
C SER C 170 -39.13 77.09 -38.39
N ARG C 171 -39.07 77.68 -37.19
CA ARG C 171 -38.11 78.74 -36.93
C ARG C 171 -36.68 78.24 -37.06
N ALA C 172 -36.46 76.97 -36.74
CA ALA C 172 -35.16 76.34 -36.91
C ALA C 172 -34.75 76.34 -38.40
N TYR C 173 -35.71 76.20 -39.33
CA TYR C 173 -35.46 76.32 -40.77
C TYR C 173 -35.12 77.76 -41.19
N GLY C 174 -35.80 78.70 -40.53
CA GLY C 174 -35.63 80.11 -40.82
C GLY C 174 -34.28 80.66 -40.37
N LEU C 175 -33.93 80.41 -39.09
CA LEU C 175 -32.79 81.04 -38.40
C LEU C 175 -31.46 80.65 -39.01
N ARG C 176 -30.53 81.61 -39.23
CA ARG C 176 -29.22 81.32 -39.81
C ARG C 176 -28.10 81.82 -38.90
N ILE C 177 -27.04 81.01 -38.83
CA ILE C 177 -26.28 80.96 -37.59
C ILE C 177 -24.88 81.58 -37.74
N THR C 178 -24.55 82.44 -36.76
CA THR C 178 -23.32 83.22 -36.78
C THR C 178 -22.25 82.66 -35.83
N ASP C 179 -22.70 81.94 -34.79
CA ASP C 179 -21.87 81.61 -33.64
C ASP C 179 -21.60 80.12 -33.56
N MET C 180 -20.33 79.77 -33.32
CA MET C 180 -19.92 78.40 -33.55
C MET C 180 -20.58 77.46 -32.55
N SER C 181 -20.79 77.97 -31.31
CA SER C 181 -21.51 77.22 -30.28
C SER C 181 -22.90 76.82 -30.75
N THR C 182 -23.65 77.77 -31.33
CA THR C 182 -25.00 77.54 -31.85
C THR C 182 -24.96 76.61 -33.07
N LEU C 183 -23.95 76.76 -33.95
CA LEU C 183 -23.77 75.90 -35.12
C LEU C 183 -23.65 74.44 -34.67
N VAL C 184 -22.66 74.17 -33.79
CA VAL C 184 -22.42 72.81 -33.37
C VAL C 184 -23.59 72.26 -32.57
N SER C 185 -24.26 73.10 -31.79
CA SER C 185 -25.48 72.69 -31.11
C SER C 185 -26.47 72.13 -32.12
N ALA C 186 -26.66 72.83 -33.25
CA ALA C 186 -27.53 72.40 -34.34
C ALA C 186 -27.04 71.13 -35.02
N VAL C 187 -25.81 71.18 -35.56
CA VAL C 187 -25.22 70.11 -36.34
C VAL C 187 -25.24 68.81 -35.57
N ILE C 188 -24.74 68.80 -34.34
CA ILE C 188 -24.69 67.56 -33.58
C ILE C 188 -26.07 67.03 -33.30
N THR C 189 -27.07 67.91 -33.27
CA THR C 189 -28.41 67.44 -32.97
C THR C 189 -29.03 66.79 -34.20
N ILE C 190 -28.80 67.35 -35.38
CA ILE C 190 -29.29 66.69 -36.58
C ILE C 190 -28.48 65.43 -36.86
N GLU C 191 -27.14 65.46 -36.73
CA GLU C 191 -26.29 64.27 -36.95
C GLU C 191 -26.87 63.17 -36.06
N ALA C 192 -27.00 63.43 -34.78
CA ALA C 192 -27.50 62.43 -33.86
C ALA C 192 -28.81 61.82 -34.37
N GLN C 193 -29.65 62.62 -35.00
CA GLN C 193 -30.92 62.19 -35.55
C GLN C 193 -30.78 61.28 -36.78
N ILE C 194 -29.69 61.41 -37.51
CA ILE C 194 -29.37 60.48 -38.59
C ILE C 194 -28.89 59.17 -37.94
N TRP C 195 -27.97 59.30 -37.01
CA TRP C 195 -27.29 58.17 -36.42
C TRP C 195 -28.21 57.31 -35.59
N ILE C 196 -29.29 57.86 -35.01
CA ILE C 196 -30.24 57.02 -34.28
C ILE C 196 -30.91 56.02 -35.22
N LEU C 197 -30.96 56.38 -36.54
CA LEU C 197 -31.68 55.59 -37.54
C LEU C 197 -30.97 54.29 -37.91
N ILE C 198 -29.64 54.45 -38.15
CA ILE C 198 -28.73 53.44 -38.68
C ILE C 198 -28.86 52.14 -37.83
N ALA C 199 -29.11 52.25 -36.55
CA ALA C 199 -29.24 51.12 -35.66
C ALA C 199 -30.29 50.11 -36.08
N LYS C 200 -31.35 50.59 -36.78
CA LYS C 200 -32.42 49.68 -37.21
C LYS C 200 -32.80 49.81 -38.69
N ALA C 201 -32.21 50.78 -39.40
CA ALA C 201 -32.49 51.03 -40.82
C ALA C 201 -32.42 49.76 -41.69
N VAL C 202 -31.53 48.80 -41.36
CA VAL C 202 -31.39 47.59 -42.16
C VAL C 202 -32.22 46.46 -41.60
N THR C 203 -32.36 46.42 -40.30
CA THR C 203 -32.77 45.19 -39.65
C THR C 203 -34.24 45.15 -39.27
N ALA C 204 -34.84 46.34 -39.07
CA ALA C 204 -36.30 46.49 -39.09
C ALA C 204 -36.60 47.90 -39.61
N PRO C 205 -36.60 48.02 -40.95
CA PRO C 205 -36.54 49.31 -41.64
C PRO C 205 -37.72 50.23 -41.39
N ASP C 206 -38.80 49.69 -40.82
CA ASP C 206 -39.97 50.39 -40.33
C ASP C 206 -40.32 49.71 -39.03
N THR C 207 -41.20 50.30 -38.21
CA THR C 207 -41.58 49.80 -36.88
C THR C 207 -40.55 50.14 -35.80
N ALA C 208 -39.54 50.95 -36.17
CA ALA C 208 -38.49 51.24 -35.20
C ALA C 208 -38.54 52.68 -34.67
N GLU C 209 -39.54 53.45 -35.08
CA GLU C 209 -39.82 54.76 -34.47
C GLU C 209 -39.88 54.74 -32.94
N GLU C 210 -40.43 53.67 -32.33
CA GLU C 210 -40.45 53.47 -30.88
C GLU C 210 -39.03 53.56 -30.28
N SER C 211 -38.13 52.71 -30.78
CA SER C 211 -36.75 52.64 -30.34
C SER C 211 -36.06 54.00 -30.57
N GLU C 212 -36.27 54.60 -31.74
CA GLU C 212 -35.58 55.83 -32.12
C GLU C 212 -36.01 57.04 -31.29
N THR C 213 -37.29 57.09 -30.95
CA THR C 213 -37.76 58.16 -30.11
C THR C 213 -37.33 57.96 -28.65
N ARG C 214 -37.25 56.71 -28.18
CA ARG C 214 -36.67 56.34 -26.88
C ARG C 214 -35.21 56.83 -26.77
N ARG C 215 -34.40 56.64 -27.82
CA ARG C 215 -33.03 57.12 -27.84
C ARG C 215 -32.98 58.63 -27.93
N TRP C 216 -33.91 59.24 -28.64
CA TRP C 216 -34.00 60.70 -28.70
C TRP C 216 -34.25 61.32 -27.34
N ALA C 217 -35.20 60.71 -26.65
CA ALA C 217 -35.51 61.09 -25.28
C ALA C 217 -34.24 61.13 -24.40
N LYS C 218 -33.48 60.04 -24.42
CA LYS C 218 -32.20 59.93 -23.75
C LYS C 218 -31.30 61.14 -24.12
N TYR C 219 -30.97 61.38 -25.38
CA TYR C 219 -29.94 62.37 -25.72
C TYR C 219 -30.34 63.81 -25.35
N VAL C 220 -31.65 64.07 -25.38
CA VAL C 220 -32.10 65.37 -24.99
C VAL C 220 -32.13 65.52 -23.46
N GLN C 221 -32.56 64.47 -22.73
CA GLN C 221 -32.57 64.49 -21.26
C GLN C 221 -31.17 64.79 -20.73
N GLN C 222 -30.17 64.14 -21.32
CA GLN C 222 -28.82 64.36 -20.87
C GLN C 222 -28.19 65.57 -21.56
N LYS C 223 -28.99 66.38 -22.21
CA LYS C 223 -28.59 67.70 -22.66
C LYS C 223 -27.42 67.72 -23.65
N ARG C 224 -27.21 66.61 -24.38
CA ARG C 224 -26.22 66.53 -25.45
C ARG C 224 -26.75 67.15 -26.74
N VAL C 225 -28.08 67.22 -26.89
CA VAL C 225 -28.69 67.70 -28.13
C VAL C 225 -29.70 68.79 -27.79
N ASN C 226 -29.83 69.77 -28.68
CA ASN C 226 -30.71 70.92 -28.52
C ASN C 226 -32.06 70.70 -29.19
N PRO C 227 -33.18 70.32 -28.50
CA PRO C 227 -34.38 69.74 -29.16
C PRO C 227 -35.19 70.76 -29.97
N PHE C 228 -34.76 72.02 -29.97
CA PHE C 228 -35.18 73.01 -30.95
C PHE C 228 -34.94 72.53 -32.38
N PHE C 229 -33.88 71.75 -32.60
CA PHE C 229 -33.63 71.15 -33.89
C PHE C 229 -34.18 69.71 -34.07
N ALA C 230 -35.24 69.34 -33.37
CA ALA C 230 -35.86 68.04 -33.60
C ALA C 230 -36.48 67.99 -35.01
N LEU C 231 -36.29 66.84 -35.68
CA LEU C 231 -36.72 66.62 -37.05
C LEU C 231 -38.02 65.81 -37.04
N THR C 232 -38.90 66.16 -37.99
CA THR C 232 -40.25 65.59 -38.16
C THR C 232 -40.16 64.13 -38.57
N GLN C 233 -41.15 63.34 -38.10
CA GLN C 233 -41.14 61.93 -38.40
C GLN C 233 -41.07 61.66 -39.91
N GLN C 234 -41.69 62.54 -40.69
CA GLN C 234 -41.68 62.47 -42.15
C GLN C 234 -40.24 62.57 -42.72
N TRP C 235 -39.46 63.56 -42.28
CA TRP C 235 -38.06 63.71 -42.71
C TRP C 235 -37.20 62.54 -42.24
N LEU C 236 -37.38 62.14 -41.00
CA LEU C 236 -36.63 61.01 -40.49
C LEU C 236 -36.93 59.74 -41.27
N THR C 237 -38.19 59.53 -41.68
CA THR C 237 -38.54 58.36 -42.49
C THR C 237 -37.92 58.44 -43.89
N GLU C 238 -37.91 59.60 -44.50
CA GLU C 238 -37.27 59.76 -45.79
C GLU C 238 -35.77 59.48 -45.73
N MET C 239 -35.11 59.92 -44.66
CA MET C 239 -33.71 59.59 -44.45
C MET C 239 -33.50 58.11 -44.06
N ARG C 240 -34.36 57.54 -43.19
CA ARG C 240 -34.23 56.12 -42.82
C ARG C 240 -34.38 55.23 -44.05
N ASN C 241 -35.27 55.59 -44.97
CA ASN C 241 -35.45 54.84 -46.20
C ASN C 241 -34.21 54.96 -47.08
N LEU C 242 -33.64 56.16 -47.21
CA LEU C 242 -32.40 56.29 -47.95
C LEU C 242 -31.30 55.38 -47.38
N LEU C 243 -31.22 55.29 -46.06
CA LEU C 243 -30.26 54.40 -45.39
C LEU C 243 -30.58 52.90 -45.63
N SER C 244 -31.86 52.49 -45.61
CA SER C 244 -32.26 51.12 -45.86
C SER C 244 -31.87 50.64 -47.25
N GLN C 245 -31.69 51.54 -48.22
CA GLN C 245 -31.63 51.10 -49.60
C GLN C 245 -30.38 51.58 -50.35
N SER C 246 -29.56 52.41 -49.70
CA SER C 246 -28.17 52.59 -50.13
C SER C 246 -27.23 51.90 -49.14
N LEU C 247 -26.46 50.96 -49.69
CA LEU C 247 -25.36 50.34 -48.99
C LEU C 247 -24.21 51.32 -48.91
N SER C 248 -24.00 52.17 -49.93
CA SER C 248 -22.87 53.09 -49.92
C SER C 248 -22.85 54.02 -48.70
N VAL C 249 -24.02 54.53 -48.32
CA VAL C 249 -24.04 55.39 -47.14
C VAL C 249 -23.88 54.56 -45.84
N ARG C 250 -24.49 53.39 -45.71
CA ARG C 250 -24.22 52.55 -44.56
C ARG C 250 -22.74 52.13 -44.43
N LYS C 251 -22.05 51.89 -45.55
CA LYS C 251 -20.65 51.55 -45.55
C LYS C 251 -19.90 52.73 -44.95
N PHE C 252 -20.15 53.97 -45.37
CA PHE C 252 -19.51 55.12 -44.75
C PHE C 252 -19.81 55.35 -43.28
N MET C 253 -21.05 55.15 -42.91
CA MET C 253 -21.37 55.16 -41.51
C MET C 253 -20.61 54.13 -40.70
N VAL C 254 -20.61 52.86 -41.10
CA VAL C 254 -19.85 51.86 -40.37
C VAL C 254 -18.34 52.09 -40.39
N GLU C 255 -17.83 52.69 -41.45
CA GLU C 255 -16.41 53.05 -41.52
C GLU C 255 -16.09 54.02 -40.41
N ILE C 256 -16.88 55.11 -40.33
CA ILE C 256 -16.61 56.11 -39.32
C ILE C 256 -16.97 55.67 -37.94
N LEU C 257 -17.94 54.81 -37.84
CA LEU C 257 -18.28 54.29 -36.52
C LEU C 257 -17.19 53.37 -35.94
N ILE C 258 -16.51 52.55 -36.77
CA ILE C 258 -15.34 51.79 -36.34
C ILE C 258 -14.21 52.76 -36.01
N GLU C 259 -14.04 53.82 -36.80
CA GLU C 259 -12.94 54.74 -36.63
C GLU C 259 -12.99 55.37 -35.24
N VAL C 260 -14.18 55.84 -34.85
CA VAL C 260 -14.31 56.54 -33.58
C VAL C 260 -14.43 55.59 -32.39
N LYS C 261 -14.75 54.32 -32.62
CA LYS C 261 -14.80 53.31 -31.59
C LYS C 261 -13.40 53.03 -31.01
N LYS C 262 -12.33 53.35 -31.78
CA LYS C 262 -10.95 53.10 -31.37
C LYS C 262 -10.60 53.94 -30.15
N GLY C 263 -9.87 53.34 -29.18
CA GLY C 263 -9.92 53.77 -27.79
C GLY C 263 -8.89 54.84 -27.52
N GLY C 264 -8.89 55.35 -26.28
CA GLY C 264 -7.76 56.08 -25.74
C GLY C 264 -7.49 57.44 -26.40
N SER C 265 -8.13 57.70 -27.54
CA SER C 265 -8.15 59.00 -28.19
C SER C 265 -8.85 60.02 -27.30
N ALA C 266 -8.42 61.29 -27.48
CA ALA C 266 -9.18 62.53 -27.24
C ALA C 266 -10.55 62.47 -27.95
N LYS C 267 -11.66 62.84 -27.25
CA LYS C 267 -12.95 62.86 -27.92
C LYS C 267 -13.69 64.18 -27.69
N GLY C 268 -14.18 64.78 -28.80
CA GLY C 268 -15.14 65.86 -28.70
C GLY C 268 -16.55 65.30 -28.55
N ARG C 269 -17.48 66.17 -28.10
CA ARG C 269 -18.86 65.76 -27.88
C ARG C 269 -19.48 65.18 -29.14
N ALA C 270 -19.01 65.70 -30.29
CA ALA C 270 -19.51 65.30 -31.59
C ALA C 270 -19.28 63.80 -31.83
N VAL C 271 -18.02 63.33 -31.74
CA VAL C 271 -17.72 61.94 -32.00
C VAL C 271 -18.21 61.07 -30.88
N GLU C 272 -18.29 61.63 -29.67
CA GLU C 272 -18.74 60.87 -28.49
C GLU C 272 -20.18 60.44 -28.68
N ILE C 273 -21.02 61.34 -29.21
CA ILE C 273 -22.40 60.94 -29.39
C ILE C 273 -22.55 59.87 -30.46
N ILE C 274 -21.76 59.95 -31.53
CA ILE C 274 -21.72 58.88 -32.52
C ILE C 274 -21.34 57.56 -31.87
N SER C 275 -20.27 57.59 -31.07
CA SER C 275 -19.74 56.39 -30.44
C SER C 275 -20.78 55.78 -29.54
N ASP C 276 -21.52 56.65 -28.85
CA ASP C 276 -22.55 56.28 -27.90
C ASP C 276 -23.62 55.53 -28.63
N ILE C 277 -24.03 56.12 -29.75
CA ILE C 277 -25.01 55.50 -30.64
C ILE C 277 -24.52 54.13 -31.10
N GLY C 278 -23.24 54.05 -31.39
CA GLY C 278 -22.62 52.80 -31.76
C GLY C 278 -23.08 51.64 -30.93
N ASN C 279 -23.30 51.82 -29.62
CA ASN C 279 -23.56 50.68 -28.76
C ASN C 279 -24.93 50.07 -29.05
N TYR C 280 -25.74 50.78 -29.83
CA TYR C 280 -27.03 50.30 -30.30
C TYR C 280 -26.88 49.68 -31.72
N VAL C 281 -25.88 50.17 -32.49
CA VAL C 281 -25.55 49.78 -33.85
C VAL C 281 -24.80 48.43 -33.91
N GLU C 282 -23.90 48.17 -32.95
CA GLU C 282 -23.23 46.90 -32.80
C GLU C 282 -24.24 45.75 -32.62
N GLU C 283 -23.88 44.59 -33.17
CA GLU C 283 -24.57 43.30 -33.19
C GLU C 283 -25.96 43.38 -33.84
N THR C 284 -26.27 44.51 -34.51
CA THR C 284 -27.57 44.71 -35.16
C THR C 284 -27.77 43.66 -36.25
N GLY C 285 -28.98 43.10 -36.24
CA GLY C 285 -29.35 42.15 -37.27
C GLY C 285 -28.74 40.79 -37.01
N MET C 286 -28.16 40.57 -35.82
CA MET C 286 -27.53 39.27 -35.54
C MET C 286 -28.08 38.65 -34.27
N ALA C 287 -29.30 39.11 -33.89
CA ALA C 287 -30.09 38.75 -32.73
C ALA C 287 -29.96 37.24 -32.39
N GLY C 288 -30.34 36.41 -33.40
CA GLY C 288 -30.32 34.95 -33.35
C GLY C 288 -28.99 34.40 -32.79
N PHE C 289 -27.88 34.86 -33.38
CA PHE C 289 -26.52 34.40 -33.07
C PHE C 289 -26.17 34.65 -31.61
N PHE C 290 -26.16 35.92 -31.22
CA PHE C 290 -25.77 36.26 -29.87
C PHE C 290 -26.79 35.73 -28.86
N ALA C 291 -28.06 35.59 -29.26
CA ALA C 291 -29.03 35.02 -28.36
C ALA C 291 -28.77 33.53 -28.08
N THR C 292 -28.19 32.79 -29.02
CA THR C 292 -27.76 31.43 -28.72
C THR C 292 -26.57 31.39 -27.76
N ILE C 293 -25.71 32.40 -27.78
CA ILE C 293 -24.60 32.45 -26.85
C ILE C 293 -25.15 32.80 -25.47
N ARG C 294 -25.88 33.93 -25.36
CA ARG C 294 -26.50 34.32 -24.10
C ARG C 294 -27.40 33.21 -23.54
N PHE C 295 -28.53 32.92 -24.21
CA PHE C 295 -29.63 32.14 -23.65
C PHE C 295 -29.57 30.67 -24.04
N GLY C 296 -28.52 30.25 -24.77
CA GLY C 296 -28.24 28.84 -25.01
C GLY C 296 -27.00 28.41 -24.25
N LEU C 297 -25.81 28.87 -24.69
CA LEU C 297 -24.53 28.42 -24.15
C LEU C 297 -24.39 28.80 -22.68
N GLU C 298 -24.38 30.12 -22.43
CA GLU C 298 -23.96 30.62 -21.14
C GLU C 298 -25.00 30.36 -20.06
N THR C 299 -26.25 30.12 -20.45
CA THR C 299 -27.28 29.69 -19.49
C THR C 299 -27.09 28.24 -18.98
N ARG C 300 -26.47 27.39 -19.81
CA ARG C 300 -25.82 26.12 -19.46
C ARG C 300 -26.76 25.20 -18.69
N TYR C 301 -28.02 25.08 -19.15
CA TYR C 301 -28.96 24.13 -18.56
C TYR C 301 -28.51 22.68 -18.80
N PRO C 302 -29.05 21.70 -18.04
CA PRO C 302 -28.77 20.28 -18.25
C PRO C 302 -28.90 19.77 -19.69
N ALA C 303 -29.80 20.41 -20.45
CA ALA C 303 -30.09 20.09 -21.84
C ALA C 303 -28.84 20.17 -22.75
N LEU C 304 -27.77 20.88 -22.35
CA LEU C 304 -26.58 20.93 -23.19
C LEU C 304 -25.86 19.59 -23.32
N ALA C 305 -26.21 18.62 -22.48
CA ALA C 305 -25.66 17.26 -22.56
C ALA C 305 -26.37 16.39 -23.62
N LEU C 306 -27.38 16.92 -24.32
CA LEU C 306 -28.08 16.17 -25.36
C LEU C 306 -27.21 16.02 -26.60
N ASN C 307 -27.12 14.77 -27.12
CA ASN C 307 -26.29 14.40 -28.25
C ASN C 307 -26.59 15.25 -29.50
N GLU C 308 -27.85 15.66 -29.63
CA GLU C 308 -28.32 16.38 -30.80
C GLU C 308 -27.59 17.71 -30.99
N PHE C 309 -27.36 18.37 -29.86
CA PHE C 309 -26.78 19.70 -29.90
C PHE C 309 -25.31 19.68 -30.27
N GLN C 310 -24.61 18.55 -30.25
CA GLN C 310 -23.16 18.60 -30.32
C GLN C 310 -22.70 19.18 -31.64
N SER C 311 -23.40 18.86 -32.74
CA SER C 311 -23.12 19.41 -34.07
C SER C 311 -23.28 20.93 -34.05
N ASP C 312 -24.32 21.40 -33.37
CA ASP C 312 -24.66 22.80 -33.26
C ASP C 312 -23.60 23.52 -32.43
N LEU C 313 -23.19 22.93 -31.30
CA LEU C 313 -22.14 23.49 -30.46
C LEU C 313 -20.86 23.65 -31.26
N ASN C 314 -20.46 22.61 -32.01
CA ASN C 314 -19.29 22.66 -32.88
C ASN C 314 -19.45 23.76 -33.91
N THR C 315 -20.68 23.99 -34.36
CA THR C 315 -20.97 25.08 -35.28
C THR C 315 -20.68 26.39 -34.59
N ILE C 316 -21.23 26.60 -33.40
CA ILE C 316 -21.08 27.89 -32.77
C ILE C 316 -19.61 28.15 -32.41
N LYS C 317 -18.84 27.12 -32.03
CA LYS C 317 -17.41 27.27 -31.83
C LYS C 317 -16.77 27.80 -33.09
N SER C 318 -17.07 27.19 -34.23
CA SER C 318 -16.54 27.61 -35.52
C SER C 318 -16.96 29.03 -35.85
N LEU C 319 -18.16 29.42 -35.43
CA LEU C 319 -18.67 30.76 -35.67
C LEU C 319 -17.96 31.76 -34.79
N MET C 320 -17.70 31.43 -33.53
CA MET C 320 -17.00 32.37 -32.69
C MET C 320 -15.58 32.60 -33.16
N LEU C 321 -14.87 31.54 -33.55
CA LEU C 321 -13.55 31.68 -34.10
C LEU C 321 -13.61 32.47 -35.40
N LEU C 322 -14.66 32.22 -36.18
CA LEU C 322 -14.88 32.93 -37.43
C LEU C 322 -15.11 34.41 -37.17
N TYR C 323 -15.91 34.74 -36.16
CA TYR C 323 -16.17 36.10 -35.75
C TYR C 323 -14.86 36.79 -35.42
N ARG C 324 -14.03 36.11 -34.64
CA ARG C 324 -12.72 36.61 -34.31
C ARG C 324 -11.90 36.88 -35.56
N GLU C 325 -11.97 35.97 -36.55
CA GLU C 325 -11.24 36.06 -37.79
C GLU C 325 -11.64 37.30 -38.58
N ILE C 326 -12.92 37.66 -38.51
CA ILE C 326 -13.31 38.83 -39.28
C ILE C 326 -12.73 40.12 -38.70
N GLY C 327 -12.67 40.15 -37.36
CA GLY C 327 -12.12 41.26 -36.59
C GLY C 327 -13.05 42.48 -36.52
N PRO C 328 -12.60 43.73 -36.76
CA PRO C 328 -13.34 44.92 -36.35
C PRO C 328 -14.72 45.09 -37.04
N ARG C 329 -14.92 44.56 -38.24
CA ARG C 329 -16.20 44.73 -38.93
C ARG C 329 -17.27 43.79 -38.39
N ALA C 330 -16.89 42.84 -37.53
CA ALA C 330 -17.75 41.72 -37.16
C ALA C 330 -19.10 42.14 -36.53
N PRO C 331 -19.12 43.14 -35.64
CA PRO C 331 -20.38 43.57 -35.06
C PRO C 331 -21.32 44.36 -35.96
N TYR C 332 -20.97 44.61 -37.17
CA TYR C 332 -21.75 45.44 -38.06
C TYR C 332 -22.07 44.74 -39.39
N MET C 333 -21.97 43.39 -39.38
CA MET C 333 -21.91 42.75 -40.68
C MET C 333 -23.18 42.93 -41.43
N VAL C 334 -24.27 43.11 -40.70
CA VAL C 334 -25.57 43.15 -41.37
C VAL C 334 -25.76 44.46 -42.03
N LEU C 335 -25.33 45.52 -41.40
CA LEU C 335 -25.38 46.85 -42.04
C LEU C 335 -24.47 46.89 -43.26
N LEU C 336 -23.34 46.22 -43.21
CA LEU C 336 -22.45 46.14 -44.35
C LEU C 336 -22.91 45.16 -45.44
N GLU C 337 -23.95 44.41 -45.13
CA GLU C 337 -24.42 43.29 -45.94
C GLU C 337 -23.30 42.33 -46.33
N GLU C 338 -22.33 42.11 -45.45
CA GLU C 338 -21.30 41.13 -45.71
C GLU C 338 -21.87 39.70 -45.74
N SER C 339 -21.52 38.95 -46.80
CA SER C 339 -21.94 37.58 -47.10
C SER C 339 -21.84 36.59 -45.95
N ILE C 340 -20.80 36.82 -45.14
CA ILE C 340 -20.49 35.85 -44.12
C ILE C 340 -21.65 35.71 -43.11
N GLN C 341 -22.49 36.74 -42.97
CA GLN C 341 -23.63 36.73 -42.07
C GLN C 341 -24.40 35.44 -42.24
N THR C 342 -24.48 34.95 -43.50
CA THR C 342 -25.29 33.76 -43.80
C THR C 342 -24.90 32.65 -42.87
N LYS C 343 -23.60 32.56 -42.63
CA LYS C 343 -23.02 31.45 -41.87
C LYS C 343 -23.53 31.56 -40.44
N PHE C 344 -23.59 32.84 -40.01
CA PHE C 344 -24.03 33.25 -38.71
C PHE C 344 -25.52 33.02 -38.48
N ALA C 345 -26.32 32.98 -39.54
CA ALA C 345 -27.75 32.86 -39.38
C ALA C 345 -28.14 31.60 -38.62
N PRO C 346 -29.16 31.60 -37.72
CA PRO C 346 -29.53 30.41 -36.94
C PRO C 346 -30.04 29.18 -37.69
N GLY C 347 -30.31 29.33 -38.99
CA GLY C 347 -30.49 28.17 -39.85
C GLY C 347 -29.28 27.21 -39.82
N GLY C 348 -28.11 27.73 -39.46
CA GLY C 348 -26.91 26.93 -39.30
C GLY C 348 -26.88 26.11 -38.02
N TYR C 349 -27.78 26.35 -37.05
CA TYR C 349 -27.73 25.68 -35.75
C TYR C 349 -29.11 25.69 -35.10
N PRO C 350 -30.14 25.26 -35.83
CA PRO C 350 -31.52 25.55 -35.47
C PRO C 350 -32.05 24.82 -34.25
N LEU C 351 -31.44 23.67 -33.88
CA LEU C 351 -31.88 23.00 -32.66
C LEU C 351 -31.47 23.80 -31.44
N LEU C 352 -30.20 24.15 -31.38
CA LEU C 352 -29.69 25.00 -30.32
C LEU C 352 -30.39 26.37 -30.29
N TRP C 353 -30.66 26.98 -31.46
CA TRP C 353 -31.36 28.26 -31.55
C TRP C 353 -32.78 28.16 -31.08
N SER C 354 -33.54 27.15 -31.51
CA SER C 354 -34.90 27.00 -31.04
C SER C 354 -34.98 26.85 -29.52
N PHE C 355 -34.10 26.01 -28.96
CA PHE C 355 -33.91 25.89 -27.53
C PHE C 355 -33.58 27.23 -26.84
N ALA C 356 -32.57 27.92 -27.36
CA ALA C 356 -32.12 29.21 -26.85
C ALA C 356 -33.26 30.25 -26.85
N MET C 357 -34.05 30.34 -27.93
CA MET C 357 -35.17 31.25 -27.95
C MET C 357 -36.21 30.85 -26.94
N GLY C 358 -36.40 29.53 -26.75
CA GLY C 358 -37.27 29.00 -25.68
C GLY C 358 -36.88 29.51 -24.30
N VAL C 359 -35.58 29.51 -24.01
CA VAL C 359 -35.04 30.14 -22.82
C VAL C 359 -35.29 31.66 -22.84
N ALA C 360 -34.80 32.36 -23.88
CA ALA C 360 -34.82 33.82 -24.01
C ALA C 360 -36.23 34.40 -23.73
N THR C 361 -37.23 33.85 -24.40
CA THR C 361 -38.62 34.27 -24.27
C THR C 361 -39.18 34.04 -22.87
N THR C 362 -38.66 33.08 -22.10
CA THR C 362 -39.10 32.95 -20.73
C THR C 362 -38.37 33.89 -19.76
N ILE C 363 -37.10 34.17 -20.05
CA ILE C 363 -36.22 34.84 -19.10
C ILE C 363 -36.30 36.36 -19.23
N ASP C 364 -36.20 36.86 -20.46
CA ASP C 364 -36.05 38.28 -20.72
C ASP C 364 -37.31 38.82 -21.40
N ARG C 365 -37.95 39.84 -20.79
CA ARG C 365 -39.19 40.41 -21.29
C ARG C 365 -39.04 41.04 -22.69
N SER C 366 -37.84 41.59 -22.94
CA SER C 366 -37.54 42.17 -24.22
C SER C 366 -37.32 41.09 -25.31
N MET C 367 -36.74 39.94 -24.95
CA MET C 367 -36.66 38.84 -25.89
C MET C 367 -38.01 38.25 -26.26
N GLY C 368 -39.03 38.49 -25.45
CA GLY C 368 -40.39 38.12 -25.80
C GLY C 368 -40.88 38.78 -27.10
N ALA C 369 -40.35 39.98 -27.35
CA ALA C 369 -40.84 40.86 -28.39
C ALA C 369 -39.99 40.78 -29.67
N LEU C 370 -38.94 39.95 -29.71
CA LEU C 370 -38.24 39.66 -30.95
C LEU C 370 -39.00 38.60 -31.76
N ASN C 371 -39.23 38.86 -33.05
CA ASN C 371 -39.91 37.97 -33.98
C ASN C 371 -39.15 36.68 -34.23
N ILE C 372 -39.76 35.52 -33.86
CA ILE C 372 -39.11 34.23 -34.16
C ILE C 372 -39.85 33.32 -35.16
N ASN C 373 -40.67 33.93 -36.01
CA ASN C 373 -41.21 33.25 -37.18
C ASN C 373 -40.13 32.99 -38.25
N ARG C 374 -39.50 31.81 -38.15
CA ARG C 374 -38.57 31.22 -39.11
C ARG C 374 -39.01 29.77 -39.34
N GLY C 375 -38.77 29.28 -40.57
CA GLY C 375 -39.21 27.96 -41.01
C GLY C 375 -38.58 26.80 -40.22
N TYR C 376 -37.37 27.06 -39.72
CA TYR C 376 -36.52 26.08 -39.07
C TYR C 376 -36.62 26.04 -37.55
N LEU C 377 -37.63 26.72 -37.00
CA LEU C 377 -38.02 26.56 -35.59
C LEU C 377 -38.39 25.11 -35.23
N GLU C 378 -37.68 24.54 -34.27
CA GLU C 378 -37.99 23.19 -33.80
C GLU C 378 -38.81 23.34 -32.53
N PRO C 379 -40.17 23.20 -32.54
CA PRO C 379 -40.96 23.60 -31.38
C PRO C 379 -40.75 22.70 -30.17
N MET C 380 -40.39 21.41 -30.37
CA MET C 380 -40.07 20.58 -29.20
C MET C 380 -38.83 21.05 -28.44
N TYR C 381 -37.83 21.56 -29.16
CA TYR C 381 -36.62 22.10 -28.55
C TYR C 381 -36.85 23.48 -27.95
N PHE C 382 -37.69 24.29 -28.58
CA PHE C 382 -38.13 25.55 -27.99
C PHE C 382 -38.87 25.29 -26.68
N ARG C 383 -39.82 24.34 -26.66
CA ARG C 383 -40.52 23.95 -25.45
C ARG C 383 -39.57 23.37 -24.41
N LEU C 384 -38.55 22.63 -24.82
CA LEU C 384 -37.52 22.21 -23.88
C LEU C 384 -36.76 23.43 -23.31
N GLY C 385 -36.52 24.47 -24.12
CA GLY C 385 -35.95 25.74 -23.67
C GLY C 385 -36.81 26.43 -22.61
N GLN C 386 -38.10 26.55 -22.91
CA GLN C 386 -39.11 27.04 -21.98
C GLN C 386 -39.13 26.18 -20.69
N LYS C 387 -39.17 24.85 -20.81
CA LYS C 387 -39.16 23.91 -19.69
C LYS C 387 -37.87 24.02 -18.88
N SER C 388 -36.74 24.29 -19.51
CA SER C 388 -35.48 24.41 -18.79
C SER C 388 -35.47 25.63 -17.85
N ALA C 389 -36.03 26.75 -18.30
CA ALA C 389 -36.16 27.93 -17.44
C ALA C 389 -37.34 27.81 -16.45
N ARG C 390 -38.55 27.63 -17.00
CA ARG C 390 -39.77 27.68 -16.20
C ARG C 390 -40.01 26.36 -15.45
N HIS C 391 -39.99 25.22 -16.17
CA HIS C 391 -40.36 23.95 -15.55
C HIS C 391 -39.30 23.49 -14.54
N HIS C 392 -38.04 23.88 -14.77
CA HIS C 392 -36.97 23.54 -13.86
C HIS C 392 -36.91 24.58 -12.73
N ALA C 393 -37.85 25.53 -12.61
CA ALA C 393 -37.87 26.53 -11.53
C ALA C 393 -36.59 27.39 -11.50
N GLY C 394 -36.33 28.09 -12.62
CA GLY C 394 -35.13 28.87 -12.80
C GLY C 394 -33.85 28.04 -12.83
N GLY C 395 -33.99 26.74 -13.14
CA GLY C 395 -32.98 25.71 -13.00
C GLY C 395 -32.46 25.59 -11.58
N ILE C 396 -33.28 25.87 -10.55
CA ILE C 396 -32.73 26.08 -9.20
C ILE C 396 -32.11 24.81 -8.60
N ASP C 397 -32.65 23.64 -8.98
CA ASP C 397 -32.10 22.35 -8.58
C ASP C 397 -30.67 22.18 -9.12
N GLN C 398 -30.43 22.72 -10.33
CA GLN C 398 -29.24 22.49 -11.14
C GLN C 398 -28.23 23.64 -11.01
N ASN C 399 -27.77 23.86 -9.79
CA ASN C 399 -26.70 24.80 -9.51
C ASN C 399 -25.47 24.47 -10.35
N MET C 400 -24.91 25.47 -11.03
CA MET C 400 -23.84 25.24 -11.99
C MET C 400 -22.48 25.06 -11.30
N ALA C 401 -22.30 25.68 -10.12
CA ALA C 401 -20.98 25.82 -9.50
C ALA C 401 -21.04 25.78 -7.96
N ASN C 402 -19.96 25.27 -7.33
CA ASN C 402 -19.95 24.91 -5.92
C ASN C 402 -19.35 26.02 -5.05
N ARG C 403 -19.04 27.18 -5.64
CA ARG C 403 -18.32 28.26 -4.96
C ARG C 403 -19.13 28.83 -3.79
N LEU C 404 -20.46 28.94 -3.97
CA LEU C 404 -21.34 29.36 -2.90
C LEU C 404 -21.37 28.33 -1.76
N GLY C 405 -21.23 27.02 -2.08
CA GLY C 405 -21.40 25.94 -1.11
C GLY C 405 -22.73 26.06 -0.37
N LEU C 406 -23.79 26.40 -1.12
CA LEU C 406 -25.10 26.63 -0.54
C LEU C 406 -25.71 25.31 -0.08
N SER C 407 -26.54 25.37 0.97
CA SER C 407 -27.29 24.22 1.46
C SER C 407 -28.32 23.76 0.42
N SER C 408 -28.61 22.44 0.41
CA SER C 408 -29.68 21.88 -0.40
C SER C 408 -31.03 22.54 -0.08
N ASP C 409 -31.26 22.76 1.22
CA ASP C 409 -32.43 23.42 1.79
C ASP C 409 -32.61 24.83 1.19
N GLN C 410 -31.49 25.58 1.14
CA GLN C 410 -31.44 26.95 0.64
C GLN C 410 -31.82 27.00 -0.84
N VAL C 411 -31.32 26.03 -1.63
CA VAL C 411 -31.65 25.90 -3.04
C VAL C 411 -33.14 25.59 -3.23
N ALA C 412 -33.69 24.73 -2.37
CA ALA C 412 -35.12 24.42 -2.40
C ALA C 412 -35.97 25.65 -2.08
N GLU C 413 -35.52 26.46 -1.11
CA GLU C 413 -36.19 27.69 -0.72
C GLU C 413 -36.21 28.68 -1.89
N LEU C 414 -35.09 28.78 -2.61
CA LEU C 414 -34.96 29.61 -3.80
C LEU C 414 -35.96 29.17 -4.87
N ALA C 415 -36.10 27.85 -5.06
CA ALA C 415 -37.05 27.28 -6.02
C ALA C 415 -38.49 27.60 -5.64
N ALA C 416 -38.81 27.57 -4.32
CA ALA C 416 -40.14 27.91 -3.83
C ALA C 416 -40.46 29.39 -4.05
N ALA C 417 -39.47 30.27 -3.80
CA ALA C 417 -39.60 31.71 -3.99
C ALA C 417 -39.74 32.09 -5.48
N VAL C 418 -39.05 31.31 -6.35
CA VAL C 418 -39.13 31.40 -7.80
C VAL C 418 -40.47 30.87 -8.34
N GLN C 419 -41.33 30.28 -7.50
CA GLN C 419 -42.61 29.64 -7.86
C GLN C 419 -42.36 28.48 -8.83
N ILE D 26 -16.01 22.95 -23.23
CA ILE D 26 -17.25 23.37 -23.96
C ILE D 26 -17.54 24.86 -23.79
N PHE D 27 -17.76 25.32 -22.56
CA PHE D 27 -18.26 26.64 -22.17
C PHE D 27 -17.22 27.76 -22.26
N GLU D 28 -15.93 27.40 -22.20
CA GLU D 28 -14.84 28.38 -22.02
C GLU D 28 -14.79 29.39 -23.17
N GLU D 29 -15.14 28.88 -24.36
CA GLU D 29 -15.07 29.59 -25.60
C GLU D 29 -16.06 30.75 -25.58
N ALA D 30 -17.26 30.52 -25.01
CA ALA D 30 -18.32 31.53 -24.83
C ALA D 30 -17.83 32.74 -24.02
N ALA D 31 -17.28 32.46 -22.85
CA ALA D 31 -16.79 33.49 -21.95
C ALA D 31 -15.62 34.21 -22.59
N SER D 32 -14.73 33.50 -23.29
CA SER D 32 -13.62 34.13 -23.99
C SER D 32 -14.07 34.94 -25.22
N PHE D 33 -15.20 34.56 -25.79
CA PHE D 33 -15.80 35.30 -26.90
C PHE D 33 -16.44 36.60 -26.34
N ARG D 34 -17.16 36.55 -25.19
CA ARG D 34 -17.68 37.73 -24.51
C ARG D 34 -16.55 38.73 -24.29
N SER D 35 -15.39 38.20 -23.86
CA SER D 35 -14.20 39.01 -23.64
C SER D 35 -13.83 39.74 -24.93
N TYR D 36 -13.82 38.95 -25.99
CA TYR D 36 -13.42 39.40 -27.32
C TYR D 36 -14.31 40.57 -27.76
N GLN D 37 -15.64 40.35 -27.70
CA GLN D 37 -16.61 41.37 -28.08
C GLN D 37 -16.29 42.68 -27.36
N SER D 38 -16.04 42.60 -26.04
CA SER D 38 -15.88 43.79 -25.20
C SER D 38 -14.60 44.57 -25.53
N LYS D 39 -13.58 43.85 -25.99
CA LYS D 39 -12.27 44.43 -26.30
C LYS D 39 -12.07 44.70 -27.79
N LEU D 40 -12.96 44.18 -28.65
CA LEU D 40 -12.92 44.37 -30.08
C LEU D 40 -12.98 45.84 -30.45
N GLY D 41 -12.02 46.25 -31.31
CA GLY D 41 -11.91 47.55 -31.93
C GLY D 41 -11.58 48.68 -30.94
N ARG D 42 -11.51 48.36 -29.61
CA ARG D 42 -11.00 49.29 -28.62
C ARG D 42 -9.53 49.64 -28.90
N ASP D 43 -8.81 48.68 -29.48
CA ASP D 43 -7.38 48.75 -29.69
C ASP D 43 -7.03 49.83 -30.74
N GLY D 44 -5.80 50.34 -30.66
CA GLY D 44 -5.29 51.30 -31.63
C GLY D 44 -5.67 52.73 -31.26
N ARG D 45 -5.35 53.69 -32.16
CA ARG D 45 -5.68 55.10 -31.96
C ARG D 45 -6.46 55.68 -33.13
N ALA D 46 -7.61 56.31 -32.80
CA ALA D 46 -8.64 56.77 -33.75
C ALA D 46 -8.14 57.96 -34.58
N SER D 47 -8.41 57.91 -35.89
CA SER D 47 -7.85 58.78 -36.90
C SER D 47 -8.25 60.25 -36.71
N ALA D 48 -7.26 61.11 -36.96
CA ALA D 48 -7.35 62.56 -36.88
C ALA D 48 -8.41 63.12 -37.82
N ALA D 49 -8.85 62.36 -38.83
CA ALA D 49 -9.95 62.76 -39.70
C ALA D 49 -11.28 62.95 -38.93
N THR D 50 -11.40 62.35 -37.75
CA THR D 50 -12.55 62.57 -36.88
C THR D 50 -12.58 63.92 -36.11
N ALA D 51 -11.54 64.77 -36.23
CA ALA D 51 -11.35 65.92 -35.33
C ALA D 51 -12.44 67.00 -35.45
N THR D 52 -13.12 67.32 -34.33
CA THR D 52 -14.31 68.16 -34.25
C THR D 52 -13.95 69.64 -34.37
N LEU D 53 -14.88 70.49 -34.87
CA LEU D 53 -14.82 71.96 -34.80
C LEU D 53 -14.56 72.48 -33.37
N THR D 54 -13.42 73.09 -33.09
CA THR D 54 -13.21 73.75 -31.81
C THR D 54 -14.02 75.03 -31.68
N THR D 55 -14.68 75.24 -30.52
CA THR D 55 -15.18 76.56 -30.16
C THR D 55 -14.18 77.40 -29.33
N LYS D 56 -14.22 78.72 -29.46
CA LYS D 56 -13.42 79.68 -28.68
C LYS D 56 -13.99 79.88 -27.28
N ILE D 57 -13.15 79.71 -26.24
CA ILE D 57 -13.53 80.08 -24.88
C ILE D 57 -12.54 81.10 -24.33
N ARG D 58 -13.07 82.23 -23.84
CA ARG D 58 -12.26 83.21 -23.15
C ARG D 58 -12.13 82.83 -21.67
N ILE D 59 -10.89 82.71 -21.13
CA ILE D 59 -10.69 82.58 -19.68
C ILE D 59 -9.88 83.78 -19.17
N PHE D 60 -10.50 84.60 -18.32
CA PHE D 60 -9.80 85.65 -17.60
C PHE D 60 -9.06 85.05 -16.40
N VAL D 61 -7.79 85.43 -16.22
CA VAL D 61 -6.90 84.78 -15.26
C VAL D 61 -6.26 85.83 -14.32
N PRO D 62 -6.21 85.62 -12.98
CA PRO D 62 -5.43 86.50 -12.10
C PRO D 62 -3.94 86.43 -12.43
N ALA D 63 -3.36 87.56 -12.86
CA ALA D 63 -1.97 87.58 -13.30
C ALA D 63 -0.99 87.45 -12.13
N THR D 64 -1.48 87.77 -10.92
CA THR D 64 -0.63 88.10 -9.77
C THR D 64 -1.32 87.73 -8.45
N ASN D 65 -0.50 87.50 -7.43
CA ASN D 65 -0.98 87.36 -6.07
C ASN D 65 -1.29 88.73 -5.45
N SER D 66 -2.43 89.30 -5.86
CA SER D 66 -3.04 90.48 -5.27
C SER D 66 -4.45 90.12 -4.79
N PRO D 67 -4.78 90.29 -3.48
CA PRO D 67 -6.13 89.97 -3.01
C PRO D 67 -7.25 90.82 -3.61
N GLU D 68 -6.93 92.07 -3.92
CA GLU D 68 -7.87 93.05 -4.49
C GLU D 68 -8.32 92.59 -5.87
N LEU D 69 -7.37 92.15 -6.69
CA LEU D 69 -7.60 91.59 -8.02
C LEU D 69 -8.48 90.34 -7.93
N ARG D 70 -8.04 89.40 -7.07
CA ARG D 70 -8.61 88.06 -7.01
C ARG D 70 -10.04 88.12 -6.51
N TRP D 71 -10.31 88.97 -5.52
CA TRP D 71 -11.68 89.00 -5.03
C TRP D 71 -12.64 89.72 -6.01
N GLU D 72 -12.23 90.85 -6.58
CA GLU D 72 -13.05 91.54 -7.58
C GLU D 72 -13.32 90.65 -8.79
N LEU D 73 -12.29 89.95 -9.27
CA LEU D 73 -12.45 89.01 -10.37
C LEU D 73 -13.43 87.87 -10.03
N THR D 74 -13.37 87.36 -8.79
CA THR D 74 -14.34 86.35 -8.36
C THR D 74 -15.75 86.93 -8.34
N LEU D 75 -15.94 88.18 -7.88
CA LEU D 75 -17.25 88.83 -7.90
C LEU D 75 -17.77 89.02 -9.33
N PHE D 76 -16.91 89.51 -10.22
CA PHE D 76 -17.17 89.58 -11.65
C PHE D 76 -17.62 88.22 -12.20
N ALA D 77 -16.86 87.16 -11.91
CA ALA D 77 -17.14 85.82 -12.40
C ALA D 77 -18.45 85.25 -11.86
N LEU D 78 -18.70 85.45 -10.58
CA LEU D 78 -19.99 85.13 -9.99
C LEU D 78 -21.08 85.81 -10.80
N ASP D 79 -20.90 87.08 -11.13
CA ASP D 79 -21.88 87.86 -11.83
C ASP D 79 -22.06 87.40 -13.28
N VAL D 80 -21.00 87.00 -13.98
CA VAL D 80 -21.16 86.40 -15.30
C VAL D 80 -22.13 85.19 -15.28
N ILE D 81 -22.02 84.31 -14.32
CA ILE D 81 -22.94 83.19 -14.26
C ILE D 81 -24.33 83.64 -13.75
N ARG D 82 -24.40 84.72 -12.95
CA ARG D 82 -25.64 85.34 -12.48
C ARG D 82 -26.41 86.00 -13.64
N SER D 83 -25.72 86.35 -14.73
CA SER D 83 -26.26 87.11 -15.85
C SER D 83 -27.22 86.28 -16.70
N PRO D 84 -28.36 86.86 -17.15
CA PRO D 84 -29.17 86.23 -18.19
C PRO D 84 -28.62 86.47 -19.61
N SER D 85 -27.73 87.46 -19.80
CA SER D 85 -27.35 87.96 -21.12
C SER D 85 -25.99 87.44 -21.59
N ALA D 86 -25.21 86.84 -20.68
CA ALA D 86 -23.92 86.28 -21.10
C ALA D 86 -24.12 85.01 -21.94
N ALA D 87 -23.23 84.89 -22.95
CA ALA D 87 -23.12 83.76 -23.86
C ALA D 87 -22.50 82.57 -23.11
N GLU D 88 -22.85 81.34 -23.50
CA GLU D 88 -22.30 80.13 -22.88
C GLU D 88 -20.77 80.07 -23.01
N SER D 89 -20.23 80.59 -24.11
CA SER D 89 -18.79 80.71 -24.35
C SER D 89 -18.10 81.60 -23.31
N MET D 90 -18.78 82.65 -22.86
CA MET D 90 -18.29 83.46 -21.75
C MET D 90 -18.44 82.73 -20.43
N LYS D 91 -19.64 82.17 -20.19
CA LYS D 91 -20.01 81.59 -18.91
C LYS D 91 -19.12 80.41 -18.52
N VAL D 92 -18.83 79.49 -19.45
CA VAL D 92 -18.02 78.36 -19.09
C VAL D 92 -16.57 78.83 -18.80
N GLY D 93 -16.05 79.80 -19.55
CA GLY D 93 -14.72 80.34 -19.27
C GLY D 93 -14.65 81.11 -17.95
N ALA D 94 -15.73 81.79 -17.59
CA ALA D 94 -15.90 82.33 -16.25
C ALA D 94 -15.87 81.23 -15.18
N ALA D 95 -16.61 80.13 -15.35
CA ALA D 95 -16.58 79.02 -14.41
C ALA D 95 -15.19 78.40 -14.25
N PHE D 96 -14.42 78.32 -15.34
CA PHE D 96 -13.03 77.92 -15.31
C PHE D 96 -12.19 78.85 -14.43
N THR D 97 -12.32 80.17 -14.57
CA THR D 97 -11.52 81.03 -13.70
C THR D 97 -11.96 80.92 -12.25
N LEU D 98 -13.28 80.82 -12.08
CA LEU D 98 -13.86 80.76 -10.77
C LEU D 98 -13.39 79.51 -9.97
N ILE D 99 -13.19 78.35 -10.62
CA ILE D 99 -12.58 77.19 -9.97
C ILE D 99 -11.08 76.97 -10.24
N SER D 100 -10.37 77.99 -10.72
CA SER D 100 -8.92 77.96 -10.77
C SER D 100 -8.30 78.91 -9.73
N MET D 101 -9.13 79.63 -8.96
CA MET D 101 -8.68 80.68 -8.06
C MET D 101 -7.75 80.18 -6.90
N TYR D 102 -7.77 78.87 -6.57
CA TYR D 102 -6.82 78.18 -5.71
C TYR D 102 -5.35 78.47 -6.01
N SER D 103 -5.02 78.39 -7.30
CA SER D 103 -3.65 78.08 -7.69
C SER D 103 -2.72 79.28 -7.51
N GLU D 104 -1.45 78.97 -7.25
CA GLU D 104 -0.44 80.01 -7.39
C GLU D 104 -0.30 80.48 -8.85
N ARG D 105 -0.60 79.59 -9.81
CA ARG D 105 -0.58 79.91 -11.23
C ARG D 105 -1.87 79.44 -11.92
N PRO D 106 -3.00 80.16 -11.77
CA PRO D 106 -4.28 79.69 -12.31
C PRO D 106 -4.30 79.49 -13.84
N GLY D 107 -3.45 80.23 -14.57
CA GLY D 107 -3.30 80.04 -16.01
C GLY D 107 -2.69 78.69 -16.35
N ALA D 108 -1.66 78.31 -15.58
CA ALA D 108 -1.01 77.02 -15.75
C ALA D 108 -1.94 75.86 -15.42
N LEU D 109 -2.75 76.02 -14.37
CA LEU D 109 -3.74 75.03 -13.99
C LEU D 109 -4.74 74.74 -15.10
N ILE D 110 -5.30 75.79 -15.70
CA ILE D 110 -6.22 75.55 -16.79
C ILE D 110 -5.44 74.93 -17.99
N ARG D 111 -4.37 75.57 -18.47
CA ARG D 111 -3.73 75.14 -19.71
C ARG D 111 -3.15 73.73 -19.62
N SER D 112 -2.75 73.27 -18.43
CA SER D 112 -2.17 71.95 -18.26
C SER D 112 -3.22 70.84 -18.14
N LEU D 113 -4.40 71.20 -17.61
CA LEU D 113 -5.45 70.22 -17.48
C LEU D 113 -6.60 70.42 -18.47
N LEU D 114 -6.49 71.31 -19.46
CA LEU D 114 -7.53 71.57 -20.44
C LEU D 114 -7.97 70.30 -21.15
N ASN D 115 -7.04 69.72 -21.95
CA ASN D 115 -7.18 68.39 -22.56
C ASN D 115 -8.52 68.18 -23.29
N ASP D 116 -8.99 69.15 -24.12
CA ASP D 116 -10.37 69.16 -24.65
C ASP D 116 -10.40 69.55 -26.13
N PRO D 117 -10.72 68.61 -27.05
CA PRO D 117 -10.82 68.93 -28.47
C PRO D 117 -12.09 69.68 -28.86
N ASP D 118 -13.09 69.80 -27.96
CA ASP D 118 -14.21 70.70 -28.18
C ASP D 118 -13.75 72.17 -28.20
N ILE D 119 -12.58 72.48 -27.61
CA ILE D 119 -12.26 73.84 -27.16
C ILE D 119 -10.94 74.33 -27.74
N GLU D 120 -10.91 75.60 -28.16
CA GLU D 120 -9.70 76.40 -28.23
C GLU D 120 -9.81 77.49 -27.14
N ALA D 121 -8.86 77.50 -26.19
CA ALA D 121 -8.89 78.46 -25.11
C ALA D 121 -8.02 79.68 -25.45
N VAL D 122 -8.58 80.88 -25.25
CA VAL D 122 -7.85 82.12 -25.27
C VAL D 122 -7.79 82.59 -23.82
N ILE D 123 -6.58 82.88 -23.33
CA ILE D 123 -6.40 83.40 -21.98
C ILE D 123 -6.20 84.92 -22.01
N ILE D 124 -6.84 85.60 -21.06
CA ILE D 124 -6.65 87.00 -20.78
C ILE D 124 -6.11 87.11 -19.35
N ASP D 125 -4.78 87.07 -19.23
CA ASP D 125 -4.16 87.27 -17.94
C ASP D 125 -4.31 88.74 -17.56
N VAL D 126 -5.31 89.01 -16.71
CA VAL D 126 -5.72 90.35 -16.34
C VAL D 126 -4.70 90.94 -15.35
N GLY D 127 -3.99 92.00 -15.78
CA GLY D 127 -2.79 92.48 -15.10
C GLY D 127 -3.07 93.33 -13.88
N SER D 128 -4.17 94.12 -13.94
CA SER D 128 -4.37 95.16 -12.94
C SER D 128 -5.83 95.57 -12.69
N MET D 129 -6.80 94.77 -13.19
CA MET D 129 -8.26 94.94 -13.04
C MET D 129 -8.75 96.39 -13.24
N VAL D 130 -8.18 97.11 -14.23
CA VAL D 130 -8.24 98.57 -14.35
C VAL D 130 -9.64 99.15 -14.53
N ASN D 131 -10.57 98.36 -15.10
CA ASN D 131 -11.93 98.78 -15.36
C ASN D 131 -12.83 98.84 -14.12
N GLY D 132 -12.43 98.23 -13.00
CA GLY D 132 -13.26 98.26 -11.81
C GLY D 132 -14.26 97.12 -11.76
N ILE D 133 -15.57 97.42 -11.89
CA ILE D 133 -16.63 96.42 -11.79
C ILE D 133 -16.53 95.41 -12.95
N PRO D 134 -16.51 95.84 -14.24
CA PRO D 134 -16.19 94.93 -15.33
C PRO D 134 -14.71 94.56 -15.30
N VAL D 135 -14.40 93.36 -15.77
CA VAL D 135 -13.04 92.88 -15.96
C VAL D 135 -12.30 93.78 -16.96
N MET D 136 -10.97 93.88 -16.80
CA MET D 136 -10.16 94.61 -17.76
C MET D 136 -9.82 93.75 -18.99
N GLU D 137 -9.34 94.44 -20.03
CA GLU D 137 -8.72 93.79 -21.19
C GLU D 137 -7.50 94.60 -21.65
N ARG D 138 -6.38 93.91 -21.96
CA ARG D 138 -5.04 94.49 -21.88
C ARG D 138 -4.80 95.57 -22.95
N ARG D 139 -5.11 95.23 -24.21
CA ARG D 139 -5.04 96.20 -25.32
C ARG D 139 -6.39 96.89 -25.56
N GLY D 140 -7.31 96.83 -24.60
CA GLY D 140 -8.72 97.14 -24.85
C GLY D 140 -9.46 96.00 -25.58
N ASP D 141 -10.79 96.06 -25.52
CA ASP D 141 -11.72 95.38 -26.42
C ASP D 141 -11.48 95.83 -27.88
N LYS D 142 -11.56 94.92 -28.86
CA LYS D 142 -11.12 95.11 -30.24
C LYS D 142 -11.84 96.26 -30.95
N ALA D 143 -13.10 96.55 -30.56
CA ALA D 143 -13.81 97.77 -30.92
C ALA D 143 -14.57 98.36 -29.72
N GLN D 144 -14.01 98.16 -28.51
CA GLN D 144 -14.52 98.55 -27.20
C GLN D 144 -15.74 97.72 -26.79
N GLU D 145 -16.35 96.99 -27.73
CA GLU D 145 -17.64 96.33 -27.55
C GLU D 145 -17.56 95.20 -26.52
N GLU D 146 -16.39 94.57 -26.37
CA GLU D 146 -16.27 93.49 -25.39
C GLU D 146 -16.43 94.03 -23.97
N MET D 147 -15.83 95.18 -23.66
CA MET D 147 -15.98 95.83 -22.36
C MET D 147 -17.45 96.21 -22.10
N GLU D 148 -18.11 96.71 -23.16
CA GLU D 148 -19.52 97.07 -23.13
C GLU D 148 -20.37 95.83 -22.91
N GLY D 149 -19.96 94.71 -23.53
CA GLY D 149 -20.61 93.42 -23.40
C GLY D 149 -20.55 92.97 -21.94
N LEU D 150 -19.35 93.01 -21.35
CA LEU D 150 -19.15 92.69 -19.94
C LEU D 150 -20.00 93.60 -19.04
N MET D 151 -20.03 94.90 -19.31
CA MET D 151 -20.84 95.80 -18.51
C MET D 151 -22.33 95.45 -18.57
N ARG D 152 -22.85 95.16 -19.77
CA ARG D 152 -24.23 94.72 -19.97
C ARG D 152 -24.50 93.42 -19.21
N ILE D 153 -23.56 92.48 -19.30
CA ILE D 153 -23.62 91.20 -18.61
C ILE D 153 -23.82 91.43 -17.10
N LEU D 154 -22.98 92.30 -16.49
CA LEU D 154 -22.99 92.55 -15.06
C LEU D 154 -24.21 93.35 -14.62
N LYS D 155 -24.64 94.33 -15.42
CA LYS D 155 -25.87 95.06 -15.16
C LYS D 155 -27.06 94.09 -15.15
N THR D 156 -27.22 93.32 -16.24
CA THR D 156 -28.33 92.39 -16.37
C THR D 156 -28.33 91.34 -15.25
N ALA D 157 -27.14 90.94 -14.76
CA ALA D 157 -27.04 90.10 -13.58
C ALA D 157 -27.75 90.74 -12.37
N ARG D 158 -27.36 91.97 -12.01
CA ARG D 158 -27.92 92.73 -10.88
C ARG D 158 -29.42 92.96 -11.07
N ASP D 159 -29.83 93.36 -12.28
CA ASP D 159 -31.19 93.76 -12.56
C ASP D 159 -32.15 92.58 -12.52
N SER D 160 -31.73 91.45 -13.12
CA SER D 160 -32.54 90.24 -13.19
C SER D 160 -32.65 89.57 -11.81
N SER D 161 -31.58 89.71 -11.02
CA SER D 161 -31.56 89.20 -9.66
C SER D 161 -32.28 90.14 -8.69
N LYS D 162 -32.87 91.23 -9.19
CA LYS D 162 -33.70 92.13 -8.39
C LYS D 162 -32.87 92.72 -7.25
N GLY D 163 -31.60 93.04 -7.52
CA GLY D 163 -30.70 93.61 -6.52
C GLY D 163 -29.99 92.59 -5.64
N LYS D 164 -30.49 91.35 -5.53
CA LYS D 164 -29.99 90.37 -4.57
C LYS D 164 -28.65 89.81 -5.02
N THR D 165 -27.69 89.82 -4.09
CA THR D 165 -26.31 89.43 -4.34
C THR D 165 -26.20 87.93 -4.60
N PRO D 166 -25.04 87.44 -5.08
CA PRO D 166 -24.80 85.99 -5.14
C PRO D 166 -24.87 85.36 -3.75
N PHE D 167 -24.36 86.09 -2.74
CA PHE D 167 -24.27 85.62 -1.37
C PHE D 167 -25.58 85.85 -0.61
N VAL D 168 -25.77 85.05 0.45
CA VAL D 168 -26.88 85.22 1.38
C VAL D 168 -26.73 86.47 2.28
N ASP D 169 -25.49 86.91 2.57
CA ASP D 169 -25.25 88.24 3.12
C ASP D 169 -24.51 89.16 2.12
N SER D 170 -25.20 90.24 1.73
CA SER D 170 -24.75 91.21 0.74
C SER D 170 -23.42 91.86 1.12
N ARG D 171 -23.08 91.92 2.41
CA ARG D 171 -21.83 92.52 2.86
C ARG D 171 -20.62 91.82 2.26
N ALA D 172 -20.75 90.51 2.02
CA ALA D 172 -19.73 89.75 1.31
C ALA D 172 -19.43 90.36 -0.07
N TYR D 173 -20.47 90.85 -0.80
CA TYR D 173 -20.36 91.40 -2.15
C TYR D 173 -19.54 92.72 -2.17
N GLY D 174 -19.73 93.55 -1.17
CA GLY D 174 -18.95 94.78 -1.12
C GLY D 174 -17.51 94.69 -0.58
N LEU D 175 -17.11 93.54 -0.02
CA LEU D 175 -16.09 93.42 1.00
C LEU D 175 -14.68 93.85 0.53
N ARG D 176 -14.32 93.73 -0.76
CA ARG D 176 -13.06 94.20 -1.36
C ARG D 176 -11.84 93.97 -0.49
N ILE D 177 -11.50 92.68 -0.40
CA ILE D 177 -10.54 92.09 0.50
C ILE D 177 -9.12 92.59 0.20
N THR D 178 -8.33 92.77 1.28
CA THR D 178 -6.94 93.24 1.21
C THR D 178 -5.92 92.25 1.80
N ASP D 179 -6.40 91.17 2.47
CA ASP D 179 -5.54 90.18 3.10
C ASP D 179 -5.73 88.77 2.53
N MET D 180 -4.62 88.03 2.42
CA MET D 180 -4.68 86.72 1.80
C MET D 180 -5.49 85.75 2.65
N SER D 181 -5.46 85.90 3.97
CA SER D 181 -6.12 84.97 4.85
C SER D 181 -7.63 84.93 4.61
N THR D 182 -8.24 86.11 4.55
CA THR D 182 -9.66 86.23 4.30
C THR D 182 -9.97 85.89 2.85
N LEU D 183 -9.08 86.23 1.90
CA LEU D 183 -9.26 85.84 0.51
C LEU D 183 -9.37 84.33 0.36
N VAL D 184 -8.40 83.56 0.86
CA VAL D 184 -8.43 82.12 0.73
C VAL D 184 -9.60 81.49 1.48
N SER D 185 -9.94 82.07 2.64
CA SER D 185 -11.15 81.65 3.33
C SER D 185 -12.37 81.76 2.40
N ALA D 186 -12.49 82.89 1.71
CA ALA D 186 -13.60 83.25 0.84
C ALA D 186 -13.60 82.35 -0.40
N VAL D 187 -12.49 82.37 -1.12
CA VAL D 187 -12.33 81.63 -2.37
C VAL D 187 -12.65 80.18 -2.09
N ILE D 188 -12.00 79.57 -1.11
CA ILE D 188 -12.18 78.16 -0.84
C ILE D 188 -13.65 77.89 -0.54
N THR D 189 -14.37 78.87 0.01
CA THR D 189 -15.75 78.62 0.40
C THR D 189 -16.67 78.69 -0.84
N ILE D 190 -16.42 79.62 -1.76
CA ILE D 190 -17.16 79.66 -3.02
C ILE D 190 -16.80 78.46 -3.88
N GLU D 191 -15.53 78.10 -3.96
CA GLU D 191 -15.14 76.91 -4.73
C GLU D 191 -15.84 75.68 -4.20
N ALA D 192 -15.74 75.45 -2.92
CA ALA D 192 -16.41 74.30 -2.33
C ALA D 192 -17.87 74.28 -2.75
N GLN D 193 -18.52 75.45 -2.81
CA GLN D 193 -19.91 75.58 -3.21
C GLN D 193 -20.17 75.21 -4.68
N ILE D 194 -19.18 75.33 -5.57
CA ILE D 194 -19.29 74.81 -6.91
C ILE D 194 -19.13 73.29 -6.88
N TRP D 195 -18.12 72.83 -6.17
CA TRP D 195 -17.75 71.45 -6.16
C TRP D 195 -18.77 70.60 -5.47
N ILE D 196 -19.57 71.11 -4.54
CA ILE D 196 -20.65 70.31 -3.97
C ILE D 196 -21.68 69.95 -5.03
N LEU D 197 -21.76 70.78 -6.11
CA LEU D 197 -22.75 70.62 -7.17
C LEU D 197 -22.46 69.43 -8.08
N ILE D 198 -21.19 69.37 -8.54
CA ILE D 198 -20.71 68.43 -9.53
C ILE D 198 -21.12 66.96 -9.22
N ALA D 199 -21.27 66.58 -7.98
CA ALA D 199 -21.71 65.26 -7.53
C ALA D 199 -23.08 64.85 -8.00
N LYS D 200 -23.92 65.85 -8.27
CA LYS D 200 -25.25 65.60 -8.80
C LYS D 200 -25.58 66.36 -10.12
N ALA D 201 -24.72 67.27 -10.60
CA ALA D 201 -25.03 68.20 -11.69
C ALA D 201 -25.42 67.49 -12.98
N VAL D 202 -24.91 66.29 -13.18
CA VAL D 202 -25.17 65.58 -14.40
C VAL D 202 -26.00 64.30 -14.12
N THR D 203 -26.36 63.99 -12.89
CA THR D 203 -26.99 62.70 -12.57
C THR D 203 -28.39 62.83 -11.94
N ALA D 204 -28.61 63.95 -11.23
CA ALA D 204 -29.94 64.47 -10.92
C ALA D 204 -29.76 65.94 -10.58
N PRO D 205 -29.80 66.80 -11.60
CA PRO D 205 -29.57 68.24 -11.43
C PRO D 205 -30.62 69.01 -10.66
N ASP D 206 -31.71 68.33 -10.28
CA ASP D 206 -32.67 68.83 -9.31
C ASP D 206 -32.94 67.66 -8.36
N THR D 207 -33.53 67.94 -7.19
CA THR D 207 -33.36 67.16 -5.98
C THR D 207 -31.93 67.20 -5.45
N ALA D 208 -31.09 68.04 -6.03
CA ALA D 208 -29.69 68.12 -5.65
C ALA D 208 -29.49 68.91 -4.36
N GLU D 209 -30.39 69.88 -4.08
CA GLU D 209 -30.24 70.82 -2.98
C GLU D 209 -30.07 70.08 -1.65
N GLU D 210 -30.80 68.96 -1.44
CA GLU D 210 -30.72 68.19 -0.19
C GLU D 210 -29.27 67.74 0.08
N SER D 211 -28.69 67.07 -0.91
CA SER D 211 -27.31 66.64 -0.83
C SER D 211 -26.36 67.83 -0.67
N GLU D 212 -26.53 68.87 -1.48
CA GLU D 212 -25.57 69.96 -1.50
C GLU D 212 -25.55 70.73 -0.17
N THR D 213 -26.71 70.91 0.46
CA THR D 213 -26.82 71.46 1.80
C THR D 213 -26.28 70.52 2.89
N ARG D 214 -26.52 69.21 2.79
CA ARG D 214 -25.95 68.25 3.73
C ARG D 214 -24.42 68.26 3.70
N ARG D 215 -23.82 68.33 2.51
CA ARG D 215 -22.37 68.48 2.35
C ARG D 215 -21.91 69.85 2.84
N TRP D 216 -22.71 70.90 2.67
CA TRP D 216 -22.36 72.22 3.14
C TRP D 216 -22.24 72.29 4.66
N ALA D 217 -23.25 71.71 5.30
CA ALA D 217 -23.28 71.51 6.75
C ALA D 217 -21.97 70.94 7.32
N LYS D 218 -21.52 69.82 6.76
CA LYS D 218 -20.26 69.21 7.12
C LYS D 218 -19.08 70.18 6.99
N TYR D 219 -18.87 70.87 5.89
CA TYR D 219 -17.65 71.65 5.71
C TYR D 219 -17.60 72.88 6.62
N VAL D 220 -18.79 73.40 6.95
CA VAL D 220 -18.83 74.50 7.90
C VAL D 220 -18.68 74.02 9.33
N GLN D 221 -19.32 72.89 9.68
CA GLN D 221 -19.18 72.28 11.01
C GLN D 221 -17.71 71.92 11.31
N GLN D 222 -17.02 71.41 10.32
CA GLN D 222 -15.61 71.15 10.43
C GLN D 222 -14.76 72.40 10.30
N LYS D 223 -15.36 73.57 10.16
CA LYS D 223 -14.66 74.84 10.14
C LYS D 223 -13.65 74.97 9.00
N ARG D 224 -13.89 74.22 7.90
CA ARG D 224 -13.03 74.28 6.73
C ARG D 224 -13.41 75.44 5.81
N VAL D 225 -14.68 75.84 5.85
CA VAL D 225 -15.18 76.93 4.99
C VAL D 225 -15.95 77.92 5.83
N ASN D 226 -15.88 79.20 5.44
CA ASN D 226 -16.37 80.33 6.22
C ASN D 226 -17.78 80.76 5.80
N PRO D 227 -18.87 80.45 6.56
CA PRO D 227 -20.26 80.54 6.06
C PRO D 227 -20.76 81.97 5.81
N PHE D 228 -19.94 82.97 6.16
CA PHE D 228 -20.14 84.34 5.71
C PHE D 228 -20.26 84.41 4.18
N PHE D 229 -19.49 83.57 3.51
CA PHE D 229 -19.54 83.52 2.05
C PHE D 229 -20.53 82.49 1.45
N ALA D 230 -21.57 82.09 2.17
CA ALA D 230 -22.55 81.18 1.58
C ALA D 230 -23.31 81.84 0.41
N LEU D 231 -23.49 81.07 -0.66
CA LEU D 231 -24.15 81.51 -1.89
C LEU D 231 -25.62 81.07 -1.91
N THR D 232 -26.47 81.95 -2.50
CA THR D 232 -27.92 81.83 -2.58
C THR D 232 -28.35 80.66 -3.48
N GLN D 233 -29.46 79.96 -3.17
CA GLN D 233 -29.94 78.90 -4.09
C GLN D 233 -30.10 79.32 -5.53
N GLN D 234 -30.43 80.60 -5.73
CA GLN D 234 -30.52 81.18 -7.07
C GLN D 234 -29.19 81.08 -7.83
N TRP D 235 -28.12 81.56 -7.20
CA TRP D 235 -26.80 81.51 -7.80
C TRP D 235 -26.31 80.08 -7.97
N LEU D 236 -26.51 79.28 -6.94
CA LEU D 236 -26.09 77.89 -7.05
C LEU D 236 -26.82 77.14 -8.15
N THR D 237 -28.09 77.41 -8.38
CA THR D 237 -28.80 76.75 -9.47
C THR D 237 -28.36 77.26 -10.84
N GLU D 238 -28.06 78.54 -10.98
CA GLU D 238 -27.45 79.06 -12.21
C GLU D 238 -26.09 78.45 -12.55
N MET D 239 -25.27 78.20 -11.53
CA MET D 239 -24.04 77.46 -11.72
C MET D 239 -24.22 75.94 -11.93
N ARG D 240 -25.17 75.34 -11.19
CA ARG D 240 -25.49 73.93 -11.38
C ARG D 240 -25.96 73.66 -12.81
N ASN D 241 -26.76 74.57 -13.37
CA ASN D 241 -27.24 74.44 -14.72
C ASN D 241 -26.11 74.60 -15.71
N LEU D 242 -25.19 75.54 -15.48
CA LEU D 242 -24.03 75.61 -16.35
C LEU D 242 -23.25 74.31 -16.36
N LEU D 243 -23.08 73.67 -15.20
CA LEU D 243 -22.45 72.35 -15.15
C LEU D 243 -23.22 71.24 -15.87
N SER D 244 -24.54 71.21 -15.71
CA SER D 244 -25.33 70.21 -16.39
C SER D 244 -25.21 70.33 -17.91
N GLN D 245 -25.16 71.55 -18.44
CA GLN D 245 -25.34 71.75 -19.88
C GLN D 245 -24.02 71.96 -20.61
N SER D 246 -22.91 72.08 -19.89
CA SER D 246 -21.60 72.13 -20.53
C SER D 246 -20.79 70.90 -20.13
N LEU D 247 -20.31 70.18 -21.15
CA LEU D 247 -19.36 69.09 -20.94
C LEU D 247 -17.97 69.69 -20.75
N SER D 248 -17.64 70.82 -21.44
CA SER D 248 -16.29 71.38 -21.31
C SER D 248 -15.91 71.71 -19.86
N VAL D 249 -16.85 72.24 -19.07
CA VAL D 249 -16.56 72.48 -17.65
C VAL D 249 -16.48 71.19 -16.82
N ARG D 250 -17.34 70.20 -17.07
CA ARG D 250 -17.16 68.92 -16.42
C ARG D 250 -15.86 68.19 -16.78
N LYS D 251 -15.38 68.34 -18.01
CA LYS D 251 -14.04 67.89 -18.41
C LYS D 251 -12.95 68.49 -17.55
N PHE D 252 -12.93 69.83 -17.41
CA PHE D 252 -11.99 70.47 -16.51
C PHE D 252 -12.11 70.02 -15.05
N MET D 253 -13.32 69.97 -14.54
CA MET D 253 -13.52 69.47 -13.20
C MET D 253 -12.99 68.08 -12.99
N VAL D 254 -13.35 67.12 -13.83
CA VAL D 254 -12.85 65.77 -13.62
C VAL D 254 -11.34 65.64 -13.85
N GLU D 255 -10.78 66.45 -14.73
CA GLU D 255 -9.34 66.48 -14.90
C GLU D 255 -8.68 66.83 -13.58
N ILE D 256 -9.10 67.95 -12.94
CA ILE D 256 -8.53 68.39 -11.67
C ILE D 256 -8.89 67.47 -10.52
N LEU D 257 -10.07 66.89 -10.56
CA LEU D 257 -10.46 65.93 -9.53
C LEU D 257 -9.61 64.66 -9.52
N ILE D 258 -9.25 64.13 -10.70
CA ILE D 258 -8.32 63.00 -10.82
C ILE D 258 -6.92 63.47 -10.38
N GLU D 259 -6.53 64.69 -10.77
CA GLU D 259 -5.21 65.18 -10.50
C GLU D 259 -4.92 65.23 -9.00
N VAL D 260 -5.90 65.74 -8.25
CA VAL D 260 -5.69 65.90 -6.80
C VAL D 260 -5.98 64.63 -6.03
N LYS D 261 -6.70 63.67 -6.60
CA LYS D 261 -6.93 62.36 -5.99
C LYS D 261 -5.63 61.54 -5.92
N LYS D 262 -4.64 61.85 -6.78
CA LYS D 262 -3.37 61.14 -6.90
C LYS D 262 -2.53 61.33 -5.67
N GLY D 263 -1.71 60.31 -5.35
CA GLY D 263 -1.08 60.20 -4.04
C GLY D 263 0.27 60.92 -4.00
N GLY D 264 0.91 60.86 -2.83
CA GLY D 264 2.35 61.08 -2.77
C GLY D 264 2.76 62.55 -2.78
N SER D 265 1.85 63.40 -2.28
CA SER D 265 2.17 64.74 -1.84
C SER D 265 1.28 65.17 -0.67
N ALA D 266 1.81 66.08 0.13
CA ALA D 266 0.98 66.85 1.03
C ALA D 266 0.09 67.81 0.24
N LYS D 267 -1.00 68.23 0.89
CA LYS D 267 -2.06 69.00 0.29
C LYS D 267 -2.28 70.30 1.06
N GLY D 268 -2.58 71.37 0.30
CA GLY D 268 -3.18 72.59 0.86
C GLY D 268 -4.68 72.39 1.12
N ARG D 269 -5.25 73.12 2.09
CA ARG D 269 -6.62 72.86 2.49
C ARG D 269 -7.52 72.93 1.28
N ALA D 270 -7.15 73.83 0.35
CA ALA D 270 -7.86 74.04 -0.88
C ALA D 270 -8.02 72.72 -1.68
N VAL D 271 -6.93 72.07 -2.10
CA VAL D 271 -7.08 70.84 -2.89
C VAL D 271 -7.59 69.70 -2.07
N GLU D 272 -7.36 69.76 -0.77
CA GLU D 272 -7.85 68.73 0.13
C GLU D 272 -9.38 68.75 0.12
N ILE D 273 -9.98 69.96 0.17
CA ILE D 273 -11.42 70.02 0.20
C ILE D 273 -12.02 69.49 -1.10
N ILE D 274 -11.36 69.77 -2.23
CA ILE D 274 -11.75 69.19 -3.51
C ILE D 274 -11.69 67.67 -3.46
N SER D 275 -10.59 67.13 -2.91
CA SER D 275 -10.38 65.70 -2.82
C SER D 275 -11.48 65.07 -1.99
N ASP D 276 -11.89 65.77 -0.91
CA ASP D 276 -12.89 65.33 0.05
C ASP D 276 -14.23 65.20 -0.66
N ILE D 277 -14.57 66.27 -1.41
CA ILE D 277 -15.75 66.27 -2.26
C ILE D 277 -15.73 65.09 -3.24
N GLY D 278 -14.56 64.84 -3.81
CA GLY D 278 -14.39 63.76 -4.76
C GLY D 278 -15.09 62.50 -4.29
N ASN D 279 -15.07 62.20 -2.98
CA ASN D 279 -15.59 60.93 -2.51
C ASN D 279 -17.12 60.82 -2.65
N TYR D 280 -17.73 61.95 -3.03
CA TYR D 280 -19.15 61.98 -3.34
C TYR D 280 -19.36 61.92 -4.86
N VAL D 281 -18.34 62.44 -5.62
CA VAL D 281 -18.35 62.53 -7.06
C VAL D 281 -18.04 61.18 -7.73
N GLU D 282 -17.14 60.39 -7.17
CA GLU D 282 -16.86 59.03 -7.62
C GLU D 282 -18.12 58.16 -7.63
N GLU D 283 -18.14 57.16 -8.50
CA GLU D 283 -19.20 56.23 -8.82
C GLU D 283 -20.50 56.94 -9.31
N THR D 284 -20.56 58.30 -9.43
CA THR D 284 -21.76 59.04 -9.78
C THR D 284 -22.33 58.61 -11.12
N GLY D 285 -23.64 58.42 -11.11
CA GLY D 285 -24.28 58.04 -12.35
C GLY D 285 -23.99 56.59 -12.74
N MET D 286 -23.44 55.78 -11.82
CA MET D 286 -23.31 54.35 -12.05
C MET D 286 -23.93 53.53 -10.93
N ALA D 287 -24.91 54.13 -10.23
CA ALA D 287 -25.60 53.54 -9.10
C ALA D 287 -25.93 52.05 -9.30
N GLY D 288 -26.61 51.78 -10.43
CA GLY D 288 -27.08 50.46 -10.78
C GLY D 288 -25.95 49.44 -10.83
N PHE D 289 -24.82 49.79 -11.47
CA PHE D 289 -23.64 48.93 -11.62
C PHE D 289 -23.14 48.45 -10.26
N PHE D 290 -22.72 49.41 -9.45
CA PHE D 290 -22.14 49.11 -8.17
C PHE D 290 -23.15 48.47 -7.28
N ALA D 291 -24.42 48.83 -7.41
CA ALA D 291 -25.46 48.20 -6.60
C ALA D 291 -25.61 46.70 -6.93
N THR D 292 -25.39 46.31 -8.17
CA THR D 292 -25.39 44.89 -8.46
C THR D 292 -24.18 44.18 -7.85
N ILE D 293 -23.05 44.88 -7.68
CA ILE D 293 -21.89 44.31 -7.04
C ILE D 293 -22.20 44.18 -5.55
N ARG D 294 -22.58 45.28 -4.87
CA ARG D 294 -22.91 45.27 -3.45
C ARG D 294 -23.96 44.21 -3.15
N PHE D 295 -25.15 44.36 -3.74
CA PHE D 295 -26.37 43.73 -3.25
C PHE D 295 -26.81 42.55 -4.11
N GLY D 296 -26.10 42.28 -5.21
CA GLY D 296 -26.30 41.06 -5.97
C GLY D 296 -25.12 40.11 -5.70
N LEU D 297 -23.91 40.53 -6.11
CA LEU D 297 -22.74 39.66 -6.26
C LEU D 297 -22.15 39.34 -4.89
N GLU D 298 -21.70 40.36 -4.18
CA GLU D 298 -20.81 40.13 -3.04
C GLU D 298 -21.61 39.67 -1.84
N THR D 299 -22.94 39.81 -1.89
CA THR D 299 -23.83 39.23 -0.90
C THR D 299 -24.01 37.72 -1.04
N ARG D 300 -23.69 37.15 -2.21
CA ARG D 300 -23.53 35.72 -2.44
C ARG D 300 -24.74 34.88 -2.03
N TYR D 301 -25.95 35.41 -2.25
CA TYR D 301 -27.16 34.66 -1.91
C TYR D 301 -27.26 33.32 -2.64
N PRO D 302 -27.97 32.32 -2.06
CA PRO D 302 -28.28 31.04 -2.72
C PRO D 302 -28.86 31.17 -4.13
N ALA D 303 -29.57 32.27 -4.36
CA ALA D 303 -30.17 32.59 -5.66
C ALA D 303 -29.14 32.67 -6.80
N LEU D 304 -27.85 32.88 -6.54
CA LEU D 304 -26.84 32.90 -7.59
C LEU D 304 -26.60 31.54 -8.24
N ALA D 305 -27.22 30.48 -7.70
CA ALA D 305 -27.19 29.18 -8.36
C ALA D 305 -28.17 29.09 -9.54
N LEU D 306 -29.07 30.07 -9.69
CA LEU D 306 -30.07 30.01 -10.77
C LEU D 306 -29.43 30.33 -12.12
N ASN D 307 -29.72 29.43 -13.10
CA ASN D 307 -28.91 29.24 -14.28
C ASN D 307 -28.83 30.51 -15.12
N GLU D 308 -29.93 31.28 -15.09
CA GLU D 308 -30.08 32.45 -15.94
C GLU D 308 -29.06 33.53 -15.60
N PHE D 309 -28.79 33.66 -14.29
CA PHE D 309 -27.90 34.68 -13.82
C PHE D 309 -26.48 34.45 -14.31
N GLN D 310 -26.09 33.22 -14.67
CA GLN D 310 -24.76 32.98 -15.20
C GLN D 310 -24.42 33.92 -16.35
N SER D 311 -25.38 34.20 -17.25
CA SER D 311 -25.11 35.12 -18.35
C SER D 311 -24.73 36.50 -17.84
N ASP D 312 -25.49 36.94 -16.85
CA ASP D 312 -25.27 38.24 -16.27
C ASP D 312 -23.99 38.30 -15.46
N LEU D 313 -23.69 37.25 -14.69
CA LEU D 313 -22.44 37.18 -13.97
C LEU D 313 -21.24 37.28 -14.93
N ASN D 314 -21.30 36.56 -16.05
CA ASN D 314 -20.29 36.65 -17.10
C ASN D 314 -20.18 38.08 -17.61
N THR D 315 -21.33 38.74 -17.72
CA THR D 315 -21.26 40.11 -18.16
C THR D 315 -20.58 40.99 -17.12
N ILE D 316 -20.96 40.85 -15.84
CA ILE D 316 -20.38 41.76 -14.87
C ILE D 316 -18.88 41.49 -14.72
N LYS D 317 -18.43 40.24 -14.85
CA LYS D 317 -17.01 39.95 -14.84
C LYS D 317 -16.33 40.72 -15.95
N SER D 318 -16.90 40.69 -17.15
CA SER D 318 -16.35 41.42 -18.28
C SER D 318 -16.34 42.93 -18.01
N LEU D 319 -17.37 43.42 -17.30
CA LEU D 319 -17.46 44.81 -16.92
C LEU D 319 -16.40 45.18 -15.88
N MET D 320 -16.12 44.32 -14.90
CA MET D 320 -15.12 44.62 -13.87
C MET D 320 -13.77 44.75 -14.51
N LEU D 321 -13.45 43.80 -15.38
CA LEU D 321 -12.18 43.84 -16.08
C LEU D 321 -12.15 45.05 -16.99
N LEU D 322 -13.27 45.39 -17.60
CA LEU D 322 -13.37 46.56 -18.46
C LEU D 322 -13.13 47.85 -17.64
N TYR D 323 -13.73 47.91 -16.45
CA TYR D 323 -13.56 49.04 -15.56
C TYR D 323 -12.08 49.24 -15.29
N ARG D 324 -11.43 48.11 -14.96
CA ARG D 324 -9.99 48.12 -14.71
C ARG D 324 -9.23 48.65 -15.92
N GLU D 325 -9.64 48.23 -17.12
CA GLU D 325 -9.00 48.60 -18.37
C GLU D 325 -9.12 50.08 -18.64
N ILE D 326 -10.24 50.68 -18.26
CA ILE D 326 -10.43 52.11 -18.52
C ILE D 326 -9.47 52.92 -17.63
N GLY D 327 -9.24 52.42 -16.40
CA GLY D 327 -8.32 53.01 -15.43
C GLY D 327 -8.85 54.26 -14.72
N PRO D 328 -8.06 55.37 -14.62
CA PRO D 328 -8.37 56.48 -13.71
C PRO D 328 -9.70 57.19 -13.96
N ARG D 329 -10.16 57.19 -15.21
CA ARG D 329 -11.40 57.91 -15.53
C ARG D 329 -12.61 57.14 -15.12
N ALA D 330 -12.48 55.86 -14.79
CA ALA D 330 -13.61 54.93 -14.62
C ALA D 330 -14.71 55.42 -13.66
N PRO D 331 -14.35 55.93 -12.48
CA PRO D 331 -15.33 56.42 -11.54
C PRO D 331 -16.09 57.69 -11.95
N TYR D 332 -15.73 58.33 -13.04
CA TYR D 332 -16.28 59.61 -13.43
C TYR D 332 -16.82 59.58 -14.88
N MET D 333 -17.12 58.36 -15.38
CA MET D 333 -17.36 58.25 -16.81
C MET D 333 -18.68 58.86 -17.22
N VAL D 334 -19.51 59.19 -16.25
CA VAL D 334 -20.79 59.77 -16.54
C VAL D 334 -20.63 61.28 -16.69
N LEU D 335 -19.80 61.86 -15.86
CA LEU D 335 -19.58 63.30 -15.91
C LEU D 335 -18.82 63.62 -17.18
N LEU D 336 -17.68 62.92 -17.40
CA LEU D 336 -17.04 62.99 -18.69
C LEU D 336 -17.90 62.08 -19.55
N GLU D 337 -18.53 62.54 -20.65
CA GLU D 337 -19.65 61.75 -21.17
C GLU D 337 -19.24 60.60 -22.11
N GLU D 338 -18.58 59.60 -21.55
CA GLU D 338 -17.89 58.59 -22.36
C GLU D 338 -18.82 57.47 -22.73
N SER D 339 -18.86 57.18 -24.04
CA SER D 339 -19.62 56.10 -24.64
C SER D 339 -19.66 54.80 -23.83
N ILE D 340 -18.51 54.45 -23.25
CA ILE D 340 -18.40 53.18 -22.58
C ILE D 340 -19.45 53.05 -21.50
N GLN D 341 -19.92 54.17 -20.96
CA GLN D 341 -20.90 54.20 -19.89
C GLN D 341 -22.05 53.24 -20.23
N THR D 342 -22.44 53.25 -21.51
CA THR D 342 -23.60 52.49 -21.95
C THR D 342 -23.45 51.04 -21.59
N LYS D 343 -22.20 50.56 -21.69
CA LYS D 343 -21.85 49.15 -21.48
C LYS D 343 -22.27 48.81 -20.06
N PHE D 344 -21.91 49.77 -19.20
CA PHE D 344 -22.09 49.70 -17.77
C PHE D 344 -23.53 49.80 -17.33
N ALA D 345 -24.38 50.38 -18.17
CA ALA D 345 -25.76 50.51 -17.77
C ALA D 345 -26.41 49.17 -17.40
N PRO D 346 -27.24 49.07 -16.34
CA PRO D 346 -27.85 47.80 -15.92
C PRO D 346 -28.81 47.11 -16.91
N GLY D 347 -29.25 47.85 -17.97
CA GLY D 347 -29.94 47.22 -19.11
C GLY D 347 -29.12 46.05 -19.68
N GLY D 348 -27.79 46.08 -19.50
CA GLY D 348 -26.87 45.05 -19.96
C GLY D 348 -26.88 43.78 -19.12
N TYR D 349 -27.53 43.77 -17.94
CA TYR D 349 -27.51 42.62 -17.02
C TYR D 349 -28.72 42.69 -16.11
N PRO D 350 -29.90 42.81 -16.70
CA PRO D 350 -31.10 43.22 -15.98
C PRO D 350 -31.67 42.18 -15.01
N LEU D 351 -31.37 40.87 -15.20
CA LEU D 351 -31.83 39.89 -14.23
C LEU D 351 -31.07 40.02 -12.92
N LEU D 352 -29.77 40.06 -13.03
CA LEU D 352 -28.93 40.29 -11.87
C LEU D 352 -29.24 41.64 -11.20
N TRP D 353 -29.42 42.69 -12.01
CA TRP D 353 -29.74 44.02 -11.50
C TRP D 353 -31.08 44.04 -10.80
N SER D 354 -32.14 43.50 -11.40
CA SER D 354 -33.44 43.47 -10.75
C SER D 354 -33.41 42.74 -9.41
N PHE D 355 -32.74 41.59 -9.36
CA PHE D 355 -32.50 40.88 -8.12
C PHE D 355 -31.73 41.71 -7.10
N ALA D 356 -30.60 42.33 -7.53
CA ALA D 356 -29.75 43.16 -6.69
C ALA D 356 -30.47 44.39 -6.10
N MET D 357 -31.33 45.04 -6.90
CA MET D 357 -32.15 46.13 -6.38
C MET D 357 -33.19 45.59 -5.40
N GLY D 358 -33.73 44.38 -5.65
CA GLY D 358 -34.61 43.69 -4.73
C GLY D 358 -34.02 43.48 -3.35
N VAL D 359 -32.75 43.08 -3.33
CA VAL D 359 -31.98 43.02 -2.09
C VAL D 359 -31.75 44.43 -1.52
N ALA D 360 -31.19 45.36 -2.31
CA ALA D 360 -30.75 46.68 -1.87
C ALA D 360 -31.87 47.44 -1.15
N THR D 361 -33.03 47.51 -1.80
CA THR D 361 -34.18 48.24 -1.30
C THR D 361 -34.73 47.59 -0.02
N THR D 362 -34.52 46.28 0.16
CA THR D 362 -34.98 45.56 1.34
C THR D 362 -34.03 45.75 2.53
N ILE D 363 -32.74 45.89 2.25
CA ILE D 363 -31.74 45.82 3.30
C ILE D 363 -31.40 47.21 3.79
N ASP D 364 -31.16 48.13 2.85
CA ASP D 364 -30.52 49.40 3.16
C ASP D 364 -31.58 50.51 3.16
N ARG D 365 -31.75 51.19 4.30
CA ARG D 365 -32.82 52.19 4.35
C ARG D 365 -32.45 53.45 3.58
N SER D 366 -31.19 53.60 3.12
CA SER D 366 -30.80 54.64 2.19
C SER D 366 -31.28 54.35 0.77
N MET D 367 -31.34 53.07 0.37
CA MET D 367 -31.77 52.67 -0.97
C MET D 367 -33.27 52.91 -1.10
N GLY D 368 -33.77 52.75 -2.32
CA GLY D 368 -35.20 52.95 -2.52
C GLY D 368 -35.58 54.42 -2.68
N ALA D 369 -34.77 55.31 -2.08
CA ALA D 369 -34.77 56.71 -2.46
C ALA D 369 -34.06 56.92 -3.82
N LEU D 370 -33.26 55.94 -4.30
CA LEU D 370 -32.83 55.96 -5.69
C LEU D 370 -33.93 55.37 -6.61
N ASN D 371 -34.29 56.08 -7.68
CA ASN D 371 -35.34 55.70 -8.63
C ASN D 371 -34.97 54.44 -9.44
N ILE D 372 -35.82 53.39 -9.33
CA ILE D 372 -35.61 52.16 -10.09
C ILE D 372 -36.74 51.83 -11.09
N ASN D 373 -37.52 52.86 -11.46
CA ASN D 373 -38.45 52.76 -12.59
C ASN D 373 -37.70 52.77 -13.92
N ARG D 374 -37.34 51.57 -14.41
CA ARG D 374 -36.76 51.30 -15.73
C ARG D 374 -37.46 50.07 -16.33
N GLY D 375 -37.42 49.94 -17.67
CA GLY D 375 -38.23 48.99 -18.42
C GLY D 375 -37.93 47.53 -18.10
N TYR D 376 -36.65 47.28 -17.84
CA TYR D 376 -36.03 45.96 -17.69
C TYR D 376 -35.94 45.49 -16.24
N LEU D 377 -37.01 45.79 -15.48
CA LEU D 377 -37.09 45.51 -14.06
C LEU D 377 -37.35 44.03 -13.78
N GLU D 378 -37.92 43.26 -14.69
CA GLU D 378 -38.06 41.81 -14.53
C GLU D 378 -38.52 41.37 -13.14
N PRO D 379 -39.70 41.83 -12.63
CA PRO D 379 -39.94 41.92 -11.19
C PRO D 379 -40.05 40.59 -10.47
N MET D 380 -40.20 39.44 -11.18
CA MET D 380 -40.03 38.18 -10.49
C MET D 380 -38.65 37.99 -9.82
N TYR D 381 -37.61 38.51 -10.47
CA TYR D 381 -36.23 38.47 -9.96
C TYR D 381 -36.01 39.51 -8.88
N PHE D 382 -36.64 40.67 -8.98
CA PHE D 382 -36.63 41.67 -7.92
C PHE D 382 -37.29 41.11 -6.68
N ARG D 383 -38.45 40.48 -6.83
CA ARG D 383 -39.15 39.83 -5.74
C ARG D 383 -38.32 38.67 -5.18
N LEU D 384 -37.58 37.92 -5.99
CA LEU D 384 -36.61 36.96 -5.47
C LEU D 384 -35.49 37.64 -4.65
N GLY D 385 -35.03 38.84 -5.06
CA GLY D 385 -34.10 39.67 -4.29
C GLY D 385 -34.66 40.05 -2.92
N GLN D 386 -35.87 40.59 -2.93
CA GLN D 386 -36.60 40.89 -1.71
C GLN D 386 -36.84 39.64 -0.86
N LYS D 387 -37.24 38.51 -1.44
CA LYS D 387 -37.44 37.26 -0.73
C LYS D 387 -36.14 36.61 -0.26
N SER D 388 -34.97 36.98 -0.81
CA SER D 388 -33.70 36.56 -0.22
C SER D 388 -33.42 37.32 1.09
N ALA D 389 -33.45 38.66 1.01
CA ALA D 389 -33.08 39.53 2.13
C ALA D 389 -34.16 39.65 3.20
N ARG D 390 -35.44 39.58 2.84
CA ARG D 390 -36.57 39.63 3.76
C ARG D 390 -37.08 38.21 4.04
N HIS D 391 -37.52 37.47 3.01
CA HIS D 391 -38.22 36.21 3.25
C HIS D 391 -37.29 35.12 3.78
N HIS D 392 -36.03 35.15 3.33
CA HIS D 392 -35.02 34.21 3.78
C HIS D 392 -34.31 34.79 4.99
N ALA D 393 -34.89 35.82 5.65
CA ALA D 393 -34.39 36.40 6.90
C ALA D 393 -32.94 36.84 6.77
N GLY D 394 -32.65 37.63 5.74
CA GLY D 394 -31.30 38.05 5.41
C GLY D 394 -30.45 36.96 4.77
N GLY D 395 -31.10 35.90 4.24
CA GLY D 395 -30.45 34.65 3.84
C GLY D 395 -29.83 33.91 5.02
N ILE D 396 -30.52 33.94 6.17
CA ILE D 396 -29.93 33.67 7.48
C ILE D 396 -29.25 32.29 7.59
N ASP D 397 -29.86 31.29 6.95
CA ASP D 397 -29.44 29.89 7.03
C ASP D 397 -28.08 29.68 6.33
N GLN D 398 -27.89 30.33 5.17
CA GLN D 398 -26.80 30.10 4.24
C GLN D 398 -25.55 30.89 4.64
N ASN D 399 -24.96 30.53 5.77
CA ASN D 399 -23.69 31.09 6.23
C ASN D 399 -22.57 30.79 5.21
N MET D 400 -21.82 31.82 4.78
CA MET D 400 -20.90 31.64 3.65
C MET D 400 -19.59 30.93 4.04
N ALA D 401 -19.17 31.06 5.30
CA ALA D 401 -17.83 30.66 5.76
C ALA D 401 -17.79 30.25 7.24
N ASN D 402 -17.04 29.20 7.53
CA ASN D 402 -17.30 28.35 8.68
C ASN D 402 -16.35 28.63 9.85
N ARG D 403 -15.58 29.72 9.76
CA ARG D 403 -14.61 30.07 10.79
C ARG D 403 -15.27 30.39 12.13
N LEU D 404 -16.53 30.87 12.13
CA LEU D 404 -17.31 31.01 13.35
C LEU D 404 -18.03 29.71 13.76
N GLY D 405 -18.51 28.92 12.78
CA GLY D 405 -19.20 27.65 13.02
C GLY D 405 -20.41 27.79 13.94
N LEU D 406 -21.19 28.84 13.70
CA LEU D 406 -22.27 29.31 14.56
C LEU D 406 -23.39 28.27 14.71
N SER D 407 -23.97 28.20 15.92
CA SER D 407 -25.04 27.28 16.24
C SER D 407 -26.33 27.60 15.46
N SER D 408 -27.11 26.54 15.17
CA SER D 408 -28.40 26.68 14.52
C SER D 408 -29.35 27.56 15.35
N ASP D 409 -29.26 27.45 16.69
CA ASP D 409 -30.09 28.23 17.61
C ASP D 409 -29.80 29.73 17.45
N GLN D 410 -28.52 30.11 17.29
CA GLN D 410 -28.08 31.47 17.13
C GLN D 410 -28.60 32.06 15.81
N VAL D 411 -28.57 31.26 14.73
CA VAL D 411 -29.15 31.61 13.44
C VAL D 411 -30.68 31.83 13.55
N ALA D 412 -31.38 30.99 14.34
CA ALA D 412 -32.81 31.16 14.58
C ALA D 412 -33.10 32.45 15.35
N GLU D 413 -32.25 32.79 16.34
CA GLU D 413 -32.35 34.02 17.10
C GLU D 413 -32.20 35.25 16.18
N LEU D 414 -31.23 35.18 15.26
CA LEU D 414 -31.01 36.21 14.24
C LEU D 414 -32.23 36.38 13.33
N ALA D 415 -32.87 35.26 12.93
CA ALA D 415 -34.10 35.27 12.13
C ALA D 415 -35.24 35.96 12.89
N ALA D 416 -35.35 35.71 14.21
CA ALA D 416 -36.36 36.33 15.05
C ALA D 416 -36.13 37.84 15.18
N ALA D 417 -34.87 38.24 15.40
CA ALA D 417 -34.51 39.63 15.70
C ALA D 417 -34.58 40.53 14.46
N VAL D 418 -34.34 39.94 13.27
CA VAL D 418 -34.32 40.65 11.99
C VAL D 418 -35.69 41.22 11.58
N GLN D 419 -36.81 40.64 12.09
CA GLN D 419 -38.20 40.98 11.80
C GLN D 419 -38.58 40.79 10.33
N GLU D 420 -37.83 39.92 9.62
CA GLU D 420 -38.12 39.40 8.28
C GLU D 420 -38.57 40.50 7.32
N ILE E 26 -15.66 33.35 -10.04
CA ILE E 26 -16.73 34.42 -9.81
C ILE E 26 -16.31 35.45 -8.76
N PHE E 27 -16.50 35.21 -7.46
CA PHE E 27 -16.47 36.18 -6.38
C PHE E 27 -15.10 36.81 -6.15
N GLU E 28 -14.05 36.02 -6.42
CA GLU E 28 -12.68 36.46 -6.22
C GLU E 28 -12.43 37.75 -7.03
N GLU E 29 -13.04 37.81 -8.21
CA GLU E 29 -12.77 38.91 -9.10
C GLU E 29 -13.41 40.20 -8.53
N ALA E 30 -14.60 40.07 -7.98
CA ALA E 30 -15.34 41.12 -7.30
C ALA E 30 -14.58 41.65 -6.09
N ALA E 31 -14.07 40.77 -5.25
CA ALA E 31 -13.27 41.20 -4.11
C ALA E 31 -12.01 41.95 -4.57
N SER E 32 -11.34 41.47 -5.63
CA SER E 32 -10.19 42.18 -6.19
C SER E 32 -10.59 43.52 -6.82
N PHE E 33 -11.80 43.58 -7.36
CA PHE E 33 -12.36 44.77 -7.95
C PHE E 33 -12.65 45.81 -6.86
N ARG E 34 -13.23 45.43 -5.71
CA ARG E 34 -13.40 46.32 -4.59
C ARG E 34 -12.05 46.94 -4.23
N SER E 35 -11.04 46.08 -4.21
CA SER E 35 -9.71 46.55 -3.87
C SER E 35 -9.25 47.55 -4.91
N TYR E 36 -9.53 47.24 -6.18
CA TYR E 36 -9.09 48.04 -7.31
C TYR E 36 -9.70 49.43 -7.22
N GLN E 37 -11.01 49.51 -7.00
CA GLN E 37 -11.71 50.77 -6.85
C GLN E 37 -11.00 51.60 -5.79
N SER E 38 -10.70 50.96 -4.64
CA SER E 38 -10.16 51.60 -3.45
C SER E 38 -8.78 52.21 -3.70
N LYS E 39 -8.02 51.56 -4.59
CA LYS E 39 -6.67 52.00 -4.85
C LYS E 39 -6.53 52.72 -6.21
N LEU E 40 -7.57 52.76 -7.02
CA LEU E 40 -7.54 53.35 -8.36
C LEU E 40 -7.27 54.86 -8.26
N GLY E 41 -6.31 55.35 -9.06
CA GLY E 41 -5.64 56.64 -8.86
C GLY E 41 -4.58 56.39 -7.81
N ARG E 42 -4.46 57.23 -6.77
CA ARG E 42 -3.73 56.90 -5.54
C ARG E 42 -2.30 56.41 -5.83
N ASP E 43 -1.71 57.02 -6.87
CA ASP E 43 -0.35 56.75 -7.30
C ASP E 43 0.22 57.97 -7.99
N GLY E 44 1.50 57.86 -8.40
CA GLY E 44 2.25 58.92 -9.05
C GLY E 44 2.46 60.13 -8.13
N ARG E 45 2.34 61.32 -8.75
CA ARG E 45 2.51 62.62 -8.15
C ARG E 45 1.44 63.56 -8.73
N ALA E 46 0.84 64.41 -7.89
CA ALA E 46 0.03 65.53 -8.37
C ALA E 46 0.94 66.58 -9.02
N SER E 47 0.50 67.13 -10.17
CA SER E 47 1.25 68.17 -10.86
C SER E 47 1.26 69.48 -10.07
N ALA E 48 2.39 70.19 -10.19
CA ALA E 48 2.60 71.47 -9.52
C ALA E 48 1.61 72.53 -9.99
N ALA E 49 0.86 72.31 -11.08
CA ALA E 49 -0.23 73.19 -11.48
C ALA E 49 -1.37 73.26 -10.43
N THR E 50 -1.47 72.26 -9.55
CA THR E 50 -2.39 72.29 -8.41
C THR E 50 -1.95 73.17 -7.21
N ALA E 51 -0.76 73.79 -7.27
CA ALA E 51 -0.12 74.38 -6.09
C ALA E 51 -0.87 75.60 -5.52
N THR E 52 -1.24 75.48 -4.24
CA THR E 52 -2.13 76.42 -3.56
C THR E 52 -1.41 77.71 -3.16
N LEU E 53 -2.14 78.85 -3.12
CA LEU E 53 -1.69 80.11 -2.50
C LEU E 53 -1.16 79.86 -1.07
N THR E 54 0.11 80.17 -0.81
CA THR E 54 0.59 80.25 0.57
C THR E 54 0.01 81.45 1.31
N THR E 55 -0.17 81.29 2.62
CA THR E 55 -0.41 82.40 3.54
C THR E 55 0.87 82.65 4.33
N LYS E 56 1.32 83.90 4.42
CA LYS E 56 2.62 84.19 5.01
C LYS E 56 2.49 84.49 6.50
N ILE E 57 3.23 83.76 7.36
CA ILE E 57 3.06 83.83 8.82
C ILE E 57 4.40 84.00 9.54
N ARG E 58 4.40 84.82 10.60
CA ARG E 58 5.59 85.10 11.37
C ARG E 58 5.63 84.19 12.60
N ILE E 59 6.74 83.46 12.80
CA ILE E 59 6.97 82.70 14.02
C ILE E 59 8.16 83.30 14.75
N PHE E 60 7.89 83.87 15.92
CA PHE E 60 8.93 84.31 16.82
C PHE E 60 9.52 83.10 17.55
N VAL E 61 10.85 82.98 17.64
CA VAL E 61 11.47 81.88 18.37
C VAL E 61 12.63 82.38 19.24
N PRO E 62 12.91 81.74 20.40
CA PRO E 62 14.15 81.96 21.15
C PRO E 62 15.40 81.68 20.31
N ALA E 63 16.32 82.64 20.40
CA ALA E 63 17.61 82.52 19.74
C ALA E 63 18.63 81.76 20.61
N THR E 64 18.35 81.70 21.93
CA THR E 64 19.35 81.43 22.96
C THR E 64 18.72 80.77 24.19
N ASN E 65 19.58 80.20 25.04
CA ASN E 65 19.18 79.53 26.27
C ASN E 65 19.16 80.50 27.46
N SER E 66 18.39 81.60 27.32
CA SER E 66 18.13 82.55 28.40
C SER E 66 16.73 82.35 28.98
N PRO E 67 16.55 81.95 30.26
CA PRO E 67 15.22 81.80 30.84
C PRO E 67 14.39 83.08 30.90
N GLU E 68 15.08 84.23 31.01
CA GLU E 68 14.43 85.53 31.14
C GLU E 68 13.73 85.89 29.83
N LEU E 69 14.36 85.61 28.68
CA LEU E 69 13.75 85.67 27.37
C LEU E 69 12.58 84.68 27.27
N ARG E 70 12.88 83.41 27.53
CA ARG E 70 12.04 82.29 27.17
C ARG E 70 10.73 82.30 27.92
N TRP E 71 10.78 82.66 29.19
CA TRP E 71 9.53 82.74 29.91
C TRP E 71 8.72 83.99 29.48
N GLU E 72 9.35 85.16 29.31
CA GLU E 72 8.60 86.34 28.89
C GLU E 72 7.99 86.17 27.50
N LEU E 73 8.72 85.55 26.58
CA LEU E 73 8.21 85.19 25.26
C LEU E 73 7.01 84.25 25.34
N THR E 74 7.03 83.31 26.27
CA THR E 74 5.88 82.44 26.48
C THR E 74 4.70 83.24 26.99
N LEU E 75 4.90 84.18 27.93
CA LEU E 75 3.85 85.07 28.42
C LEU E 75 3.28 85.92 27.28
N PHE E 76 4.13 86.51 26.45
CA PHE E 76 3.74 87.23 25.24
C PHE E 76 2.89 86.34 24.35
N ALA E 77 3.33 85.12 24.06
CA ALA E 77 2.61 84.20 23.22
C ALA E 77 1.24 83.80 23.80
N LEU E 78 1.18 83.51 25.10
CA LEU E 78 -0.07 83.25 25.79
C LEU E 78 -1.00 84.42 25.57
N ASP E 79 -0.48 85.66 25.70
CA ASP E 79 -1.27 86.87 25.56
C ASP E 79 -1.75 87.05 24.13
N VAL E 80 -0.91 86.80 23.12
CA VAL E 80 -1.34 86.87 21.74
C VAL E 80 -2.57 85.98 21.51
N ILE E 81 -2.55 84.76 22.02
CA ILE E 81 -3.67 83.86 21.82
C ILE E 81 -4.88 84.29 22.66
N ARG E 82 -4.63 84.98 23.79
CA ARG E 82 -5.67 85.52 24.67
C ARG E 82 -6.32 86.77 24.07
N SER E 83 -5.67 87.45 23.13
CA SER E 83 -6.10 88.71 22.54
C SER E 83 -7.37 88.58 21.69
N PRO E 84 -8.34 89.51 21.81
CA PRO E 84 -9.45 89.60 20.87
C PRO E 84 -9.08 90.29 19.55
N SER E 85 -7.95 91.02 19.53
CA SER E 85 -7.58 91.87 18.40
C SER E 85 -6.51 91.26 17.49
N ALA E 86 -5.87 90.18 17.92
CA ALA E 86 -4.87 89.52 17.07
C ALA E 86 -5.53 88.78 15.90
N ALA E 87 -4.84 88.80 14.74
CA ALA E 87 -5.19 88.08 13.53
C ALA E 87 -4.89 86.58 13.67
N GLU E 88 -5.63 85.72 12.96
CA GLU E 88 -5.38 84.28 12.93
C GLU E 88 -3.97 83.90 12.49
N SER E 89 -3.42 84.67 11.55
CA SER E 89 -2.03 84.52 11.09
C SER E 89 -1.01 84.75 12.20
N MET E 90 -1.31 85.71 13.08
CA MET E 90 -0.52 85.98 14.28
C MET E 90 -0.69 84.84 15.27
N LYS E 91 -1.94 84.41 15.48
CA LYS E 91 -2.28 83.41 16.48
C LYS E 91 -1.64 82.05 16.20
N VAL E 92 -1.71 81.57 14.96
CA VAL E 92 -1.06 80.33 14.61
C VAL E 92 0.46 80.46 14.80
N GLY E 93 1.03 81.60 14.36
CA GLY E 93 2.45 81.83 14.54
C GLY E 93 2.88 81.85 16.00
N ALA E 94 2.06 82.43 16.90
CA ALA E 94 2.21 82.37 18.35
C ALA E 94 2.11 80.93 18.88
N ALA E 95 1.16 80.12 18.43
CA ALA E 95 1.09 78.72 18.86
C ALA E 95 2.34 77.90 18.48
N PHE E 96 2.95 78.24 17.35
CA PHE E 96 4.26 77.74 16.95
C PHE E 96 5.40 78.23 17.87
N THR E 97 5.39 79.53 18.19
CA THR E 97 6.35 80.13 19.12
C THR E 97 6.31 79.32 20.41
N LEU E 98 5.08 79.07 20.87
CA LEU E 98 4.82 78.47 22.16
C LEU E 98 5.23 76.98 22.23
N ILE E 99 4.79 76.14 21.28
CA ILE E 99 5.10 74.72 21.35
C ILE E 99 6.58 74.39 21.03
N SER E 100 7.37 75.26 20.43
CA SER E 100 8.73 74.93 20.04
C SER E 100 9.78 75.15 21.16
N MET E 101 9.35 75.66 22.33
CA MET E 101 10.25 76.03 23.46
C MET E 101 11.06 74.87 24.07
N TYR E 102 10.58 73.64 23.91
CA TYR E 102 11.21 72.43 24.40
C TYR E 102 12.68 72.31 23.94
N SER E 103 12.97 72.83 22.74
CA SER E 103 14.24 72.48 22.09
C SER E 103 15.35 73.51 22.26
N GLU E 104 16.62 73.08 22.03
CA GLU E 104 17.74 74.00 22.08
C GLU E 104 17.82 74.89 20.82
N ARG E 105 17.15 74.46 19.74
CA ARG E 105 17.05 75.15 18.46
C ARG E 105 15.58 75.24 17.99
N PRO E 106 14.71 76.07 18.61
CA PRO E 106 13.29 76.09 18.23
C PRO E 106 13.00 76.45 16.78
N GLY E 107 13.89 77.27 16.20
CA GLY E 107 13.85 77.56 14.77
C GLY E 107 14.02 76.31 13.90
N ALA E 108 14.99 75.46 14.25
CA ALA E 108 15.23 74.20 13.56
C ALA E 108 14.03 73.27 13.69
N LEU E 109 13.42 73.16 14.88
CA LEU E 109 12.25 72.32 15.10
C LEU E 109 11.08 72.73 14.22
N ILE E 110 10.74 74.04 14.18
CA ILE E 110 9.68 74.46 13.27
C ILE E 110 10.05 74.19 11.82
N ARG E 111 11.20 74.69 11.36
CA ARG E 111 11.54 74.65 9.95
C ARG E 111 11.58 73.21 9.41
N SER E 112 12.09 72.28 10.23
CA SER E 112 12.29 70.89 9.81
C SER E 112 11.05 70.02 9.88
N LEU E 113 10.13 70.33 10.81
CA LEU E 113 8.93 69.51 10.91
C LEU E 113 7.69 70.19 10.36
N LEU E 114 7.80 71.47 9.97
CA LEU E 114 6.73 72.12 9.19
C LEU E 114 6.70 71.53 7.79
N ASN E 115 5.52 71.07 7.35
CA ASN E 115 5.39 70.35 6.10
C ASN E 115 4.00 70.63 5.53
N ASP E 116 3.85 71.79 4.88
CA ASP E 116 2.52 72.39 4.72
C ASP E 116 2.51 73.40 3.57
N PRO E 117 1.77 73.18 2.46
CA PRO E 117 1.68 74.20 1.42
C PRO E 117 0.71 75.35 1.73
N ASP E 118 -0.19 75.19 2.73
CA ASP E 118 -1.14 76.24 3.10
C ASP E 118 -0.43 77.53 3.52
N ILE E 119 0.74 77.33 4.10
CA ILE E 119 1.46 78.36 4.83
C ILE E 119 2.91 78.48 4.36
N GLU E 120 3.39 79.69 4.64
CA GLU E 120 4.74 80.13 4.35
C GLU E 120 5.29 80.77 5.61
N ALA E 121 6.10 79.98 6.33
CA ALA E 121 6.55 80.42 7.64
C ALA E 121 7.85 81.24 7.50
N VAL E 122 7.87 82.46 8.06
CA VAL E 122 9.10 83.20 8.24
C VAL E 122 9.42 83.15 9.73
N ILE E 123 10.66 82.76 10.06
CA ILE E 123 11.08 82.66 11.44
C ILE E 123 11.91 83.89 11.83
N ILE E 124 11.65 84.39 13.04
CA ILE E 124 12.43 85.46 13.65
C ILE E 124 13.11 84.89 14.90
N ASP E 125 14.44 84.77 14.85
CA ASP E 125 15.24 84.48 16.03
C ASP E 125 15.31 85.76 16.83
N VAL E 126 14.50 85.86 17.89
CA VAL E 126 14.08 87.15 18.43
C VAL E 126 15.26 87.95 19.02
N GLY E 127 16.20 87.25 19.70
CA GLY E 127 17.23 87.86 20.54
C GLY E 127 16.65 88.45 21.83
N SER E 128 17.45 89.22 22.57
CA SER E 128 17.08 89.69 23.90
C SER E 128 15.78 90.52 23.86
N MET E 129 14.78 90.17 24.69
CA MET E 129 13.42 90.73 24.65
C MET E 129 13.32 92.07 25.40
N VAL E 130 14.11 93.07 24.95
CA VAL E 130 14.32 94.31 25.69
C VAL E 130 13.18 95.31 25.47
N ASN E 131 12.49 95.21 24.33
CA ASN E 131 11.46 96.16 23.92
C ASN E 131 10.12 95.91 24.64
N GLY E 132 10.16 95.79 25.97
CA GLY E 132 8.99 95.72 26.82
C GLY E 132 8.30 94.36 26.73
N ILE E 133 6.96 94.38 26.85
CA ILE E 133 6.11 93.20 26.78
C ILE E 133 6.06 92.60 25.37
N PRO E 134 6.04 93.38 24.24
CA PRO E 134 6.24 92.81 22.90
C PRO E 134 7.56 92.07 22.77
N VAL E 135 7.56 91.07 21.90
CA VAL E 135 8.78 90.42 21.43
C VAL E 135 9.73 91.44 20.75
N MET E 136 11.03 91.14 20.78
CA MET E 136 12.09 91.87 20.09
C MET E 136 11.95 91.80 18.56
N GLU E 137 12.38 92.87 17.88
CA GLU E 137 12.64 92.86 16.45
C GLU E 137 14.13 93.02 16.19
N ARG E 138 14.72 92.06 15.47
CA ARG E 138 16.16 91.93 15.26
C ARG E 138 16.78 93.09 14.47
N ARG E 139 15.98 93.70 13.57
CA ARG E 139 16.38 94.85 12.77
C ARG E 139 15.58 96.12 13.14
N GLY E 140 15.02 96.16 14.36
CA GLY E 140 14.09 97.21 14.79
C GLY E 140 12.73 97.07 14.11
N ASP E 141 11.81 98.00 14.42
CA ASP E 141 10.53 98.07 13.72
C ASP E 141 10.75 98.54 12.28
N LYS E 142 10.38 97.71 11.29
CA LYS E 142 10.61 97.96 9.87
C LYS E 142 9.43 98.73 9.24
N ALA E 143 8.22 98.56 9.78
CA ALA E 143 7.09 99.44 9.48
C ALA E 143 7.03 100.64 10.43
N GLN E 144 7.68 100.53 11.61
CA GLN E 144 7.54 101.42 12.76
C GLN E 144 6.09 101.45 13.27
N GLU E 145 5.49 100.24 13.30
CA GLU E 145 4.10 100.03 13.69
C GLU E 145 3.88 98.68 14.37
N GLU E 146 4.73 97.70 14.06
CA GLU E 146 4.56 96.31 14.47
C GLU E 146 4.52 96.17 16.00
N MET E 147 5.44 96.87 16.69
CA MET E 147 5.50 96.89 18.15
C MET E 147 4.21 97.46 18.74
N GLU E 148 3.64 98.50 18.12
CA GLU E 148 2.40 99.12 18.52
C GLU E 148 1.21 98.19 18.24
N GLY E 149 1.29 97.41 17.16
CA GLY E 149 0.32 96.35 16.88
C GLY E 149 0.28 95.33 18.01
N LEU E 150 1.47 94.88 18.38
CA LEU E 150 1.68 93.95 19.48
C LEU E 150 1.21 94.56 20.80
N MET E 151 1.54 95.82 21.09
CA MET E 151 1.06 96.51 22.28
C MET E 151 -0.46 96.50 22.39
N ARG E 152 -1.14 96.83 21.29
CA ARG E 152 -2.60 96.81 21.26
C ARG E 152 -3.13 95.40 21.52
N ILE E 153 -2.52 94.42 20.85
CA ILE E 153 -2.88 93.02 20.99
C ILE E 153 -2.79 92.61 22.45
N LEU E 154 -1.67 92.90 23.13
CA LEU E 154 -1.47 92.39 24.47
C LEU E 154 -2.24 93.19 25.50
N LYS E 155 -2.46 94.50 25.26
CA LYS E 155 -3.33 95.29 26.11
C LYS E 155 -4.76 94.75 26.05
N THR E 156 -5.28 94.58 24.83
CA THR E 156 -6.62 94.05 24.64
C THR E 156 -6.75 92.65 25.24
N ALA E 157 -5.69 91.83 25.19
CA ALA E 157 -5.68 90.53 25.89
C ALA E 157 -5.98 90.69 27.39
N ARG E 158 -5.21 91.54 28.09
CA ARG E 158 -5.36 91.83 29.51
C ARG E 158 -6.74 92.40 29.82
N ASP E 159 -7.14 93.41 29.04
CA ASP E 159 -8.32 94.20 29.32
C ASP E 159 -9.60 93.39 29.12
N SER E 160 -9.63 92.58 28.05
CA SER E 160 -10.80 91.81 27.67
C SER E 160 -11.11 90.74 28.73
N SER E 161 -10.18 90.46 29.64
CA SER E 161 -10.20 89.30 30.50
C SER E 161 -10.73 89.61 31.90
N LYS E 162 -11.21 90.84 32.15
CA LYS E 162 -11.71 91.25 33.46
C LYS E 162 -10.59 91.15 34.50
N GLY E 163 -9.40 91.60 34.10
CA GLY E 163 -8.21 91.77 34.92
C GLY E 163 -7.49 90.45 35.22
N LYS E 164 -7.89 89.34 34.59
CA LYS E 164 -7.27 88.04 34.82
C LYS E 164 -5.96 87.86 34.07
N THR E 165 -5.20 86.87 34.54
CA THR E 165 -4.05 86.31 33.85
C THR E 165 -4.49 85.01 33.17
N PRO E 166 -3.65 84.46 32.25
CA PRO E 166 -3.92 83.16 31.65
C PRO E 166 -4.02 82.05 32.70
N PHE E 167 -3.17 82.14 33.75
CA PHE E 167 -3.04 81.14 34.81
C PHE E 167 -4.12 81.28 35.88
N VAL E 168 -4.39 80.18 36.59
CA VAL E 168 -5.30 80.17 37.73
C VAL E 168 -4.72 80.90 38.96
N ASP E 169 -3.39 80.93 39.13
CA ASP E 169 -2.73 81.84 40.06
C ASP E 169 -1.89 82.88 39.31
N SER E 170 -2.24 84.15 39.52
CA SER E 170 -1.62 85.31 38.91
C SER E 170 -0.14 85.44 39.22
N ARG E 171 0.31 84.87 40.33
CA ARG E 171 1.72 84.94 40.66
C ARG E 171 2.57 84.26 39.60
N ALA E 172 2.03 83.23 38.93
CA ALA E 172 2.70 82.60 37.81
C ALA E 172 2.95 83.58 36.67
N TYR E 173 1.99 84.51 36.44
CA TYR E 173 2.12 85.58 35.46
C TYR E 173 3.19 86.61 35.87
N GLY E 174 3.19 86.89 37.16
CA GLY E 174 4.10 87.87 37.71
C GLY E 174 5.55 87.43 37.74
N LEU E 175 5.81 86.16 38.06
CA LEU E 175 7.14 85.71 38.42
C LEU E 175 7.98 85.54 37.18
N ARG E 176 9.02 86.36 37.05
CA ARG E 176 10.09 86.08 36.10
C ARG E 176 10.96 84.92 36.56
N ILE E 177 11.48 84.21 35.55
CA ILE E 177 12.26 83.01 35.77
C ILE E 177 13.70 83.28 35.30
N THR E 178 14.68 82.84 36.12
CA THR E 178 16.11 83.08 35.84
C THR E 178 16.94 81.79 35.78
N ASP E 179 16.36 80.65 36.23
CA ASP E 179 17.00 79.33 36.18
C ASP E 179 16.29 78.36 35.22
N MET E 180 17.09 77.52 34.56
CA MET E 180 16.58 76.57 33.59
C MET E 180 15.60 75.60 34.23
N SER E 181 15.83 75.17 35.47
CA SER E 181 15.03 74.12 36.04
C SER E 181 13.58 74.57 36.23
N THR E 182 13.38 75.79 36.73
CA THR E 182 12.04 76.33 36.87
C THR E 182 11.43 76.70 35.52
N LEU E 183 12.26 77.14 34.56
CA LEU E 183 11.81 77.40 33.19
C LEU E 183 11.19 76.16 32.58
N VAL E 184 11.95 75.05 32.55
CA VAL E 184 11.44 73.82 31.96
C VAL E 184 10.24 73.26 32.72
N SER E 185 10.24 73.39 34.04
CA SER E 185 9.06 73.04 34.80
C SER E 185 7.82 73.77 34.26
N ALA E 186 7.96 75.08 34.06
CA ALA E 186 6.91 75.98 33.59
C ALA E 186 6.51 75.66 32.14
N VAL E 187 7.48 75.74 31.22
CA VAL E 187 7.23 75.49 29.81
C VAL E 187 6.50 74.17 29.66
N ILE E 188 7.07 73.09 30.21
CA ILE E 188 6.47 71.78 30.02
C ILE E 188 5.02 71.87 30.50
N THR E 189 4.77 72.60 31.59
CA THR E 189 3.42 72.60 32.14
C THR E 189 2.46 73.24 31.15
N ILE E 190 2.87 74.37 30.55
CA ILE E 190 1.99 75.06 29.62
C ILE E 190 1.88 74.25 28.34
N GLU E 191 2.97 73.70 27.80
CA GLU E 191 2.91 72.97 26.52
C GLU E 191 1.98 71.80 26.67
N ALA E 192 2.04 71.19 27.83
CA ALA E 192 1.18 70.04 28.08
C ALA E 192 -0.25 70.52 27.98
N GLN E 193 -0.53 71.71 28.50
CA GLN E 193 -1.91 72.13 28.54
C GLN E 193 -2.42 72.33 27.11
N ILE E 194 -1.54 72.75 26.19
CA ILE E 194 -1.97 72.83 24.80
C ILE E 194 -2.27 71.40 24.31
N TRP E 195 -1.33 70.45 24.56
CA TRP E 195 -1.32 69.14 23.95
C TRP E 195 -2.46 68.35 24.48
N ILE E 196 -2.95 68.58 25.69
CA ILE E 196 -4.11 67.81 26.18
C ILE E 196 -5.35 68.14 25.34
N LEU E 197 -5.36 69.31 24.66
CA LEU E 197 -6.51 69.79 23.91
C LEU E 197 -6.68 69.04 22.60
N ILE E 198 -5.55 68.98 21.84
CA ILE E 198 -5.48 68.47 20.47
C ILE E 198 -6.20 67.09 20.32
N ALA E 199 -6.31 66.31 21.35
CA ALA E 199 -7.01 65.03 21.35
C ALA E 199 -8.51 65.14 21.12
N LYS E 200 -9.06 66.32 21.44
CA LYS E 200 -10.47 66.58 21.05
C LYS E 200 -10.70 68.03 20.56
N ALA E 201 -9.72 68.61 19.90
CA ALA E 201 -9.94 69.94 19.34
C ALA E 201 -10.70 69.84 18.01
N VAL E 202 -10.46 68.78 17.22
CA VAL E 202 -11.12 68.69 15.94
C VAL E 202 -12.30 67.81 16.07
N THR E 203 -12.20 66.67 16.73
CA THR E 203 -13.46 65.98 17.06
C THR E 203 -13.97 66.64 18.35
N ALA E 204 -15.31 66.69 18.57
CA ALA E 204 -16.01 67.17 19.76
C ALA E 204 -15.31 68.38 20.42
N PRO E 205 -15.17 69.52 19.70
CA PRO E 205 -14.32 70.61 20.19
C PRO E 205 -14.85 71.39 21.38
N ASP E 206 -16.03 70.99 21.86
CA ASP E 206 -16.60 71.48 23.11
C ASP E 206 -17.19 70.26 23.80
N THR E 207 -17.37 70.32 25.13
CA THR E 207 -17.49 69.13 25.96
C THR E 207 -16.17 68.31 26.06
N ALA E 208 -15.07 68.92 25.68
CA ALA E 208 -13.77 68.32 25.85
C ALA E 208 -13.37 68.23 27.33
N GLU E 209 -13.92 69.10 28.20
CA GLU E 209 -13.28 69.48 29.46
C GLU E 209 -13.05 68.30 30.39
N GLU E 210 -13.99 67.33 30.43
CA GLU E 210 -13.80 66.19 31.33
C GLU E 210 -12.46 65.49 31.01
N SER E 211 -12.27 65.18 29.75
CA SER E 211 -11.05 64.60 29.25
C SER E 211 -9.94 65.65 29.06
N GLU E 212 -10.00 66.78 29.72
CA GLU E 212 -8.87 67.69 29.88
C GLU E 212 -8.56 67.92 31.38
N THR E 213 -9.50 67.58 32.28
CA THR E 213 -9.30 67.52 33.72
C THR E 213 -8.80 66.10 34.06
N ARG E 214 -9.39 64.99 33.58
CA ARG E 214 -8.64 63.74 33.38
C ARG E 214 -7.57 64.15 32.38
N ARG E 215 -6.42 63.52 32.33
CA ARG E 215 -5.36 64.14 31.51
C ARG E 215 -4.73 65.38 32.17
N TRP E 216 -5.31 65.94 33.22
CA TRP E 216 -4.60 66.86 34.10
C TRP E 216 -4.42 66.29 35.50
N ALA E 217 -5.27 65.32 35.92
CA ALA E 217 -5.09 64.35 37.00
C ALA E 217 -3.71 63.71 36.86
N LYS E 218 -3.58 62.94 35.80
CA LYS E 218 -2.28 62.37 35.49
C LYS E 218 -1.39 63.58 35.26
N TYR E 219 -0.08 63.46 35.35
CA TYR E 219 0.83 64.62 35.18
C TYR E 219 1.01 65.39 36.49
N VAL E 220 -0.09 65.89 37.07
CA VAL E 220 0.01 66.52 38.37
C VAL E 220 0.27 65.44 39.42
N GLN E 221 -0.53 64.37 39.39
CA GLN E 221 -0.38 63.26 40.32
C GLN E 221 0.99 62.61 40.10
N GLN E 222 1.38 62.47 38.85
CA GLN E 222 2.59 61.71 38.52
C GLN E 222 3.76 62.66 38.56
N LYS E 223 3.51 63.86 39.04
CA LYS E 223 4.57 64.84 39.20
C LYS E 223 5.39 65.02 37.92
N ARG E 224 4.72 65.23 36.77
CA ARG E 224 5.47 65.55 35.57
C ARG E 224 5.32 67.04 35.19
N VAL E 225 4.44 67.77 35.90
CA VAL E 225 4.18 69.17 35.60
C VAL E 225 4.06 69.94 36.92
N ASN E 226 4.35 71.27 36.93
CA ASN E 226 4.18 72.08 38.14
C ASN E 226 2.78 72.71 38.15
N PRO E 227 1.74 72.24 38.91
CA PRO E 227 0.37 72.76 38.76
C PRO E 227 0.23 74.23 39.18
N PHE E 228 1.32 74.83 39.71
CA PHE E 228 1.43 76.28 39.85
C PHE E 228 1.16 76.95 38.52
N PHE E 229 1.60 76.35 37.42
CA PHE E 229 1.36 76.91 36.12
C PHE E 229 0.06 76.43 35.41
N ALA E 230 -0.97 76.03 36.15
CA ALA E 230 -2.24 75.66 35.50
C ALA E 230 -2.92 76.87 34.83
N LEU E 231 -3.46 76.66 33.63
CA LEU E 231 -4.13 77.68 32.84
C LEU E 231 -5.66 77.61 33.01
N THR E 232 -6.30 78.80 33.03
CA THR E 232 -7.74 79.00 33.23
C THR E 232 -8.56 78.48 32.06
N GLN E 233 -9.78 78.00 32.35
CA GLN E 233 -10.65 77.57 31.26
C GLN E 233 -10.85 78.58 30.12
N GLN E 234 -10.83 79.86 30.49
CA GLN E 234 -10.93 80.94 29.53
C GLN E 234 -9.76 80.95 28.56
N TRP E 235 -8.53 80.58 28.95
CA TRP E 235 -7.39 80.56 28.06
C TRP E 235 -7.36 79.26 27.29
N LEU E 236 -7.64 78.17 27.99
CA LEU E 236 -7.74 76.91 27.29
C LEU E 236 -8.81 76.89 26.18
N THR E 237 -9.99 77.52 26.36
CA THR E 237 -10.98 77.55 25.27
C THR E 237 -10.52 78.46 24.14
N GLU E 238 -9.85 79.56 24.42
CA GLU E 238 -9.28 80.39 23.36
C GLU E 238 -8.21 79.68 22.54
N MET E 239 -7.41 78.86 23.20
CA MET E 239 -6.47 78.02 22.48
C MET E 239 -7.11 76.81 21.79
N ARG E 240 -8.11 76.20 22.42
CA ARG E 240 -8.86 75.13 21.78
C ARG E 240 -9.52 75.59 20.49
N ASN E 241 -10.06 76.82 20.49
CA ASN E 241 -10.67 77.37 19.31
C ASN E 241 -9.65 77.58 18.23
N LEU E 242 -8.49 78.12 18.59
CA LEU E 242 -7.40 78.26 17.62
C LEU E 242 -7.04 76.92 16.97
N LEU E 243 -6.99 75.86 17.76
CA LEU E 243 -6.71 74.52 17.22
C LEU E 243 -7.81 73.98 16.31
N SER E 244 -9.06 74.16 16.69
CA SER E 244 -10.14 73.70 15.84
C SER E 244 -10.11 74.42 14.49
N GLN E 245 -9.88 75.72 14.49
CA GLN E 245 -10.16 76.51 13.29
C GLN E 245 -8.87 76.88 12.51
N SER E 246 -7.73 76.29 12.86
CA SER E 246 -6.56 76.27 11.99
C SER E 246 -6.15 74.83 11.68
N LEU E 247 -5.92 74.52 10.39
CA LEU E 247 -5.35 73.23 10.03
C LEU E 247 -3.85 73.30 10.17
N SER E 248 -3.26 74.46 9.85
CA SER E 248 -1.81 74.53 9.75
C SER E 248 -1.14 74.24 11.09
N VAL E 249 -1.75 74.70 12.20
CA VAL E 249 -1.24 74.34 13.51
C VAL E 249 -1.36 72.84 13.85
N ARG E 250 -2.52 72.23 13.56
CA ARG E 250 -2.69 70.81 13.77
C ARG E 250 -1.71 69.98 12.93
N LYS E 251 -1.39 70.43 11.72
CA LYS E 251 -0.41 69.77 10.87
C LYS E 251 0.95 69.77 11.52
N PHE E 252 1.42 70.91 12.04
CA PHE E 252 2.67 70.95 12.78
C PHE E 252 2.67 70.06 14.03
N MET E 253 1.60 70.13 14.81
CA MET E 253 1.52 69.24 15.95
C MET E 253 1.62 67.78 15.57
N VAL E 254 0.82 67.32 14.62
CA VAL E 254 0.90 65.92 14.24
C VAL E 254 2.22 65.53 13.56
N GLU E 255 2.88 66.46 12.90
CA GLU E 255 4.21 66.20 12.36
C GLU E 255 5.17 65.89 13.50
N ILE E 256 5.22 66.74 14.53
CA ILE E 256 6.10 66.49 15.67
C ILE E 256 5.64 65.33 16.54
N LEU E 257 4.35 65.10 16.61
CA LEU E 257 3.86 63.95 17.33
C LEU E 257 4.26 62.62 16.68
N ILE E 258 4.24 62.51 15.36
CA ILE E 258 4.74 61.33 14.66
C ILE E 258 6.24 61.25 14.88
N GLU E 259 6.93 62.39 14.86
CA GLU E 259 8.38 62.40 14.96
C GLU E 259 8.86 61.77 16.25
N VAL E 260 8.19 62.15 17.34
CA VAL E 260 8.59 61.67 18.65
C VAL E 260 8.08 60.27 18.96
N LYS E 261 7.09 59.79 18.23
CA LYS E 261 6.58 58.44 18.41
C LYS E 261 7.62 57.41 17.97
N LYS E 262 8.58 57.78 17.10
CA LYS E 262 9.60 56.84 16.63
C LYS E 262 10.52 56.46 17.78
N GLY E 263 10.95 55.19 17.82
CA GLY E 263 11.63 54.64 18.98
C GLY E 263 13.14 54.81 18.81
N GLY E 264 13.89 53.86 19.42
CA GLY E 264 15.31 53.68 19.12
C GLY E 264 16.18 54.87 19.52
N SER E 265 15.59 55.76 20.34
CA SER E 265 16.30 56.91 20.90
C SER E 265 15.94 57.12 22.36
N ALA E 266 16.95 57.54 23.14
CA ALA E 266 16.78 58.30 24.36
C ALA E 266 15.93 59.55 24.11
N LYS E 267 15.16 59.93 25.15
CA LYS E 267 14.24 61.04 25.14
C LYS E 267 14.39 61.94 26.37
N GLY E 268 13.99 63.22 26.22
CA GLY E 268 13.89 64.15 27.34
C GLY E 268 12.54 64.01 28.04
N ARG E 269 12.38 64.65 29.21
CA ARG E 269 11.11 64.58 29.90
C ARG E 269 10.04 65.09 28.97
N ALA E 270 10.40 66.19 28.28
CA ALA E 270 9.38 66.92 27.56
C ALA E 270 8.69 66.04 26.53
N VAL E 271 9.51 65.44 25.65
CA VAL E 271 8.97 64.72 24.51
C VAL E 271 8.13 63.59 25.05
N GLU E 272 8.49 63.02 26.18
CA GLU E 272 7.76 61.91 26.78
C GLU E 272 6.38 62.34 27.17
N ILE E 273 6.25 63.55 27.73
CA ILE E 273 4.88 63.93 28.09
C ILE E 273 4.03 63.97 26.82
N ILE E 274 4.59 64.53 25.75
CA ILE E 274 3.91 64.65 24.47
C ILE E 274 3.52 63.27 23.95
N SER E 275 4.50 62.38 23.94
CA SER E 275 4.31 61.10 23.35
C SER E 275 3.19 60.43 24.12
N ASP E 276 3.17 60.62 25.45
CA ASP E 276 2.15 60.02 26.30
C ASP E 276 0.80 60.54 25.86
N ILE E 277 0.72 61.87 25.62
CA ILE E 277 -0.47 62.56 25.11
C ILE E 277 -0.89 61.94 23.80
N GLY E 278 0.10 61.76 22.97
CA GLY E 278 -0.15 61.27 21.63
C GLY E 278 -0.89 59.94 21.68
N ASN E 279 -0.87 59.27 22.82
CA ASN E 279 -1.62 58.03 22.90
C ASN E 279 -3.10 58.30 23.10
N TYR E 280 -3.40 59.57 23.32
CA TYR E 280 -4.76 60.04 23.41
C TYR E 280 -5.23 60.55 22.03
N VAL E 281 -4.30 61.15 21.31
CA VAL E 281 -4.48 61.82 20.03
C VAL E 281 -4.65 60.81 18.92
N GLU E 282 -3.92 59.71 18.94
CA GLU E 282 -4.07 58.70 17.91
C GLU E 282 -5.51 58.13 17.89
N GLU E 283 -5.91 57.72 16.68
CA GLU E 283 -7.16 57.11 16.29
C GLU E 283 -8.36 58.07 16.51
N THR E 284 -8.06 59.34 16.86
CA THR E 284 -9.07 60.37 17.13
C THR E 284 -9.97 60.56 15.93
N GLY E 285 -11.25 60.70 16.25
CA GLY E 285 -12.15 61.05 15.18
C GLY E 285 -12.47 59.83 14.33
N MET E 286 -11.94 58.62 14.69
CA MET E 286 -12.24 57.46 13.84
C MET E 286 -12.80 56.35 14.66
N ALA E 287 -13.43 56.72 15.80
CA ALA E 287 -14.26 55.95 16.72
C ALA E 287 -14.98 54.78 16.01
N GLY E 288 -15.85 55.19 15.10
CA GLY E 288 -16.66 54.28 14.33
C GLY E 288 -15.88 53.18 13.61
N PHE E 289 -14.78 53.53 12.92
CA PHE E 289 -13.90 52.60 12.19
C PHE E 289 -13.35 51.51 13.09
N PHE E 290 -12.59 51.96 14.09
CA PHE E 290 -11.92 51.04 14.98
C PHE E 290 -12.95 50.27 15.78
N ALA E 291 -14.09 50.90 16.08
CA ALA E 291 -15.13 50.22 16.83
C ALA E 291 -15.72 49.08 16.02
N THR E 292 -15.77 49.18 14.71
CA THR E 292 -16.23 48.03 13.93
C THR E 292 -15.24 46.87 13.99
N ILE E 293 -13.96 47.17 14.15
CA ILE E 293 -12.99 46.09 14.24
C ILE E 293 -13.05 45.49 15.66
N ARG E 294 -12.87 46.35 16.67
CA ARG E 294 -12.80 46.05 18.07
C ARG E 294 -14.07 45.32 18.54
N PHE E 295 -15.27 45.73 18.09
CA PHE E 295 -16.58 45.16 18.47
C PHE E 295 -17.17 44.59 17.20
N GLY E 296 -17.91 43.50 17.31
CA GLY E 296 -18.34 42.94 16.02
C GLY E 296 -17.29 42.00 15.44
N LEU E 297 -16.38 42.57 14.64
CA LEU E 297 -15.44 41.78 13.86
C LEU E 297 -14.58 40.86 14.76
N GLU E 298 -13.79 41.42 15.69
CA GLU E 298 -12.95 40.56 16.52
C GLU E 298 -13.81 39.85 17.56
N THR E 299 -15.08 40.22 17.77
CA THR E 299 -15.97 39.43 18.63
C THR E 299 -16.46 38.14 17.97
N ARG E 300 -16.40 38.08 16.64
CA ARG E 300 -16.72 36.92 15.82
C ARG E 300 -18.10 36.30 16.16
N TYR E 301 -19.10 37.18 16.44
CA TYR E 301 -20.44 36.71 16.76
C TYR E 301 -21.03 35.83 15.66
N PRO E 302 -21.97 34.88 15.92
CA PRO E 302 -22.71 34.18 14.88
C PRO E 302 -23.34 35.05 13.79
N ALA E 303 -23.70 36.28 14.15
CA ALA E 303 -24.29 37.21 13.18
C ALA E 303 -23.31 37.58 12.05
N LEU E 304 -22.01 37.48 12.26
CA LEU E 304 -21.05 37.86 11.22
C LEU E 304 -21.05 36.88 10.04
N ALA E 305 -21.66 35.70 10.21
CA ALA E 305 -21.80 34.74 9.13
C ALA E 305 -22.95 35.05 8.17
N LEU E 306 -23.76 36.07 8.47
CA LEU E 306 -24.90 36.40 7.62
C LEU E 306 -24.44 37.08 6.33
N ASN E 307 -25.16 36.76 5.26
CA ASN E 307 -24.93 37.23 3.89
C ASN E 307 -24.85 38.76 3.81
N GLU E 308 -25.59 39.41 4.70
CA GLU E 308 -25.82 40.85 4.69
C GLU E 308 -24.51 41.64 4.86
N PHE E 309 -23.60 41.08 5.66
CA PHE E 309 -22.40 41.76 6.06
C PHE E 309 -21.32 41.67 5.03
N GLN E 310 -21.46 40.77 4.07
CA GLN E 310 -20.28 40.37 3.29
C GLN E 310 -19.63 41.56 2.58
N SER E 311 -20.48 42.43 2.02
CA SER E 311 -20.04 43.65 1.36
C SER E 311 -19.19 44.48 2.31
N ASP E 312 -19.70 44.61 3.53
CA ASP E 312 -19.11 45.44 4.54
C ASP E 312 -17.81 44.83 5.02
N LEU E 313 -17.77 43.53 5.24
CA LEU E 313 -16.55 42.86 5.63
C LEU E 313 -15.48 43.10 4.57
N ASN E 314 -15.81 42.89 3.29
CA ASN E 314 -14.89 43.17 2.20
C ASN E 314 -14.40 44.60 2.26
N THR E 315 -15.33 45.51 2.61
CA THR E 315 -15.01 46.92 2.78
C THR E 315 -13.97 47.10 3.87
N ILE E 316 -14.18 46.52 5.04
CA ILE E 316 -13.28 46.72 6.17
C ILE E 316 -11.92 46.17 5.77
N LYS E 317 -11.88 44.99 5.13
CA LYS E 317 -10.62 44.41 4.75
C LYS E 317 -9.87 45.41 3.87
N SER E 318 -10.56 45.98 2.88
CA SER E 318 -9.97 46.96 1.98
C SER E 318 -9.48 48.19 2.72
N LEU E 319 -10.23 48.57 3.76
CA LEU E 319 -9.87 49.71 4.56
C LEU E 319 -8.64 49.38 5.40
N MET E 320 -8.52 48.18 5.98
CA MET E 320 -7.37 47.82 6.81
C MET E 320 -6.12 47.83 5.97
N LEU E 321 -6.19 47.28 4.77
CA LEU E 321 -5.01 47.33 3.93
C LEU E 321 -4.74 48.75 3.46
N LEU E 322 -5.79 49.55 3.28
CA LEU E 322 -5.63 50.95 2.95
C LEU E 322 -4.96 51.70 4.10
N TYR E 323 -5.36 51.40 5.33
CA TYR E 323 -4.78 52.01 6.51
C TYR E 323 -3.30 51.74 6.50
N ARG E 324 -2.97 50.46 6.24
CA ARG E 324 -1.58 50.05 6.19
C ARG E 324 -0.86 50.87 5.13
N GLU E 325 -1.48 51.07 3.97
CA GLU E 325 -0.88 51.75 2.84
C GLU E 325 -0.63 53.21 3.15
N ILE E 326 -1.50 53.83 3.96
CA ILE E 326 -1.33 55.24 4.27
C ILE E 326 -0.09 55.41 5.17
N GLY E 327 0.15 54.40 6.06
CA GLY E 327 1.32 54.31 6.94
C GLY E 327 1.30 55.28 8.12
N PRO E 328 2.37 56.08 8.41
CA PRO E 328 2.50 56.73 9.72
C PRO E 328 1.39 57.74 10.03
N ARG E 329 0.82 58.38 9.01
CA ARG E 329 -0.15 59.41 9.26
C ARG E 329 -1.51 58.80 9.56
N ALA E 330 -1.72 57.51 9.40
CA ALA E 330 -3.04 56.88 9.45
C ALA E 330 -3.85 57.17 10.76
N PRO E 331 -3.22 57.09 11.91
CA PRO E 331 -3.93 57.39 13.10
C PRO E 331 -4.31 58.84 13.36
N TYR E 332 -3.90 59.73 12.51
CA TYR E 332 -4.08 61.14 12.69
C TYR E 332 -4.82 61.79 11.52
N MET E 333 -5.54 60.96 10.74
CA MET E 333 -6.03 61.50 9.47
C MET E 333 -7.17 62.45 9.69
N VAL E 334 -7.68 62.52 10.93
CA VAL E 334 -8.78 63.44 11.19
C VAL E 334 -8.19 64.79 11.51
N LEU E 335 -7.15 64.83 12.26
CA LEU E 335 -6.53 66.10 12.64
C LEU E 335 -5.86 66.69 11.41
N LEU E 336 -5.25 65.88 10.53
CA LEU E 336 -4.75 66.40 9.29
C LEU E 336 -5.85 66.64 8.23
N GLU E 337 -7.09 66.21 8.52
CA GLU E 337 -8.24 66.31 7.61
C GLU E 337 -7.96 65.74 6.20
N GLU E 338 -7.16 64.69 6.11
CA GLU E 338 -6.88 64.03 4.84
C GLU E 338 -8.13 63.42 4.24
N SER E 339 -8.36 63.75 2.98
CA SER E 339 -9.46 63.28 2.16
C SER E 339 -9.89 61.81 2.35
N ILE E 340 -8.87 60.97 2.45
CA ILE E 340 -9.09 59.54 2.56
C ILE E 340 -10.03 59.26 3.74
N GLN E 341 -10.03 60.08 4.78
CA GLN E 341 -10.79 59.88 5.97
C GLN E 341 -12.22 59.48 5.64
N THR E 342 -12.72 60.15 4.60
CA THR E 342 -14.12 59.93 4.17
C THR E 342 -14.38 58.46 3.97
N LYS E 343 -13.38 57.79 3.37
CA LYS E 343 -13.43 56.39 2.98
C LYS E 343 -13.74 55.57 4.20
N PHE E 344 -13.01 55.98 5.25
CA PHE E 344 -13.00 55.32 6.53
C PHE E 344 -14.31 55.50 7.24
N ALA E 345 -15.00 56.61 6.96
CA ALA E 345 -16.20 56.87 7.72
C ALA E 345 -17.23 55.75 7.66
N PRO E 346 -17.94 55.43 8.76
CA PRO E 346 -18.81 54.25 8.87
C PRO E 346 -19.98 54.20 7.87
N GLY E 347 -20.31 55.35 7.23
CA GLY E 347 -21.24 55.37 6.09
C GLY E 347 -20.85 54.40 4.99
N GLY E 348 -19.58 54.04 4.94
CA GLY E 348 -19.03 53.11 3.96
C GLY E 348 -19.32 51.66 4.31
N TYR E 349 -19.85 51.36 5.51
CA TYR E 349 -20.06 49.96 5.95
C TYR E 349 -21.10 49.93 7.06
N PRO E 350 -22.25 50.57 6.83
CA PRO E 350 -23.16 50.92 7.91
C PRO E 350 -23.90 49.75 8.54
N LEU E 351 -24.04 48.64 7.82
CA LEU E 351 -24.74 47.52 8.39
C LEU E 351 -23.84 46.86 9.46
N LEU E 352 -22.58 46.61 9.09
CA LEU E 352 -21.57 46.15 10.04
C LEU E 352 -21.38 47.13 11.21
N TRP E 353 -21.31 48.41 10.91
CA TRP E 353 -21.12 49.41 11.95
C TRP E 353 -22.30 49.49 12.89
N SER E 354 -23.54 49.51 12.40
CA SER E 354 -24.71 49.59 13.27
C SER E 354 -24.77 48.39 14.23
N PHE E 355 -24.51 47.19 13.71
CA PHE E 355 -24.36 46.02 14.54
C PHE E 355 -23.24 46.13 15.58
N ALA E 356 -22.04 46.56 15.13
CA ALA E 356 -20.87 46.78 15.98
C ALA E 356 -21.16 47.76 17.12
N MET E 357 -21.86 48.86 16.84
CA MET E 357 -22.20 49.81 17.86
C MET E 357 -23.20 49.17 18.83
N GLY E 358 -24.13 48.33 18.35
CA GLY E 358 -25.05 47.57 19.18
C GLY E 358 -24.33 46.64 20.16
N VAL E 359 -23.25 45.99 19.70
CA VAL E 359 -22.33 45.25 20.55
C VAL E 359 -21.64 46.20 21.55
N ALA E 360 -20.92 47.22 21.01
CA ALA E 360 -20.03 48.12 21.76
C ALA E 360 -20.78 48.79 22.94
N THR E 361 -21.96 49.35 22.70
CA THR E 361 -22.76 50.02 23.70
C THR E 361 -23.29 49.05 24.77
N THR E 362 -23.47 47.77 24.41
CA THR E 362 -23.95 46.77 25.35
C THR E 362 -22.82 46.29 26.25
N ILE E 363 -21.59 46.32 25.77
CA ILE E 363 -20.45 45.70 26.44
C ILE E 363 -19.66 46.69 27.26
N ASP E 364 -19.39 47.86 26.69
CA ASP E 364 -18.42 48.78 27.23
C ASP E 364 -19.13 49.94 27.93
N ARG E 365 -18.88 50.16 29.22
CA ARG E 365 -19.54 51.25 29.93
C ARG E 365 -19.09 52.63 29.47
N SER E 366 -17.95 52.73 28.78
CA SER E 366 -17.49 53.97 28.19
C SER E 366 -18.16 54.24 26.82
N MET E 367 -18.62 53.22 26.10
CA MET E 367 -19.40 53.45 24.88
C MET E 367 -20.76 54.05 25.18
N GLY E 368 -21.44 54.51 24.13
CA GLY E 368 -22.77 55.04 24.37
C GLY E 368 -22.80 56.50 24.82
N ALA E 369 -21.80 56.89 25.59
CA ALA E 369 -21.51 58.27 25.83
C ALA E 369 -20.83 58.92 24.59
N LEU E 370 -20.32 58.12 23.64
CA LEU E 370 -20.07 58.56 22.28
C LEU E 370 -21.41 58.65 21.52
N ASN E 371 -21.64 59.78 20.85
CA ASN E 371 -22.81 60.07 20.05
C ASN E 371 -22.79 59.27 18.75
N ILE E 372 -23.76 58.35 18.63
CA ILE E 372 -23.92 57.52 17.42
C ILE E 372 -25.20 57.85 16.65
N ASN E 373 -25.70 59.07 16.78
CA ASN E 373 -26.84 59.53 16.00
C ASN E 373 -26.41 59.98 14.59
N ARG E 374 -26.02 59.03 13.73
CA ARG E 374 -25.84 59.21 12.29
C ARG E 374 -27.15 58.84 11.56
N GLY E 375 -27.24 59.18 10.27
CA GLY E 375 -28.42 58.85 9.49
C GLY E 375 -28.52 57.37 9.17
N TYR E 376 -27.35 56.78 8.91
CA TYR E 376 -27.21 55.38 8.51
C TYR E 376 -27.18 54.43 9.70
N LEU E 377 -28.13 54.69 10.60
CA LEU E 377 -28.23 54.05 11.91
C LEU E 377 -28.59 52.57 11.81
N GLU E 378 -29.24 52.15 10.72
CA GLU E 378 -29.67 50.77 10.48
C GLU E 378 -30.18 49.99 11.71
N PRO E 379 -31.19 50.48 12.46
CA PRO E 379 -31.46 50.02 13.82
C PRO E 379 -31.80 48.57 14.00
N MET E 380 -32.30 47.85 12.99
CA MET E 380 -32.52 46.42 13.17
C MET E 380 -31.22 45.65 13.41
N TYR E 381 -30.15 46.09 12.75
CA TYR E 381 -28.81 45.52 12.93
C TYR E 381 -28.19 45.96 14.25
N PHE E 382 -28.41 47.20 14.68
CA PHE E 382 -27.97 47.62 16.00
C PHE E 382 -28.65 46.81 17.09
N ARG E 383 -29.98 46.59 16.98
CA ARG E 383 -30.73 45.73 17.91
C ARG E 383 -30.19 44.30 17.88
N LEU E 384 -29.79 43.79 16.71
CA LEU E 384 -29.11 42.50 16.64
C LEU E 384 -27.73 42.54 17.32
N GLY E 385 -27.02 43.66 17.26
CA GLY E 385 -25.78 43.88 17.99
C GLY E 385 -25.98 43.80 19.49
N GLN E 386 -27.03 44.40 20.02
CA GLN E 386 -27.42 44.18 21.41
C GLN E 386 -27.79 42.71 21.64
N LYS E 387 -28.66 42.16 20.80
CA LYS E 387 -29.25 40.84 20.99
C LYS E 387 -28.21 39.72 20.90
N SER E 388 -27.12 39.90 20.17
CA SER E 388 -25.94 39.04 20.30
C SER E 388 -25.21 39.21 21.65
N ALA E 389 -24.61 40.38 21.92
CA ALA E 389 -23.74 40.63 23.07
C ALA E 389 -24.45 40.64 24.44
N ARG E 390 -25.80 40.74 24.46
CA ARG E 390 -26.62 40.68 25.68
C ARG E 390 -27.67 39.58 25.58
N HIS E 391 -28.50 39.58 24.53
CA HIS E 391 -29.69 38.72 24.52
C HIS E 391 -29.34 37.24 24.36
N HIS E 392 -28.23 36.97 23.66
CA HIS E 392 -27.71 35.63 23.47
C HIS E 392 -26.83 35.28 24.66
N ALA E 393 -27.47 35.26 25.83
CA ALA E 393 -26.87 34.81 27.08
C ALA E 393 -25.65 35.65 27.44
N GLY E 394 -25.70 36.99 27.27
CA GLY E 394 -24.59 37.90 27.57
C GLY E 394 -23.41 37.72 26.61
N GLY E 395 -23.71 37.32 25.36
CA GLY E 395 -22.66 36.95 24.39
C GLY E 395 -21.99 35.61 24.71
N ILE E 396 -22.79 34.67 25.23
CA ILE E 396 -22.40 33.28 25.54
C ILE E 396 -23.27 32.24 24.85
N ASP E 397 -24.14 32.64 23.92
CA ASP E 397 -24.84 31.75 22.99
C ASP E 397 -23.90 31.02 22.02
N GLN E 398 -22.63 31.48 21.88
CA GLN E 398 -21.50 30.70 21.38
C GLN E 398 -20.23 31.03 22.15
N ASN E 399 -19.28 30.07 22.16
CA ASN E 399 -17.88 30.28 22.45
C ASN E 399 -17.05 30.13 21.16
N MET E 400 -16.14 31.07 20.84
CA MET E 400 -15.64 31.31 19.48
C MET E 400 -14.75 30.19 18.95
N ALA E 401 -13.94 29.57 19.83
CA ALA E 401 -13.02 28.49 19.46
C ALA E 401 -12.71 27.57 20.65
N ASN E 402 -12.28 26.33 20.37
CA ASN E 402 -12.18 25.28 21.39
C ASN E 402 -10.79 25.26 22.03
N ARG E 403 -10.48 26.41 22.63
CA ARG E 403 -9.14 26.77 23.09
C ARG E 403 -8.68 25.90 24.27
N LEU E 404 -9.65 25.43 25.08
CA LEU E 404 -9.41 24.57 26.23
C LEU E 404 -10.46 23.45 26.36
N GLY E 405 -11.69 23.64 25.85
CA GLY E 405 -12.68 22.57 25.83
C GLY E 405 -13.24 22.24 27.21
N LEU E 406 -13.69 23.27 27.94
CA LEU E 406 -14.40 23.10 29.20
C LEU E 406 -15.89 22.78 28.94
N SER E 407 -16.63 22.51 30.02
CA SER E 407 -18.01 22.02 29.88
C SER E 407 -19.02 23.17 29.77
N SER E 408 -20.00 22.98 28.88
CA SER E 408 -20.86 24.06 28.39
C SER E 408 -21.69 24.63 29.53
N ASP E 409 -22.19 23.70 30.36
CA ASP E 409 -23.25 23.94 31.34
C ASP E 409 -22.79 24.96 32.38
N GLN E 410 -21.55 24.81 32.87
CA GLN E 410 -20.99 25.64 33.92
C GLN E 410 -20.85 27.09 33.43
N VAL E 411 -20.36 27.23 32.17
CA VAL E 411 -20.21 28.52 31.52
C VAL E 411 -21.58 29.19 31.34
N ALA E 412 -22.61 28.40 30.97
CA ALA E 412 -23.96 28.91 30.83
C ALA E 412 -24.52 29.41 32.16
N GLU E 413 -24.24 28.65 33.25
CA GLU E 413 -24.66 29.03 34.60
C GLU E 413 -24.03 30.37 35.00
N LEU E 414 -22.74 30.54 34.68
CA LEU E 414 -22.01 31.78 34.92
C LEU E 414 -22.65 32.95 34.17
N ALA E 415 -23.04 32.73 32.90
CA ALA E 415 -23.70 33.73 32.08
C ALA E 415 -25.05 34.13 32.67
N ALA E 416 -25.81 33.15 33.21
CA ALA E 416 -27.09 33.40 33.85
C ALA E 416 -26.92 34.23 35.13
N ALA E 417 -25.90 33.91 35.94
CA ALA E 417 -25.58 34.65 37.16
C ALA E 417 -25.13 36.08 36.85
N VAL E 418 -24.35 36.23 35.77
CA VAL E 418 -23.90 37.52 35.26
C VAL E 418 -25.10 38.33 34.73
N GLN E 419 -26.13 37.66 34.19
CA GLN E 419 -27.38 38.25 33.71
C GLN E 419 -27.16 39.41 32.73
N GLU E 420 -26.23 39.20 31.79
CA GLU E 420 -26.07 39.94 30.53
C GLU E 420 -25.93 41.44 30.84
N ILE F 26 -11.51 36.23 7.17
CA ILE F 26 -11.40 37.72 7.49
C ILE F 26 -10.55 37.95 8.73
N PHE F 27 -10.75 37.15 9.78
CA PHE F 27 -10.18 37.42 11.10
C PHE F 27 -8.66 37.43 11.11
N GLU F 28 -8.04 36.68 10.22
CA GLU F 28 -6.60 36.64 10.11
C GLU F 28 -6.04 38.05 9.82
N GLU F 29 -6.78 38.85 9.05
CA GLU F 29 -6.30 40.18 8.74
C GLU F 29 -6.40 41.08 9.98
N ALA F 30 -7.51 40.93 10.69
CA ALA F 30 -7.89 41.72 11.85
C ALA F 30 -6.90 41.57 13.01
N ALA F 31 -6.56 40.34 13.34
CA ALA F 31 -5.60 40.11 14.40
C ALA F 31 -4.22 40.66 14.01
N SER F 32 -3.83 40.53 12.74
CA SER F 32 -2.57 41.11 12.28
C SER F 32 -2.61 42.62 12.27
N PHE F 33 -3.80 43.17 12.02
CA PHE F 33 -4.02 44.61 12.01
C PHE F 33 -3.90 45.17 13.43
N ARG F 34 -4.46 44.49 14.45
CA ARG F 34 -4.25 44.85 15.85
C ARG F 34 -2.75 45.01 16.09
N SER F 35 -2.00 44.00 15.65
CA SER F 35 -0.56 44.00 15.85
C SER F 35 0.06 45.19 15.15
N TYR F 36 -0.43 45.48 13.95
CA TYR F 36 0.12 46.55 13.16
C TYR F 36 -0.08 47.88 13.87
N GLN F 37 -1.30 48.16 14.35
CA GLN F 37 -1.62 49.38 15.08
C GLN F 37 -0.61 49.54 16.21
N SER F 38 -0.36 48.45 16.96
CA SER F 38 0.46 48.51 18.18
C SER F 38 1.93 48.89 17.87
N LYS F 39 2.41 48.49 16.68
CA LYS F 39 3.78 48.76 16.27
C LYS F 39 3.92 49.90 15.27
N LEU F 40 2.79 50.45 14.80
CA LEU F 40 2.77 51.43 13.73
C LEU F 40 3.59 52.65 14.13
N GLY F 41 4.51 53.03 13.21
CA GLY F 41 5.45 54.13 13.29
C GLY F 41 6.36 54.09 14.51
N ARG F 42 6.37 53.00 15.32
CA ARG F 42 7.35 52.87 16.40
C ARG F 42 8.76 52.75 15.84
N ASP F 43 8.85 52.14 14.66
CA ASP F 43 10.08 51.73 13.98
C ASP F 43 10.79 52.97 13.44
N GLY F 44 12.12 52.91 13.34
CA GLY F 44 12.86 54.11 12.98
C GLY F 44 13.22 54.95 14.20
N ARG F 45 13.76 56.15 13.94
CA ARG F 45 14.36 56.99 14.96
C ARG F 45 13.83 58.43 14.87
N ALA F 46 13.42 59.01 16.01
CA ALA F 46 13.09 60.42 16.16
C ALA F 46 14.34 61.30 15.98
N SER F 47 14.18 62.43 15.29
CA SER F 47 15.28 63.29 14.85
C SER F 47 15.69 64.39 15.83
N ALA F 48 16.95 64.78 15.66
CA ALA F 48 17.69 65.68 16.53
C ALA F 48 17.07 67.07 16.69
N ALA F 49 16.16 67.44 15.77
CA ALA F 49 15.33 68.65 15.82
C ALA F 49 14.57 68.77 17.15
N THR F 50 14.22 67.62 17.77
CA THR F 50 13.47 67.56 19.02
C THR F 50 14.31 67.80 20.31
N ALA F 51 15.61 68.10 20.19
CA ALA F 51 16.55 68.15 21.32
C ALA F 51 16.11 69.08 22.48
N THR F 52 15.92 68.51 23.68
CA THR F 52 15.31 69.19 24.83
C THR F 52 16.39 69.93 25.62
N LEU F 53 16.04 71.01 26.34
CA LEU F 53 17.00 71.77 27.18
C LEU F 53 17.69 70.92 28.27
N THR F 54 19.01 70.83 28.20
CA THR F 54 19.78 70.14 29.23
C THR F 54 19.95 70.97 30.50
N THR F 55 19.57 70.37 31.63
CA THR F 55 19.67 70.94 32.97
C THR F 55 21.08 70.69 33.52
N LYS F 56 21.83 71.73 33.91
CA LYS F 56 23.11 71.54 34.61
C LYS F 56 22.89 71.02 36.03
N ILE F 57 23.52 69.88 36.36
CA ILE F 57 23.54 69.37 37.73
C ILE F 57 24.97 69.05 38.18
N ARG F 58 25.28 69.44 39.44
CA ARG F 58 26.67 69.35 39.85
C ARG F 58 26.81 68.09 40.69
N ILE F 59 27.73 67.18 40.36
CA ILE F 59 27.93 65.95 41.13
C ILE F 59 29.39 65.95 41.63
N PHE F 60 29.54 66.08 42.93
CA PHE F 60 30.81 65.87 43.57
C PHE F 60 31.03 64.37 43.75
N VAL F 61 32.26 63.92 43.51
CA VAL F 61 32.63 62.53 43.74
C VAL F 61 33.92 62.43 44.57
N PRO F 62 34.16 61.35 45.34
CA PRO F 62 35.46 61.09 45.95
C PRO F 62 36.67 61.01 45.00
N ALA F 63 36.66 60.10 44.01
CA ALA F 63 37.77 59.68 43.17
C ALA F 63 39.07 59.40 43.95
N THR F 64 38.92 59.04 45.23
CA THR F 64 39.96 58.76 46.22
C THR F 64 39.44 57.71 47.22
N ASN F 65 40.33 57.10 48.00
CA ASN F 65 40.04 55.86 48.73
C ASN F 65 40.36 56.02 50.23
N SER F 66 40.37 57.26 50.74
CA SER F 66 40.46 57.55 52.16
C SER F 66 39.08 57.58 52.82
N PRO F 67 38.78 56.68 53.80
CA PRO F 67 37.44 56.55 54.37
C PRO F 67 36.90 57.81 55.03
N GLU F 68 37.78 58.61 55.61
CA GLU F 68 37.48 59.92 56.21
C GLU F 68 36.69 60.83 55.25
N LEU F 69 37.20 61.03 54.03
CA LEU F 69 36.60 61.83 52.96
C LEU F 69 35.26 61.27 52.51
N ARG F 70 35.25 59.95 52.30
CA ARG F 70 34.06 59.28 51.80
C ARG F 70 32.90 59.36 52.79
N TRP F 71 33.21 59.20 54.07
CA TRP F 71 32.16 59.28 55.05
C TRP F 71 31.70 60.75 55.26
N GLU F 72 32.64 61.71 55.29
CA GLU F 72 32.23 63.11 55.42
C GLU F 72 31.39 63.57 54.24
N LEU F 73 31.76 63.16 53.03
CA LEU F 73 30.97 63.46 51.83
C LEU F 73 29.58 62.85 51.90
N THR F 74 29.47 61.64 52.43
CA THR F 74 28.15 61.08 52.56
C THR F 74 27.32 61.84 53.58
N LEU F 75 27.90 62.28 54.70
CA LEU F 75 27.23 63.12 55.67
C LEU F 75 26.75 64.44 55.04
N PHE F 76 27.63 65.11 54.28
CA PHE F 76 27.28 66.30 53.53
C PHE F 76 26.07 66.03 52.64
N ALA F 77 26.12 64.96 51.87
CA ALA F 77 25.07 64.63 50.91
C ALA F 77 23.74 64.31 51.57
N LEU F 78 23.79 63.55 52.65
CA LEU F 78 22.60 63.26 53.43
C LEU F 78 21.97 64.59 53.87
N ASP F 79 22.80 65.54 54.31
CA ASP F 79 22.32 66.82 54.77
C ASP F 79 21.79 67.67 53.63
N VAL F 80 22.43 67.68 52.46
CA VAL F 80 21.89 68.37 51.30
C VAL F 80 20.45 67.92 51.01
N ILE F 81 20.20 66.63 51.08
CA ILE F 81 18.87 66.10 50.85
C ILE F 81 17.91 66.45 52.01
N ARG F 82 18.46 66.57 53.22
CA ARG F 82 17.73 66.95 54.43
C ARG F 82 17.32 68.43 54.38
N SER F 83 18.03 69.24 53.59
CA SER F 83 17.90 70.70 53.55
C SER F 83 16.56 71.19 53.01
N PRO F 84 15.92 72.20 53.64
CA PRO F 84 14.76 72.86 53.04
C PRO F 84 15.16 73.89 51.99
N SER F 85 16.44 74.33 51.98
CA SER F 85 16.90 75.46 51.19
C SER F 85 17.68 75.06 49.92
N ALA F 86 18.06 73.79 49.79
CA ALA F 86 18.67 73.33 48.54
C ALA F 86 17.62 73.23 47.43
N ALA F 87 18.02 73.58 46.20
CA ALA F 87 17.22 73.37 44.98
C ALA F 87 17.23 71.91 44.53
N GLU F 88 16.22 71.49 43.78
CA GLU F 88 16.13 70.13 43.28
C GLU F 88 17.32 69.73 42.39
N SER F 89 17.87 70.70 41.66
CA SER F 89 19.09 70.53 40.89
C SER F 89 20.28 70.09 41.75
N MET F 90 20.42 70.68 42.95
CA MET F 90 21.41 70.33 43.95
C MET F 90 21.13 68.93 44.50
N LYS F 91 19.84 68.71 44.84
CA LYS F 91 19.41 67.49 45.49
C LYS F 91 19.65 66.24 44.62
N VAL F 92 19.32 66.28 43.33
CA VAL F 92 19.63 65.13 42.49
C VAL F 92 21.15 64.89 42.34
N GLY F 93 21.96 65.94 42.24
CA GLY F 93 23.41 65.74 42.22
C GLY F 93 23.95 65.16 43.51
N ALA F 94 23.37 65.57 44.64
CA ALA F 94 23.60 64.91 45.93
C ALA F 94 23.23 63.40 45.91
N ALA F 95 22.05 63.05 45.39
CA ALA F 95 21.62 61.65 45.29
C ALA F 95 22.56 60.81 44.42
N PHE F 96 23.11 61.43 43.37
CA PHE F 96 24.16 60.83 42.54
C PHE F 96 25.49 60.64 43.28
N THR F 97 25.85 61.56 44.16
CA THR F 97 27.05 61.37 44.95
C THR F 97 26.80 60.18 45.87
N LEU F 98 25.58 60.17 46.52
CA LEU F 98 25.27 59.15 47.53
C LEU F 98 25.31 57.73 46.93
N ILE F 99 24.53 57.45 45.86
CA ILE F 99 24.46 56.08 45.33
C ILE F 99 25.58 55.67 44.37
N SER F 100 26.75 56.28 44.50
CA SER F 100 27.91 55.87 43.76
C SER F 100 29.13 55.52 44.65
N MET F 101 29.00 55.68 45.97
CA MET F 101 30.09 55.44 46.91
C MET F 101 30.63 53.99 46.97
N TYR F 102 29.87 52.98 46.49
CA TYR F 102 30.26 51.62 46.06
C TYR F 102 31.67 51.57 45.46
N SER F 103 31.82 52.40 44.42
CA SER F 103 32.74 52.03 43.39
C SER F 103 34.16 52.45 43.70
N GLU F 104 35.05 51.68 43.07
CA GLU F 104 36.45 52.05 42.99
C GLU F 104 36.65 53.35 42.20
N ARG F 105 35.78 53.60 41.21
CA ARG F 105 35.82 54.78 40.37
C ARG F 105 34.48 55.52 40.29
N PRO F 106 34.06 56.24 41.34
CA PRO F 106 32.70 56.77 41.40
C PRO F 106 32.30 57.73 40.27
N GLY F 107 33.30 58.47 39.81
CA GLY F 107 33.12 59.35 38.69
C GLY F 107 32.81 58.62 37.39
N ALA F 108 33.53 57.51 37.16
CA ALA F 108 33.32 56.68 35.99
C ALA F 108 31.93 56.07 35.99
N LEU F 109 31.45 55.60 37.15
CA LEU F 109 30.13 55.01 37.27
C LEU F 109 29.03 56.00 36.86
N ILE F 110 29.08 57.22 37.42
CA ILE F 110 28.09 58.19 37.02
C ILE F 110 28.21 58.52 35.53
N ARG F 111 29.41 58.93 35.07
CA ARG F 111 29.55 59.43 33.71
C ARG F 111 29.20 58.39 32.65
N SER F 112 29.42 57.10 32.95
CA SER F 112 29.19 56.03 31.99
C SER F 112 27.75 55.54 31.93
N LEU F 113 27.00 55.68 33.03
CA LEU F 113 25.61 55.28 33.03
C LEU F 113 24.65 56.46 33.07
N LEU F 114 25.10 57.71 32.92
CA LEU F 114 24.23 58.87 32.92
C LEU F 114 23.09 58.77 31.91
N ASN F 115 23.40 58.80 30.61
CA ASN F 115 22.45 58.54 29.52
C ASN F 115 21.08 59.22 29.67
N ASP F 116 21.03 60.56 29.80
CA ASP F 116 19.79 61.31 30.04
C ASP F 116 19.85 62.67 29.35
N PRO F 117 19.02 62.94 28.31
CA PRO F 117 19.03 64.24 27.67
C PRO F 117 18.35 65.36 28.47
N ASP F 118 17.60 65.03 29.56
CA ASP F 118 17.18 66.04 30.52
C ASP F 118 18.36 66.82 31.12
N ILE F 119 19.56 66.21 31.13
CA ILE F 119 20.66 66.56 32.02
C ILE F 119 21.94 66.80 31.22
N GLU F 120 22.70 67.80 31.70
CA GLU F 120 24.15 67.86 31.52
C GLU F 120 24.79 67.79 32.90
N ALA F 121 25.57 66.71 33.11
CA ALA F 121 26.14 66.50 34.44
C ALA F 121 27.54 67.12 34.44
N VAL F 122 27.89 67.88 35.50
CA VAL F 122 29.25 68.38 35.64
C VAL F 122 29.81 67.66 36.84
N ILE F 123 30.86 66.87 36.61
CA ILE F 123 31.39 65.98 37.62
C ILE F 123 32.67 66.60 38.16
N ILE F 124 32.71 66.71 39.48
CA ILE F 124 33.80 67.33 40.20
C ILE F 124 34.41 66.27 41.12
N ASP F 125 35.68 65.93 40.90
CA ASP F 125 36.43 65.24 41.96
C ASP F 125 36.67 66.18 43.13
N VAL F 126 36.20 65.87 44.34
CA VAL F 126 36.35 66.74 45.51
C VAL F 126 37.83 66.87 45.91
N GLY F 127 38.23 68.10 46.32
CA GLY F 127 39.62 68.39 46.64
C GLY F 127 39.99 67.98 48.06
N SER F 128 39.79 66.69 48.39
CA SER F 128 40.12 66.07 49.66
C SER F 128 39.36 66.67 50.85
N MET F 129 38.31 67.47 50.57
CA MET F 129 37.35 68.00 51.54
C MET F 129 38.01 68.66 52.76
N VAL F 130 38.95 69.58 52.49
CA VAL F 130 39.61 70.38 53.51
C VAL F 130 38.68 71.44 54.12
N ASN F 131 37.52 71.72 53.49
CA ASN F 131 36.69 72.87 53.84
C ASN F 131 36.06 72.81 55.23
N GLY F 132 35.48 71.67 55.62
CA GLY F 132 34.79 71.60 56.90
C GLY F 132 33.64 70.63 56.76
N ILE F 133 32.42 71.07 57.10
CA ILE F 133 31.22 70.26 56.90
C ILE F 133 30.84 70.20 55.41
N PRO F 134 30.89 71.31 54.61
CA PRO F 134 30.67 71.24 53.16
C PRO F 134 31.84 70.63 52.38
N VAL F 135 31.64 70.39 51.09
CA VAL F 135 32.70 70.11 50.13
C VAL F 135 33.67 71.30 50.01
N MET F 136 34.94 70.99 49.67
CA MET F 136 35.85 72.02 49.17
C MET F 136 35.87 71.99 47.63
N GLU F 137 35.80 73.17 47.01
CA GLU F 137 35.84 73.33 45.56
C GLU F 137 37.24 73.03 45.03
N ARG F 138 37.33 72.01 44.16
CA ARG F 138 38.55 71.24 43.93
C ARG F 138 39.70 72.06 43.33
N ARG F 139 39.36 73.06 42.49
CA ARG F 139 40.32 74.02 41.94
C ARG F 139 40.10 75.46 42.42
N GLY F 140 39.35 75.63 43.51
CA GLY F 140 38.88 76.93 43.97
C GLY F 140 37.60 77.36 43.25
N ASP F 141 36.68 77.99 44.00
CA ASP F 141 35.39 78.44 43.52
C ASP F 141 35.53 79.64 42.58
N LYS F 142 34.85 79.62 41.42
CA LYS F 142 34.74 80.80 40.56
C LYS F 142 33.88 81.88 41.22
N ALA F 143 32.91 81.48 42.04
CA ALA F 143 32.13 82.38 42.89
C ALA F 143 32.25 81.93 44.35
N GLN F 144 32.85 82.78 45.20
CA GLN F 144 33.34 82.36 46.50
C GLN F 144 32.20 82.25 47.52
N GLU F 145 30.97 82.55 47.10
CA GLU F 145 29.77 82.42 47.92
C GLU F 145 29.24 80.98 47.92
N GLU F 146 29.67 80.15 46.96
CA GLU F 146 29.09 78.83 46.72
C GLU F 146 29.25 77.95 47.96
N MET F 147 30.45 77.97 48.53
CA MET F 147 30.75 77.14 49.70
C MET F 147 29.94 77.60 50.92
N GLU F 148 29.56 78.88 50.97
CA GLU F 148 28.72 79.46 52.01
C GLU F 148 27.25 79.21 51.72
N GLY F 149 26.86 79.12 50.45
CA GLY F 149 25.57 78.57 50.05
C GLY F 149 25.39 77.14 50.54
N LEU F 150 26.41 76.29 50.35
CA LEU F 150 26.43 74.94 50.89
C LEU F 150 26.31 74.95 52.42
N MET F 151 27.06 75.82 53.08
CA MET F 151 26.97 75.92 54.53
C MET F 151 25.57 76.30 54.98
N ARG F 152 24.92 77.25 54.31
CA ARG F 152 23.54 77.62 54.60
C ARG F 152 22.61 76.43 54.38
N ILE F 153 22.81 75.67 53.30
CA ILE F 153 22.05 74.46 53.01
C ILE F 153 22.15 73.50 54.20
N LEU F 154 23.36 73.24 54.71
CA LEU F 154 23.60 72.32 55.82
C LEU F 154 23.04 72.82 57.14
N LYS F 155 23.24 74.11 57.42
CA LYS F 155 22.72 74.74 58.62
C LYS F 155 21.20 74.63 58.62
N THR F 156 20.56 75.09 57.54
CA THR F 156 19.12 75.03 57.43
C THR F 156 18.60 73.59 57.55
N ALA F 157 19.36 72.61 57.02
CA ALA F 157 19.04 71.20 57.23
C ALA F 157 18.94 70.86 58.71
N ARG F 158 20.04 71.11 59.45
CA ARG F 158 20.12 70.87 60.89
C ARG F 158 19.01 71.61 61.65
N ASP F 159 18.85 72.90 61.39
CA ASP F 159 17.99 73.79 62.13
C ASP F 159 16.52 73.44 61.93
N SER F 160 16.13 73.16 60.67
CA SER F 160 14.75 72.82 60.31
C SER F 160 14.34 71.47 60.88
N SER F 161 15.31 70.57 60.99
CA SER F 161 15.11 69.28 61.61
C SER F 161 15.56 69.27 63.08
N LYS F 162 15.47 70.43 63.73
CA LYS F 162 15.45 70.58 65.18
C LYS F 162 16.74 70.02 65.82
N GLY F 163 17.85 70.04 65.07
CA GLY F 163 19.13 69.57 65.57
C GLY F 163 19.35 68.06 65.46
N LYS F 164 18.30 67.30 65.13
CA LYS F 164 18.31 65.84 65.05
C LYS F 164 18.89 65.41 63.70
N THR F 165 19.93 64.58 63.72
CA THR F 165 20.67 64.14 62.54
C THR F 165 19.90 63.06 61.78
N PRO F 166 20.34 62.71 60.54
CA PRO F 166 19.56 61.85 59.67
C PRO F 166 19.32 60.46 60.23
N PHE F 167 20.27 59.93 61.02
CA PHE F 167 20.23 58.58 61.59
C PHE F 167 19.36 58.51 62.84
N VAL F 168 18.88 57.30 63.14
CA VAL F 168 18.14 57.03 64.36
C VAL F 168 19.03 57.02 65.62
N ASP F 169 20.33 56.70 65.52
CA ASP F 169 21.31 57.07 66.54
C ASP F 169 22.33 58.08 66.00
N SER F 170 22.33 59.26 66.64
CA SER F 170 23.11 60.40 66.21
C SER F 170 24.61 60.14 66.24
N ARG F 171 25.06 59.17 67.03
CA ARG F 171 26.48 58.84 67.10
C ARG F 171 27.03 58.43 65.73
N ALA F 172 26.17 57.83 64.91
CA ALA F 172 26.51 57.52 63.53
C ALA F 172 26.94 58.79 62.78
N TYR F 173 26.24 59.92 63.01
CA TYR F 173 26.53 61.23 62.42
C TYR F 173 27.84 61.82 62.94
N GLY F 174 28.08 61.60 64.23
CA GLY F 174 29.26 62.13 64.87
C GLY F 174 30.56 61.44 64.47
N LEU F 175 30.47 60.13 64.25
CA LEU F 175 31.57 59.20 64.09
C LEU F 175 32.45 59.51 62.87
N ARG F 176 33.75 59.70 63.12
CA ARG F 176 34.74 59.82 62.04
C ARG F 176 35.24 58.43 61.69
N ILE F 177 34.71 57.90 60.59
CA ILE F 177 35.12 56.60 60.10
C ILE F 177 36.56 56.69 59.57
N THR F 178 37.38 55.66 59.92
CA THR F 178 38.80 55.66 59.61
C THR F 178 39.25 54.48 58.75
N ASP F 179 38.40 53.44 58.66
CA ASP F 179 38.73 52.14 58.08
C ASP F 179 37.73 51.72 57.01
N MET F 180 38.22 50.95 56.03
CA MET F 180 37.43 50.68 54.85
C MET F 180 36.26 49.76 55.18
N SER F 181 36.48 48.84 56.12
CA SER F 181 35.49 47.84 56.43
C SER F 181 34.23 48.46 57.06
N THR F 182 34.44 49.38 58.01
CA THR F 182 33.31 50.05 58.63
C THR F 182 32.69 51.05 57.65
N LEU F 183 33.51 51.70 56.78
CA LEU F 183 32.99 52.57 55.71
C LEU F 183 32.00 51.85 54.84
N VAL F 184 32.41 50.72 54.25
CA VAL F 184 31.53 49.98 53.36
C VAL F 184 30.32 49.41 54.10
N SER F 185 30.50 48.98 55.33
CA SER F 185 29.36 48.60 56.13
C SER F 185 28.32 49.74 56.17
N ALA F 186 28.78 50.97 56.45
CA ALA F 186 27.98 52.18 56.61
C ALA F 186 27.35 52.56 55.25
N VAL F 187 28.20 52.77 54.24
CA VAL F 187 27.77 53.21 52.92
C VAL F 187 26.73 52.23 52.37
N ILE F 188 27.01 50.94 52.36
CA ILE F 188 26.10 49.96 51.82
C ILE F 188 24.78 50.04 52.58
N THR F 189 24.79 50.46 53.84
CA THR F 189 23.57 50.45 54.62
C THR F 189 22.73 51.68 54.26
N ILE F 190 23.36 52.83 54.06
CA ILE F 190 22.60 53.99 53.61
C ILE F 190 22.13 53.77 52.19
N GLU F 191 22.98 53.26 51.30
CA GLU F 191 22.56 53.01 49.92
C GLU F 191 21.36 52.11 49.92
N ALA F 192 21.47 51.00 50.60
CA ALA F 192 20.35 50.10 50.63
C ALA F 192 19.09 50.84 51.04
N GLN F 193 19.22 51.84 51.91
CA GLN F 193 18.03 52.53 52.37
C GLN F 193 17.42 53.37 51.25
N ILE F 194 18.27 54.04 50.47
CA ILE F 194 17.80 54.85 49.36
C ILE F 194 17.17 53.88 48.34
N TRP F 195 17.81 52.72 48.03
CA TRP F 195 17.31 51.78 47.01
C TRP F 195 16.01 51.14 47.43
N ILE F 196 15.78 50.89 48.72
CA ILE F 196 14.53 50.21 49.08
C ILE F 196 13.41 51.15 48.65
N LEU F 197 13.68 52.48 48.66
CA LEU F 197 12.67 53.48 48.35
C LEU F 197 12.14 53.39 46.92
N ILE F 198 13.04 53.14 45.93
CA ILE F 198 12.76 53.33 44.50
C ILE F 198 11.51 52.45 44.12
N ALA F 199 11.21 51.40 44.88
CA ALA F 199 10.21 50.46 44.43
C ALA F 199 8.87 51.11 44.39
N LYS F 200 8.57 51.91 45.44
CA LYS F 200 7.22 52.42 45.49
C LYS F 200 7.16 53.96 45.41
N ALA F 201 8.28 54.63 45.20
CA ALA F 201 8.37 56.08 45.16
C ALA F 201 7.45 56.63 44.08
N VAL F 202 7.43 55.98 42.95
CA VAL F 202 6.70 56.52 41.80
C VAL F 202 5.36 55.85 41.70
N THR F 203 5.17 54.78 42.44
CA THR F 203 3.90 54.11 42.27
C THR F 203 2.95 54.25 43.47
N ALA F 204 3.49 54.45 44.70
CA ALA F 204 2.72 54.90 45.87
C ALA F 204 3.65 55.47 46.95
N PRO F 205 4.18 56.69 46.75
CA PRO F 205 5.09 57.30 47.73
C PRO F 205 4.42 57.61 49.06
N ASP F 206 3.10 57.73 49.08
CA ASP F 206 2.40 57.71 50.36
C ASP F 206 1.96 56.27 50.59
N THR F 207 1.99 55.79 51.82
CA THR F 207 1.85 54.36 52.16
C THR F 207 3.06 53.50 51.79
N ALA F 208 4.19 54.15 51.45
CA ALA F 208 5.40 53.40 51.16
C ALA F 208 6.01 52.68 52.38
N GLU F 209 5.87 53.25 53.59
CA GLU F 209 6.67 52.83 54.74
C GLU F 209 6.44 51.35 55.09
N GLU F 210 5.19 50.87 54.95
CA GLU F 210 4.80 49.52 55.30
C GLU F 210 5.61 48.43 54.59
N SER F 211 6.07 48.74 53.37
CA SER F 211 6.85 47.82 52.55
C SER F 211 8.32 48.09 52.77
N GLU F 212 8.73 49.35 52.77
CA GLU F 212 10.16 49.62 52.82
C GLU F 212 10.77 49.28 54.20
N THR F 213 9.96 49.31 55.26
CA THR F 213 10.40 48.77 56.54
C THR F 213 10.55 47.23 56.48
N ARG F 214 9.58 46.54 55.83
CA ARG F 214 9.60 45.08 55.64
C ARG F 214 10.87 44.64 54.92
N ARG F 215 11.29 45.39 53.90
CA ARG F 215 12.52 45.12 53.19
C ARG F 215 13.69 45.43 54.09
N TRP F 216 13.60 46.44 54.96
CA TRP F 216 14.64 46.74 55.92
C TRP F 216 15.02 45.59 56.82
N ALA F 217 13.94 45.11 57.41
CA ALA F 217 14.00 43.97 58.30
C ALA F 217 14.85 42.84 57.71
N LYS F 218 14.51 42.44 56.49
CA LYS F 218 15.23 41.40 55.78
C LYS F 218 16.71 41.67 55.68
N TYR F 219 17.14 42.79 55.15
CA TYR F 219 18.56 42.98 54.94
C TYR F 219 19.38 43.04 56.23
N VAL F 220 18.76 43.50 57.31
CA VAL F 220 19.47 43.53 58.56
C VAL F 220 19.48 42.15 59.23
N GLN F 221 18.36 41.42 59.17
CA GLN F 221 18.29 40.05 59.67
C GLN F 221 19.32 39.14 58.98
N GLN F 222 19.47 39.30 57.70
CA GLN F 222 20.48 38.61 56.95
C GLN F 222 21.86 39.21 57.07
N LYS F 223 22.03 40.20 57.90
CA LYS F 223 23.35 40.71 58.21
C LYS F 223 24.08 41.29 56.99
N ARG F 224 23.33 41.71 55.96
CA ARG F 224 23.95 42.44 54.87
C ARG F 224 24.17 43.93 55.24
N VAL F 225 23.35 44.49 56.13
CA VAL F 225 23.41 45.92 56.45
C VAL F 225 23.51 46.11 57.97
N ASN F 226 24.29 47.11 58.39
CA ASN F 226 24.66 47.36 59.78
C ASN F 226 23.72 48.36 60.47
N PRO F 227 22.73 47.96 61.30
CA PRO F 227 21.55 48.80 61.57
C PRO F 227 21.85 50.01 62.48
N PHE F 228 23.11 50.10 62.97
CA PHE F 228 23.61 51.34 63.55
C PHE F 228 23.45 52.51 62.60
N PHE F 229 23.56 52.24 61.29
CA PHE F 229 23.31 53.27 60.32
C PHE F 229 21.85 53.39 59.78
N ALA F 230 20.85 53.04 60.56
CA ALA F 230 19.46 53.26 60.13
C ALA F 230 19.17 54.77 60.03
N LEU F 231 18.43 55.18 58.99
CA LEU F 231 18.02 56.55 58.75
C LEU F 231 16.55 56.75 59.16
N THR F 232 16.28 57.95 59.73
CA THR F 232 14.99 58.34 60.31
C THR F 232 13.89 58.45 59.26
N GLN F 233 12.64 58.17 59.64
CA GLN F 233 11.58 58.37 58.65
C GLN F 233 11.52 59.78 58.01
N GLN F 234 11.89 60.79 58.83
CA GLN F 234 11.99 62.16 58.37
C GLN F 234 13.04 62.36 57.26
N TRP F 235 14.12 61.58 57.20
CA TRP F 235 15.07 61.63 56.10
C TRP F 235 14.63 60.77 54.96
N LEU F 236 14.11 59.61 55.26
CA LEU F 236 13.67 58.72 54.21
C LEU F 236 12.51 59.32 53.40
N THR F 237 11.59 60.06 54.02
CA THR F 237 10.52 60.71 53.25
C THR F 237 11.08 61.84 52.39
N GLU F 238 12.06 62.58 52.89
CA GLU F 238 12.69 63.62 52.08
C GLU F 238 13.43 63.07 50.86
N MET F 239 14.06 61.92 51.01
CA MET F 239 14.63 61.24 49.87
C MET F 239 13.62 60.54 48.97
N ARG F 240 12.59 59.92 49.55
CA ARG F 240 11.50 59.38 48.73
C ARG F 240 10.99 60.48 47.80
N ASN F 241 10.88 61.73 48.32
CA ASN F 241 10.33 62.83 47.55
C ASN F 241 11.20 63.09 46.35
N LEU F 242 12.51 63.17 46.55
CA LEU F 242 13.39 63.58 45.47
C LEU F 242 13.21 62.58 44.32
N LEU F 243 13.04 61.31 44.68
CA LEU F 243 12.96 60.26 43.66
C LEU F 243 11.69 60.46 42.84
N SER F 244 10.58 60.76 43.51
CA SER F 244 9.34 60.86 42.78
C SER F 244 9.28 62.15 41.95
N GLN F 245 9.97 63.20 42.42
CA GLN F 245 9.89 64.47 41.71
C GLN F 245 11.10 64.70 40.80
N SER F 246 11.98 63.69 40.64
CA SER F 246 13.04 63.82 39.65
C SER F 246 13.17 62.54 38.83
N LEU F 247 12.75 62.59 37.58
CA LEU F 247 12.95 61.46 36.71
C LEU F 247 14.43 61.22 36.50
N SER F 248 15.25 62.29 36.51
CA SER F 248 16.66 62.12 36.25
C SER F 248 17.36 61.16 37.21
N VAL F 249 17.01 61.25 38.51
CA VAL F 249 17.60 60.32 39.49
C VAL F 249 17.05 58.89 39.36
N ARG F 250 15.76 58.74 39.03
CA ARG F 250 15.26 57.39 38.76
C ARG F 250 15.98 56.74 37.56
N LYS F 251 16.36 57.55 36.56
CA LYS F 251 17.02 57.03 35.38
C LYS F 251 18.37 56.40 35.71
N PHE F 252 19.17 57.04 36.57
CA PHE F 252 20.43 56.45 37.00
C PHE F 252 20.15 55.16 37.78
N MET F 253 19.12 55.22 38.61
CA MET F 253 18.81 54.06 39.40
C MET F 253 18.41 52.87 38.54
N VAL F 254 17.66 53.13 37.47
CA VAL F 254 17.30 52.05 36.55
C VAL F 254 18.44 51.68 35.60
N GLU F 255 19.30 52.64 35.26
CA GLU F 255 20.47 52.30 34.47
C GLU F 255 21.38 51.35 35.23
N ILE F 256 21.66 51.69 36.50
CA ILE F 256 22.39 50.82 37.42
C ILE F 256 21.72 49.46 37.65
N LEU F 257 20.44 49.52 37.84
CA LEU F 257 19.68 48.34 38.15
C LEU F 257 19.59 47.38 36.96
N ILE F 258 19.70 47.84 35.72
CA ILE F 258 19.90 47.00 34.55
C ILE F 258 21.31 46.47 34.56
N GLU F 259 22.28 47.34 34.79
CA GLU F 259 23.67 46.98 34.56
C GLU F 259 24.04 45.83 35.49
N VAL F 260 23.60 45.92 36.76
CA VAL F 260 24.01 44.91 37.73
C VAL F 260 23.12 43.69 37.74
N LYS F 261 22.01 43.73 37.04
CA LYS F 261 21.19 42.55 36.84
C LYS F 261 21.82 41.57 35.84
N LYS F 262 22.69 42.04 34.92
CA LYS F 262 23.39 41.21 33.94
C LYS F 262 24.35 40.24 34.63
N GLY F 263 24.39 39.01 34.11
CA GLY F 263 24.82 37.86 34.91
C GLY F 263 26.30 37.61 34.72
N GLY F 264 26.72 36.35 34.95
CA GLY F 264 27.94 35.83 34.36
C GLY F 264 29.21 36.58 34.76
N SER F 265 29.12 37.20 35.93
CA SER F 265 30.17 37.97 36.56
C SER F 265 30.19 37.68 38.06
N ALA F 266 31.38 37.82 38.66
CA ALA F 266 31.53 38.05 40.09
C ALA F 266 30.90 39.39 40.49
N LYS F 267 30.32 39.39 41.70
CA LYS F 267 29.63 40.53 42.28
C LYS F 267 30.22 40.87 43.65
N GLY F 268 30.41 42.19 43.89
CA GLY F 268 30.66 42.70 45.22
C GLY F 268 29.39 42.74 46.08
N ARG F 269 29.52 42.67 47.42
CA ARG F 269 28.36 42.64 48.31
C ARG F 269 27.46 43.82 48.05
N ALA F 270 28.14 44.92 47.69
CA ALA F 270 27.43 46.15 47.45
C ALA F 270 26.45 46.02 46.26
N VAL F 271 26.90 45.63 45.07
CA VAL F 271 26.00 45.50 43.93
C VAL F 271 25.04 44.38 44.12
N GLU F 272 25.42 43.39 44.90
CA GLU F 272 24.57 42.26 45.13
C GLU F 272 23.31 42.71 45.82
N ILE F 273 23.49 43.57 46.84
CA ILE F 273 22.31 44.02 47.54
C ILE F 273 21.38 44.86 46.65
N ILE F 274 21.98 45.67 45.77
CA ILE F 274 21.20 46.40 44.77
C ILE F 274 20.38 45.46 43.93
N SER F 275 21.08 44.47 43.38
CA SER F 275 20.45 43.57 42.46
C SER F 275 19.27 42.88 43.15
N ASP F 276 19.45 42.56 44.44
CA ASP F 276 18.45 41.87 45.22
C ASP F 276 17.20 42.74 45.29
N ILE F 277 17.43 44.01 45.62
CA ILE F 277 16.41 45.07 45.66
C ILE F 277 15.67 45.12 44.35
N GLY F 278 16.44 45.02 43.28
CA GLY F 278 15.89 45.06 41.95
C GLY F 278 14.63 44.20 41.88
N ASN F 279 14.64 43.06 42.52
CA ASN F 279 13.62 42.12 42.22
C ASN F 279 12.28 42.57 42.84
N TYR F 280 12.32 43.67 43.60
CA TYR F 280 11.07 44.23 44.09
C TYR F 280 10.68 45.37 43.12
N VAL F 281 11.70 46.09 42.58
CA VAL F 281 11.53 47.19 41.61
C VAL F 281 10.95 46.74 40.26
N GLU F 282 11.42 45.60 39.77
CA GLU F 282 10.96 45.14 38.47
C GLU F 282 9.41 44.97 38.47
N GLU F 283 8.80 45.22 37.31
CA GLU F 283 7.38 45.14 37.04
C GLU F 283 6.62 46.27 37.77
N THR F 284 7.32 47.21 38.45
CA THR F 284 6.63 48.17 39.31
C THR F 284 5.69 49.06 38.50
N GLY F 285 4.52 49.29 39.05
CA GLY F 285 3.63 50.18 38.35
C GLY F 285 2.95 49.52 37.18
N MET F 286 3.14 48.20 36.99
CA MET F 286 2.45 47.56 35.87
C MET F 286 1.63 46.39 36.31
N ALA F 287 1.20 46.47 37.58
CA ALA F 287 0.34 45.56 38.33
C ALA F 287 -0.77 44.98 37.47
N GLY F 288 -1.54 45.91 36.88
CA GLY F 288 -2.70 45.55 36.09
C GLY F 288 -2.35 44.62 34.92
N PHE F 289 -1.27 44.93 34.18
CA PHE F 289 -0.78 44.17 33.02
C PHE F 289 -0.45 42.72 33.36
N PHE F 290 0.52 42.59 34.25
CA PHE F 290 0.97 41.28 34.59
C PHE F 290 -0.16 40.56 35.34
N ALA F 291 -1.01 41.24 36.08
CA ALA F 291 -2.10 40.57 36.74
C ALA F 291 -3.07 39.98 35.76
N THR F 292 -3.25 40.58 34.60
CA THR F 292 -4.07 39.91 33.59
C THR F 292 -3.37 38.71 32.97
N ILE F 293 -2.06 38.68 32.93
CA ILE F 293 -1.36 37.51 32.46
C ILE F 293 -1.49 36.43 33.52
N ARG F 294 -1.06 36.70 34.75
CA ARG F 294 -1.15 35.76 35.86
C ARG F 294 -2.57 35.20 36.02
N PHE F 295 -3.56 36.07 36.16
CA PHE F 295 -4.91 35.71 36.65
C PHE F 295 -5.86 36.01 35.51
N GLY F 296 -6.86 35.17 35.29
CA GLY F 296 -7.45 35.32 33.96
C GLY F 296 -6.76 34.51 32.85
N LEU F 297 -5.65 35.03 32.30
CA LEU F 297 -5.03 34.42 31.12
C LEU F 297 -4.43 33.05 31.46
N GLU F 298 -3.40 32.97 32.32
CA GLU F 298 -2.79 31.68 32.63
C GLU F 298 -3.69 30.84 33.50
N THR F 299 -4.67 31.45 34.15
CA THR F 299 -5.69 30.69 34.85
C THR F 299 -6.73 30.03 33.94
N ARG F 300 -6.79 30.39 32.64
CA ARG F 300 -7.44 29.67 31.55
C ARG F 300 -8.77 29.02 31.97
N TYR F 301 -9.62 29.81 32.68
CA TYR F 301 -10.92 29.34 33.11
C TYR F 301 -11.79 29.01 31.89
N PRO F 302 -12.91 28.27 32.04
CA PRO F 302 -13.86 28.13 30.95
C PRO F 302 -14.34 29.49 30.41
N ALA F 303 -14.32 30.55 31.26
CA ALA F 303 -14.78 31.89 30.90
C ALA F 303 -13.93 32.53 29.82
N LEU F 304 -12.68 32.12 29.69
CA LEU F 304 -11.77 32.67 28.68
C LEU F 304 -12.17 32.04 27.36
N ALA F 305 -12.26 32.83 26.30
CA ALA F 305 -12.89 32.43 25.03
C ALA F 305 -14.43 32.33 25.09
N LEU F 306 -15.12 32.80 26.13
CA LEU F 306 -16.35 33.56 25.86
C LEU F 306 -16.09 34.70 24.87
N ASN F 307 -17.06 34.94 23.96
CA ASN F 307 -16.87 35.72 22.75
C ASN F 307 -16.38 37.13 23.02
N GLU F 308 -16.83 37.69 24.15
CA GLU F 308 -16.61 39.10 24.39
C GLU F 308 -15.14 39.48 24.59
N PHE F 309 -14.42 38.57 25.24
CA PHE F 309 -13.04 38.83 25.58
C PHE F 309 -12.09 38.86 24.39
N GLN F 310 -12.56 38.43 23.22
CA GLN F 310 -11.59 38.02 22.25
C GLN F 310 -10.66 39.17 21.88
N SER F 311 -11.25 40.36 21.74
CA SER F 311 -10.46 41.53 21.35
C SER F 311 -9.44 41.82 22.42
N ASP F 312 -9.80 41.62 23.69
CA ASP F 312 -8.87 41.79 24.79
C ASP F 312 -7.74 40.76 24.76
N LEU F 313 -8.06 39.49 24.51
CA LEU F 313 -7.00 38.49 24.36
C LEU F 313 -6.00 38.92 23.24
N ASN F 314 -6.53 39.31 22.08
CA ASN F 314 -5.74 39.80 20.97
C ASN F 314 -4.84 40.96 21.40
N THR F 315 -5.41 41.77 22.30
CA THR F 315 -4.68 42.88 22.87
C THR F 315 -3.50 42.40 23.67
N ILE F 316 -3.76 41.47 24.56
CA ILE F 316 -2.69 41.04 25.46
C ILE F 316 -1.58 40.43 24.63
N LYS F 317 -1.95 39.63 23.61
CA LYS F 317 -0.94 38.99 22.78
C LYS F 317 -0.04 40.09 22.24
N SER F 318 -0.64 41.15 21.68
CA SER F 318 0.11 42.23 21.07
C SER F 318 1.00 42.92 22.08
N LEU F 319 0.52 43.02 23.33
CA LEU F 319 1.30 43.64 24.38
C LEU F 319 2.50 42.78 24.77
N MET F 320 2.33 41.45 24.85
CA MET F 320 3.44 40.58 25.20
C MET F 320 4.55 40.69 24.18
N LEU F 321 4.15 40.58 22.93
CA LEU F 321 5.14 40.69 21.90
C LEU F 321 5.72 42.11 21.85
N LEU F 322 4.95 43.12 22.20
CA LEU F 322 5.46 44.47 22.35
C LEU F 322 6.54 44.60 23.45
N TYR F 323 6.27 43.95 24.58
CA TYR F 323 7.16 43.97 25.71
C TYR F 323 8.51 43.44 25.34
N ARG F 324 8.51 42.32 24.58
CA ARG F 324 9.74 41.73 24.08
C ARG F 324 10.50 42.73 23.24
N GLU F 325 9.80 43.52 22.45
CA GLU F 325 10.39 44.48 21.55
C GLU F 325 11.06 45.60 22.31
N ILE F 326 10.48 45.97 23.43
CA ILE F 326 11.10 47.06 24.18
C ILE F 326 12.47 46.61 24.77
N GLY F 327 12.50 45.33 25.16
CA GLY F 327 13.70 44.63 25.63
C GLY F 327 14.07 44.95 27.07
N PRO F 328 15.33 45.25 27.42
CA PRO F 328 15.73 45.23 28.82
C PRO F 328 15.15 46.39 29.68
N ARG F 329 14.65 47.47 29.10
CA ARG F 329 14.01 48.48 29.94
C ARG F 329 12.61 48.09 30.32
N ALA F 330 12.08 46.97 29.88
CA ALA F 330 10.63 46.75 29.92
C ALA F 330 10.06 46.66 31.32
N PRO F 331 10.78 45.98 32.19
CA PRO F 331 10.29 45.88 33.53
C PRO F 331 10.38 47.15 34.36
N TYR F 332 10.92 48.21 33.82
CA TYR F 332 11.17 49.44 34.53
C TYR F 332 10.46 50.64 33.94
N MET F 333 9.50 50.39 33.04
CA MET F 333 9.03 51.48 32.24
C MET F 333 8.27 52.45 33.09
N VAL F 334 7.56 52.00 34.14
CA VAL F 334 6.73 52.96 34.86
C VAL F 334 7.58 53.97 35.60
N LEU F 335 8.64 53.48 36.19
CA LEU F 335 9.54 54.41 36.86
C LEU F 335 10.20 55.37 35.86
N LEU F 336 10.58 54.90 34.66
CA LEU F 336 11.25 55.75 33.70
C LEU F 336 10.23 56.61 32.91
N GLU F 337 9.00 56.65 33.44
CA GLU F 337 7.94 57.47 32.83
C GLU F 337 7.76 57.15 31.34
N GLU F 338 8.08 55.93 30.89
CA GLU F 338 8.17 55.74 29.46
C GLU F 338 6.76 55.73 28.84
N SER F 339 6.55 56.52 27.81
CA SER F 339 5.31 56.71 27.07
C SER F 339 4.53 55.45 26.73
N ILE F 340 5.31 54.43 26.37
CA ILE F 340 4.68 53.21 25.96
C ILE F 340 3.86 52.57 27.09
N GLN F 341 4.14 52.94 28.34
CA GLN F 341 3.42 52.52 29.52
C GLN F 341 1.92 52.51 29.25
N THR F 342 1.52 53.63 28.60
CA THR F 342 0.10 53.89 28.39
C THR F 342 -0.57 52.71 27.76
N LYS F 343 0.17 52.14 26.81
CA LYS F 343 -0.33 51.07 25.94
C LYS F 343 -0.68 49.88 26.80
N PHE F 344 0.24 49.67 27.75
CA PHE F 344 0.21 48.57 28.67
C PHE F 344 -0.95 48.69 29.63
N ALA F 345 -1.32 49.93 29.94
CA ALA F 345 -2.27 50.14 31.00
C ALA F 345 -3.57 49.40 30.74
N PRO F 346 -4.24 48.88 31.80
CA PRO F 346 -5.57 48.26 31.66
C PRO F 346 -6.51 49.44 31.28
N GLY F 347 -7.74 49.15 30.85
CA GLY F 347 -8.35 50.16 30.00
C GLY F 347 -8.05 49.92 28.55
N GLY F 348 -6.87 49.43 28.27
CA GLY F 348 -6.62 48.89 26.96
C GLY F 348 -7.28 47.53 26.77
N TYR F 349 -7.68 46.89 27.87
CA TYR F 349 -8.25 45.56 27.85
C TYR F 349 -9.15 45.38 29.07
N PRO F 350 -10.08 46.29 29.30
CA PRO F 350 -10.77 46.39 30.56
C PRO F 350 -11.71 45.26 30.95
N LEU F 351 -12.22 44.53 29.94
CA LEU F 351 -13.10 43.42 30.32
C LEU F 351 -12.28 42.28 30.88
N LEU F 352 -11.22 41.92 30.16
CA LEU F 352 -10.29 40.92 30.63
C LEU F 352 -9.63 41.33 31.96
N TRP F 353 -9.24 42.60 32.14
CA TRP F 353 -8.66 43.05 33.41
C TRP F 353 -9.65 43.04 34.53
N SER F 354 -10.91 43.48 34.33
CA SER F 354 -11.91 43.38 35.39
C SER F 354 -12.16 41.93 35.84
N PHE F 355 -12.30 41.01 34.88
CA PHE F 355 -12.37 39.61 35.17
C PHE F 355 -11.13 39.07 35.86
N ALA F 356 -9.92 39.39 35.37
CA ALA F 356 -8.63 39.00 35.96
C ALA F 356 -8.51 39.48 37.42
N MET F 357 -8.89 40.72 37.73
CA MET F 357 -8.85 41.22 39.09
C MET F 357 -9.87 40.44 39.93
N GLY F 358 -11.04 40.11 39.38
CA GLY F 358 -12.03 39.27 40.04
C GLY F 358 -11.47 37.91 40.46
N VAL F 359 -10.69 37.28 39.57
CA VAL F 359 -9.94 36.08 39.89
C VAL F 359 -8.87 36.38 40.96
N ALA F 360 -7.98 37.35 40.69
CA ALA F 360 -6.81 37.66 41.52
C ALA F 360 -7.20 37.93 42.98
N THR F 361 -8.21 38.77 43.22
CA THR F 361 -8.69 39.09 44.56
C THR F 361 -9.30 37.89 45.26
N THR F 362 -9.82 36.92 44.50
CA THR F 362 -10.44 35.72 45.04
C THR F 362 -9.39 34.72 45.46
N ILE F 363 -8.27 34.65 44.71
CA ILE F 363 -7.33 33.58 44.96
C ILE F 363 -6.16 34.03 45.84
N ASP F 364 -5.76 35.30 45.77
CA ASP F 364 -4.53 35.75 46.40
C ASP F 364 -4.86 36.79 47.50
N ARG F 365 -4.56 36.47 48.76
CA ARG F 365 -4.77 37.36 49.90
C ARG F 365 -3.90 38.62 49.82
N SER F 366 -2.82 38.59 49.03
CA SER F 366 -1.98 39.74 48.76
C SER F 366 -2.68 40.77 47.84
N MET F 367 -3.56 40.32 46.93
CA MET F 367 -4.36 41.22 46.08
C MET F 367 -5.46 41.82 46.95
N GLY F 368 -6.24 42.77 46.45
CA GLY F 368 -7.27 43.35 47.33
C GLY F 368 -6.79 44.56 48.13
N ALA F 369 -5.54 44.49 48.58
CA ALA F 369 -4.78 45.66 48.98
C ALA F 369 -4.19 46.42 47.77
N LEU F 370 -4.19 45.83 46.57
CA LEU F 370 -3.92 46.61 45.37
C LEU F 370 -5.17 47.38 44.92
N ASN F 371 -5.08 48.70 44.73
CA ASN F 371 -6.24 49.55 44.56
C ASN F 371 -6.80 49.47 43.13
N ILE F 372 -8.01 48.89 43.02
CA ILE F 372 -8.67 48.79 41.71
C ILE F 372 -9.87 49.75 41.51
N ASN F 373 -9.92 50.84 42.27
CA ASN F 373 -10.85 51.92 41.98
C ASN F 373 -10.46 52.72 40.72
N ARG F 374 -10.81 52.22 39.52
CA ARG F 374 -10.58 52.83 38.20
C ARG F 374 -11.92 52.90 37.47
N GLY F 375 -12.02 53.88 36.53
CA GLY F 375 -13.24 54.21 35.79
C GLY F 375 -13.72 53.07 34.88
N TYR F 376 -12.75 52.30 34.41
CA TYR F 376 -12.92 51.24 33.43
C TYR F 376 -13.12 49.86 34.03
N LEU F 377 -13.43 49.79 35.34
CA LEU F 377 -13.87 48.53 35.93
C LEU F 377 -15.22 48.10 35.39
N GLU F 378 -15.34 46.83 35.08
CA GLU F 378 -16.62 46.31 34.66
C GLU F 378 -17.08 45.35 35.74
N PRO F 379 -17.88 45.78 36.76
CA PRO F 379 -18.25 44.92 37.87
C PRO F 379 -18.95 43.62 37.50
N MET F 380 -19.69 43.57 36.36
CA MET F 380 -20.29 42.32 35.92
C MET F 380 -19.23 41.24 35.60
N TYR F 381 -18.17 41.69 34.91
CA TYR F 381 -17.06 40.85 34.48
C TYR F 381 -16.11 40.56 35.64
N PHE F 382 -15.94 41.51 36.55
CA PHE F 382 -15.23 41.26 37.81
C PHE F 382 -15.93 40.21 38.63
N ARG F 383 -17.26 40.30 38.80
CA ARG F 383 -18.06 39.31 39.51
C ARG F 383 -18.00 37.99 38.78
N LEU F 384 -17.99 37.96 37.44
CA LEU F 384 -17.73 36.72 36.72
C LEU F 384 -16.32 36.15 37.03
N GLY F 385 -15.29 36.99 37.19
CA GLY F 385 -13.96 36.60 37.65
C GLY F 385 -13.98 35.93 39.00
N GLN F 386 -14.63 36.59 39.96
CA GLN F 386 -14.88 36.06 41.30
C GLN F 386 -15.65 34.72 41.22
N LYS F 387 -16.73 34.67 40.45
CA LYS F 387 -17.56 33.49 40.24
C LYS F 387 -16.78 32.34 39.60
N SER F 388 -15.85 32.64 38.70
CA SER F 388 -15.11 31.59 38.00
C SER F 388 -14.25 30.76 38.96
N ALA F 389 -13.70 31.40 40.02
CA ALA F 389 -13.17 30.61 41.15
C ALA F 389 -14.30 30.10 42.07
N ARG F 390 -15.15 31.00 42.56
CA ARG F 390 -16.06 30.66 43.64
C ARG F 390 -17.16 29.68 43.25
N HIS F 391 -17.80 29.85 42.08
CA HIS F 391 -18.93 29.00 41.71
C HIS F 391 -18.51 27.55 41.47
N HIS F 392 -17.26 27.35 40.99
CA HIS F 392 -16.70 26.02 40.83
C HIS F 392 -16.16 25.53 42.16
N ALA F 393 -16.67 26.06 43.29
CA ALA F 393 -16.23 25.74 44.64
C ALA F 393 -14.71 25.90 44.81
N GLY F 394 -14.20 27.08 44.46
CA GLY F 394 -12.78 27.38 44.57
C GLY F 394 -11.95 26.77 43.44
N GLY F 395 -12.57 26.64 42.25
CA GLY F 395 -11.92 26.17 41.03
C GLY F 395 -11.82 24.65 40.94
N ILE F 396 -12.40 23.92 41.92
CA ILE F 396 -12.42 22.45 41.90
C ILE F 396 -13.34 21.91 40.79
N ASP F 397 -14.35 22.70 40.37
CA ASP F 397 -15.15 22.44 39.17
C ASP F 397 -14.52 23.11 37.94
N GLN F 398 -13.21 23.37 37.98
CA GLN F 398 -12.46 24.13 36.98
C GLN F 398 -11.05 23.55 36.81
N ASN F 399 -11.00 22.30 36.36
CA ASN F 399 -9.76 21.67 35.89
C ASN F 399 -9.42 22.17 34.48
N MET F 400 -8.12 22.37 34.13
CA MET F 400 -7.79 22.75 32.76
C MET F 400 -7.50 21.51 31.90
N ALA F 401 -7.06 20.40 32.54
CA ALA F 401 -6.61 19.17 31.89
C ALA F 401 -6.90 17.90 32.70
N ASN F 402 -6.96 16.76 32.01
CA ASN F 402 -7.60 15.55 32.52
C ASN F 402 -6.57 14.48 32.93
N ARG F 403 -5.30 14.87 33.10
CA ARG F 403 -4.15 13.98 33.24
C ARG F 403 -4.25 13.06 34.47
N LEU F 404 -4.85 13.56 35.56
CA LEU F 404 -4.99 12.79 36.79
C LEU F 404 -6.19 11.83 36.72
N GLY F 405 -7.25 12.17 35.95
CA GLY F 405 -8.45 11.33 35.84
C GLY F 405 -9.11 11.03 37.19
N LEU F 406 -9.27 12.09 37.98
CA LEU F 406 -9.71 12.06 39.36
C LEU F 406 -11.12 11.48 39.52
N SER F 407 -11.33 10.77 40.64
CA SER F 407 -12.63 10.31 41.09
C SER F 407 -13.54 11.50 41.44
N SER F 408 -14.84 11.35 41.17
CA SER F 408 -15.81 12.43 41.38
C SER F 408 -15.84 12.84 42.86
N ASP F 409 -15.75 11.85 43.77
CA ASP F 409 -15.73 12.06 45.21
C ASP F 409 -14.53 12.93 45.62
N GLN F 410 -13.34 12.68 45.03
CA GLN F 410 -12.12 13.41 45.31
C GLN F 410 -12.23 14.88 44.88
N VAL F 411 -12.87 15.12 43.72
CA VAL F 411 -13.18 16.45 43.22
C VAL F 411 -14.14 17.18 44.17
N ALA F 412 -15.15 16.46 44.70
CA ALA F 412 -16.09 17.03 45.67
C ALA F 412 -15.37 17.40 46.98
N GLU F 413 -14.43 16.55 47.42
CA GLU F 413 -13.61 16.81 48.61
C GLU F 413 -12.79 18.08 48.44
N LEU F 414 -12.20 18.25 47.24
CA LEU F 414 -11.45 19.45 46.88
C LEU F 414 -12.33 20.70 46.93
N ALA F 415 -13.58 20.59 46.44
CA ALA F 415 -14.56 21.67 46.49
C ALA F 415 -14.90 22.06 47.94
N ALA F 416 -15.04 21.05 48.82
CA ALA F 416 -15.33 21.26 50.24
C ALA F 416 -14.15 21.96 50.94
N ALA F 417 -12.92 21.53 50.64
CA ALA F 417 -11.70 22.09 51.21
C ALA F 417 -11.50 23.53 50.75
N VAL F 418 -11.87 23.84 49.51
CA VAL F 418 -11.76 25.15 48.88
C VAL F 418 -12.65 26.24 49.51
N GLN F 419 -13.50 25.91 50.50
CA GLN F 419 -14.39 26.87 51.20
C GLN F 419 -15.32 27.61 50.23
N GLU F 420 -15.77 26.86 49.21
CA GLU F 420 -16.70 27.23 48.15
C GLU F 420 -16.34 28.61 47.56
N ILE G 26 -2.63 30.39 21.00
CA ILE G 26 -3.43 30.91 22.19
C ILE G 26 -2.54 31.12 23.43
N PHE G 27 -2.47 30.19 24.37
CA PHE G 27 -1.83 30.40 25.67
C PHE G 27 -0.32 30.16 25.64
N GLU G 28 0.20 29.50 24.61
CA GLU G 28 1.61 29.15 24.56
C GLU G 28 2.50 30.39 24.65
N GLU G 29 2.02 31.51 24.13
CA GLU G 29 2.71 32.78 24.14
C GLU G 29 2.90 33.25 25.58
N ALA G 30 1.89 33.11 26.41
CA ALA G 30 1.90 33.40 27.84
C ALA G 30 2.97 32.58 28.57
N ALA G 31 2.95 31.28 28.36
CA ALA G 31 3.94 30.43 28.98
C ALA G 31 5.36 30.83 28.53
N SER G 32 5.54 31.14 27.24
CA SER G 32 6.84 31.57 26.72
C SER G 32 7.22 32.95 27.21
N PHE G 33 6.21 33.76 27.54
CA PHE G 33 6.41 35.09 28.11
C PHE G 33 6.94 35.02 29.53
N ARG G 34 6.40 34.10 30.32
CA ARG G 34 6.95 33.85 31.63
C ARG G 34 8.43 33.56 31.53
N SER G 35 8.80 32.69 30.57
CA SER G 35 10.19 32.33 30.32
C SER G 35 11.02 33.55 29.96
N TYR G 36 10.41 34.41 29.12
CA TYR G 36 11.06 35.63 28.68
C TYR G 36 11.44 36.50 29.88
N GLN G 37 10.41 36.80 30.72
CA GLN G 37 10.56 37.65 31.88
C GLN G 37 11.73 37.12 32.72
N SER G 38 11.74 35.78 32.92
CA SER G 38 12.64 35.11 33.85
C SER G 38 14.10 35.23 33.39
N LYS G 39 14.30 35.29 32.07
CA LYS G 39 15.65 35.32 31.51
C LYS G 39 16.10 36.70 31.04
N LEU G 40 15.14 37.65 31.00
CA LEU G 40 15.38 38.96 30.45
C LEU G 40 16.49 39.66 31.21
N GLY G 41 17.46 40.22 30.45
CA GLY G 41 18.56 41.04 30.93
C GLY G 41 19.60 40.19 31.70
N ARG G 42 19.30 38.89 31.96
CA ARG G 42 20.28 38.08 32.69
C ARG G 42 21.55 37.91 31.87
N ASP G 43 21.43 38.04 30.55
CA ASP G 43 22.44 37.62 29.59
C ASP G 43 23.54 38.66 29.58
N GLY G 44 24.72 38.24 29.14
CA GLY G 44 25.86 39.14 29.06
C GLY G 44 26.54 39.38 30.41
N ARG G 45 27.37 40.43 30.44
CA ARG G 45 28.25 40.72 31.55
C ARG G 45 28.14 42.20 31.97
N ALA G 46 28.02 42.39 33.30
CA ALA G 46 27.92 43.69 33.95
C ALA G 46 29.24 44.46 33.85
N SER G 47 29.14 45.77 33.53
CA SER G 47 30.27 46.64 33.27
C SER G 47 31.15 46.86 34.51
N ALA G 48 32.47 46.87 34.26
CA ALA G 48 33.50 47.09 35.26
C ALA G 48 33.37 48.45 35.93
N ALA G 49 32.57 49.38 35.35
CA ALA G 49 32.24 50.65 35.99
C ALA G 49 31.58 50.47 37.35
N THR G 50 30.88 49.34 37.54
CA THR G 50 30.23 49.01 38.81
C THR G 50 31.17 48.53 39.94
N ALA G 51 32.50 48.44 39.73
CA ALA G 51 33.38 47.64 40.60
C ALA G 51 33.57 48.21 42.02
N THR G 52 33.25 47.38 43.02
CA THR G 52 33.11 47.73 44.44
C THR G 52 34.48 47.91 45.12
N LEU G 53 34.52 48.74 46.18
CA LEU G 53 35.69 48.93 47.05
C LEU G 53 36.20 47.61 47.66
N THR G 54 37.43 47.24 47.33
CA THR G 54 38.06 46.07 47.94
C THR G 54 38.53 46.32 49.37
N THR G 55 38.16 45.42 50.26
CA THR G 55 38.63 45.41 51.66
C THR G 55 39.92 44.59 51.78
N LYS G 56 40.97 45.10 52.43
CA LYS G 56 42.19 44.34 52.77
C LYS G 56 41.96 43.39 53.95
N ILE G 57 42.33 42.10 53.84
CA ILE G 57 42.37 41.11 54.92
C ILE G 57 43.69 40.31 54.88
N ARG G 58 44.19 39.97 56.06
CA ARG G 58 45.56 39.51 56.17
C ARG G 58 45.51 38.01 56.44
N ILE G 59 46.23 37.16 55.69
CA ILE G 59 46.12 35.70 55.81
C ILE G 59 47.52 35.13 56.00
N PHE G 60 47.79 34.75 57.25
CA PHE G 60 49.04 34.12 57.58
C PHE G 60 48.93 32.63 57.22
N VAL G 61 49.99 32.09 56.60
CA VAL G 61 50.02 30.68 56.28
C VAL G 61 51.35 30.05 56.71
N PRO G 62 51.41 28.75 57.08
CA PRO G 62 52.67 28.07 57.32
C PRO G 62 53.58 27.99 56.09
N ALA G 63 54.84 28.37 56.31
CA ALA G 63 55.87 28.28 55.29
C ALA G 63 56.61 26.94 55.37
N THR G 64 56.39 26.19 56.45
CA THR G 64 57.09 24.94 56.73
C THR G 64 56.09 23.90 57.26
N ASN G 65 56.23 22.64 56.80
CA ASN G 65 55.37 21.55 57.23
C ASN G 65 55.92 20.91 58.50
N SER G 66 56.14 21.78 59.48
CA SER G 66 56.41 21.43 60.86
C SER G 66 55.12 21.53 61.67
N PRO G 67 54.65 20.46 62.35
CA PRO G 67 53.53 20.56 63.28
C PRO G 67 53.75 21.53 64.44
N GLU G 68 55.00 21.75 64.85
CA GLU G 68 55.38 22.75 65.86
C GLU G 68 54.92 24.17 65.48
N LEU G 69 55.02 24.55 64.20
CA LEU G 69 54.42 25.77 63.67
C LEU G 69 52.87 25.65 63.59
N ARG G 70 52.43 24.65 62.87
CA ARG G 70 51.07 24.52 62.38
C ARG G 70 50.09 24.47 63.53
N TRP G 71 50.43 23.75 64.59
CA TRP G 71 49.53 23.67 65.72
C TRP G 71 49.46 25.01 66.50
N GLU G 72 50.59 25.67 66.75
CA GLU G 72 50.59 26.97 67.41
C GLU G 72 49.80 27.99 66.60
N LEU G 73 49.99 28.01 65.29
CA LEU G 73 49.25 28.91 64.40
C LEU G 73 47.73 28.64 64.48
N THR G 74 47.32 27.37 64.61
CA THR G 74 45.91 27.07 64.78
C THR G 74 45.38 27.53 66.12
N LEU G 75 46.18 27.38 67.18
CA LEU G 75 45.82 27.91 68.48
C LEU G 75 45.70 29.44 68.46
N PHE G 76 46.65 30.13 67.85
CA PHE G 76 46.60 31.56 67.63
C PHE G 76 45.30 31.95 66.93
N ALA G 77 45.00 31.29 65.81
CA ALA G 77 43.82 31.60 65.05
C ALA G 77 42.51 31.30 65.81
N LEU G 78 42.45 30.19 66.55
CA LEU G 78 41.35 29.91 67.46
C LEU G 78 41.16 31.08 68.39
N ASP G 79 42.26 31.59 68.94
CA ASP G 79 42.20 32.67 69.92
C ASP G 79 41.78 33.96 69.23
N VAL G 80 42.30 34.28 68.03
CA VAL G 80 41.84 35.44 67.29
C VAL G 80 40.32 35.47 67.16
N ILE G 81 39.70 34.35 66.86
CA ILE G 81 38.28 34.27 66.70
C ILE G 81 37.55 34.35 68.05
N ARG G 82 38.21 33.89 69.13
CA ARG G 82 37.66 33.89 70.48
C ARG G 82 37.71 35.30 71.09
N SER G 83 38.59 36.17 70.58
CA SER G 83 38.83 37.54 71.08
C SER G 83 37.63 38.47 70.89
N PRO G 84 37.26 39.27 71.91
CA PRO G 84 36.28 40.33 71.71
C PRO G 84 36.90 41.59 71.09
N SER G 85 38.25 41.71 71.10
CA SER G 85 38.95 42.91 70.65
C SER G 85 39.45 42.83 69.20
N ALA G 86 39.43 41.64 68.60
CA ALA G 86 39.76 41.51 67.20
C ALA G 86 38.71 42.15 66.27
N ALA G 87 39.17 42.79 65.19
CA ALA G 87 38.32 43.32 64.10
C ALA G 87 37.85 42.20 63.18
N GLU G 88 36.69 42.35 62.54
CA GLU G 88 36.19 41.45 61.50
C GLU G 88 37.21 41.14 60.37
N SER G 89 37.99 42.13 59.96
CA SER G 89 39.02 41.94 58.94
C SER G 89 40.13 40.98 59.40
N MET G 90 40.47 41.05 60.70
CA MET G 90 41.37 40.11 61.33
C MET G 90 40.71 38.72 61.41
N LYS G 91 39.45 38.68 61.84
CA LYS G 91 38.77 37.45 62.07
C LYS G 91 38.55 36.62 60.79
N VAL G 92 38.14 37.22 59.68
CA VAL G 92 38.00 36.43 58.48
C VAL G 92 39.37 35.96 58.01
N GLY G 93 40.43 36.80 58.17
CA GLY G 93 41.79 36.39 57.82
C GLY G 93 42.23 35.18 58.64
N ALA G 94 41.88 35.18 59.94
CA ALA G 94 42.06 34.04 60.84
C ALA G 94 41.31 32.79 60.36
N ALA G 95 40.03 32.92 59.99
CA ALA G 95 39.26 31.79 59.43
C ALA G 95 39.88 31.21 58.14
N PHE G 96 40.48 32.06 57.31
CA PHE G 96 41.27 31.70 56.15
C PHE G 96 42.53 30.94 56.54
N THR G 97 43.26 31.38 57.57
CA THR G 97 44.43 30.62 58.03
C THR G 97 43.97 29.25 58.44
N LEU G 98 42.83 29.24 59.18
CA LEU G 98 42.39 28.07 59.92
C LEU G 98 41.86 26.96 58.97
N ILE G 99 40.91 27.25 58.08
CA ILE G 99 40.38 26.27 57.12
C ILE G 99 41.41 25.81 56.09
N SER G 100 42.53 26.50 55.88
CA SER G 100 43.46 26.13 54.83
C SER G 100 44.50 25.10 55.30
N MET G 101 44.48 24.73 56.60
CA MET G 101 45.52 23.87 57.19
C MET G 101 45.63 22.43 56.65
N TYR G 102 44.59 21.89 55.98
CA TYR G 102 44.59 20.71 55.12
C TYR G 102 45.80 20.61 54.19
N SER G 103 46.08 21.71 53.50
CA SER G 103 46.85 21.65 52.29
C SER G 103 48.33 21.45 52.59
N GLU G 104 49.02 20.77 51.64
CA GLU G 104 50.47 20.84 51.58
C GLU G 104 50.95 22.29 51.40
N ARG G 105 50.18 23.09 50.64
CA ARG G 105 50.47 24.51 50.36
C ARG G 105 49.25 25.39 50.60
N PRO G 106 48.95 25.71 51.88
CA PRO G 106 47.74 26.47 52.20
C PRO G 106 47.64 27.83 51.50
N GLY G 107 48.80 28.47 51.22
CA GLY G 107 48.87 29.68 50.44
C GLY G 107 48.22 29.52 49.06
N ALA G 108 48.57 28.44 48.36
CA ALA G 108 48.00 28.09 47.06
C ALA G 108 46.48 27.88 47.10
N LEU G 109 45.98 27.19 48.13
CA LEU G 109 44.55 26.93 48.27
C LEU G 109 43.74 28.21 48.43
N ILE G 110 44.22 29.13 49.27
CA ILE G 110 43.56 30.41 49.40
C ILE G 110 43.62 31.20 48.08
N ARG G 111 44.85 31.43 47.56
CA ARG G 111 45.05 32.32 46.42
C ARG G 111 44.28 31.83 45.20
N SER G 112 44.15 30.51 45.02
CA SER G 112 43.52 29.92 43.84
C SER G 112 42.00 29.98 43.87
N LEU G 113 41.42 29.83 45.06
CA LEU G 113 39.98 29.72 45.14
C LEU G 113 39.34 30.92 45.83
N LEU G 114 40.10 32.03 45.99
CA LEU G 114 39.58 33.22 46.63
C LEU G 114 38.29 33.72 45.97
N ASN G 115 38.37 34.13 44.68
CA ASN G 115 37.24 34.54 43.84
C ASN G 115 36.24 35.47 44.55
N ASP G 116 36.73 36.61 45.05
CA ASP G 116 35.88 37.55 45.81
C ASP G 116 36.23 39.00 45.48
N PRO G 117 35.34 39.78 44.82
CA PRO G 117 35.65 41.17 44.54
C PRO G 117 35.46 42.09 45.74
N ASP G 118 34.84 41.62 46.84
CA ASP G 118 34.78 42.38 48.08
C ASP G 118 36.17 42.54 48.71
N ILE G 119 37.14 41.70 48.31
CA ILE G 119 38.36 41.49 49.08
C ILE G 119 39.62 41.67 48.21
N GLU G 120 40.63 42.32 48.80
CA GLU G 120 42.01 42.20 48.36
C GLU G 120 42.86 41.58 49.49
N ALA G 121 43.01 40.25 49.42
CA ALA G 121 43.72 39.49 50.43
C ALA G 121 45.24 39.67 50.33
N VAL G 122 45.91 39.88 51.46
CA VAL G 122 47.37 39.83 51.50
C VAL G 122 47.77 38.52 52.13
N ILE G 123 48.55 37.73 51.38
CA ILE G 123 49.00 36.43 51.89
C ILE G 123 50.42 36.58 52.39
N ILE G 124 50.60 36.12 53.62
CA ILE G 124 51.85 36.25 54.33
C ILE G 124 52.30 34.82 54.66
N ASP G 125 53.45 34.43 54.11
CA ASP G 125 54.14 33.25 54.62
C ASP G 125 54.72 33.63 55.99
N VAL G 126 54.40 32.87 57.04
CA VAL G 126 54.86 33.23 58.39
C VAL G 126 56.36 32.93 58.58
N GLY G 127 56.94 32.02 57.77
CA GLY G 127 58.25 31.45 58.05
C GLY G 127 58.15 30.40 59.17
N SER G 128 58.93 30.56 60.25
CA SER G 128 58.72 29.90 61.53
C SER G 128 57.49 30.46 62.28
N MET G 129 57.09 29.91 63.43
CA MET G 129 56.21 30.64 64.35
C MET G 129 57.03 31.65 65.13
N VAL G 130 57.38 32.80 64.49
CA VAL G 130 58.58 33.56 64.85
C VAL G 130 58.58 34.03 66.32
N ASN G 131 57.41 34.40 66.88
CA ASN G 131 57.29 34.85 68.27
C ASN G 131 56.46 33.89 69.13
N GLY G 132 56.26 32.65 68.65
CA GLY G 132 55.71 31.57 69.47
C GLY G 132 54.20 31.65 69.70
N ILE G 133 53.79 32.62 70.52
CA ILE G 133 52.41 32.71 70.99
C ILE G 133 51.58 33.51 69.97
N PRO G 134 51.90 34.78 69.62
CA PRO G 134 51.40 35.37 68.37
C PRO G 134 52.29 34.91 67.22
N VAL G 135 51.80 35.09 65.99
CA VAL G 135 52.72 35.03 64.85
C VAL G 135 53.65 36.24 64.89
N MET G 136 54.85 36.15 64.27
CA MET G 136 55.52 37.40 63.91
C MET G 136 56.06 37.32 62.48
N GLU G 137 56.06 38.44 61.75
CA GLU G 137 56.38 38.45 60.33
C GLU G 137 57.88 38.29 60.08
N ARG G 138 58.26 37.44 59.11
CA ARG G 138 59.65 37.26 58.71
C ARG G 138 60.27 38.56 58.19
N ARG G 139 59.45 39.34 57.46
CA ARG G 139 59.80 40.65 56.90
C ARG G 139 59.69 41.77 57.96
N GLY G 140 59.24 41.46 59.18
CA GLY G 140 58.88 42.47 60.18
C GLY G 140 57.65 43.30 59.80
N ASP G 141 57.47 44.38 60.59
CA ASP G 141 56.36 45.30 60.44
C ASP G 141 56.89 46.73 60.61
N LYS G 142 56.51 47.67 59.72
CA LYS G 142 56.83 49.09 59.84
C LYS G 142 56.21 49.69 61.11
N ALA G 143 55.00 49.24 61.48
CA ALA G 143 54.41 49.51 62.78
C ALA G 143 54.51 48.22 63.61
N GLN G 144 55.40 48.18 64.61
CA GLN G 144 55.55 47.02 65.50
C GLN G 144 54.32 46.83 66.40
N GLU G 145 53.39 47.79 66.38
CA GLU G 145 52.13 47.74 67.07
C GLU G 145 51.23 46.64 66.53
N GLU G 146 51.50 46.05 65.35
CA GLU G 146 50.85 44.84 64.86
C GLU G 146 50.95 43.70 65.88
N MET G 147 52.18 43.47 66.37
CA MET G 147 52.43 42.42 67.35
C MET G 147 51.71 42.71 68.67
N GLU G 148 51.68 43.99 69.07
CA GLU G 148 50.95 44.44 70.25
C GLU G 148 49.45 44.24 70.05
N GLY G 149 48.97 44.45 68.81
CA GLY G 149 47.59 44.23 68.43
C GLY G 149 47.22 42.77 68.64
N LEU G 150 48.06 41.89 68.09
CA LEU G 150 47.87 40.45 68.24
C LEU G 150 47.91 40.06 69.72
N MET G 151 48.87 40.59 70.48
CA MET G 151 48.98 40.25 71.89
C MET G 151 47.72 40.65 72.65
N ARG G 152 47.21 41.87 72.39
CA ARG G 152 45.97 42.34 73.01
C ARG G 152 44.83 41.40 72.66
N ILE G 153 44.76 41.05 71.37
CA ILE G 153 43.74 40.14 70.86
C ILE G 153 43.76 38.82 71.64
N LEU G 154 44.94 38.18 71.77
CA LEU G 154 45.14 36.88 72.42
C LEU G 154 44.84 36.95 73.91
N LYS G 155 45.31 38.03 74.57
CA LYS G 155 45.05 38.24 75.97
C LYS G 155 43.54 38.34 76.20
N THR G 156 42.90 39.27 75.47
CA THR G 156 41.47 39.49 75.63
C THR G 156 40.66 38.23 75.34
N ALA G 157 41.13 37.39 74.40
CA ALA G 157 40.52 36.08 74.18
C ALA G 157 40.47 35.25 75.47
N ARG G 158 41.64 35.05 76.11
CA ARG G 158 41.80 34.29 77.36
C ARG G 158 40.99 34.91 78.50
N ASP G 159 41.10 36.24 78.63
CA ASP G 159 40.55 36.98 79.75
C ASP G 159 39.02 37.00 79.70
N SER G 160 38.46 37.21 78.50
CA SER G 160 37.02 37.28 78.29
C SER G 160 36.40 35.88 78.48
N SER G 161 37.15 34.85 78.12
CA SER G 161 36.74 33.47 78.29
C SER G 161 36.82 33.03 79.75
N LYS G 162 37.42 33.87 80.62
CA LYS G 162 37.60 33.58 82.04
C LYS G 162 38.44 32.32 82.20
N GLY G 163 39.51 32.26 81.39
CA GLY G 163 40.55 31.23 81.47
C GLY G 163 40.08 29.85 81.01
N LYS G 164 39.02 29.82 80.20
CA LYS G 164 38.55 28.59 79.56
C LYS G 164 39.04 28.57 78.12
N THR G 165 39.75 27.51 77.75
CA THR G 165 40.35 27.41 76.43
C THR G 165 39.25 27.08 75.44
N PRO G 166 39.57 27.11 74.12
CA PRO G 166 38.55 26.87 73.10
C PRO G 166 37.92 25.48 73.24
N PHE G 167 38.75 24.49 73.62
CA PHE G 167 38.39 23.07 73.73
C PHE G 167 37.64 22.75 75.03
N VAL G 168 36.88 21.66 75.00
CA VAL G 168 36.19 21.13 76.17
C VAL G 168 37.17 20.45 77.16
N ASP G 169 38.32 19.94 76.72
CA ASP G 169 39.44 19.62 77.61
C ASP G 169 40.65 20.55 77.36
N SER G 170 41.02 21.31 78.39
CA SER G 170 42.11 22.27 78.34
C SER G 170 43.47 21.64 78.01
N ARG G 171 43.63 20.34 78.26
CA ARG G 171 44.86 19.67 77.93
C ARG G 171 45.13 19.71 76.42
N ALA G 172 44.06 19.74 75.62
CA ALA G 172 44.19 19.91 74.19
C ALA G 172 44.82 21.26 73.89
N TYR G 173 44.46 22.31 74.64
CA TYR G 173 45.08 23.63 74.52
C TYR G 173 46.52 23.67 75.01
N GLY G 174 46.77 22.86 76.04
CA GLY G 174 48.10 22.75 76.63
C GLY G 174 49.13 22.05 75.74
N LEU G 175 48.67 20.99 75.06
CA LEU G 175 49.47 20.05 74.29
C LEU G 175 50.15 20.72 73.10
N ARG G 176 51.48 20.57 72.98
CA ARG G 176 52.19 20.88 71.73
C ARG G 176 52.41 19.59 70.96
N ILE G 177 51.52 19.36 69.99
CA ILE G 177 51.69 18.34 68.97
C ILE G 177 53.06 18.48 68.28
N THR G 178 53.67 17.31 67.99
CA THR G 178 55.02 17.20 67.46
C THR G 178 55.08 16.46 66.11
N ASP G 179 54.04 15.66 65.80
CA ASP G 179 54.05 14.71 64.69
C ASP G 179 52.84 14.94 63.77
N MET G 180 53.00 14.63 62.47
CA MET G 180 51.96 14.94 61.51
C MET G 180 50.68 14.19 61.81
N SER G 181 50.77 12.97 62.32
CA SER G 181 49.58 12.15 62.50
C SER G 181 48.64 12.74 63.55
N THR G 182 49.19 13.18 64.68
CA THR G 182 48.38 13.80 65.71
C THR G 182 47.93 15.20 65.27
N LEU G 183 48.76 15.91 64.48
CA LEU G 183 48.37 17.20 63.91
C LEU G 183 47.11 17.07 63.08
N VAL G 184 47.13 16.19 62.09
CA VAL G 184 45.98 16.02 61.21
C VAL G 184 44.78 15.47 61.93
N SER G 185 45.01 14.61 62.91
CA SER G 185 43.92 14.17 63.73
C SER G 185 43.22 15.39 64.36
N ALA G 186 44.02 16.33 64.91
CA ALA G 186 43.56 17.53 65.59
C ALA G 186 42.88 18.51 64.63
N VAL G 187 43.67 18.90 63.63
CA VAL G 187 43.28 19.88 62.64
C VAL G 187 42.00 19.47 61.92
N ILE G 188 41.91 18.24 61.44
CA ILE G 188 40.72 17.73 60.80
C ILE G 188 39.50 17.87 61.70
N THR G 189 39.69 17.80 63.01
CA THR G 189 38.53 17.80 63.89
C THR G 189 38.13 19.21 64.28
N ILE G 190 39.07 20.14 64.35
CA ILE G 190 38.67 21.53 64.49
C ILE G 190 38.05 21.98 63.18
N GLU G 191 38.61 21.63 62.04
CA GLU G 191 38.01 21.99 60.76
C GLU G 191 36.61 21.46 60.71
N ALA G 192 36.45 20.19 60.94
CA ALA G 192 35.13 19.62 60.87
C ALA G 192 34.18 20.46 61.70
N GLN G 193 34.63 20.97 62.85
CA GLN G 193 33.87 21.82 63.76
C GLN G 193 33.46 23.17 63.14
N ILE G 194 34.27 23.73 62.25
CA ILE G 194 33.92 24.91 61.46
C ILE G 194 32.86 24.49 60.41
N TRP G 195 33.13 23.44 59.64
CA TRP G 195 32.34 23.12 58.48
C TRP G 195 31.00 22.58 58.91
N ILE G 196 30.80 22.01 60.10
CA ILE G 196 29.46 21.55 60.50
C ILE G 196 28.57 22.78 60.66
N LEU G 197 29.19 23.97 60.92
CA LEU G 197 28.43 25.21 61.19
C LEU G 197 27.79 25.79 59.93
N ILE G 198 28.61 25.89 58.86
CA ILE G 198 28.29 26.55 57.59
C ILE G 198 26.91 26.10 57.08
N ALA G 199 26.50 24.92 57.36
CA ALA G 199 25.22 24.43 56.92
C ALA G 199 24.03 25.15 57.49
N LYS G 200 24.20 25.76 58.67
CA LYS G 200 23.13 26.57 59.23
C LYS G 200 23.54 28.02 59.61
N ALA G 201 24.80 28.41 59.43
CA ALA G 201 25.32 29.72 59.76
C ALA G 201 24.47 30.87 59.18
N VAL G 202 23.87 30.64 58.01
CA VAL G 202 23.12 31.70 57.37
C VAL G 202 21.65 31.44 57.45
N THR G 203 21.22 30.18 57.60
CA THR G 203 19.79 29.95 57.58
C THR G 203 19.13 29.99 58.96
N ALA G 204 19.87 29.60 60.01
CA ALA G 204 19.40 29.64 61.40
C ALA G 204 20.60 29.58 62.34
N PRO G 205 21.38 30.67 62.43
CA PRO G 205 22.62 30.69 63.23
C PRO G 205 22.44 30.55 64.73
N ASP G 206 21.20 30.52 65.17
CA ASP G 206 20.86 30.08 66.50
C ASP G 206 19.78 29.02 66.31
N THR G 207 19.75 28.02 67.19
CA THR G 207 19.18 26.68 66.97
C THR G 207 20.07 25.84 66.04
N ALA G 208 21.24 26.35 65.68
CA ALA G 208 22.21 25.56 64.93
C ALA G 208 22.76 24.40 65.77
N GLU G 209 22.83 24.60 67.09
CA GLU G 209 23.58 23.74 67.98
C GLU G 209 23.15 22.30 67.91
N GLU G 210 21.82 22.07 67.80
CA GLU G 210 21.25 20.74 67.74
C GLU G 210 21.89 19.92 66.60
N SER G 211 21.85 20.51 65.42
CA SER G 211 22.30 19.90 64.21
C SER G 211 23.81 19.81 64.26
N GLU G 212 24.52 20.83 64.74
CA GLU G 212 25.97 20.73 64.82
C GLU G 212 26.40 19.58 65.76
N THR G 213 25.64 19.32 66.84
CA THR G 213 25.89 18.21 67.75
C THR G 213 25.58 16.87 67.08
N ARG G 214 24.47 16.79 66.37
CA ARG G 214 24.11 15.55 65.69
C ARG G 214 25.08 15.18 64.55
N ARG G 215 25.65 16.12 63.84
CA ARG G 215 26.73 15.87 62.91
C ARG G 215 28.03 15.60 63.61
N TRP G 216 28.26 16.19 64.78
CA TRP G 216 29.46 15.84 65.55
C TRP G 216 29.46 14.38 65.96
N ALA G 217 28.33 13.98 66.53
CA ALA G 217 28.04 12.59 66.91
C ALA G 217 28.39 11.60 65.81
N LYS G 218 27.89 11.85 64.59
CA LYS G 218 28.24 11.07 63.42
C LYS G 218 29.76 10.96 63.28
N TYR G 219 30.49 12.04 63.12
CA TYR G 219 31.89 11.94 62.77
C TYR G 219 32.75 11.30 63.84
N VAL G 220 32.33 11.46 65.09
CA VAL G 220 33.11 10.85 66.15
C VAL G 220 32.78 9.36 66.29
N GLN G 221 31.49 9.02 66.18
CA GLN G 221 31.06 7.62 66.20
C GLN G 221 31.74 6.84 65.04
N GLN G 222 31.83 7.43 63.88
CA GLN G 222 32.51 6.81 62.79
C GLN G 222 34.00 6.98 62.86
N LYS G 223 34.51 7.52 63.95
CA LYS G 223 35.94 7.56 64.19
C LYS G 223 36.75 8.33 63.14
N ARG G 224 36.07 9.26 62.46
CA ARG G 224 36.77 10.15 61.56
C ARG G 224 37.39 11.32 62.33
N VAL G 225 36.82 11.67 63.50
CA VAL G 225 37.35 12.82 64.24
C VAL G 225 37.68 12.41 65.67
N ASN G 226 38.75 13.02 66.23
CA ASN G 226 39.31 12.67 67.54
C ASN G 226 38.77 13.54 68.69
N PRO G 227 37.76 13.12 69.50
CA PRO G 227 36.93 14.05 70.26
C PRO G 227 37.64 14.70 71.45
N PHE G 228 38.91 14.31 71.65
CA PHE G 228 39.83 15.04 72.51
C PHE G 228 39.90 16.51 72.10
N PHE G 229 39.83 16.77 70.80
CA PHE G 229 39.88 18.13 70.34
C PHE G 229 38.51 18.85 70.19
N ALA G 230 37.43 18.37 70.79
CA ALA G 230 36.14 19.04 70.66
C ALA G 230 36.22 20.50 71.20
N LEU G 231 35.57 21.41 70.47
CA LEU G 231 35.49 22.82 70.80
C LEU G 231 34.17 23.13 71.55
N THR G 232 34.28 24.05 72.53
CA THR G 232 33.21 24.47 73.45
C THR G 232 32.14 25.23 72.72
N GLN G 233 30.90 25.10 73.18
CA GLN G 233 29.82 25.82 72.50
C GLN G 233 30.03 27.34 72.41
N GLN G 234 30.76 27.91 73.39
CA GLN G 234 31.17 29.31 73.34
C GLN G 234 32.05 29.63 72.11
N TRP G 235 33.09 28.85 71.84
CA TRP G 235 33.91 29.06 70.67
C TRP G 235 33.19 28.76 69.39
N LEU G 236 32.43 27.72 69.39
CA LEU G 236 31.67 27.47 68.19
C LEU G 236 30.63 28.56 67.88
N THR G 237 30.00 29.22 68.88
CA THR G 237 29.11 30.34 68.59
C THR G 237 29.88 31.55 68.11
N GLU G 238 31.07 31.81 68.64
CA GLU G 238 31.92 32.89 68.15
C GLU G 238 32.30 32.71 66.70
N MET G 239 32.57 31.46 66.31
CA MET G 239 32.87 31.17 64.94
C MET G 239 31.64 31.13 64.07
N ARG G 240 30.55 30.59 64.58
CA ARG G 240 29.32 30.61 63.80
C ARG G 240 28.84 32.02 63.50
N ASN G 241 29.01 32.95 64.44
CA ASN G 241 28.67 34.34 64.24
C ASN G 241 29.57 34.95 63.18
N LEU G 242 30.88 34.68 63.22
CA LEU G 242 31.75 35.18 62.19
C LEU G 242 31.29 34.69 60.83
N LEU G 243 30.91 33.42 60.71
CA LEU G 243 30.36 32.93 59.43
C LEU G 243 29.00 33.54 59.00
N SER G 244 28.10 33.80 59.92
CA SER G 244 26.86 34.48 59.57
C SER G 244 27.12 35.86 59.02
N GLN G 245 28.07 36.55 59.60
CA GLN G 245 28.19 37.98 59.38
C GLN G 245 29.20 38.28 58.28
N SER G 246 30.04 37.33 57.88
CA SER G 246 30.95 37.56 56.76
C SER G 246 30.55 36.67 55.61
N LEU G 247 30.31 37.35 54.49
CA LEU G 247 30.08 36.66 53.24
C LEU G 247 31.43 36.28 52.67
N SER G 248 32.50 37.06 52.92
CA SER G 248 33.80 36.74 52.37
C SER G 248 34.28 35.32 52.73
N VAL G 249 34.11 34.99 53.99
CA VAL G 249 34.44 33.63 54.41
C VAL G 249 33.46 32.57 53.83
N ARG G 250 32.14 32.80 53.80
CA ARG G 250 31.21 31.90 53.12
C ARG G 250 31.53 31.66 51.64
N LYS G 251 31.98 32.69 50.96
CA LYS G 251 32.39 32.58 49.59
C LYS G 251 33.55 31.60 49.49
N PHE G 252 34.62 31.75 50.29
CA PHE G 252 35.73 30.82 50.25
C PHE G 252 35.34 29.40 50.58
N MET G 253 34.52 29.26 51.61
CA MET G 253 34.03 27.95 51.89
C MET G 253 33.27 27.32 50.72
N VAL G 254 32.30 28.00 50.11
CA VAL G 254 31.60 27.42 48.97
C VAL G 254 32.48 27.21 47.75
N GLU G 255 33.48 28.02 47.56
CA GLU G 255 34.45 27.79 46.50
C GLU G 255 35.14 26.45 46.70
N ILE G 256 35.61 26.17 47.94
CA ILE G 256 36.20 24.90 48.37
C ILE G 256 35.22 23.74 48.18
N LEU G 257 34.07 23.99 48.67
CA LEU G 257 33.11 22.93 48.70
C LEU G 257 32.70 22.50 47.28
N ILE G 258 32.64 23.41 46.29
CA ILE G 258 32.40 23.05 44.90
C ILE G 258 33.62 22.33 44.36
N GLU G 259 34.82 22.84 44.63
CA GLU G 259 36.04 22.27 44.05
C GLU G 259 36.23 20.81 44.41
N VAL G 260 35.91 20.50 45.69
CA VAL G 260 36.05 19.19 46.32
C VAL G 260 34.91 18.26 45.98
N LYS G 261 33.75 18.81 45.60
CA LYS G 261 32.61 17.98 45.20
C LYS G 261 32.86 17.29 43.86
N LYS G 262 33.78 17.83 43.02
CA LYS G 262 33.92 17.35 41.63
C LYS G 262 34.71 16.03 41.69
N GLY G 263 34.35 15.08 40.81
CA GLY G 263 34.51 13.66 41.07
C GLY G 263 35.88 13.15 40.61
N GLY G 264 35.88 11.85 40.30
CA GLY G 264 36.83 11.26 39.35
C GLY G 264 38.28 11.38 39.78
N SER G 265 38.49 11.53 41.09
CA SER G 265 39.79 11.74 41.74
C SER G 265 39.76 11.01 43.08
N ALA G 266 40.94 10.54 43.52
CA ALA G 266 41.07 10.06 44.90
C ALA G 266 41.25 11.26 45.82
N LYS G 267 40.64 11.12 46.99
CA LYS G 267 40.57 12.15 48.01
C LYS G 267 41.43 11.83 49.24
N GLY G 268 41.96 12.91 49.83
CA GLY G 268 42.47 12.86 51.19
C GLY G 268 41.35 12.73 52.23
N ARG G 269 41.59 12.11 53.41
CA ARG G 269 40.58 12.00 54.46
C ARG G 269 39.99 13.38 54.76
N ALA G 270 40.91 14.36 54.72
CA ALA G 270 40.60 15.74 55.01
C ALA G 270 39.51 16.31 54.09
N VAL G 271 39.73 16.31 52.78
CA VAL G 271 38.70 16.84 51.88
C VAL G 271 37.47 16.01 51.91
N GLU G 272 37.60 14.73 52.16
CA GLU G 272 36.45 13.85 52.13
C GLU G 272 35.50 14.28 53.22
N ILE G 273 36.05 14.60 54.40
CA ILE G 273 35.12 14.99 55.45
C ILE G 273 34.37 16.26 55.10
N ILE G 274 35.09 17.18 54.44
CA ILE G 274 34.42 18.38 53.94
C ILE G 274 33.30 18.05 52.98
N SER G 275 33.61 17.23 51.99
CA SER G 275 32.68 16.83 50.96
C SER G 275 31.44 16.26 51.66
N ASP G 276 31.64 15.44 52.69
CA ASP G 276 30.58 14.73 53.36
C ASP G 276 29.66 15.78 53.96
N ILE G 277 30.27 16.76 54.65
CA ILE G 277 29.59 17.90 55.24
C ILE G 277 28.74 18.62 54.19
N GLY G 278 29.33 18.76 53.05
CA GLY G 278 28.67 19.37 51.94
C GLY G 278 27.27 18.87 51.76
N ASN G 279 27.03 17.57 51.95
CA ASN G 279 25.74 17.01 51.60
C ASN G 279 24.64 17.54 52.55
N TYR G 280 25.07 18.29 53.59
CA TYR G 280 24.17 18.98 54.51
C TYR G 280 24.06 20.46 54.09
N VAL G 281 25.14 20.98 53.51
CA VAL G 281 25.30 22.38 53.12
C VAL G 281 24.60 22.74 51.81
N GLU G 282 24.57 21.85 50.87
CA GLU G 282 23.78 21.98 49.64
C GLU G 282 22.26 22.02 49.84
N GLU G 283 21.63 22.87 49.06
CA GLU G 283 20.22 23.21 49.07
C GLU G 283 19.81 23.96 50.35
N THR G 284 20.78 24.35 51.20
CA THR G 284 20.51 25.09 52.43
C THR G 284 19.79 26.40 52.12
N GLY G 285 18.73 26.66 52.88
CA GLY G 285 18.07 27.93 52.74
C GLY G 285 17.18 27.98 51.50
N MET G 286 16.89 26.79 50.91
CA MET G 286 15.95 26.79 49.79
C MET G 286 14.83 25.83 50.02
N ALA G 287 14.51 25.61 51.32
CA ALA G 287 13.53 24.68 51.86
C ALA G 287 12.25 24.61 51.03
N GLY G 288 11.67 25.79 50.96
CA GLY G 288 10.38 25.89 50.36
C GLY G 288 10.38 25.59 48.85
N PHE G 289 11.44 25.95 48.11
CA PHE G 289 11.59 25.63 46.69
C PHE G 289 11.53 24.13 46.44
N PHE G 290 12.51 23.43 47.02
CA PHE G 290 12.59 22.02 46.79
C PHE G 290 11.45 21.30 47.42
N ALA G 291 10.87 21.82 48.49
CA ALA G 291 9.67 21.21 49.05
C ALA G 291 8.48 21.28 48.09
N THR G 292 8.36 22.32 47.28
CA THR G 292 7.34 22.33 46.23
C THR G 292 7.65 21.36 45.09
N ILE G 293 8.90 20.98 44.86
CA ILE G 293 9.18 19.95 43.89
C ILE G 293 8.88 18.58 44.53
N ARG G 294 9.54 18.27 45.65
CA ARG G 294 9.40 16.99 46.31
C ARG G 294 7.96 16.65 46.73
N PHE G 295 7.23 17.62 47.24
CA PHE G 295 5.85 17.45 47.66
C PHE G 295 5.05 18.34 46.73
N GLY G 296 3.79 18.05 46.47
CA GLY G 296 3.14 18.91 45.50
C GLY G 296 3.32 18.43 44.07
N LEU G 297 4.43 18.85 43.49
CA LEU G 297 4.75 18.56 42.09
C LEU G 297 4.98 17.06 41.86
N GLU G 298 6.00 16.47 42.49
CA GLU G 298 6.36 15.10 42.16
C GLU G 298 5.34 14.12 42.72
N THR G 299 4.54 14.55 43.70
CA THR G 299 3.47 13.73 44.25
C THR G 299 2.20 13.65 43.37
N ARG G 300 2.02 14.63 42.46
CA ARG G 300 1.02 14.59 41.39
C ARG G 300 -0.40 14.19 41.85
N TYR G 301 -0.86 14.77 42.97
CA TYR G 301 -2.23 14.56 43.42
C TYR G 301 -3.25 15.07 42.38
N PRO G 302 -4.51 14.62 42.39
CA PRO G 302 -5.56 15.24 41.57
C PRO G 302 -5.64 16.77 41.63
N ALA G 303 -5.33 17.31 42.81
CA ALA G 303 -5.28 18.75 43.08
C ALA G 303 -4.35 19.53 42.14
N LEU G 304 -3.33 18.89 41.57
CA LEU G 304 -2.34 19.59 40.75
C LEU G 304 -2.93 19.98 39.38
N ALA G 305 -4.05 19.38 39.00
CA ALA G 305 -4.71 19.74 37.75
C ALA G 305 -5.59 20.98 37.89
N LEU G 306 -5.82 21.48 39.12
CA LEU G 306 -6.69 22.63 39.33
C LEU G 306 -6.06 23.91 38.76
N ASN G 307 -6.92 24.71 38.11
CA ASN G 307 -6.53 25.76 37.18
C ASN G 307 -5.65 26.82 37.88
N GLU G 308 -5.86 27.03 39.19
CA GLU G 308 -5.15 28.04 39.94
C GLU G 308 -3.63 27.88 39.87
N PHE G 309 -3.23 26.62 40.03
CA PHE G 309 -1.85 26.26 40.10
C PHE G 309 -1.12 26.49 38.80
N GLN G 310 -1.83 26.63 37.66
CA GLN G 310 -1.14 26.58 36.39
C GLN G 310 -0.06 27.64 36.25
N SER G 311 -0.37 28.84 36.77
CA SER G 311 0.61 29.92 36.75
C SER G 311 1.84 29.60 37.60
N ASP G 312 1.58 28.96 38.72
CA ASP G 312 2.63 28.57 39.64
C ASP G 312 3.47 27.46 39.03
N LEU G 313 2.82 26.46 38.44
CA LEU G 313 3.54 25.38 37.78
C LEU G 313 4.46 25.93 36.71
N ASN G 314 3.95 26.85 35.90
CA ASN G 314 4.76 27.51 34.90
C ASN G 314 5.94 28.23 35.55
N THR G 315 5.71 28.77 36.75
CA THR G 315 6.79 29.40 37.47
C THR G 315 7.85 28.38 37.86
N ILE G 316 7.44 27.26 38.42
CA ILE G 316 8.39 26.26 38.88
C ILE G 316 9.20 25.76 37.70
N LYS G 317 8.55 25.52 36.55
CA LYS G 317 9.27 25.08 35.38
C LYS G 317 10.34 26.09 35.03
N SER G 318 9.98 27.38 35.02
CA SER G 318 10.94 28.42 34.74
C SER G 318 12.10 28.43 35.74
N LEU G 319 11.79 28.11 36.99
CA LEU G 319 12.80 28.10 38.04
C LEU G 319 13.69 26.88 37.81
N MET G 320 13.17 25.70 37.45
CA MET G 320 14.01 24.53 37.24
C MET G 320 14.97 24.76 36.13
N LEU G 321 14.48 25.30 35.03
CA LEU G 321 15.40 25.56 33.94
C LEU G 321 16.41 26.64 34.35
N LEU G 322 15.95 27.60 35.16
CA LEU G 322 16.82 28.61 35.68
C LEU G 322 17.89 27.99 36.61
N TYR G 323 17.51 27.05 37.46
CA TYR G 323 18.42 26.34 38.35
C TYR G 323 19.52 25.76 37.50
N ARG G 324 19.09 25.07 36.45
CA ARG G 324 20.03 24.47 35.48
C ARG G 324 20.99 25.51 34.94
N GLU G 325 20.45 26.67 34.59
CA GLU G 325 21.18 27.74 33.99
C GLU G 325 22.25 28.27 34.92
N ILE G 326 21.94 28.31 36.21
CA ILE G 326 22.89 28.86 37.16
C ILE G 326 24.10 27.92 37.27
N GLY G 327 23.83 26.60 37.16
CA GLY G 327 24.82 25.50 37.19
C GLY G 327 25.44 25.23 38.56
N PRO G 328 26.76 25.10 38.71
CA PRO G 328 27.29 24.56 39.93
C PRO G 328 27.07 25.41 41.18
N ARG G 329 26.81 26.71 41.07
CA ARG G 329 26.64 27.43 42.32
C ARG G 329 25.24 27.25 42.86
N ALA G 330 24.34 26.61 42.13
CA ALA G 330 22.89 26.65 42.43
C ALA G 330 22.51 26.15 43.83
N PRO G 331 23.12 25.07 44.27
CA PRO G 331 22.77 24.57 45.56
C PRO G 331 23.31 25.39 46.73
N TYR G 332 24.07 26.43 46.46
CA TYR G 332 24.71 27.21 47.48
C TYR G 332 24.28 28.68 47.47
N MET G 333 23.16 28.98 46.83
CA MET G 333 22.91 30.38 46.55
C MET G 333 22.48 31.19 47.74
N VAL G 334 22.19 30.48 48.80
CA VAL G 334 21.76 31.17 50.01
C VAL G 334 22.97 31.45 50.88
N LEU G 335 24.04 30.69 50.76
CA LEU G 335 25.25 30.91 51.53
C LEU G 335 26.02 31.95 50.78
N LEU G 336 26.26 31.77 49.45
CA LEU G 336 26.77 32.88 48.69
C LEU G 336 25.57 33.76 48.70
N GLU G 337 25.72 35.10 48.82
CA GLU G 337 24.46 35.84 48.87
C GLU G 337 24.19 36.08 47.41
N GLU G 338 23.03 35.63 46.90
CA GLU G 338 22.84 35.79 45.45
C GLU G 338 21.42 36.24 45.28
N SER G 339 21.35 37.29 44.46
CA SER G 339 20.14 37.93 44.05
C SER G 339 19.11 36.93 43.54
N ILE G 340 19.62 35.95 42.79
CA ILE G 340 18.70 35.12 42.10
C ILE G 340 17.85 34.37 43.13
N GLN G 341 18.32 34.18 44.34
CA GLN G 341 17.60 33.42 45.35
C GLN G 341 16.16 33.94 45.46
N THR G 342 16.04 35.26 45.34
CA THR G 342 14.74 35.90 45.50
C THR G 342 13.75 35.21 44.60
N LYS G 343 14.22 34.89 43.37
CA LYS G 343 13.38 34.34 42.31
C LYS G 343 12.74 33.09 42.82
N PHE G 344 13.61 32.32 43.47
CA PHE G 344 13.27 31.02 43.97
C PHE G 344 12.37 31.08 45.17
N ALA G 345 12.33 32.21 45.87
CA ALA G 345 11.55 32.25 47.08
C ALA G 345 10.05 31.98 46.88
N PRO G 346 9.41 31.27 47.83
CA PRO G 346 8.05 30.79 47.65
C PRO G 346 6.95 31.87 47.49
N GLY G 347 7.24 33.14 47.85
CA GLY G 347 6.32 34.21 47.47
C GLY G 347 5.98 34.17 45.98
N GLY G 348 6.90 33.65 45.17
CA GLY G 348 6.79 33.60 43.72
C GLY G 348 5.77 32.55 43.27
N TYR G 349 5.26 31.71 44.19
CA TYR G 349 4.37 30.62 43.77
C TYR G 349 3.63 30.14 44.97
N PRO G 350 3.00 31.06 45.69
CA PRO G 350 2.45 30.83 47.02
C PRO G 350 1.30 29.84 47.11
N LEU G 351 0.51 29.69 46.03
CA LEU G 351 -0.56 28.71 46.12
C LEU G 351 -0.01 27.30 46.05
N LEU G 352 0.83 27.04 45.09
CA LEU G 352 1.56 25.80 44.99
C LEU G 352 2.36 25.49 46.26
N TRP G 353 3.06 26.47 46.83
CA TRP G 353 3.85 26.25 48.02
C TRP G 353 3.00 26.01 49.21
N SER G 354 1.93 26.77 49.40
CA SER G 354 1.03 26.47 50.51
C SER G 354 0.42 25.06 50.47
N PHE G 355 -0.01 24.66 49.31
CA PHE G 355 -0.41 23.29 49.11
C PHE G 355 0.70 22.27 49.32
N ALA G 356 1.89 22.49 48.75
CA ALA G 356 3.05 21.64 48.95
C ALA G 356 3.45 21.50 50.43
N MET G 357 3.43 22.57 51.22
CA MET G 357 3.71 22.52 52.64
C MET G 357 2.62 21.71 53.32
N GLY G 358 1.36 21.87 52.90
CA GLY G 358 0.26 21.05 53.42
C GLY G 358 0.48 19.56 53.21
N VAL G 359 0.99 19.17 52.04
CA VAL G 359 1.43 17.82 51.78
C VAL G 359 2.62 17.48 52.68
N ALA G 360 3.72 18.23 52.57
CA ALA G 360 5.01 17.96 53.20
C ALA G 360 4.85 17.69 54.72
N THR G 361 4.13 18.56 55.41
CA THR G 361 3.96 18.44 56.84
C THR G 361 3.09 17.22 57.20
N THR G 362 2.23 16.76 56.29
CA THR G 362 1.40 15.58 56.48
C THR G 362 2.18 14.31 56.22
N ILE G 363 3.16 14.33 55.30
CA ILE G 363 3.87 13.13 54.89
C ILE G 363 5.10 12.92 55.77
N ASP G 364 5.90 13.97 55.95
CA ASP G 364 7.27 13.83 56.43
C ASP G 364 7.36 14.34 57.87
N ARG G 365 7.82 13.50 58.80
CA ARG G 365 7.89 13.88 60.20
C ARG G 365 8.97 14.92 60.49
N SER G 366 9.96 15.13 59.60
CA SER G 366 10.89 16.25 59.77
C SER G 366 10.30 17.57 59.23
N MET G 367 9.38 17.50 58.28
CA MET G 367 8.68 18.72 57.86
C MET G 367 7.73 19.18 58.97
N GLY G 368 7.21 20.42 58.87
CA GLY G 368 6.38 20.94 59.94
C GLY G 368 7.16 21.43 61.15
N ALA G 369 8.33 20.83 61.39
CA ALA G 369 9.33 21.39 62.27
C ALA G 369 10.09 22.53 61.60
N LEU G 370 10.04 22.55 60.26
CA LEU G 370 10.47 23.71 59.45
C LEU G 370 9.44 24.86 59.59
N ASN G 371 9.90 26.08 59.86
CA ASN G 371 9.00 27.18 60.16
C ASN G 371 8.32 27.74 58.92
N ILE G 372 6.96 27.54 58.82
CA ILE G 372 6.27 28.09 57.66
C ILE G 372 5.22 29.15 58.01
N ASN G 373 5.44 29.85 59.11
CA ASN G 373 4.85 31.16 59.36
C ASN G 373 5.32 32.22 58.35
N ARG G 374 4.64 32.39 57.19
CA ARG G 374 4.94 33.41 56.17
C ARG G 374 3.65 34.15 55.81
N GLY G 375 3.82 35.39 55.32
CA GLY G 375 2.71 36.24 54.91
C GLY G 375 1.93 35.67 53.73
N TYR G 376 2.62 34.94 52.86
CA TYR G 376 2.07 34.42 51.62
C TYR G 376 1.52 33.00 51.77
N LEU G 377 1.33 32.55 53.01
CA LEU G 377 0.60 31.30 53.27
C LEU G 377 -0.84 31.41 52.79
N GLU G 378 -1.39 30.32 52.29
CA GLU G 378 -2.73 30.38 51.77
C GLU G 378 -3.49 29.25 52.41
N PRO G 379 -4.29 29.48 53.48
CA PRO G 379 -4.67 28.35 54.31
C PRO G 379 -5.67 27.42 53.61
N MET G 380 -6.47 27.89 52.65
CA MET G 380 -7.39 27.05 51.90
C MET G 380 -6.62 26.02 51.08
N TYR G 381 -5.52 26.46 50.46
CA TYR G 381 -4.66 25.64 49.63
C TYR G 381 -3.74 24.76 50.47
N PHE G 382 -3.30 25.24 51.63
CA PHE G 382 -2.57 24.40 52.57
C PHE G 382 -3.45 23.27 53.09
N ARG G 383 -4.70 23.57 53.46
CA ARG G 383 -5.67 22.58 53.88
C ARG G 383 -5.98 21.62 52.72
N LEU G 384 -6.06 22.10 51.49
CA LEU G 384 -6.14 21.18 50.34
C LEU G 384 -4.88 20.30 50.22
N GLY G 385 -3.67 20.79 50.51
CA GLY G 385 -2.46 19.97 50.57
C GLY G 385 -2.55 18.86 51.61
N GLN G 386 -2.96 19.26 52.83
CA GLN G 386 -3.23 18.35 53.94
C GLN G 386 -4.27 17.29 53.53
N LYS G 387 -5.41 17.73 52.97
CA LYS G 387 -6.50 16.87 52.53
C LYS G 387 -6.13 15.99 51.35
N SER G 388 -5.20 16.41 50.51
CA SER G 388 -4.74 15.59 49.41
C SER G 388 -3.92 14.39 49.91
N ALA G 389 -3.07 14.61 50.93
CA ALA G 389 -2.23 13.57 51.52
C ALA G 389 -2.98 12.66 52.50
N ARG G 390 -3.93 13.21 53.30
CA ARG G 390 -4.61 12.45 54.34
C ARG G 390 -6.09 12.20 54.03
N HIS G 391 -6.84 13.21 53.59
CA HIS G 391 -8.30 13.13 53.61
C HIS G 391 -8.86 12.17 52.56
N HIS G 392 -8.15 12.01 51.44
CA HIS G 392 -8.53 11.09 50.39
C HIS G 392 -8.03 9.69 50.74
N ALA G 393 -8.46 9.21 51.90
CA ALA G 393 -8.13 7.89 52.42
C ALA G 393 -6.62 7.68 52.52
N GLY G 394 -5.87 8.67 53.03
CA GLY G 394 -4.40 8.62 53.07
C GLY G 394 -3.77 8.70 51.68
N GLY G 395 -4.42 9.43 50.78
CA GLY G 395 -4.07 9.47 49.36
C GLY G 395 -4.38 8.20 48.58
N ILE G 396 -4.94 7.16 49.22
CA ILE G 396 -5.35 5.90 48.59
C ILE G 396 -6.44 6.09 47.53
N ASP G 397 -7.29 7.12 47.66
CA ASP G 397 -8.33 7.39 46.66
C ASP G 397 -7.71 7.78 45.32
N GLN G 398 -6.60 8.53 45.36
CA GLN G 398 -5.73 8.78 44.22
C GLN G 398 -4.87 7.55 43.92
N ASN G 399 -4.42 7.42 42.66
CA ASN G 399 -3.32 6.56 42.24
C ASN G 399 -2.47 7.33 41.23
N MET G 400 -1.15 7.12 41.25
CA MET G 400 -0.28 7.75 40.26
C MET G 400 -0.23 6.96 38.95
N ALA G 401 -0.36 5.61 39.00
CA ALA G 401 -0.20 4.76 37.82
C ALA G 401 -1.14 3.56 37.78
N ASN G 402 -1.24 2.96 36.58
CA ASN G 402 -2.07 1.81 36.31
C ASN G 402 -1.29 0.49 36.47
N ARG G 403 0.02 0.57 36.78
CA ARG G 403 0.93 -0.58 36.61
C ARG G 403 0.57 -1.74 37.55
N LEU G 404 0.21 -1.43 38.80
CA LEU G 404 -0.04 -2.49 39.77
C LEU G 404 -1.39 -3.17 39.47
N GLY G 405 -2.36 -2.45 38.88
CA GLY G 405 -3.73 -2.92 38.79
C GLY G 405 -4.29 -3.38 40.14
N LEU G 406 -3.96 -2.63 41.20
CA LEU G 406 -4.25 -2.96 42.58
C LEU G 406 -5.75 -2.92 42.86
N SER G 407 -6.25 -3.85 43.69
CA SER G 407 -7.67 -3.95 44.02
C SER G 407 -8.14 -2.75 44.85
N SER G 408 -9.42 -2.38 44.70
CA SER G 408 -10.04 -1.35 45.54
C SER G 408 -9.95 -1.69 47.03
N ASP G 409 -10.14 -2.98 47.35
CA ASP G 409 -10.04 -3.53 48.69
C ASP G 409 -8.64 -3.28 49.27
N GLN G 410 -7.60 -3.51 48.46
CA GLN G 410 -6.20 -3.33 48.82
C GLN G 410 -5.89 -1.86 49.14
N VAL G 411 -6.45 -0.93 48.35
CA VAL G 411 -6.35 0.50 48.60
C VAL G 411 -7.02 0.89 49.92
N ALA G 412 -8.19 0.29 50.20
CA ALA G 412 -8.89 0.51 51.46
C ALA G 412 -8.06 -0.01 52.66
N GLU G 413 -7.42 -1.17 52.49
CA GLU G 413 -6.56 -1.80 53.51
C GLU G 413 -5.36 -0.88 53.82
N LEU G 414 -4.78 -0.27 52.79
CA LEU G 414 -3.74 0.74 52.96
C LEU G 414 -4.25 1.93 53.77
N ALA G 415 -5.47 2.43 53.45
CA ALA G 415 -6.05 3.59 54.11
C ALA G 415 -6.29 3.33 55.60
N ALA G 416 -6.79 2.13 55.93
CA ALA G 416 -7.08 1.74 57.30
C ALA G 416 -5.78 1.57 58.10
N ALA G 417 -4.75 0.94 57.47
CA ALA G 417 -3.48 0.76 58.18
C ALA G 417 -2.74 2.09 58.40
N VAL G 418 -2.79 2.97 57.39
CA VAL G 418 -2.18 4.29 57.45
C VAL G 418 -3.02 5.27 58.26
N GLN G 419 -4.24 4.87 58.70
CA GLN G 419 -5.26 5.68 59.39
C GLN G 419 -5.57 6.98 58.63
N GLU G 420 -5.64 6.89 57.29
CA GLU G 420 -5.93 8.00 56.38
C GLU G 420 -5.04 9.22 56.65
N ILE H 26 4.70 18.26 32.19
CA ILE H 26 5.51 18.98 33.28
C ILE H 26 6.39 18.01 34.07
N PHE H 27 5.85 16.86 34.44
CA PHE H 27 6.56 15.96 35.33
C PHE H 27 7.86 15.42 34.72
N GLU H 28 7.97 15.34 33.41
CA GLU H 28 9.21 14.83 32.82
C GLU H 28 10.39 15.76 33.19
N GLU H 29 10.08 17.08 33.20
CA GLU H 29 11.09 18.07 33.52
C GLU H 29 11.58 17.90 34.95
N ALA H 30 10.65 17.62 35.87
CA ALA H 30 10.89 17.36 37.27
C ALA H 30 11.79 16.16 37.48
N ALA H 31 11.43 15.05 36.86
CA ALA H 31 12.27 13.87 36.99
C ALA H 31 13.67 14.13 36.41
N SER H 32 13.79 14.86 35.27
CA SER H 32 15.08 15.20 34.68
C SER H 32 15.85 16.16 35.56
N PHE H 33 15.12 17.01 36.29
CA PHE H 33 15.72 17.97 37.21
C PHE H 33 16.30 17.24 38.42
N ARG H 34 15.58 16.29 38.99
CA ARG H 34 16.15 15.46 40.05
C ARG H 34 17.43 14.80 39.57
N SER H 35 17.41 14.29 38.34
CA SER H 35 18.59 13.70 37.73
C SER H 35 19.72 14.71 37.62
N TYR H 36 19.34 15.94 37.25
CA TYR H 36 20.30 17.02 37.08
C TYR H 36 20.99 17.28 38.40
N GLN H 37 20.21 17.44 39.48
CA GLN H 37 20.75 17.71 40.80
C GLN H 37 21.76 16.63 41.12
N SER H 38 21.40 15.36 40.87
CA SER H 38 22.22 14.25 41.34
C SER H 38 23.53 14.11 40.55
N LYS H 39 23.53 14.63 39.32
CA LYS H 39 24.73 14.64 38.50
C LYS H 39 25.45 16.00 38.49
N LEU H 40 24.87 17.02 39.13
CA LEU H 40 25.39 18.37 39.16
C LEU H 40 26.72 18.41 39.90
N GLY H 41 27.73 19.06 39.29
CA GLY H 41 29.13 18.96 39.71
C GLY H 41 29.59 17.56 39.30
N ARG H 42 30.16 16.78 40.22
CA ARG H 42 30.30 15.36 40.00
C ARG H 42 31.20 14.99 38.82
N ASP H 43 31.88 15.97 38.20
CA ASP H 43 32.67 15.75 37.01
C ASP H 43 33.81 16.75 36.94
N GLY H 44 34.81 16.41 36.10
CA GLY H 44 36.16 16.97 36.16
C GLY H 44 36.92 16.66 37.44
N ARG H 45 37.90 17.53 37.72
CA ARG H 45 38.79 17.35 38.86
C ARG H 45 38.75 18.57 39.78
N ALA H 46 38.84 18.26 41.07
CA ALA H 46 39.27 19.23 42.07
C ALA H 46 40.75 19.58 41.85
N SER H 47 41.04 20.89 42.00
CA SER H 47 42.37 21.48 41.86
C SER H 47 43.35 20.95 42.91
N ALA H 48 44.59 20.69 42.46
CA ALA H 48 45.53 20.01 43.34
C ALA H 48 45.96 20.92 44.52
N ALA H 49 45.58 22.19 44.54
CA ALA H 49 45.67 23.06 45.73
C ALA H 49 44.92 22.48 46.96
N THR H 50 43.93 21.60 46.75
CA THR H 50 43.29 20.80 47.80
C THR H 50 44.13 19.68 48.47
N ALA H 51 45.39 19.42 48.05
CA ALA H 51 46.23 18.30 48.49
C ALA H 51 46.52 18.28 50.00
N THR H 52 46.08 17.22 50.69
CA THR H 52 46.13 17.06 52.14
C THR H 52 47.57 16.75 52.57
N LEU H 53 47.96 17.16 53.79
CA LEU H 53 49.26 16.78 54.40
C LEU H 53 49.40 15.24 54.45
N THR H 54 50.41 14.69 53.77
CA THR H 54 50.63 13.24 53.84
C THR H 54 51.26 12.84 55.19
N THR H 55 51.00 11.61 55.65
CA THR H 55 51.70 11.02 56.78
C THR H 55 52.54 9.81 56.34
N LYS H 56 53.68 9.62 57.02
CA LYS H 56 54.67 8.63 56.61
C LYS H 56 54.51 7.39 57.46
N ILE H 57 54.35 6.23 56.81
CA ILE H 57 54.22 4.94 57.47
C ILE H 57 55.35 4.01 57.03
N ARG H 58 55.99 3.41 58.03
CA ARG H 58 57.07 2.49 57.72
C ARG H 58 56.44 1.11 57.45
N ILE H 59 56.71 0.53 56.27
CA ILE H 59 56.27 -0.80 55.94
C ILE H 59 57.49 -1.71 55.74
N PHE H 60 57.59 -2.69 56.65
CA PHE H 60 58.67 -3.65 56.62
C PHE H 60 58.28 -4.79 55.68
N VAL H 61 59.04 -4.94 54.62
CA VAL H 61 58.73 -5.94 53.61
C VAL H 61 59.73 -7.11 53.76
N PRO H 62 59.29 -8.39 53.75
CA PRO H 62 60.21 -9.52 53.86
C PRO H 62 61.18 -9.69 52.67
N ALA H 63 60.68 -9.41 51.46
CA ALA H 63 61.42 -9.33 50.19
C ALA H 63 62.22 -10.60 49.86
N THR H 64 61.90 -11.73 50.53
CA THR H 64 62.73 -12.92 50.54
C THR H 64 61.84 -14.16 50.75
N ASN H 65 62.25 -15.31 50.22
CA ASN H 65 61.45 -16.54 50.23
C ASN H 65 61.86 -17.47 51.37
N SER H 66 62.52 -16.94 52.42
CA SER H 66 62.87 -17.72 53.59
C SER H 66 61.71 -17.78 54.59
N PRO H 67 61.18 -18.98 54.94
CA PRO H 67 60.11 -19.08 55.94
C PRO H 67 60.47 -18.56 57.33
N GLU H 68 61.74 -18.68 57.73
CA GLU H 68 62.16 -18.31 59.07
C GLU H 68 61.92 -16.81 59.35
N LEU H 69 62.38 -15.93 58.45
CA LEU H 69 62.14 -14.49 58.59
C LEU H 69 60.68 -14.13 58.38
N ARG H 70 60.00 -14.79 57.44
CA ARG H 70 58.59 -14.50 57.22
C ARG H 70 57.72 -14.80 58.44
N TRP H 71 58.01 -15.89 59.11
CA TRP H 71 57.29 -16.18 60.31
C TRP H 71 57.72 -15.25 61.48
N GLU H 72 59.01 -14.98 61.65
CA GLU H 72 59.43 -14.10 62.72
C GLU H 72 58.84 -12.68 62.55
N LEU H 73 58.82 -12.19 61.33
CA LEU H 73 58.22 -10.91 60.98
C LEU H 73 56.72 -10.90 61.25
N THR H 74 56.02 -12.01 60.99
CA THR H 74 54.61 -12.07 61.31
C THR H 74 54.42 -11.97 62.81
N LEU H 75 55.25 -12.67 63.60
CA LEU H 75 55.21 -12.60 65.05
C LEU H 75 55.47 -11.16 65.55
N PHE H 76 56.50 -10.52 65.01
CA PHE H 76 56.80 -9.12 65.27
C PHE H 76 55.58 -8.26 65.01
N ALA H 77 54.97 -8.37 63.83
CA ALA H 77 53.84 -7.54 63.45
C ALA H 77 52.60 -7.77 64.31
N LEU H 78 52.32 -9.04 64.63
CA LEU H 78 51.25 -9.35 65.55
C LEU H 78 51.51 -8.62 66.87
N ASP H 79 52.76 -8.63 67.34
CA ASP H 79 53.13 -8.00 68.60
C ASP H 79 53.03 -6.49 68.48
N VAL H 80 53.48 -5.88 67.38
CA VAL H 80 53.26 -4.46 67.15
C VAL H 80 51.81 -4.05 67.34
N ILE H 81 50.89 -4.80 66.79
CA ILE H 81 49.48 -4.51 66.92
C ILE H 81 48.96 -4.78 68.32
N ARG H 82 49.60 -5.73 69.03
CA ARG H 82 49.28 -6.12 70.40
C ARG H 82 49.73 -5.05 71.40
N SER H 83 50.77 -4.28 71.03
CA SER H 83 51.42 -3.29 71.89
C SER H 83 50.52 -2.11 72.24
N PRO H 84 50.47 -1.66 73.51
CA PRO H 84 49.82 -0.40 73.84
C PRO H 84 50.71 0.82 73.55
N SER H 85 52.04 0.61 73.37
CA SER H 85 53.03 1.69 73.25
C SER H 85 53.39 2.02 71.81
N ALA H 86 52.97 1.18 70.86
CA ALA H 86 53.12 1.50 69.44
C ALA H 86 52.19 2.66 69.05
N ALA H 87 52.68 3.54 68.16
CA ALA H 87 51.91 4.62 67.54
C ALA H 87 51.05 4.06 66.42
N GLU H 88 49.95 4.74 66.10
CA GLU H 88 49.08 4.36 64.98
C GLU H 88 49.79 4.26 63.63
N SER H 89 50.78 5.10 63.42
CA SER H 89 51.62 5.08 62.24
C SER H 89 52.38 3.76 62.10
N MET H 90 52.86 3.23 63.24
CA MET H 90 53.53 1.95 63.30
C MET H 90 52.53 0.83 63.06
N LYS H 91 51.36 0.95 63.71
CA LYS H 91 50.31 -0.06 63.67
C LYS H 91 49.81 -0.27 62.25
N VAL H 92 49.51 0.79 61.50
CA VAL H 92 49.04 0.61 60.15
C VAL H 92 50.16 0.00 59.30
N GLY H 93 51.41 0.44 59.48
CA GLY H 93 52.52 -0.14 58.74
C GLY H 93 52.67 -1.63 58.98
N ALA H 94 52.52 -2.03 60.24
CA ALA H 94 52.44 -3.42 60.65
C ALA H 94 51.27 -4.15 59.95
N ALA H 95 50.07 -3.57 59.94
CA ALA H 95 48.88 -4.17 59.31
C ALA H 95 49.05 -4.36 57.79
N PHE H 96 49.79 -3.43 57.14
CA PHE H 96 50.26 -3.54 55.76
C PHE H 96 51.20 -4.73 55.59
N THR H 97 52.19 -4.91 56.51
CA THR H 97 53.12 -6.03 56.38
C THR H 97 52.32 -7.31 56.49
N LEU H 98 51.43 -7.32 57.51
CA LEU H 98 50.68 -8.49 57.95
C LEU H 98 49.79 -9.02 56.83
N ILE H 99 49.04 -8.14 56.15
CA ILE H 99 48.23 -8.61 55.02
C ILE H 99 48.98 -8.71 53.67
N SER H 100 50.31 -8.53 53.60
CA SER H 100 50.97 -8.66 52.32
C SER H 100 51.78 -9.97 52.17
N MET H 101 51.87 -10.77 53.24
CA MET H 101 52.74 -11.95 53.28
C MET H 101 52.39 -13.05 52.26
N TYR H 102 51.17 -13.06 51.67
CA TYR H 102 50.74 -13.79 50.49
C TYR H 102 51.76 -13.80 49.37
N SER H 103 52.23 -12.60 49.05
CA SER H 103 52.80 -12.41 47.74
C SER H 103 54.23 -12.92 47.64
N GLU H 104 54.62 -13.32 46.41
CA GLU H 104 56.02 -13.53 46.11
C GLU H 104 56.80 -12.21 46.22
N ARG H 105 56.12 -11.08 45.96
CA ARG H 105 56.68 -9.74 45.98
C ARG H 105 55.80 -8.79 46.82
N PRO H 106 55.83 -8.91 48.16
CA PRO H 106 54.91 -8.14 48.99
C PRO H 106 55.04 -6.63 48.85
N GLY H 107 56.27 -6.17 48.58
CA GLY H 107 56.57 -4.78 48.36
C GLY H 107 55.86 -4.22 47.14
N ALA H 108 55.89 -5.00 46.04
CA ALA H 108 55.15 -4.67 44.84
C ALA H 108 53.64 -4.59 45.09
N LEU H 109 53.10 -5.53 45.88
CA LEU H 109 51.69 -5.53 46.25
C LEU H 109 51.25 -4.27 46.98
N ILE H 110 52.04 -3.84 47.98
CA ILE H 110 51.76 -2.58 48.66
C ILE H 110 51.87 -1.41 47.68
N ARG H 111 53.04 -1.24 47.07
CA ARG H 111 53.29 -0.02 46.33
C ARG H 111 52.38 0.12 45.11
N SER H 112 51.90 -0.98 44.53
CA SER H 112 51.01 -0.93 43.36
C SER H 112 49.56 -0.65 43.70
N LEU H 113 49.13 -1.10 44.89
CA LEU H 113 47.76 -0.91 45.28
C LEU H 113 47.60 0.08 46.45
N LEU H 114 48.63 0.87 46.78
CA LEU H 114 48.54 1.84 47.84
C LEU H 114 47.43 2.85 47.58
N ASN H 115 47.53 3.63 46.49
CA ASN H 115 46.51 4.60 46.06
C ASN H 115 45.88 5.41 47.21
N ASP H 116 46.71 6.15 47.98
CA ASP H 116 46.22 6.84 49.18
C ASP H 116 46.89 8.20 49.35
N PRO H 117 46.16 9.33 49.16
CA PRO H 117 46.76 10.65 49.34
C PRO H 117 46.93 11.07 50.81
N ASP H 118 46.33 10.32 51.76
CA ASP H 118 46.64 10.53 53.16
C ASP H 118 48.09 10.14 53.48
N ILE H 119 48.76 9.34 52.63
CA ILE H 119 49.94 8.56 52.98
C ILE H 119 51.10 8.82 52.00
N GLU H 120 52.34 8.81 52.53
CA GLU H 120 53.52 8.48 51.72
C GLU H 120 54.32 7.37 52.41
N ALA H 121 54.11 6.12 51.98
CA ALA H 121 54.68 4.95 52.64
C ALA H 121 56.16 4.76 52.27
N VAL H 122 56.97 4.42 53.29
CA VAL H 122 58.39 4.16 53.09
C VAL H 122 58.62 2.68 53.27
N ILE H 123 59.26 2.06 52.28
CA ILE H 123 59.34 0.60 52.23
C ILE H 123 60.76 0.17 52.61
N ILE H 124 60.86 -0.70 53.62
CA ILE H 124 62.13 -1.09 54.19
C ILE H 124 62.24 -2.62 54.13
N ASP H 125 63.28 -3.11 53.43
CA ASP H 125 63.55 -4.54 53.35
C ASP H 125 64.03 -5.09 54.71
N VAL H 126 63.36 -6.14 55.20
CA VAL H 126 63.59 -6.84 56.48
C VAL H 126 64.81 -7.75 56.41
N GLY H 127 65.12 -8.31 55.21
CA GLY H 127 66.32 -9.06 54.88
C GLY H 127 66.82 -9.99 56.00
N SER H 128 67.94 -9.61 56.63
CA SER H 128 68.66 -10.44 57.59
C SER H 128 67.93 -10.65 58.93
N MET H 129 66.83 -9.92 59.23
CA MET H 129 65.97 -10.12 60.41
C MET H 129 66.78 -10.33 61.74
N VAL H 130 67.71 -9.40 62.02
CA VAL H 130 68.87 -9.60 62.91
C VAL H 130 68.46 -9.94 64.35
N ASN H 131 67.80 -8.99 65.01
CA ASN H 131 67.51 -9.07 66.43
C ASN H 131 66.44 -10.13 66.73
N GLY H 132 66.33 -10.52 68.02
CA GLY H 132 65.46 -11.57 68.54
C GLY H 132 64.02 -11.49 68.03
N ILE H 133 63.31 -10.50 68.59
CA ILE H 133 61.92 -10.23 68.22
C ILE H 133 61.85 -9.10 67.17
N PRO H 134 62.61 -7.98 67.29
CA PRO H 134 62.49 -6.87 66.37
C PRO H 134 62.93 -7.17 64.95
N VAL H 135 62.36 -6.41 64.02
CA VAL H 135 62.95 -6.25 62.70
C VAL H 135 64.34 -5.62 62.82
N MET H 136 65.21 -5.86 61.82
CA MET H 136 66.46 -5.10 61.72
C MET H 136 66.34 -3.85 60.82
N GLU H 137 67.26 -2.89 61.05
CA GLU H 137 67.40 -1.72 60.19
C GLU H 137 68.70 -1.83 59.38
N ARG H 138 68.56 -1.77 58.04
CA ARG H 138 69.72 -1.70 57.15
C ARG H 138 70.15 -0.25 56.89
N ARG H 139 69.69 0.72 57.71
CA ARG H 139 69.82 2.16 57.49
C ARG H 139 71.08 2.75 58.10
N GLY H 140 72.11 1.92 58.35
CA GLY H 140 73.40 2.36 58.86
C GLY H 140 73.31 3.03 60.24
N ASP H 141 72.36 2.55 61.05
CA ASP H 141 72.08 3.05 62.40
C ASP H 141 71.59 4.51 62.38
N LYS H 142 70.80 4.88 61.36
CA LYS H 142 70.31 6.24 61.11
C LYS H 142 69.44 6.76 62.26
N ALA H 143 68.69 5.85 62.90
CA ALA H 143 68.11 6.07 64.23
C ALA H 143 68.38 4.81 65.04
N GLN H 144 69.19 4.94 66.12
CA GLN H 144 69.48 3.83 67.03
C GLN H 144 68.29 3.57 67.96
N GLU H 145 67.62 4.65 68.36
CA GLU H 145 66.46 4.68 69.24
C GLU H 145 65.27 3.94 68.61
N GLU H 146 65.23 3.80 67.29
CA GLU H 146 64.23 3.03 66.56
C GLU H 146 64.21 1.58 67.07
N MET H 147 65.39 0.96 67.21
CA MET H 147 65.51 -0.41 67.69
C MET H 147 64.96 -0.52 69.13
N GLU H 148 65.28 0.48 69.95
CA GLU H 148 64.83 0.57 71.33
C GLU H 148 63.31 0.78 71.36
N GLY H 149 62.80 1.55 70.39
CA GLY H 149 61.37 1.77 70.20
C GLY H 149 60.66 0.45 69.95
N LEU H 150 61.18 -0.32 68.99
CA LEU H 150 60.66 -1.63 68.67
C LEU H 150 60.72 -2.54 69.89
N MET H 151 61.86 -2.54 70.60
CA MET H 151 62.00 -3.38 71.78
C MET H 151 60.94 -3.05 72.84
N ARG H 152 60.74 -1.75 73.11
CA ARG H 152 59.73 -1.30 74.06
C ARG H 152 58.35 -1.76 73.60
N ILE H 153 58.09 -1.60 72.31
CA ILE H 153 56.82 -1.99 71.69
C ILE H 153 56.55 -3.46 71.98
N LEU H 154 57.53 -4.32 71.71
CA LEU H 154 57.38 -5.77 71.81
C LEU H 154 57.28 -6.23 73.27
N LYS H 155 58.08 -5.61 74.14
CA LYS H 155 57.99 -5.86 75.57
C LYS H 155 56.59 -5.51 76.08
N THR H 156 56.15 -4.27 75.83
CA THR H 156 54.85 -3.81 76.29
C THR H 156 53.71 -4.65 75.74
N ALA H 157 53.85 -5.17 74.51
CA ALA H 157 52.91 -6.15 73.98
C ALA H 157 52.75 -7.36 74.91
N ARG H 158 53.87 -8.02 75.23
CA ARG H 158 53.90 -9.18 76.13
C ARG H 158 53.40 -8.83 77.52
N ASP H 159 53.87 -7.72 78.08
CA ASP H 159 53.62 -7.33 79.46
C ASP H 159 52.15 -6.96 79.67
N SER H 160 51.58 -6.21 78.72
CA SER H 160 50.19 -5.79 78.78
C SER H 160 49.24 -6.98 78.60
N SER H 161 49.66 -7.96 77.80
CA SER H 161 48.92 -9.19 77.60
C SER H 161 49.03 -10.12 78.80
N LYS H 162 49.89 -9.80 79.77
CA LYS H 162 50.08 -10.63 80.97
C LYS H 162 50.65 -11.99 80.55
N GLY H 163 51.58 -11.97 79.59
CA GLY H 163 52.34 -13.14 79.16
C GLY H 163 51.52 -14.13 78.34
N LYS H 164 50.38 -13.67 77.78
CA LYS H 164 49.54 -14.47 76.91
C LYS H 164 49.83 -14.08 75.46
N THR H 165 50.17 -15.05 74.63
CA THR H 165 50.53 -14.79 73.25
C THR H 165 49.29 -14.45 72.42
N PRO H 166 49.47 -13.98 71.15
CA PRO H 166 48.33 -13.62 70.31
C PRO H 166 47.39 -14.78 70.05
N PHE H 167 47.97 -16.00 69.90
CA PHE H 167 47.28 -17.25 69.59
C PHE H 167 46.59 -17.85 70.82
N VAL H 168 45.54 -18.64 70.57
CA VAL H 168 44.85 -19.42 71.60
C VAL H 168 45.71 -20.59 72.13
N ASP H 169 46.61 -21.15 71.29
CA ASP H 169 47.67 -22.02 71.77
C ASP H 169 49.05 -21.37 71.61
N SER H 170 49.73 -21.16 72.75
CA SER H 170 51.03 -20.53 72.81
C SER H 170 52.11 -21.29 72.07
N ARG H 171 51.91 -22.59 71.81
CA ARG H 171 52.87 -23.34 71.03
C ARG H 171 53.02 -22.76 69.62
N ALA H 172 51.94 -22.20 69.07
CA ALA H 172 51.99 -21.53 67.80
C ALA H 172 52.96 -20.34 67.86
N TYR H 173 52.96 -19.61 68.99
CA TYR H 173 53.88 -18.51 69.28
C TYR H 173 55.34 -18.99 69.40
N GLY H 174 55.43 -20.15 70.05
CA GLY H 174 56.72 -20.78 70.30
C GLY H 174 57.40 -21.30 69.03
N LEU H 175 56.63 -21.85 68.08
CA LEU H 175 57.12 -22.41 66.81
C LEU H 175 57.97 -21.40 66.03
N ARG H 176 59.16 -21.85 65.60
CA ARG H 176 59.87 -21.17 64.53
C ARG H 176 59.80 -22.07 63.31
N ILE H 177 58.89 -21.70 62.42
CA ILE H 177 58.56 -22.43 61.21
C ILE H 177 59.74 -22.40 60.23
N THR H 178 59.93 -23.55 59.53
CA THR H 178 61.10 -23.79 58.70
C THR H 178 60.75 -24.14 57.25
N ASP H 179 59.45 -24.38 56.95
CA ASP H 179 59.00 -24.88 55.65
C ASP H 179 57.87 -24.03 55.07
N MET H 180 57.79 -23.97 53.74
CA MET H 180 56.85 -23.07 53.09
C MET H 180 55.42 -23.53 53.35
N SER H 181 55.21 -24.84 53.42
CA SER H 181 53.84 -25.35 53.48
C SER H 181 53.19 -24.99 54.81
N THR H 182 53.93 -25.14 55.91
CA THR H 182 53.42 -24.77 57.22
C THR H 182 53.36 -23.25 57.35
N LEU H 183 54.31 -22.52 56.75
CA LEU H 183 54.25 -21.05 56.71
C LEU H 183 52.96 -20.54 56.10
N VAL H 184 52.65 -20.97 54.88
CA VAL H 184 51.43 -20.53 54.21
C VAL H 184 50.18 -21.01 54.91
N SER H 185 50.22 -22.20 55.47
CA SER H 185 49.12 -22.64 56.29
C SER H 185 48.85 -21.62 57.41
N ALA H 186 49.92 -21.22 58.11
CA ALA H 186 49.96 -20.20 59.16
C ALA H 186 49.49 -18.83 58.69
N VAL H 187 50.22 -18.28 57.73
CA VAL H 187 49.99 -16.94 57.20
C VAL H 187 48.56 -16.83 56.69
N ILE H 188 48.08 -17.73 55.86
CA ILE H 188 46.75 -17.55 55.32
C ILE H 188 45.72 -17.72 56.41
N THR H 189 46.07 -18.37 57.53
CA THR H 189 45.11 -18.49 58.63
C THR H 189 45.06 -17.20 59.43
N ILE H 190 46.19 -16.52 59.66
CA ILE H 190 46.25 -15.21 60.31
C ILE H 190 45.56 -14.21 59.39
N GLU H 191 45.90 -14.19 58.11
CA GLU H 191 45.29 -13.25 57.19
C GLU H 191 43.79 -13.42 57.23
N ALA H 192 43.31 -14.61 57.03
CA ALA H 192 41.89 -14.84 57.03
C ALA H 192 41.24 -14.27 58.29
N GLN H 193 41.95 -14.33 59.42
CA GLN H 193 41.50 -13.78 60.68
C GLN H 193 41.43 -12.24 60.69
N ILE H 194 42.30 -11.56 59.95
CA ILE H 194 42.17 -10.14 59.75
C ILE H 194 40.95 -9.87 58.84
N TRP H 195 40.84 -10.57 57.72
CA TRP H 195 39.88 -10.27 56.65
C TRP H 195 38.49 -10.62 57.13
N ILE H 196 38.31 -11.50 58.12
CA ILE H 196 36.96 -11.76 58.59
C ILE H 196 36.44 -10.52 59.31
N LEU H 197 37.37 -9.67 59.82
CA LEU H 197 37.01 -8.45 60.59
C LEU H 197 36.40 -7.36 59.71
N ILE H 198 37.11 -7.06 58.59
CA ILE H 198 36.84 -5.92 57.70
C ILE H 198 35.35 -5.85 57.33
N ALA H 199 34.67 -6.96 57.29
CA ALA H 199 33.27 -6.98 56.91
C ALA H 199 32.39 -6.21 57.86
N LYS H 200 32.88 -6.06 59.11
CA LYS H 200 32.11 -5.38 60.14
C LYS H 200 32.90 -4.30 60.89
N ALA H 201 34.19 -4.16 60.62
CA ALA H 201 35.03 -3.25 61.37
C ALA H 201 34.52 -1.80 61.31
N VAL H 202 33.83 -1.46 60.22
CA VAL H 202 33.37 -0.09 60.09
C VAL H 202 31.88 -0.07 60.33
N THR H 203 31.12 -1.15 60.11
CA THR H 203 29.67 -1.04 60.29
C THR H 203 29.16 -1.33 61.72
N ALA H 204 29.88 -2.20 62.47
CA ALA H 204 29.58 -2.52 63.88
C ALA H 204 30.75 -3.30 64.47
N PRO H 205 31.87 -2.64 64.81
CA PRO H 205 33.07 -3.31 65.35
C PRO H 205 32.87 -3.89 66.75
N ASP H 206 31.72 -3.66 67.37
CA ASP H 206 31.30 -4.37 68.56
C ASP H 206 30.05 -5.14 68.11
N THR H 207 29.78 -6.33 68.67
CA THR H 207 28.81 -7.31 68.15
C THR H 207 29.32 -8.04 66.90
N ALA H 208 30.58 -7.79 66.53
CA ALA H 208 31.16 -8.42 65.36
C ALA H 208 31.42 -9.92 65.56
N GLU H 209 31.70 -10.34 66.81
CA GLU H 209 32.26 -11.68 66.99
C GLU H 209 31.25 -12.76 66.58
N GLU H 210 29.94 -12.54 66.78
CA GLU H 210 28.91 -13.50 66.38
C GLU H 210 29.04 -13.93 64.90
N SER H 211 29.44 -12.98 64.07
CA SER H 211 29.57 -13.16 62.65
C SER H 211 31.00 -13.62 62.33
N GLU H 212 32.01 -13.03 62.95
CA GLU H 212 33.39 -13.41 62.71
C GLU H 212 33.69 -14.88 63.07
N THR H 213 33.13 -15.36 64.17
CA THR H 213 33.18 -16.76 64.53
C THR H 213 32.45 -17.68 63.53
N ARG H 214 31.27 -17.29 63.06
CA ARG H 214 30.54 -18.00 62.02
C ARG H 214 31.42 -18.17 60.78
N ARG H 215 32.11 -17.14 60.34
CA ARG H 215 32.97 -17.24 59.18
C ARG H 215 34.21 -18.05 59.48
N TRP H 216 34.67 -18.04 60.74
CA TRP H 216 35.80 -18.84 61.16
C TRP H 216 35.54 -20.32 61.06
N ALA H 217 34.38 -20.65 61.59
CA ALA H 217 33.83 -22.01 61.52
C ALA H 217 33.92 -22.57 60.11
N LYS H 218 33.39 -21.83 59.15
CA LYS H 218 33.44 -22.15 57.74
C LYS H 218 34.85 -22.48 57.30
N TYR H 219 35.79 -21.59 57.42
CA TYR H 219 37.09 -21.82 56.78
C TYR H 219 37.87 -22.99 57.40
N VAL H 220 37.65 -23.26 58.69
CA VAL H 220 38.23 -24.41 59.36
C VAL H 220 37.54 -25.69 58.93
N GLN H 221 36.20 -25.68 58.91
CA GLN H 221 35.42 -26.87 58.51
C GLN H 221 35.75 -27.27 57.06
N GLN H 222 35.97 -26.28 56.21
CA GLN H 222 36.42 -26.49 54.86
C GLN H 222 37.89 -26.76 54.75
N LYS H 223 38.61 -26.81 55.85
CA LYS H 223 40.01 -27.18 55.86
C LYS H 223 40.89 -26.24 55.02
N ARG H 224 40.43 -24.99 54.84
CA ARG H 224 41.24 -23.99 54.17
C ARG H 224 42.22 -23.33 55.16
N VAL H 225 41.85 -23.27 56.45
CA VAL H 225 42.69 -22.61 57.46
C VAL H 225 42.96 -23.55 58.62
N ASN H 226 44.21 -23.52 59.14
CA ASN H 226 44.70 -24.46 60.14
C ASN H 226 44.46 -23.97 61.59
N PRO H 227 43.47 -24.47 62.38
CA PRO H 227 43.02 -23.79 63.60
C PRO H 227 44.07 -23.78 64.71
N PHE H 228 45.21 -24.45 64.50
CA PHE H 228 46.38 -24.29 65.37
C PHE H 228 46.77 -22.83 65.47
N PHE H 229 46.63 -22.10 64.37
CA PHE H 229 46.91 -20.67 64.38
C PHE H 229 45.72 -19.75 64.74
N ALA H 230 44.69 -20.21 65.44
CA ALA H 230 43.62 -19.33 65.89
C ALA H 230 44.18 -18.22 66.82
N LEU H 231 43.75 -16.97 66.58
CA LEU H 231 44.10 -15.82 67.39
C LEU H 231 43.00 -15.55 68.43
N THR H 232 43.44 -15.11 69.64
CA THR H 232 42.58 -14.80 70.81
C THR H 232 41.71 -13.57 70.54
N GLN H 233 40.50 -13.59 71.11
CA GLN H 233 39.65 -12.42 70.86
C GLN H 233 40.30 -11.10 71.30
N GLN H 234 41.22 -11.11 72.26
CA GLN H 234 41.96 -9.90 72.64
C GLN H 234 42.75 -9.35 71.44
N TRP H 235 43.53 -10.20 70.74
CA TRP H 235 44.30 -9.76 69.57
C TRP H 235 43.40 -9.39 68.41
N LEU H 236 42.36 -10.16 68.20
CA LEU H 236 41.40 -9.80 67.19
C LEU H 236 40.69 -8.46 67.46
N THR H 237 40.36 -8.12 68.71
CA THR H 237 39.75 -6.85 69.01
C THR H 237 40.74 -5.70 68.80
N GLU H 238 42.01 -5.89 69.16
CA GLU H 238 43.02 -4.88 68.91
C GLU H 238 43.22 -4.60 67.43
N MET H 239 43.17 -5.64 66.62
CA MET H 239 43.24 -5.46 65.18
C MET H 239 41.94 -4.90 64.59
N ARG H 240 40.78 -5.36 65.08
CA ARG H 240 39.52 -4.80 64.61
C ARG H 240 39.43 -3.31 64.89
N ASN H 241 39.92 -2.87 66.05
CA ASN H 241 39.94 -1.47 66.37
C ASN H 241 40.87 -0.71 65.45
N LEU H 242 42.06 -1.24 65.17
CA LEU H 242 42.93 -0.60 64.18
C LEU H 242 42.26 -0.43 62.84
N LEU H 243 41.53 -1.42 62.38
CA LEU H 243 40.76 -1.28 61.14
C LEU H 243 39.59 -0.26 61.19
N SER H 244 38.86 -0.19 62.31
CA SER H 244 37.80 0.79 62.47
C SER H 244 38.37 2.22 62.37
N GLN H 245 39.56 2.44 62.89
CA GLN H 245 40.01 3.80 63.15
C GLN H 245 41.09 4.23 62.13
N SER H 246 41.55 3.32 61.27
CA SER H 246 42.42 3.76 60.16
C SER H 246 41.69 3.50 58.85
N LEU H 247 41.59 4.59 58.10
CA LEU H 247 41.09 4.50 56.76
C LEU H 247 42.19 4.02 55.87
N SER H 248 43.47 4.40 56.15
CA SER H 248 44.57 4.03 55.27
C SER H 248 44.67 2.52 55.05
N VAL H 249 44.48 1.77 56.13
CA VAL H 249 44.51 0.32 55.97
C VAL H 249 43.24 -0.20 55.24
N ARG H 250 42.05 0.29 55.55
CA ARG H 250 40.85 -0.04 54.77
C ARG H 250 40.98 0.27 53.25
N LYS H 251 41.63 1.36 52.88
CA LYS H 251 41.87 1.68 51.48
C LYS H 251 42.72 0.61 50.82
N PHE H 252 43.82 0.17 51.45
CA PHE H 252 44.60 -0.95 50.95
C PHE H 252 43.80 -2.24 50.84
N MET H 253 43.08 -2.55 51.89
CA MET H 253 42.21 -3.68 51.81
C MET H 253 41.20 -3.66 50.66
N VAL H 254 40.43 -2.59 50.51
CA VAL H 254 39.49 -2.55 49.41
C VAL H 254 40.17 -2.54 48.04
N GLU H 255 41.34 -1.94 47.93
CA GLU H 255 42.11 -1.99 46.69
C GLU H 255 42.40 -3.41 46.27
N ILE H 256 42.97 -4.19 47.21
CA ILE H 256 43.29 -5.62 47.04
C ILE H 256 42.02 -6.42 46.77
N LEU H 257 40.98 -6.09 47.52
CA LEU H 257 39.75 -6.85 47.39
C LEU H 257 39.07 -6.69 46.02
N ILE H 258 39.07 -5.48 45.44
CA ILE H 258 38.60 -5.29 44.09
C ILE H 258 39.53 -5.97 43.10
N GLU H 259 40.85 -5.90 43.34
CA GLU H 259 41.79 -6.52 42.42
C GLU H 259 41.52 -8.02 42.25
N VAL H 260 41.29 -8.71 43.36
CA VAL H 260 41.13 -10.13 43.27
C VAL H 260 39.71 -10.55 42.90
N LYS H 261 38.72 -9.66 43.00
CA LYS H 261 37.37 -9.91 42.52
C LYS H 261 37.34 -10.07 40.99
N LYS H 262 38.35 -9.52 40.25
CA LYS H 262 38.43 -9.59 38.79
C LYS H 262 38.77 -11.01 38.34
N GLY H 263 38.01 -11.52 37.35
CA GLY H 263 37.83 -12.96 37.15
C GLY H 263 38.83 -13.41 36.09
N GLY H 264 38.56 -14.53 35.39
CA GLY H 264 39.30 -14.91 34.17
C GLY H 264 40.82 -15.04 34.37
N SER H 265 41.17 -15.39 35.61
CA SER H 265 42.54 -15.47 36.10
C SER H 265 42.71 -16.70 36.98
N ALA H 266 43.96 -17.14 37.03
CA ALA H 266 44.32 -18.26 37.89
C ALA H 266 44.38 -17.81 39.35
N LYS H 267 43.73 -18.56 40.25
CA LYS H 267 43.64 -18.12 41.63
C LYS H 267 44.32 -19.08 42.61
N GLY H 268 45.28 -18.55 43.40
CA GLY H 268 45.92 -19.28 44.48
C GLY H 268 45.01 -19.37 45.70
N ARG H 269 45.19 -20.38 46.58
CA ARG H 269 44.34 -20.56 47.76
C ARG H 269 44.30 -19.28 48.56
N ALA H 270 45.44 -18.57 48.58
CA ALA H 270 45.58 -17.35 49.34
C ALA H 270 44.57 -16.26 48.86
N VAL H 271 44.61 -15.89 47.60
CA VAL H 271 43.67 -14.88 47.12
C VAL H 271 42.25 -15.40 47.13
N GLU H 272 42.07 -16.70 46.96
CA GLU H 272 40.75 -17.30 46.92
C GLU H 272 40.06 -17.03 48.22
N ILE H 273 40.81 -17.21 49.33
CA ILE H 273 40.13 -17.05 50.61
C ILE H 273 39.72 -15.59 50.79
N ILE H 274 40.59 -14.66 50.35
CA ILE H 274 40.25 -13.24 50.36
C ILE H 274 39.01 -12.88 49.54
N SER H 275 38.95 -13.45 48.33
CA SER H 275 37.84 -13.22 47.41
C SER H 275 36.57 -13.71 48.06
N ASP H 276 36.65 -14.86 48.75
CA ASP H 276 35.51 -15.49 49.37
C ASP H 276 34.97 -14.59 50.43
N ILE H 277 35.90 -14.07 51.26
CA ILE H 277 35.61 -13.08 52.30
C ILE H 277 34.94 -11.84 51.71
N GLY H 278 35.41 -11.45 50.55
CA GLY H 278 34.81 -10.34 49.86
C GLY H 278 33.30 -10.43 49.81
N ASN H 279 32.71 -11.61 49.63
CA ASN H 279 31.28 -11.71 49.41
C ASN H 279 30.49 -11.31 50.65
N TYR H 280 31.20 -11.15 51.76
CA TYR H 280 30.61 -10.70 53.01
C TYR H 280 30.85 -9.18 53.18
N VAL H 281 31.95 -8.71 52.58
CA VAL H 281 32.42 -7.34 52.62
C VAL H 281 31.60 -6.48 51.66
N GLU H 282 31.23 -6.99 50.51
CA GLU H 282 30.30 -6.32 49.57
C GLU H 282 29.05 -5.76 50.23
N GLU H 283 28.64 -4.61 49.74
CA GLU H 283 27.44 -3.86 50.09
C GLU H 283 27.39 -3.58 51.59
N THR H 284 28.53 -3.73 52.30
CA THR H 284 28.64 -3.46 53.74
C THR H 284 28.21 -2.03 54.02
N GLY H 285 27.40 -1.91 55.07
CA GLY H 285 27.00 -0.60 55.53
C GLY H 285 26.03 0.08 54.60
N MET H 286 25.39 -0.70 53.71
CA MET H 286 24.36 -0.12 52.87
C MET H 286 23.07 -0.88 52.95
N ALA H 287 22.84 -1.48 54.12
CA ALA H 287 21.69 -2.29 54.52
C ALA H 287 20.38 -1.68 54.01
N GLY H 288 20.17 -0.44 54.42
CA GLY H 288 18.88 0.11 54.13
C GLY H 288 18.69 0.39 52.64
N PHE H 289 19.75 0.77 51.89
CA PHE H 289 19.66 0.94 50.44
C PHE H 289 19.14 -0.30 49.74
N PHE H 290 19.94 -1.34 49.87
CA PHE H 290 19.63 -2.55 49.17
C PHE H 290 18.37 -3.19 49.73
N ALA H 291 18.16 -3.13 51.04
CA ALA H 291 16.90 -3.65 51.51
C ALA H 291 15.73 -3.03 50.76
N THR H 292 15.81 -1.74 50.47
CA THR H 292 14.67 -1.14 49.79
C THR H 292 14.51 -1.75 48.40
N ILE H 293 15.63 -1.99 47.70
CA ILE H 293 15.59 -2.57 46.39
C ILE H 293 15.11 -4.03 46.45
N ARG H 294 15.55 -4.82 47.44
CA ARG H 294 15.24 -6.22 47.55
C ARG H 294 13.80 -6.37 48.06
N PHE H 295 13.40 -5.57 49.07
CA PHE H 295 12.13 -5.80 49.71
C PHE H 295 11.06 -4.84 49.23
N GLY H 296 11.28 -3.52 49.28
CA GLY H 296 10.20 -2.58 49.11
C GLY H 296 9.83 -2.41 47.63
N LEU H 297 10.87 -2.47 46.76
CA LEU H 297 10.75 -2.26 45.34
C LEU H 297 10.38 -3.59 44.66
N GLU H 298 11.22 -4.64 44.80
CA GLU H 298 11.07 -5.76 43.86
C GLU H 298 9.86 -6.60 44.07
N THR H 299 9.38 -6.58 45.32
CA THR H 299 8.13 -7.23 45.70
C THR H 299 6.86 -6.56 45.17
N ARG H 300 6.96 -5.28 44.76
CA ARG H 300 6.01 -4.59 43.88
C ARG H 300 4.55 -4.79 44.28
N TYR H 301 4.32 -4.63 45.59
CA TYR H 301 3.01 -4.80 46.21
C TYR H 301 2.00 -3.81 45.58
N PRO H 302 0.67 -4.01 45.78
CA PRO H 302 -0.31 -2.97 45.44
C PRO H 302 0.00 -1.61 46.03
N ALA H 303 0.72 -1.61 47.16
CA ALA H 303 1.05 -0.41 47.91
C ALA H 303 2.04 0.49 47.18
N LEU H 304 2.80 -0.04 46.21
CA LEU H 304 3.83 0.75 45.54
C LEU H 304 3.21 1.89 44.77
N ALA H 305 2.02 1.65 44.21
CA ALA H 305 1.32 2.64 43.40
C ALA H 305 1.02 3.94 44.17
N LEU H 306 0.95 3.87 45.51
CA LEU H 306 0.58 5.05 46.32
C LEU H 306 1.41 6.26 45.91
N ASN H 307 0.69 7.37 45.74
CA ASN H 307 1.19 8.67 45.28
C ASN H 307 2.36 9.14 46.14
N GLU H 308 2.28 8.81 47.44
CA GLU H 308 3.23 9.31 48.42
C GLU H 308 4.64 8.80 48.15
N PHE H 309 4.76 7.66 47.46
CA PHE H 309 6.06 7.01 47.31
C PHE H 309 6.80 7.46 46.06
N GLN H 310 6.09 8.16 45.17
CA GLN H 310 6.69 8.39 43.85
C GLN H 310 8.00 9.13 43.96
N SER H 311 8.04 10.09 44.88
CA SER H 311 9.26 10.88 44.98
C SER H 311 10.41 9.94 45.35
N ASP H 312 10.14 9.04 46.32
CA ASP H 312 11.10 8.05 46.77
C ASP H 312 11.40 7.04 45.65
N LEU H 313 10.36 6.62 44.92
CA LEU H 313 10.62 5.62 43.89
C LEU H 313 11.60 6.26 42.91
N ASN H 314 11.29 7.51 42.57
CA ASN H 314 12.13 8.24 41.65
C ASN H 314 13.50 8.35 42.25
N THR H 315 13.54 8.60 43.57
CA THR H 315 14.82 8.88 44.21
C THR H 315 15.76 7.71 44.03
N ILE H 316 15.24 6.52 44.26
CA ILE H 316 16.09 5.33 44.19
C ILE H 316 16.64 5.21 42.79
N LYS H 317 15.77 5.43 41.80
CA LYS H 317 16.19 5.18 40.43
C LYS H 317 17.46 6.01 40.21
N SER H 318 17.40 7.30 40.57
CA SER H 318 18.56 8.15 40.47
C SER H 318 19.77 7.51 41.17
N LEU H 319 19.50 6.82 42.30
CA LEU H 319 20.54 6.17 43.06
C LEU H 319 21.09 4.96 42.31
N MET H 320 20.23 4.19 41.64
CA MET H 320 20.70 3.03 40.89
C MET H 320 21.63 3.44 39.77
N LEU H 321 21.21 4.47 39.05
CA LEU H 321 22.04 4.98 37.97
C LEU H 321 23.33 5.55 38.53
N LEU H 322 23.23 6.18 39.70
CA LEU H 322 24.39 6.75 40.37
C LEU H 322 25.35 5.63 40.79
N TYR H 323 24.80 4.54 41.34
CA TYR H 323 25.58 3.39 41.74
C TYR H 323 26.40 2.92 40.56
N ARG H 324 25.71 2.80 39.43
CA ARG H 324 26.37 2.36 38.21
C ARG H 324 27.50 3.30 37.84
N GLU H 325 27.26 4.61 38.00
CA GLU H 325 28.22 5.62 37.61
C GLU H 325 29.46 5.55 38.48
N ILE H 326 29.28 5.20 39.76
CA ILE H 326 30.42 5.15 40.68
C ILE H 326 31.33 3.98 40.31
N GLY H 327 30.75 2.89 39.76
CA GLY H 327 31.51 1.77 39.20
C GLY H 327 32.07 0.84 40.25
N PRO H 328 33.33 0.37 40.14
CA PRO H 328 33.65 -0.87 40.87
C PRO H 328 33.86 -0.58 42.35
N ARG H 329 33.98 0.70 42.76
CA ARG H 329 34.11 0.97 44.20
C ARG H 329 32.77 0.96 44.89
N ALA H 330 31.66 0.84 44.17
CA ALA H 330 30.29 1.02 44.70
C ALA H 330 29.92 0.13 45.87
N PRO H 331 30.26 -1.13 45.76
CA PRO H 331 29.95 -2.02 46.84
C PRO H 331 30.77 -1.89 48.09
N TYR H 332 31.74 -1.01 48.08
CA TYR H 332 32.64 -0.85 49.20
C TYR H 332 32.61 0.57 49.79
N MET H 333 31.56 1.32 49.47
CA MET H 333 31.68 2.76 49.65
C MET H 333 31.73 3.17 51.09
N VAL H 334 31.21 2.31 51.93
CA VAL H 334 31.19 2.67 53.32
C VAL H 334 32.62 2.51 53.85
N LEU H 335 33.25 1.37 53.57
CA LEU H 335 34.58 1.16 54.08
C LEU H 335 35.49 2.25 53.58
N LEU H 336 35.30 2.68 52.34
CA LEU H 336 36.16 3.68 51.75
C LEU H 336 35.84 5.09 52.25
N GLU H 337 34.79 5.27 53.06
CA GLU H 337 34.40 6.58 53.56
C GLU H 337 34.16 7.50 52.38
N GLU H 338 33.32 7.03 51.46
CA GLU H 338 33.01 7.89 50.32
C GLU H 338 31.81 8.75 50.67
N SER H 339 31.97 10.04 50.46
CA SER H 339 30.96 11.06 50.70
C SER H 339 29.59 10.79 50.05
N ILE H 340 29.67 10.18 48.88
CA ILE H 340 28.48 9.84 48.13
C ILE H 340 27.56 8.92 48.94
N GLN H 341 28.11 8.16 49.87
CA GLN H 341 27.36 7.26 50.71
C GLN H 341 26.12 7.96 51.28
N THR H 342 26.35 9.23 51.66
CA THR H 342 25.27 9.99 52.30
C THR H 342 24.02 9.87 51.48
N LYS H 343 24.23 10.00 50.18
CA LYS H 343 23.17 10.13 49.19
C LYS H 343 22.33 8.91 49.29
N PHE H 344 23.07 7.78 49.41
CA PHE H 344 22.48 6.46 49.45
C PHE H 344 21.77 6.20 50.74
N ALA H 345 22.13 6.91 51.79
CA ALA H 345 21.48 6.63 53.07
C ALA H 345 19.97 6.80 53.03
N PRO H 346 19.22 5.94 53.77
CA PRO H 346 17.76 5.95 53.66
C PRO H 346 17.12 7.26 54.15
N GLY H 347 17.88 8.17 54.85
CA GLY H 347 17.46 9.53 55.12
C GLY H 347 16.90 10.20 53.84
N GLY H 348 17.42 9.80 52.69
CA GLY H 348 17.01 10.46 51.46
C GLY H 348 15.61 10.03 51.08
N TYR H 349 15.17 8.86 51.50
CA TYR H 349 13.93 8.30 51.01
C TYR H 349 13.23 7.62 52.14
N PRO H 350 12.86 8.33 53.19
CA PRO H 350 12.31 7.67 54.36
C PRO H 350 11.03 6.86 54.11
N LEU H 351 10.10 7.36 53.28
CA LEU H 351 8.82 6.68 53.17
C LEU H 351 8.92 5.27 52.57
N LEU H 352 9.76 5.11 51.57
CA LEU H 352 9.98 3.77 51.01
C LEU H 352 10.67 2.82 52.01
N TRP H 353 11.71 3.31 52.71
CA TRP H 353 12.45 2.50 53.66
C TRP H 353 11.51 2.09 54.73
N SER H 354 10.58 2.97 55.14
CA SER H 354 9.58 2.51 56.12
C SER H 354 8.74 1.33 55.56
N PHE H 355 8.27 1.41 54.32
CA PHE H 355 7.58 0.27 53.72
C PHE H 355 8.52 -0.93 53.55
N ALA H 356 9.77 -0.68 53.08
CA ALA H 356 10.71 -1.76 52.82
C ALA H 356 11.08 -2.52 54.10
N MET H 357 11.34 -1.78 55.19
CA MET H 357 11.73 -2.47 56.40
C MET H 357 10.52 -3.19 56.92
N GLY H 358 9.36 -2.56 56.76
CA GLY H 358 8.16 -3.25 57.18
C GLY H 358 7.93 -4.57 56.45
N VAL H 359 8.19 -4.59 55.14
CA VAL H 359 8.22 -5.85 54.42
C VAL H 359 9.40 -6.73 54.85
N ALA H 360 10.63 -6.21 54.84
CA ALA H 360 11.86 -6.95 55.11
C ALA H 360 11.80 -7.73 56.44
N THR H 361 11.42 -7.04 57.51
CA THR H 361 11.30 -7.59 58.85
C THR H 361 10.21 -8.66 58.96
N THR H 362 9.21 -8.62 58.07
CA THR H 362 8.10 -9.56 58.05
C THR H 362 8.50 -10.82 57.24
N ILE H 363 9.52 -10.77 56.39
CA ILE H 363 9.75 -11.76 55.34
C ILE H 363 11.06 -12.50 55.53
N ASP H 364 12.14 -11.74 55.72
CA ASP H 364 13.45 -12.34 55.96
C ASP H 364 13.71 -12.41 57.47
N ARG H 365 13.88 -13.63 58.01
CA ARG H 365 14.04 -13.83 59.43
C ARG H 365 15.33 -13.19 59.96
N SER H 366 16.31 -12.99 59.09
CA SER H 366 17.57 -12.36 59.46
C SER H 366 17.45 -10.82 59.53
N MET H 367 16.49 -10.20 58.86
CA MET H 367 16.16 -8.78 59.10
C MET H 367 15.57 -8.63 60.50
N GLY H 368 15.47 -7.41 60.97
CA GLY H 368 14.94 -7.26 62.33
C GLY H 368 16.00 -7.40 63.40
N ALA H 369 17.03 -8.22 63.10
CA ALA H 369 18.28 -8.18 63.85
C ALA H 369 19.14 -6.97 63.48
N LEU H 370 18.83 -6.38 62.33
CA LEU H 370 19.47 -5.14 61.89
C LEU H 370 18.81 -3.93 62.58
N ASN H 371 19.65 -3.04 63.12
CA ASN H 371 19.18 -1.90 63.89
C ASN H 371 18.50 -0.85 63.04
N ILE H 372 17.15 -0.73 63.11
CA ILE H 372 16.48 0.31 62.34
C ILE H 372 15.87 1.43 63.21
N ASN H 373 16.43 1.66 64.39
CA ASN H 373 16.10 2.83 65.21
C ASN H 373 16.80 4.11 64.72
N ARG H 374 16.43 4.62 63.52
CA ARG H 374 16.85 5.89 62.91
C ARG H 374 15.66 6.85 63.00
N GLY H 375 15.94 8.15 63.24
CA GLY H 375 14.95 9.19 63.50
C GLY H 375 13.85 9.34 62.44
N TYR H 376 14.17 9.06 61.17
CA TYR H 376 13.31 9.27 60.01
C TYR H 376 12.48 8.07 59.60
N LEU H 377 12.37 7.05 60.46
CA LEU H 377 11.38 5.99 60.30
C LEU H 377 9.94 6.46 60.34
N GLU H 378 9.14 5.96 59.41
CA GLU H 378 7.79 6.48 59.26
C GLU H 378 6.82 5.38 59.63
N PRO H 379 6.33 5.33 60.90
CA PRO H 379 5.75 4.10 61.42
C PRO H 379 4.44 3.71 60.77
N MET H 380 3.64 4.67 60.26
CA MET H 380 2.42 4.37 59.52
C MET H 380 2.71 3.51 58.26
N TYR H 381 3.77 3.90 57.56
CA TYR H 381 4.18 3.30 56.30
C TYR H 381 4.98 2.02 56.55
N PHE H 382 5.73 1.95 57.65
CA PHE H 382 6.28 0.69 58.13
C PHE H 382 5.19 -0.33 58.42
N ARG H 383 4.15 0.08 59.14
CA ARG H 383 3.03 -0.82 59.42
C ARG H 383 2.31 -1.22 58.14
N LEU H 384 2.20 -0.31 57.17
CA LEU H 384 1.73 -0.72 55.85
C LEU H 384 2.65 -1.77 55.20
N GLY H 385 3.98 -1.66 55.38
CA GLY H 385 4.97 -2.65 54.96
C GLY H 385 4.68 -4.03 55.56
N GLN H 386 4.51 -4.10 56.88
CA GLN H 386 4.06 -5.33 57.54
C GLN H 386 2.73 -5.82 56.98
N LYS H 387 1.72 -4.93 56.86
CA LYS H 387 0.38 -5.23 56.33
C LYS H 387 0.45 -5.78 54.89
N SER H 388 1.38 -5.34 54.06
CA SER H 388 1.46 -5.83 52.69
C SER H 388 2.05 -7.25 52.64
N ALA H 389 3.17 -7.45 53.33
CA ALA H 389 3.90 -8.72 53.37
C ALA H 389 3.28 -9.77 54.28
N ARG H 390 2.36 -9.39 55.19
CA ARG H 390 1.74 -10.28 56.16
C ARG H 390 0.20 -10.30 56.03
N HIS H 391 -0.46 -9.13 55.94
CA HIS H 391 -1.92 -9.09 56.04
C HIS H 391 -2.65 -9.75 54.86
N HIS H 392 -2.05 -9.76 53.66
CA HIS H 392 -2.67 -10.42 52.50
C HIS H 392 -2.38 -11.91 52.55
N ALA H 393 -2.57 -12.54 53.73
CA ALA H 393 -2.22 -13.93 54.01
C ALA H 393 -0.77 -14.25 53.62
N GLY H 394 0.15 -13.42 54.15
CA GLY H 394 1.57 -13.51 53.84
C GLY H 394 1.91 -12.95 52.47
N GLY H 395 1.12 -11.97 52.03
CA GLY H 395 1.23 -11.40 50.69
C GLY H 395 0.63 -12.31 49.61
N ILE H 396 0.07 -13.47 50.00
CA ILE H 396 -0.44 -14.46 49.07
C ILE H 396 -1.66 -13.95 48.29
N ASP H 397 -2.49 -13.12 48.94
CA ASP H 397 -3.64 -12.47 48.32
C ASP H 397 -3.19 -11.60 47.15
N GLN H 398 -2.02 -10.95 47.30
CA GLN H 398 -1.36 -10.24 46.20
C GLN H 398 -0.73 -11.22 45.20
N ASN H 399 -1.15 -11.14 43.92
CA ASN H 399 -0.47 -11.89 42.86
C ASN H 399 0.40 -10.94 42.03
N MET H 400 1.68 -11.30 41.84
CA MET H 400 2.58 -10.52 41.00
C MET H 400 2.30 -10.72 39.50
N ALA H 401 1.82 -11.91 39.08
CA ALA H 401 1.60 -12.25 37.69
C ALA H 401 0.40 -13.19 37.49
N ASN H 402 -0.10 -13.20 36.25
CA ASN H 402 -1.25 -14.00 35.87
C ASN H 402 -0.84 -15.31 35.20
N ARG H 403 0.47 -15.62 35.13
CA ARG H 403 0.98 -16.62 34.19
C ARG H 403 0.56 -18.04 34.56
N LEU H 404 0.42 -18.32 35.87
CA LEU H 404 0.01 -19.64 36.32
C LEU H 404 -1.46 -19.90 35.98
N GLY H 405 -2.30 -18.85 36.01
CA GLY H 405 -3.75 -19.01 35.91
C GLY H 405 -4.32 -19.99 36.92
N LEU H 406 -3.81 -19.93 38.15
CA LEU H 406 -4.25 -20.74 39.29
C LEU H 406 -5.71 -20.46 39.63
N SER H 407 -6.44 -21.50 40.07
CA SER H 407 -7.80 -21.34 40.58
C SER H 407 -7.78 -20.59 41.92
N SER H 408 -8.86 -19.83 42.20
CA SER H 408 -8.97 -19.05 43.42
C SER H 408 -8.84 -19.91 44.69
N ASP H 409 -9.43 -21.12 44.68
CA ASP H 409 -9.36 -22.10 45.76
C ASP H 409 -7.91 -22.48 46.07
N GLN H 410 -7.12 -22.71 44.99
CA GLN H 410 -5.72 -23.10 45.08
C GLN H 410 -4.89 -21.98 45.71
N VAL H 411 -5.17 -20.72 45.32
CA VAL H 411 -4.53 -19.54 45.90
C VAL H 411 -4.86 -19.41 47.40
N ALA H 412 -6.13 -19.69 47.78
CA ALA H 412 -6.53 -19.68 49.18
C ALA H 412 -5.79 -20.75 49.98
N GLU H 413 -5.62 -21.95 49.39
CA GLU H 413 -4.89 -23.05 50.00
C GLU H 413 -3.44 -22.66 50.26
N LEU H 414 -2.82 -21.99 49.27
CA LEU H 414 -1.47 -21.46 49.36
C LEU H 414 -1.36 -20.45 50.50
N ALA H 415 -2.35 -19.57 50.66
CA ALA H 415 -2.40 -18.59 51.74
C ALA H 415 -2.48 -19.27 53.12
N ALA H 416 -3.26 -20.35 53.21
CA ALA H 416 -3.43 -21.11 54.44
C ALA H 416 -2.12 -21.82 54.82
N ALA H 417 -1.41 -22.37 53.83
CA ALA H 417 -0.09 -22.94 54.04
C ALA H 417 0.94 -21.88 54.45
N VAL H 418 0.84 -20.66 53.87
CA VAL H 418 1.80 -19.57 54.02
C VAL H 418 1.72 -18.96 55.42
N GLN H 419 0.50 -18.60 55.85
CA GLN H 419 0.18 -18.06 57.18
C GLN H 419 1.09 -16.90 57.62
N GLU H 420 1.49 -16.04 56.67
CA GLU H 420 2.38 -14.89 56.88
C GLU H 420 3.64 -15.24 57.72
N ILE I 26 10.19 2.74 36.38
CA ILE I 26 9.68 1.34 36.20
C ILE I 26 10.45 0.34 37.07
N PHE I 27 9.85 -0.83 37.27
CA PHE I 27 10.49 -1.86 38.04
C PHE I 27 11.64 -2.53 37.27
N GLU I 28 11.59 -2.58 35.96
CA GLU I 28 12.60 -3.24 35.13
C GLU I 28 13.96 -2.58 35.29
N GLU I 29 13.98 -1.33 35.76
CA GLU I 29 15.26 -0.67 36.01
C GLU I 29 16.01 -1.37 37.13
N ALA I 30 15.31 -1.85 38.15
CA ALA I 30 15.82 -2.70 39.22
C ALA I 30 16.45 -3.99 38.67
N ALA I 31 15.75 -4.70 37.83
CA ALA I 31 16.22 -5.91 37.21
C ALA I 31 17.51 -5.64 36.42
N SER I 32 17.59 -4.48 35.73
CA SER I 32 18.80 -4.09 35.02
C SER I 32 19.98 -3.74 35.94
N PHE I 33 19.67 -3.33 37.15
CA PHE I 33 20.63 -3.08 38.22
C PHE I 33 21.10 -4.39 38.85
N ARG I 34 20.19 -5.33 39.12
CA ARG I 34 20.59 -6.58 39.75
C ARG I 34 21.59 -7.30 38.87
N SER I 35 21.32 -7.24 37.56
CA SER I 35 22.23 -7.85 36.62
C SER I 35 23.54 -7.11 36.52
N TYR I 36 23.57 -5.83 36.82
CA TYR I 36 24.79 -5.03 36.88
C TYR I 36 25.62 -5.50 38.06
N GLN I 37 24.98 -5.58 39.23
CA GLN I 37 25.65 -5.90 40.48
C GLN I 37 26.38 -7.22 40.28
N SER I 38 25.71 -8.20 39.64
CA SER I 38 26.23 -9.56 39.55
C SER I 38 27.50 -9.64 38.67
N LYS I 39 27.63 -8.72 37.72
CA LYS I 39 28.78 -8.72 36.81
C LYS I 39 29.77 -7.61 37.16
N LEU I 40 29.41 -6.70 38.08
CA LEU I 40 30.24 -5.55 38.44
C LEU I 40 31.58 -6.04 38.97
N GLY I 41 32.66 -5.44 38.39
CA GLY I 41 34.05 -5.70 38.72
C GLY I 41 34.52 -7.09 38.30
N ARG I 42 33.61 -7.94 37.80
CA ARG I 42 33.98 -9.31 37.48
C ARG I 42 34.85 -9.39 36.26
N ASP I 43 34.80 -8.33 35.44
CA ASP I 43 35.22 -8.39 34.04
C ASP I 43 36.71 -8.60 33.76
N GLY I 44 37.59 -7.84 34.44
CA GLY I 44 38.99 -7.74 34.01
C GLY I 44 39.88 -8.90 34.43
N ARG I 45 41.20 -8.67 34.21
CA ARG I 45 42.25 -9.51 34.77
C ARG I 45 43.00 -8.78 35.92
N ALA I 46 43.06 -9.47 37.07
CA ALA I 46 43.75 -9.02 38.28
C ALA I 46 45.26 -9.03 38.06
N SER I 47 45.88 -8.02 38.64
CA SER I 47 47.31 -7.75 38.63
C SER I 47 48.17 -8.89 39.21
N ALA I 48 49.26 -9.17 38.48
CA ALA I 48 50.16 -10.23 38.88
C ALA I 48 50.92 -9.85 40.16
N ALA I 49 50.80 -8.62 40.69
CA ALA I 49 51.28 -8.25 42.02
C ALA I 49 50.65 -9.10 43.11
N THR I 50 49.42 -9.60 42.87
CA THR I 50 48.71 -10.50 43.78
C THR I 50 49.29 -11.94 43.87
N ALA I 51 50.33 -12.28 43.10
CA ALA I 51 50.94 -13.61 43.03
C ALA I 51 51.48 -14.09 44.38
N THR I 52 50.98 -15.27 44.79
CA THR I 52 51.11 -15.85 46.11
C THR I 52 52.47 -16.55 46.24
N LEU I 53 53.00 -16.76 47.46
CA LEU I 53 54.05 -17.76 47.70
C LEU I 53 53.58 -19.10 47.13
N THR I 54 54.50 -19.93 46.64
CA THR I 54 54.10 -21.22 46.11
C THR I 54 54.90 -22.37 46.74
N THR I 55 54.22 -23.50 46.99
CA THR I 55 54.87 -24.65 47.62
C THR I 55 55.40 -25.61 46.55
N LYS I 56 56.63 -26.07 46.80
CA LYS I 56 57.27 -27.14 46.02
C LYS I 56 56.71 -28.49 46.42
N ILE I 57 56.24 -29.26 45.42
CA ILE I 57 55.88 -30.66 45.60
C ILE I 57 56.71 -31.55 44.68
N ARG I 58 57.27 -32.61 45.27
CA ARG I 58 58.08 -33.56 44.51
C ARG I 58 57.16 -34.63 43.94
N ILE I 59 57.10 -34.79 42.60
CA ILE I 59 56.25 -35.82 42.00
C ILE I 59 57.13 -36.80 41.22
N PHE I 60 57.25 -38.01 41.77
CA PHE I 60 57.98 -39.07 41.11
C PHE I 60 57.04 -39.70 40.08
N VAL I 61 57.55 -39.99 38.89
CA VAL I 61 56.74 -40.66 37.86
C VAL I 61 57.45 -41.92 37.33
N PRO I 62 56.76 -43.02 36.97
CA PRO I 62 57.41 -44.20 36.44
C PRO I 62 58.25 -44.09 35.16
N ALA I 63 58.05 -43.03 34.35
CA ALA I 63 58.91 -42.69 33.23
C ALA I 63 59.01 -43.75 32.13
N THR I 64 58.24 -44.85 32.21
CA THR I 64 58.47 -46.03 31.36
C THR I 64 57.18 -46.82 31.18
N ASN I 65 57.14 -47.62 30.10
CA ASN I 65 56.19 -48.72 29.96
C ASN I 65 56.76 -50.03 30.55
N SER I 66 57.38 -49.92 31.73
CA SER I 66 57.89 -51.06 32.47
C SER I 66 56.98 -51.43 33.65
N PRO I 67 56.29 -52.58 33.67
CA PRO I 67 55.36 -52.91 34.75
C PRO I 67 56.02 -53.10 36.10
N GLU I 68 57.31 -53.49 36.12
CA GLU I 68 58.10 -53.66 37.33
C GLU I 68 58.11 -52.36 38.16
N LEU I 69 58.47 -51.22 37.52
CA LEU I 69 58.49 -49.92 38.19
C LEU I 69 57.09 -49.48 38.55
N ARG I 70 56.16 -49.63 37.61
CA ARG I 70 54.80 -49.15 37.74
C ARG I 70 54.05 -49.78 38.91
N TRP I 71 54.28 -51.07 39.13
CA TRP I 71 53.64 -51.61 40.30
C TRP I 71 54.34 -51.20 41.62
N GLU I 72 55.66 -51.26 41.64
CA GLU I 72 56.37 -50.98 42.89
C GLU I 72 56.16 -49.53 43.32
N LEU I 73 56.17 -48.61 42.35
CA LEU I 73 55.89 -47.20 42.59
C LEU I 73 54.46 -46.96 43.07
N THR I 74 53.50 -47.73 42.58
CA THR I 74 52.14 -47.68 43.11
C THR I 74 52.13 -48.09 44.58
N LEU I 75 52.83 -49.18 44.93
CA LEU I 75 52.94 -49.64 46.31
C LEU I 75 53.59 -48.60 47.22
N PHE I 76 54.71 -48.03 46.77
CA PHE I 76 55.37 -46.93 47.45
C PHE I 76 54.39 -45.80 47.71
N ALA I 77 53.67 -45.35 46.69
CA ALA I 77 52.76 -44.23 46.79
C ALA I 77 51.60 -44.50 47.75
N LEU I 78 51.03 -45.70 47.68
CA LEU I 78 50.00 -46.11 48.63
C LEU I 78 50.55 -45.99 50.04
N ASP I 79 51.79 -46.43 50.24
CA ASP I 79 52.41 -46.40 51.56
C ASP I 79 52.73 -44.98 51.99
N VAL I 80 53.21 -44.11 51.09
CA VAL I 80 53.40 -42.70 51.42
C VAL I 80 52.12 -42.10 52.00
N ILE I 81 50.99 -42.37 51.40
CA ILE I 81 49.74 -41.83 51.89
C ILE I 81 49.32 -42.50 53.20
N ARG I 82 49.70 -43.79 53.39
CA ARG I 82 49.41 -44.55 54.58
C ARG I 82 50.25 -44.08 55.78
N SER I 83 51.42 -43.48 55.51
CA SER I 83 52.40 -43.04 56.51
C SER I 83 51.88 -41.91 57.41
N PRO I 84 52.07 -42.00 58.75
CA PRO I 84 51.82 -40.85 59.63
C PRO I 84 52.97 -39.84 59.62
N SER I 85 54.16 -40.23 59.12
CA SER I 85 55.37 -39.40 59.19
C SER I 85 55.64 -38.61 57.90
N ALA I 86 54.92 -38.94 56.82
CA ALA I 86 55.02 -38.17 55.58
C ALA I 86 54.43 -36.76 55.74
N ALA I 87 55.09 -35.78 55.11
CA ALA I 87 54.62 -34.41 55.01
C ALA I 87 53.52 -34.29 53.97
N GLU I 88 52.62 -33.33 54.11
CA GLU I 88 51.60 -33.04 53.10
C GLU I 88 52.17 -32.75 51.70
N SER I 89 53.36 -32.14 51.60
CA SER I 89 54.04 -31.94 50.32
C SER I 89 54.40 -33.26 49.62
N MET I 90 54.79 -34.27 50.42
CA MET I 90 55.02 -35.62 49.97
C MET I 90 53.72 -36.30 49.53
N LYS I 91 52.69 -36.15 50.37
CA LYS I 91 51.39 -36.78 50.17
C LYS I 91 50.70 -36.29 48.91
N VAL I 92 50.71 -34.99 48.62
CA VAL I 92 50.06 -34.49 47.43
C VAL I 92 50.83 -35.01 46.21
N GLY I 93 52.18 -34.99 46.29
CA GLY I 93 52.99 -35.49 45.19
C GLY I 93 52.74 -36.98 44.90
N ALA I 94 52.58 -37.75 45.98
CA ALA I 94 52.16 -39.14 45.94
C ALA I 94 50.78 -39.31 45.29
N ALA I 95 49.79 -38.51 45.68
CA ALA I 95 48.45 -38.59 45.09
C ALA I 95 48.42 -38.25 43.59
N PHE I 96 49.30 -37.33 43.19
CA PHE I 96 49.51 -36.90 41.81
C PHE I 96 50.15 -38.01 41.00
N THR I 97 50.85 -38.95 41.61
CA THR I 97 51.47 -40.05 40.88
C THR I 97 50.67 -41.33 41.02
N LEU I 98 49.85 -41.43 42.07
CA LEU I 98 48.94 -42.52 42.30
C LEU I 98 47.78 -42.45 41.29
N ILE I 99 47.18 -41.26 41.06
CA ILE I 99 46.41 -40.99 39.83
C ILE I 99 47.40 -40.87 38.68
N SER I 100 47.00 -41.13 37.45
CA SER I 100 48.03 -40.98 36.40
C SER I 100 48.97 -42.15 36.16
N MET I 101 48.82 -43.23 36.94
CA MET I 101 49.31 -44.54 36.45
C MET I 101 48.59 -45.07 35.18
N TYR I 102 47.42 -44.49 34.80
CA TYR I 102 46.75 -44.56 33.50
C TYR I 102 47.73 -44.43 32.32
N SER I 103 48.49 -43.35 32.37
CA SER I 103 48.90 -42.69 31.15
C SER I 103 50.12 -43.38 30.54
N GLU I 104 50.15 -43.29 29.20
CA GLU I 104 51.37 -43.59 28.46
C GLU I 104 52.51 -42.63 28.85
N ARG I 105 52.14 -41.39 29.22
CA ARG I 105 53.07 -40.32 29.57
C ARG I 105 52.59 -39.60 30.85
N PRO I 106 52.68 -40.23 32.04
CA PRO I 106 52.16 -39.62 33.25
C PRO I 106 52.73 -38.24 33.60
N GLY I 107 54.00 -38.01 33.26
CA GLY I 107 54.63 -36.71 33.42
C GLY I 107 53.98 -35.60 32.57
N ALA I 108 53.66 -35.97 31.32
CA ALA I 108 52.93 -35.10 30.43
C ALA I 108 51.51 -34.84 30.94
N LEU I 109 50.81 -35.85 31.47
CA LEU I 109 49.47 -35.67 32.01
C LEU I 109 49.43 -34.67 33.15
N ILE I 110 50.36 -34.81 34.11
CA ILE I 110 50.42 -33.84 35.18
C ILE I 110 50.73 -32.43 34.61
N ARG I 111 51.83 -32.29 33.89
CA ARG I 111 52.26 -30.94 33.56
C ARG I 111 51.35 -30.24 32.55
N SER I 112 50.55 -30.98 31.79
CA SER I 112 49.63 -30.40 30.82
C SER I 112 48.27 -30.08 31.40
N LEU I 113 47.83 -30.81 32.43
CA LEU I 113 46.55 -30.50 33.04
C LEU I 113 46.67 -29.80 34.38
N LEU I 114 47.89 -29.61 34.90
CA LEU I 114 48.16 -28.72 36.03
C LEU I 114 48.08 -27.26 35.58
N ASN I 115 47.25 -26.47 36.28
CA ASN I 115 47.22 -25.03 36.09
C ASN I 115 47.29 -24.29 37.42
N ASP I 116 47.84 -24.89 38.50
CA ASP I 116 47.66 -24.45 39.87
C ASP I 116 48.72 -23.42 40.23
N PRO I 117 48.36 -22.15 40.58
CA PRO I 117 49.36 -21.18 41.02
C PRO I 117 49.90 -21.36 42.44
N ASP I 118 49.25 -22.23 43.24
CA ASP I 118 49.78 -22.58 44.56
C ASP I 118 51.10 -23.32 44.45
N ILE I 119 51.37 -23.96 43.28
CA ILE I 119 52.24 -25.14 43.22
C ILE I 119 53.42 -24.96 42.26
N GLU I 120 54.60 -25.38 42.76
CA GLU I 120 55.81 -25.65 42.00
C GLU I 120 56.03 -27.16 41.95
N ALA I 121 55.49 -27.77 40.89
CA ALA I 121 55.50 -29.21 40.79
C ALA I 121 56.83 -29.63 40.16
N VAL I 122 57.78 -30.07 41.01
CA VAL I 122 59.07 -30.53 40.50
C VAL I 122 58.98 -32.02 40.21
N ILE I 123 59.14 -32.37 38.94
CA ILE I 123 58.77 -33.69 38.46
C ILE I 123 60.04 -34.50 38.18
N ILE I 124 60.04 -35.72 38.71
CA ILE I 124 61.21 -36.59 38.73
C ILE I 124 60.89 -37.87 37.97
N ASP I 125 61.67 -38.19 36.93
CA ASP I 125 61.75 -39.54 36.40
C ASP I 125 62.39 -40.49 37.43
N VAL I 126 61.70 -41.58 37.82
CA VAL I 126 62.32 -42.52 38.75
C VAL I 126 63.56 -43.19 38.15
N GLY I 127 64.62 -43.34 38.96
CA GLY I 127 65.89 -43.94 38.56
C GLY I 127 65.83 -45.48 38.53
N SER I 128 64.77 -46.04 37.91
CA SER I 128 64.51 -47.47 37.79
C SER I 128 64.28 -48.21 39.13
N MET I 129 64.04 -47.48 40.22
CA MET I 129 63.56 -47.98 41.50
C MET I 129 64.40 -49.11 42.13
N VAL I 130 65.73 -49.10 41.94
CA VAL I 130 66.63 -50.20 42.26
C VAL I 130 66.66 -50.58 43.76
N ASN I 131 66.44 -49.59 44.63
CA ASN I 131 66.40 -49.76 46.07
C ASN I 131 65.12 -50.44 46.60
N GLY I 132 64.18 -50.80 45.72
CA GLY I 132 63.09 -51.70 46.07
C GLY I 132 61.88 -50.98 46.64
N ILE I 133 61.88 -50.75 47.97
CA ILE I 133 60.70 -50.21 48.63
C ILE I 133 60.54 -48.71 48.36
N PRO I 134 61.61 -47.87 48.48
CA PRO I 134 61.53 -46.45 48.13
C PRO I 134 61.69 -46.22 46.63
N VAL I 135 61.53 -44.97 46.18
CA VAL I 135 62.09 -44.54 44.91
C VAL I 135 63.62 -44.59 44.97
N MET I 136 64.27 -44.90 43.84
CA MET I 136 65.70 -44.72 43.68
C MET I 136 65.90 -43.35 43.00
N GLU I 137 66.60 -42.43 43.69
CA GLU I 137 66.71 -41.05 43.25
C GLU I 137 67.61 -40.94 42.01
N ARG I 138 67.02 -40.66 40.84
CA ARG I 138 67.74 -40.46 39.60
C ARG I 138 68.68 -39.24 39.65
N ARG I 139 68.28 -38.23 40.43
CA ARG I 139 68.99 -36.96 40.57
C ARG I 139 70.09 -37.03 41.62
N GLY I 140 71.00 -37.98 41.41
CA GLY I 140 72.16 -38.23 42.26
C GLY I 140 71.75 -38.54 43.70
N ASP I 141 72.14 -37.65 44.63
CA ASP I 141 71.68 -37.73 46.01
C ASP I 141 71.71 -36.35 46.69
N LYS I 142 70.75 -36.16 47.62
CA LYS I 142 70.68 -35.00 48.50
C LYS I 142 71.21 -35.38 49.89
N ALA I 143 72.45 -35.90 49.92
CA ALA I 143 73.12 -36.39 51.14
C ALA I 143 72.49 -37.68 51.67
N GLN I 144 71.66 -38.32 50.84
CA GLN I 144 70.93 -39.55 51.12
C GLN I 144 69.83 -39.36 52.18
N GLU I 145 69.65 -38.11 52.66
CA GLU I 145 68.69 -37.80 53.72
C GLU I 145 67.24 -38.06 53.27
N GLU I 146 66.98 -37.68 52.01
CA GLU I 146 65.73 -37.95 51.31
C GLU I 146 65.43 -39.45 51.33
N MET I 147 66.44 -40.30 51.04
CA MET I 147 66.30 -41.75 51.02
C MET I 147 65.89 -42.26 52.41
N GLU I 148 66.52 -41.70 53.44
CA GLU I 148 66.26 -42.04 54.83
C GLU I 148 64.85 -41.59 55.23
N GLY I 149 64.45 -40.42 54.70
CA GLY I 149 63.13 -39.88 54.91
C GLY I 149 62.07 -40.82 54.36
N LEU I 150 62.24 -41.24 53.10
CA LEU I 150 61.35 -42.19 52.46
C LEU I 150 61.32 -43.52 53.18
N MET I 151 62.48 -44.02 53.63
CA MET I 151 62.52 -45.26 54.38
C MET I 151 61.69 -45.14 55.66
N ARG I 152 61.88 -44.06 56.41
CA ARG I 152 61.13 -43.86 57.63
C ARG I 152 59.63 -43.75 57.33
N ILE I 153 59.28 -43.05 56.25
CA ILE I 153 57.91 -42.92 55.78
C ILE I 153 57.29 -44.31 55.58
N LEU I 154 57.99 -45.19 54.85
CA LEU I 154 57.53 -46.53 54.51
C LEU I 154 57.42 -47.44 55.73
N LYS I 155 58.44 -47.39 56.59
CA LYS I 155 58.44 -48.12 57.86
C LYS I 155 57.23 -47.70 58.69
N THR I 156 57.08 -46.39 58.94
CA THR I 156 56.00 -45.88 59.77
C THR I 156 54.65 -46.20 59.17
N ALA I 157 54.52 -46.23 57.83
CA ALA I 157 53.29 -46.70 57.18
C ALA I 157 52.91 -48.12 57.66
N ARG I 158 53.84 -49.07 57.52
CA ARG I 158 53.67 -50.47 57.92
C ARG I 158 53.41 -50.59 59.42
N ASP I 159 54.21 -49.89 60.23
CA ASP I 159 54.22 -50.01 61.67
C ASP I 159 52.96 -49.44 62.30
N SER I 160 52.51 -48.28 61.79
CA SER I 160 51.31 -47.61 62.27
C SER I 160 50.06 -48.41 61.91
N SER I 161 50.11 -49.07 60.75
CA SER I 161 49.03 -49.94 60.29
C SER I 161 48.98 -51.25 61.07
N LYS I 162 50.01 -51.53 61.90
CA LYS I 162 50.11 -52.76 62.66
C LYS I 162 50.18 -53.95 61.71
N GLY I 163 50.96 -53.78 60.63
CA GLY I 163 51.24 -54.86 59.69
C GLY I 163 50.22 -54.99 58.56
N LYS I 164 49.06 -54.33 58.67
CA LYS I 164 47.96 -54.49 57.71
C LYS I 164 48.24 -53.68 56.46
N THR I 165 48.20 -54.35 55.31
CA THR I 165 48.59 -53.71 54.07
C THR I 165 47.43 -52.82 53.61
N PRO I 166 47.63 -51.97 52.56
CA PRO I 166 46.55 -51.09 52.10
C PRO I 166 45.32 -51.88 51.61
N PHE I 167 45.57 -53.03 50.97
CA PHE I 167 44.56 -53.90 50.38
C PHE I 167 43.87 -54.79 51.42
N VAL I 168 42.66 -55.21 51.11
CA VAL I 168 41.88 -56.13 51.95
C VAL I 168 42.47 -57.56 51.92
N ASP I 169 43.10 -57.97 50.81
CA ASP I 169 43.95 -59.16 50.76
C ASP I 169 45.41 -58.76 50.55
N SER I 170 46.24 -59.13 51.55
CA SER I 170 47.65 -58.84 51.60
C SER I 170 48.44 -59.44 50.43
N ARG I 171 47.91 -60.49 49.80
CA ARG I 171 48.58 -61.08 48.66
C ARG I 171 48.72 -60.09 47.50
N ALA I 172 47.76 -59.17 47.38
CA ALA I 172 47.85 -58.09 46.42
C ALA I 172 49.09 -57.23 46.65
N TYR I 173 49.37 -56.96 47.93
CA TYR I 173 50.54 -56.24 48.39
C TYR I 173 51.84 -57.02 48.19
N GLY I 174 51.73 -58.33 48.39
CA GLY I 174 52.82 -59.25 48.23
C GLY I 174 53.23 -59.53 46.78
N LEU I 175 52.34 -59.34 45.79
CA LEU I 175 52.65 -59.47 44.38
C LEU I 175 53.78 -58.56 43.88
N ARG I 176 54.44 -59.02 42.81
CA ARG I 176 55.08 -58.17 41.81
C ARG I 176 54.53 -58.47 40.43
N ILE I 177 54.44 -57.43 39.59
CA ILE I 177 53.72 -57.52 38.34
C ILE I 177 54.68 -57.36 37.15
N THR I 178 54.50 -58.26 36.15
CA THR I 178 55.34 -58.30 34.96
C THR I 178 54.57 -58.10 33.65
N ASP I 179 53.22 -58.18 33.69
CA ASP I 179 52.36 -58.25 32.52
C ASP I 179 51.36 -57.10 32.53
N MET I 180 51.12 -56.53 31.34
CA MET I 180 50.43 -55.24 31.25
C MET I 180 48.97 -55.40 31.69
N SER I 181 48.37 -56.55 31.36
CA SER I 181 46.95 -56.76 31.61
C SER I 181 46.65 -56.74 33.11
N THR I 182 47.47 -57.44 33.90
CA THR I 182 47.27 -57.44 35.34
C THR I 182 47.63 -56.08 35.94
N LEU I 183 48.65 -55.41 35.38
CA LEU I 183 48.99 -54.06 35.83
C LEU I 183 47.83 -53.11 35.70
N VAL I 184 47.27 -52.96 34.49
CA VAL I 184 46.14 -52.07 34.27
C VAL I 184 44.89 -52.49 35.01
N SER I 185 44.69 -53.77 35.17
CA SER I 185 43.62 -54.23 36.04
C SER I 185 43.78 -53.65 37.44
N ALA I 186 45.01 -53.75 37.99
CA ALA I 186 45.43 -53.27 39.30
C ALA I 186 45.31 -51.77 39.44
N VAL I 187 46.03 -51.07 38.56
CA VAL I 187 46.08 -49.61 38.56
C VAL I 187 44.68 -49.03 38.44
N ILE I 188 43.88 -49.46 37.47
CA ILE I 188 42.58 -48.88 37.27
C ILE I 188 41.73 -49.17 38.48
N THR I 189 41.98 -50.25 39.24
CA THR I 189 41.14 -50.56 40.38
C THR I 189 41.52 -49.68 41.55
N ILE I 190 42.82 -49.39 41.74
CA ILE I 190 43.28 -48.42 42.74
C ILE I 190 42.73 -47.05 42.37
N GLU I 191 42.94 -46.62 41.14
CA GLU I 191 42.51 -45.29 40.71
C GLU I 191 41.03 -45.17 41.04
N ALA I 192 40.24 -46.08 40.54
CA ALA I 192 38.82 -45.97 40.71
C ALA I 192 38.48 -45.83 42.20
N GLN I 193 39.28 -46.44 43.09
CA GLN I 193 39.08 -46.36 44.54
C GLN I 193 39.41 -44.95 45.06
N ILE I 194 40.34 -44.22 44.44
CA ILE I 194 40.56 -42.81 44.78
C ILE I 194 39.34 -42.01 44.26
N TRP I 195 38.92 -42.19 43.01
CA TRP I 195 37.97 -41.36 42.32
C TRP I 195 36.61 -41.54 42.90
N ILE I 196 36.26 -42.66 43.54
CA ILE I 196 34.94 -42.76 44.17
C ILE I 196 34.85 -41.77 45.35
N LEU I 197 36.03 -41.38 45.90
CA LEU I 197 36.10 -40.50 47.08
C LEU I 197 35.81 -39.05 46.73
N ILE I 198 36.47 -38.54 45.66
CA ILE I 198 36.48 -37.11 45.32
C ILE I 198 35.04 -36.57 45.25
N ALA I 199 34.06 -37.36 44.91
CA ALA I 199 32.68 -36.94 44.82
C ALA I 199 32.13 -36.40 46.09
N LYS I 200 32.67 -36.92 47.21
CA LYS I 200 32.21 -36.52 48.53
C LYS I 200 33.35 -36.04 49.47
N ALA I 201 34.61 -36.02 49.03
CA ALA I 201 35.75 -35.65 49.84
C ALA I 201 35.65 -34.23 50.41
N VAL I 202 34.96 -33.36 49.68
CA VAL I 202 34.85 -31.98 50.16
C VAL I 202 33.46 -31.73 50.68
N THR I 203 32.45 -32.46 50.22
CA THR I 203 31.10 -32.14 50.69
C THR I 203 30.68 -32.84 51.97
N ALA I 204 31.22 -34.04 52.19
CA ALA I 204 31.01 -34.82 53.41
C ALA I 204 32.05 -35.94 53.43
N PRO I 205 33.29 -35.67 53.84
CA PRO I 205 34.35 -36.70 53.92
C PRO I 205 34.11 -37.74 55.02
N ASP I 206 32.99 -37.66 55.74
CA ASP I 206 32.49 -38.74 56.56
C ASP I 206 30.99 -38.84 56.32
N THR I 207 30.36 -39.96 56.66
CA THR I 207 29.07 -40.30 56.02
C THR I 207 29.24 -40.35 54.49
N ALA I 208 30.33 -41.03 54.11
CA ALA I 208 30.62 -41.19 52.69
C ALA I 208 30.67 -42.66 52.30
N GLU I 209 31.07 -43.57 53.18
CA GLU I 209 31.28 -44.94 52.75
C GLU I 209 30.00 -45.56 52.19
N GLU I 210 28.82 -45.21 52.73
CA GLU I 210 27.55 -45.74 52.24
C GLU I 210 27.33 -45.51 50.74
N SER I 211 27.92 -44.47 50.18
CA SER I 211 27.82 -44.12 48.78
C SER I 211 29.10 -44.51 48.04
N GLU I 212 30.29 -44.33 48.63
CA GLU I 212 31.54 -44.73 47.99
C GLU I 212 31.56 -46.23 47.71
N THR I 213 31.11 -47.03 48.68
CA THR I 213 31.02 -48.47 48.51
C THR I 213 29.89 -48.86 47.56
N ARG I 214 28.75 -48.15 47.52
CA ARG I 214 27.72 -48.32 46.50
C ARG I 214 28.27 -48.10 45.09
N ARG I 215 29.07 -47.06 44.85
CA ARG I 215 29.72 -46.80 43.56
C ARG I 215 30.72 -47.92 43.26
N TRP I 216 31.42 -48.41 44.29
CA TRP I 216 32.37 -49.49 44.10
C TRP I 216 31.66 -50.79 43.70
N ALA I 217 30.54 -51.08 44.37
CA ALA I 217 29.66 -52.20 44.06
C ALA I 217 29.30 -52.29 42.57
N LYS I 218 28.88 -51.15 42.01
CA LYS I 218 28.58 -51.08 40.61
C LYS I 218 29.81 -51.42 39.76
N TYR I 219 30.95 -50.82 39.95
CA TYR I 219 32.04 -51.09 39.02
C TYR I 219 32.57 -52.52 39.08
N VAL I 220 32.48 -53.15 40.24
CA VAL I 220 32.89 -54.55 40.34
C VAL I 220 31.82 -55.49 39.75
N GLN I 221 30.54 -55.21 39.99
CA GLN I 221 29.44 -55.98 39.37
C GLN I 221 29.43 -55.85 37.83
N GLN I 222 29.81 -54.71 37.29
CA GLN I 222 30.03 -54.51 35.88
C GLN I 222 31.41 -54.95 35.44
N LYS I 223 32.19 -55.53 36.32
CA LYS I 223 33.45 -56.16 35.94
C LYS I 223 34.45 -55.22 35.27
N ARG I 224 34.35 -53.92 35.62
CA ARG I 224 35.34 -52.92 35.22
C ARG I 224 36.62 -52.96 36.07
N VAL I 225 36.52 -53.46 37.31
CA VAL I 225 37.65 -53.42 38.25
C VAL I 225 37.81 -54.81 38.89
N ASN I 226 39.05 -55.17 39.24
CA ASN I 226 39.31 -56.51 39.80
C ASN I 226 39.37 -56.49 41.32
N PRO I 227 38.33 -56.91 42.10
CA PRO I 227 38.25 -56.65 43.54
C PRO I 227 39.36 -57.36 44.34
N PHE I 228 40.21 -58.17 43.70
CA PHE I 228 41.47 -58.61 44.32
C PHE I 228 42.28 -57.42 44.82
N PHE I 229 42.25 -56.33 44.06
CA PHE I 229 42.94 -55.13 44.50
C PHE I 229 42.08 -54.15 45.36
N ALA I 230 41.04 -54.60 46.05
CA ALA I 230 40.25 -53.68 46.88
C ALA I 230 41.09 -53.14 48.05
N LEU I 231 40.99 -51.83 48.32
CA LEU I 231 41.66 -51.13 49.41
C LEU I 231 40.75 -51.02 50.64
N THR I 232 41.41 -51.13 51.82
CA THR I 232 40.80 -51.15 53.15
C THR I 232 40.19 -49.80 53.50
N GLN I 233 39.09 -49.80 54.27
CA GLN I 233 38.52 -48.52 54.69
C GLN I 233 39.50 -47.59 55.41
N GLN I 234 40.47 -48.18 56.10
CA GLN I 234 41.60 -47.46 56.69
C GLN I 234 42.34 -46.63 55.62
N TRP I 235 42.81 -47.25 54.56
CA TRP I 235 43.54 -46.54 53.52
C TRP I 235 42.70 -45.59 52.74
N LEU I 236 41.48 -45.98 52.47
CA LEU I 236 40.59 -45.01 51.85
C LEU I 236 40.31 -43.79 52.72
N THR I 237 40.20 -43.91 54.05
CA THR I 237 40.03 -42.73 54.89
C THR I 237 41.29 -41.87 54.92
N GLU I 238 42.48 -42.48 54.93
CA GLU I 238 43.72 -41.74 54.83
C GLU I 238 43.83 -40.92 53.54
N MET I 239 43.38 -41.52 52.44
CA MET I 239 43.34 -40.83 51.17
C MET I 239 42.22 -39.81 51.08
N ARG I 240 41.04 -40.15 51.57
CA ARG I 240 39.95 -39.20 51.58
C ARG I 240 40.31 -37.93 52.35
N ASN I 241 41.00 -38.08 53.49
CA ASN I 241 41.42 -36.93 54.24
C ASN I 241 42.46 -36.09 53.51
N LEU I 242 43.43 -36.75 52.84
CA LEU I 242 44.33 -35.97 52.01
C LEU I 242 43.61 -35.17 50.94
N LEU I 243 42.58 -35.74 50.33
CA LEU I 243 41.79 -35.01 49.34
C LEU I 243 41.00 -33.85 49.95
N SER I 244 40.38 -34.07 51.10
CA SER I 244 39.63 -32.98 51.72
C SER I 244 40.55 -31.80 51.98
N GLN I 245 41.77 -32.04 52.44
CA GLN I 245 42.56 -30.99 53.04
C GLN I 245 43.59 -30.42 52.06
N SER I 246 43.74 -31.02 50.88
CA SER I 246 44.53 -30.36 49.84
C SER I 246 43.60 -29.91 48.70
N LEU I 247 43.70 -28.62 48.39
CA LEU I 247 43.08 -28.09 47.19
C LEU I 247 43.90 -28.47 45.98
N SER I 248 45.24 -28.51 46.14
CA SER I 248 46.13 -28.83 45.05
C SER I 248 45.79 -30.14 44.30
N VAL I 249 45.52 -31.20 45.07
CA VAL I 249 45.10 -32.44 44.41
C VAL I 249 43.66 -32.34 43.82
N ARG I 250 42.66 -31.75 44.49
CA ARG I 250 41.34 -31.58 43.88
C ARG I 250 41.36 -30.74 42.60
N LYS I 251 42.27 -29.75 42.53
CA LYS I 251 42.47 -28.97 41.31
C LYS I 251 42.88 -29.90 40.19
N PHE I 252 43.91 -30.72 40.40
CA PHE I 252 44.36 -31.69 39.40
C PHE I 252 43.26 -32.64 38.96
N MET I 253 42.57 -33.21 39.95
CA MET I 253 41.45 -34.07 39.65
C MET I 253 40.37 -33.43 38.78
N VAL I 254 39.89 -32.25 39.14
CA VAL I 254 38.90 -31.59 38.32
C VAL I 254 39.41 -31.17 36.97
N GLU I 255 40.68 -30.86 36.89
CA GLU I 255 41.21 -30.49 35.60
C GLU I 255 41.12 -31.68 34.64
N ILE I 256 41.49 -32.87 35.15
CA ILE I 256 41.45 -34.01 34.28
C ILE I 256 40.04 -34.50 34.07
N LEU I 257 39.22 -34.33 35.07
CA LEU I 257 37.82 -34.73 34.92
C LEU I 257 37.11 -33.92 33.83
N ILE I 258 37.34 -32.62 33.74
CA ILE I 258 36.81 -31.82 32.64
C ILE I 258 37.41 -32.30 31.33
N GLU I 259 38.69 -32.60 31.31
CA GLU I 259 39.37 -32.99 30.08
C GLU I 259 38.75 -34.25 29.42
N VAL I 260 38.46 -35.23 30.27
CA VAL I 260 37.84 -36.46 29.78
C VAL I 260 36.32 -36.38 29.58
N LYS I 261 35.65 -35.36 30.11
CA LYS I 261 34.26 -35.10 29.78
C LYS I 261 34.04 -34.70 28.31
N LYS I 262 35.09 -34.18 27.63
CA LYS I 262 35.01 -33.77 26.21
C LYS I 262 34.85 -34.95 25.27
N GLY I 263 33.97 -34.81 24.27
CA GLY I 263 33.65 -35.90 23.35
C GLY I 263 34.69 -35.99 22.24
N GLY I 264 34.26 -36.50 21.07
CA GLY I 264 35.03 -36.33 19.86
C GLY I 264 36.32 -37.15 19.81
N SER I 265 36.53 -37.98 20.84
CA SER I 265 37.44 -39.12 20.82
C SER I 265 36.81 -40.32 21.52
N ALA I 266 37.08 -41.52 20.98
CA ALA I 266 36.85 -42.72 21.76
C ALA I 266 37.82 -42.80 22.94
N LYS I 267 37.41 -43.56 23.95
CA LYS I 267 38.05 -43.57 25.25
C LYS I 267 38.53 -44.96 25.68
N GLY I 268 39.72 -44.96 26.30
CA GLY I 268 40.31 -46.08 27.03
C GLY I 268 39.51 -46.42 28.29
N ARG I 269 39.50 -47.70 28.68
CA ARG I 269 38.62 -48.15 29.75
C ARG I 269 38.83 -47.37 31.03
N ALA I 270 40.13 -47.08 31.22
CA ALA I 270 40.61 -46.29 32.33
C ALA I 270 39.90 -44.92 32.41
N VAL I 271 40.02 -44.13 31.36
CA VAL I 271 39.41 -42.83 31.29
C VAL I 271 37.91 -42.90 31.37
N GLU I 272 37.34 -43.97 30.83
CA GLU I 272 35.91 -44.14 30.76
C GLU I 272 35.38 -44.24 32.19
N ILE I 273 36.08 -45.02 33.03
CA ILE I 273 35.56 -45.16 34.39
C ILE I 273 35.66 -43.81 35.13
N ILE I 274 36.71 -43.01 34.87
CA ILE I 274 36.81 -41.64 35.39
C ILE I 274 35.63 -40.76 34.98
N SER I 275 35.31 -40.83 33.71
CA SER I 275 34.22 -40.08 33.14
C SER I 275 32.90 -40.46 33.80
N ASP I 276 32.74 -41.77 34.04
CA ASP I 276 31.54 -42.31 34.65
C ASP I 276 31.41 -41.78 36.06
N ILE I 277 32.54 -41.81 36.83
CA ILE I 277 32.63 -41.22 38.16
C ILE I 277 32.21 -39.76 38.13
N GLY I 278 32.65 -39.08 37.10
CA GLY I 278 32.30 -37.70 36.95
C GLY I 278 30.84 -37.47 37.21
N ASN I 279 29.92 -38.32 36.76
CA ASN I 279 28.54 -37.97 36.82
C ASN I 279 28.01 -37.88 38.26
N TYR I 280 28.85 -38.31 39.20
CA TYR I 280 28.54 -38.19 40.63
C TYR I 280 29.29 -36.98 41.21
N VAL I 281 30.41 -36.59 40.54
CA VAL I 281 31.24 -35.46 40.89
C VAL I 281 30.60 -34.14 40.46
N GLU I 282 29.95 -34.09 39.32
CA GLU I 282 29.23 -32.91 38.84
C GLU I 282 28.12 -32.48 39.81
N GLU I 283 27.98 -31.17 39.93
CA GLU I 283 27.02 -30.44 40.76
C GLU I 283 27.11 -30.84 42.23
N THR I 284 28.23 -31.47 42.63
CA THR I 284 28.58 -31.73 44.03
C THR I 284 28.70 -30.40 44.77
N GLY I 285 28.16 -30.38 45.96
CA GLY I 285 28.32 -29.18 46.74
C GLY I 285 27.42 -28.05 46.28
N MET I 286 26.46 -28.31 45.36
CA MET I 286 25.46 -27.31 45.00
C MET I 286 24.05 -27.80 45.17
N ALA I 287 23.79 -28.58 46.20
CA ALA I 287 22.59 -29.38 46.27
C ALA I 287 21.34 -28.51 46.24
N GLY I 288 21.46 -27.53 47.14
CA GLY I 288 20.39 -26.60 47.35
C GLY I 288 20.05 -25.80 46.10
N PHE I 289 21.06 -25.34 45.33
CA PHE I 289 20.87 -24.58 44.10
C PHE I 289 20.02 -25.34 43.10
N PHE I 290 20.52 -26.50 42.67
CA PHE I 290 19.83 -27.22 41.64
C PHE I 290 18.54 -27.75 42.18
N ALA I 291 18.43 -28.03 43.47
CA ALA I 291 17.15 -28.45 44.01
C ALA I 291 16.10 -27.32 43.92
N THR I 292 16.48 -26.05 43.95
CA THR I 292 15.53 -24.98 43.65
C THR I 292 15.11 -24.93 42.18
N ILE I 293 15.97 -25.38 41.29
CA ILE I 293 15.64 -25.43 39.89
C ILE I 293 14.69 -26.62 39.67
N ARG I 294 15.07 -27.83 40.12
CA ARG I 294 14.27 -29.01 39.94
C ARG I 294 12.92 -28.87 40.63
N PHE I 295 12.91 -28.43 41.89
CA PHE I 295 11.70 -28.39 42.69
C PHE I 295 11.29 -26.96 42.97
N GLY I 296 10.00 -26.67 42.93
CA GLY I 296 9.65 -25.25 42.93
C GLY I 296 9.61 -24.61 41.55
N LEU I 297 10.79 -24.32 41.00
CA LEU I 297 10.93 -23.64 39.72
C LEU I 297 10.37 -24.47 38.55
N GLU I 298 10.92 -25.66 38.26
CA GLU I 298 10.38 -26.41 37.14
C GLU I 298 9.10 -27.13 37.54
N THR I 299 8.70 -27.14 38.82
CA THR I 299 7.36 -27.64 39.16
C THR I 299 6.26 -26.59 38.93
N ARG I 300 6.63 -25.30 38.79
CA ARG I 300 5.76 -24.22 38.29
C ARG I 300 4.45 -24.10 39.06
N TYR I 301 4.45 -24.34 40.39
CA TYR I 301 3.20 -24.35 41.15
C TYR I 301 2.51 -22.99 41.19
N PRO I 302 1.20 -22.91 41.53
CA PRO I 302 0.55 -21.63 41.79
C PRO I 302 1.22 -20.76 42.85
N ALA I 303 2.01 -21.35 43.76
CA ALA I 303 2.76 -20.59 44.76
C ALA I 303 3.80 -19.63 44.17
N LEU I 304 4.26 -19.86 42.94
CA LEU I 304 5.20 -18.94 42.31
C LEU I 304 4.56 -17.57 41.97
N ALA I 305 3.23 -17.45 42.04
CA ALA I 305 2.56 -16.17 41.86
C ALA I 305 2.56 -15.31 43.12
N LEU I 306 3.12 -15.79 44.23
CA LEU I 306 3.22 -14.99 45.44
C LEU I 306 4.37 -13.98 45.28
N ASN I 307 4.07 -12.76 45.68
CA ASN I 307 4.90 -11.57 45.47
C ASN I 307 6.28 -11.76 46.10
N GLU I 308 6.34 -12.52 47.19
CA GLU I 308 7.55 -12.71 47.98
C GLU I 308 8.67 -13.34 47.18
N PHE I 309 8.32 -14.26 46.28
CA PHE I 309 9.31 -14.99 45.54
C PHE I 309 10.01 -14.15 44.50
N GLN I 310 9.46 -13.00 44.14
CA GLN I 310 9.89 -12.36 42.92
C GLN I 310 11.38 -12.08 42.96
N SER I 311 11.87 -11.53 44.07
CA SER I 311 13.29 -11.20 44.16
C SER I 311 14.14 -12.45 44.03
N ASP I 312 13.67 -13.56 44.62
CA ASP I 312 14.35 -14.83 44.53
C ASP I 312 14.36 -15.40 43.12
N LEU I 313 13.23 -15.34 42.42
CA LEU I 313 13.16 -15.78 41.03
C LEU I 313 14.18 -15.03 40.21
N ASN I 314 14.20 -13.70 40.38
CA ASN I 314 15.15 -12.84 39.70
C ASN I 314 16.58 -13.24 40.02
N THR I 315 16.78 -13.69 41.27
CA THR I 315 18.08 -14.17 41.70
C THR I 315 18.44 -15.39 40.90
N ILE I 316 17.54 -16.37 40.85
CA ILE I 316 17.89 -17.59 40.18
C ILE I 316 18.21 -17.33 38.72
N LYS I 317 17.41 -16.49 38.07
CA LYS I 317 17.67 -16.12 36.69
C LYS I 317 19.12 -15.69 36.57
N SER I 318 19.50 -14.75 37.43
CA SER I 318 20.84 -14.20 37.40
C SER I 318 21.89 -15.26 37.62
N LEU I 319 21.57 -16.24 38.46
CA LEU I 319 22.48 -17.32 38.74
C LEU I 319 22.60 -18.25 37.54
N MET I 320 21.51 -18.54 36.83
CA MET I 320 21.61 -19.39 35.66
C MET I 320 22.47 -18.81 34.57
N LEU I 321 22.26 -17.54 34.31
CA LEU I 321 23.11 -16.94 33.31
C LEU I 321 24.56 -16.79 33.84
N LEU I 322 24.71 -16.61 35.15
CA LEU I 322 26.04 -16.61 35.76
C LEU I 322 26.72 -17.97 35.58
N TYR I 323 25.97 -19.06 35.81
CA TYR I 323 26.43 -20.42 35.64
C TYR I 323 27.03 -20.55 34.24
N ARG I 324 26.22 -20.11 33.28
CA ARG I 324 26.60 -20.13 31.87
C ARG I 324 27.92 -19.39 31.66
N GLU I 325 28.03 -18.22 32.31
CA GLU I 325 29.17 -17.35 32.15
C GLU I 325 30.44 -17.99 32.70
N ILE I 326 30.31 -18.77 33.77
CA ILE I 326 31.48 -19.40 34.38
C ILE I 326 32.06 -20.43 33.43
N GLY I 327 31.18 -21.12 32.68
CA GLY I 327 31.57 -22.11 31.68
C GLY I 327 31.97 -23.46 32.30
N PRO I 328 33.06 -24.10 31.83
CA PRO I 328 33.20 -25.53 32.03
C PRO I 328 33.47 -25.89 33.49
N ARG I 329 33.98 -24.94 34.29
CA ARG I 329 34.27 -25.26 35.67
C ARG I 329 33.00 -25.28 36.52
N ALA I 330 31.87 -24.81 36.03
CA ALA I 330 30.66 -24.56 36.83
C ALA I 330 30.14 -25.75 37.66
N PRO I 331 30.09 -26.94 37.08
CA PRO I 331 29.62 -28.06 37.83
C PRO I 331 30.56 -28.56 38.90
N TYR I 332 31.73 -27.99 39.04
CA TYR I 332 32.75 -28.47 39.95
C TYR I 332 33.25 -27.40 40.93
N MET I 333 32.44 -26.34 41.08
CA MET I 333 33.00 -25.16 41.69
C MET I 333 33.35 -25.41 43.12
N VAL I 334 32.65 -26.35 43.73
CA VAL I 334 32.86 -26.54 45.15
C VAL I 334 34.16 -27.28 45.40
N LEU I 335 34.43 -28.30 44.60
CA LEU I 335 35.74 -28.93 44.73
C LEU I 335 36.85 -27.91 44.49
N LEU I 336 36.65 -27.00 43.57
CA LEU I 336 37.67 -26.05 43.26
C LEU I 336 37.79 -24.89 44.27
N GLU I 337 36.89 -24.79 45.24
CA GLU I 337 36.95 -23.67 46.20
C GLU I 337 36.81 -22.30 45.54
N GLU I 338 36.14 -22.22 44.39
CA GLU I 338 35.91 -20.99 43.66
C GLU I 338 34.96 -20.10 44.47
N SER I 339 35.40 -18.87 44.66
CA SER I 339 34.72 -17.81 45.39
C SER I 339 33.27 -17.55 44.94
N ILE I 340 33.07 -17.75 43.64
CA ILE I 340 31.78 -17.52 43.05
C ILE I 340 30.73 -18.45 43.68
N GLN I 341 31.15 -19.59 44.21
CA GLN I 341 30.26 -20.54 44.82
C GLN I 341 29.31 -19.85 45.79
N THR I 342 29.89 -18.89 46.51
CA THR I 342 29.16 -18.27 47.58
C THR I 342 27.84 -17.72 47.05
N LYS I 343 27.93 -17.20 45.79
CA LYS I 343 26.84 -16.49 45.16
C LYS I 343 25.69 -17.47 45.02
N PHE I 344 26.09 -18.70 44.67
CA PHE I 344 25.15 -19.76 44.42
C PHE I 344 24.56 -20.32 45.69
N ALA I 345 25.18 -20.09 46.84
CA ALA I 345 24.65 -20.67 48.06
C ALA I 345 23.21 -20.23 48.34
N PRO I 346 22.33 -21.12 48.86
CA PRO I 346 20.90 -20.83 49.05
C PRO I 346 20.58 -19.62 49.96
N GLY I 347 21.55 -19.15 50.76
CA GLY I 347 21.43 -17.87 51.45
C GLY I 347 20.99 -16.74 50.55
N GLY I 348 21.41 -16.85 49.28
CA GLY I 348 21.10 -15.87 48.24
C GLY I 348 19.63 -15.89 47.82
N TYR I 349 18.80 -16.88 48.22
CA TYR I 349 17.43 -17.02 47.71
C TYR I 349 16.63 -17.88 48.63
N PRO I 350 16.65 -17.57 49.93
CA PRO I 350 16.16 -18.48 50.96
C PRO I 350 14.66 -18.78 50.97
N LEU I 351 13.85 -17.84 50.45
CA LEU I 351 12.42 -18.13 50.37
C LEU I 351 12.09 -19.18 49.34
N LEU I 352 12.63 -18.97 48.15
CA LEU I 352 12.53 -19.94 47.08
C LEU I 352 13.12 -21.29 47.47
N TRP I 353 14.29 -21.29 48.13
CA TRP I 353 14.92 -22.54 48.54
C TRP I 353 14.16 -23.23 49.63
N SER I 354 13.68 -22.54 50.66
CA SER I 354 12.88 -23.20 51.68
C SER I 354 11.63 -23.87 51.09
N PHE I 355 10.93 -23.14 50.20
CA PHE I 355 9.80 -23.71 49.49
C PHE I 355 10.17 -24.90 48.61
N ALA I 356 11.24 -24.76 47.80
CA ALA I 356 11.74 -25.80 46.92
C ALA I 356 12.14 -27.06 47.71
N MET I 357 12.82 -26.94 48.86
CA MET I 357 13.18 -28.10 49.64
C MET I 357 11.91 -28.74 50.19
N GLY I 358 10.91 -27.94 50.59
CA GLY I 358 9.60 -28.47 51.01
C GLY I 358 8.95 -29.34 49.92
N VAL I 359 9.00 -28.86 48.66
CA VAL I 359 8.59 -29.62 47.50
C VAL I 359 9.45 -30.88 47.34
N ALA I 360 10.77 -30.70 47.27
CA ALA I 360 11.75 -31.74 46.97
C ALA I 360 11.61 -32.95 47.86
N THR I 361 11.64 -32.71 49.16
CA THR I 361 11.62 -33.82 50.08
C THR I 361 10.25 -34.50 50.10
N THR I 362 9.19 -33.82 49.65
CA THR I 362 7.86 -34.40 49.52
C THR I 362 7.74 -35.31 48.29
N ILE I 363 8.39 -34.92 47.19
CA ILE I 363 8.22 -35.61 45.92
C ILE I 363 9.26 -36.68 45.67
N ASP I 364 10.51 -36.45 46.06
CA ASP I 364 11.58 -37.42 45.92
C ASP I 364 11.93 -38.05 47.27
N ARG I 365 11.83 -39.39 47.38
CA ARG I 365 12.17 -40.19 48.54
C ARG I 365 13.61 -39.93 49.00
N SER I 366 14.50 -39.63 48.05
CA SER I 366 15.91 -39.38 48.25
C SER I 366 16.14 -38.01 48.97
N MET I 367 15.32 -37.01 48.64
CA MET I 367 15.48 -35.67 49.20
C MET I 367 14.99 -35.63 50.65
N GLY I 368 15.74 -34.97 51.51
CA GLY I 368 15.46 -35.20 52.92
C GLY I 368 16.42 -36.18 53.58
N ALA I 369 17.18 -36.96 52.79
CA ALA I 369 18.42 -37.51 53.32
C ALA I 369 19.54 -36.46 53.35
N LEU I 370 19.37 -35.45 52.48
CA LEU I 370 20.16 -34.23 52.44
C LEU I 370 19.77 -33.30 53.58
N ASN I 371 20.79 -32.80 54.30
CA ASN I 371 20.68 -31.92 55.46
C ASN I 371 20.07 -30.56 55.09
N ILE I 372 18.91 -30.19 55.74
CA ILE I 372 18.42 -28.83 55.49
C ILE I 372 18.49 -27.88 56.71
N ASN I 373 19.36 -28.21 57.66
CA ASN I 373 19.49 -27.41 58.86
C ASN I 373 20.52 -26.30 58.67
N ARG I 374 20.22 -25.26 57.85
CA ARG I 374 21.23 -24.27 57.43
C ARG I 374 20.96 -22.84 57.89
N GLY I 375 19.79 -22.63 58.49
CA GLY I 375 19.58 -21.34 59.14
C GLY I 375 18.96 -20.23 58.26
N TYR I 376 19.23 -20.24 56.93
CA TYR I 376 18.59 -19.43 55.90
C TYR I 376 17.07 -19.68 55.84
N LEU I 377 16.68 -20.82 56.37
CA LEU I 377 15.41 -21.53 56.23
C LEU I 377 14.23 -20.73 56.76
N GLU I 378 13.23 -20.69 55.91
CA GLU I 378 11.95 -20.15 56.29
C GLU I 378 11.01 -21.31 56.40
N PRO I 379 10.72 -21.85 57.62
CA PRO I 379 9.79 -22.98 57.78
C PRO I 379 8.36 -22.78 57.30
N MET I 380 7.87 -21.54 57.25
CA MET I 380 6.53 -21.32 56.71
C MET I 380 6.48 -21.52 55.19
N TYR I 381 7.55 -21.13 54.50
CA TYR I 381 7.69 -21.32 53.07
C TYR I 381 8.02 -22.78 52.76
N PHE I 382 8.79 -23.45 53.60
CA PHE I 382 9.00 -24.90 53.49
C PHE I 382 7.70 -25.67 53.65
N ARG I 383 6.90 -25.31 54.66
CA ARG I 383 5.58 -25.89 54.88
C ARG I 383 4.68 -25.65 53.67
N LEU I 384 4.74 -24.44 53.09
CA LEU I 384 4.02 -24.18 51.85
C LEU I 384 4.51 -25.08 50.71
N GLY I 385 5.82 -25.36 50.63
CA GLY I 385 6.40 -26.30 49.67
C GLY I 385 5.81 -27.70 49.82
N GLN I 386 5.84 -28.23 51.05
CA GLN I 386 5.25 -29.52 51.38
C GLN I 386 3.76 -29.53 51.04
N LYS I 387 3.01 -28.48 51.46
CA LYS I 387 1.59 -28.35 51.16
C LYS I 387 1.29 -28.27 49.66
N SER I 388 2.14 -27.61 48.88
CA SER I 388 1.90 -27.51 47.46
C SER I 388 2.15 -28.85 46.75
N ALA I 389 3.20 -29.56 47.17
CA ALA I 389 3.63 -30.80 46.52
C ALA I 389 2.81 -32.03 46.92
N ARG I 390 2.17 -32.03 48.12
CA ARG I 390 1.41 -33.16 48.66
C ARG I 390 0.02 -32.75 49.15
N HIS I 391 -0.10 -31.65 49.92
CA HIS I 391 -1.32 -31.37 50.66
C HIS I 391 -2.46 -30.92 49.73
N HIS I 392 -2.14 -30.25 48.62
CA HIS I 392 -3.16 -29.65 47.75
C HIS I 392 -3.61 -30.67 46.71
N ALA I 393 -3.93 -31.89 47.16
CA ALA I 393 -4.06 -33.06 46.31
C ALA I 393 -2.80 -33.27 45.44
N GLY I 394 -1.60 -33.16 46.03
CA GLY I 394 -0.33 -33.22 45.32
C GLY I 394 -0.07 -32.00 44.41
N GLY I 395 -0.86 -30.94 44.56
CA GLY I 395 -0.96 -29.85 43.62
C GLY I 395 -1.75 -30.22 42.36
N ILE I 396 -2.17 -31.47 42.19
CA ILE I 396 -2.97 -31.96 41.08
C ILE I 396 -4.38 -31.34 41.02
N ASP I 397 -4.82 -30.68 42.12
CA ASP I 397 -6.05 -29.88 42.12
C ASP I 397 -6.03 -28.81 40.99
N GLN I 398 -4.86 -28.20 40.69
CA GLN I 398 -4.61 -27.41 39.49
C GLN I 398 -3.89 -28.24 38.41
N ASN I 399 -4.00 -27.82 37.13
CA ASN I 399 -3.41 -28.55 36.01
C ASN I 399 -2.88 -27.58 34.95
N MET I 400 -1.68 -27.87 34.42
CA MET I 400 -1.04 -27.08 33.36
C MET I 400 -1.68 -27.34 31.99
N ALA I 401 -2.16 -28.58 31.77
CA ALA I 401 -2.83 -29.02 30.55
C ALA I 401 -4.01 -29.97 30.86
N ASN I 402 -4.86 -30.24 29.85
CA ASN I 402 -6.03 -31.10 30.01
C ASN I 402 -6.37 -31.93 28.77
N ARG I 403 -5.31 -32.38 28.09
CA ARG I 403 -5.33 -32.96 26.75
C ARG I 403 -6.02 -34.33 26.72
N LEU I 404 -5.91 -35.11 27.80
CA LEU I 404 -6.19 -36.54 27.80
C LEU I 404 -7.70 -36.86 27.82
N GLY I 405 -8.57 -35.89 28.14
CA GLY I 405 -10.00 -35.99 27.92
C GLY I 405 -10.75 -35.18 28.97
N LEU I 406 -12.07 -35.39 29.06
CA LEU I 406 -12.91 -34.74 30.06
C LEU I 406 -12.75 -35.47 31.40
N SER I 407 -11.62 -35.30 32.07
CA SER I 407 -11.41 -35.94 33.37
C SER I 407 -12.23 -35.25 34.47
N SER I 408 -12.26 -33.90 34.42
CA SER I 408 -12.79 -33.03 35.47
C SER I 408 -12.26 -33.41 36.86
N ASP I 409 -10.93 -33.65 36.96
CA ASP I 409 -10.14 -33.84 38.17
C ASP I 409 -10.38 -35.20 38.81
N GLN I 410 -10.97 -36.17 38.07
CA GLN I 410 -11.13 -37.54 38.58
C GLN I 410 -9.79 -38.25 38.72
N VAL I 411 -8.87 -38.03 37.77
CA VAL I 411 -7.47 -38.47 37.84
C VAL I 411 -6.74 -37.89 39.07
N ALA I 412 -6.97 -36.59 39.35
CA ALA I 412 -6.38 -35.92 40.51
C ALA I 412 -6.94 -36.52 41.81
N GLU I 413 -8.25 -36.80 41.84
CA GLU I 413 -8.91 -37.42 42.98
C GLU I 413 -8.34 -38.82 43.24
N LEU I 414 -8.11 -39.59 42.18
CA LEU I 414 -7.51 -40.92 42.23
C LEU I 414 -6.10 -40.85 42.82
N ALA I 415 -5.31 -39.82 42.44
CA ALA I 415 -3.99 -39.59 43.00
C ALA I 415 -4.06 -39.30 44.51
N ALA I 416 -5.04 -38.48 44.91
CA ALA I 416 -5.22 -38.01 46.29
C ALA I 416 -5.68 -39.13 47.21
N ALA I 417 -6.50 -40.07 46.69
CA ALA I 417 -6.98 -41.24 47.43
C ALA I 417 -5.85 -42.15 47.91
N VAL I 418 -4.72 -42.14 47.19
CA VAL I 418 -3.53 -42.94 47.46
C VAL I 418 -2.61 -42.27 48.52
N GLN I 419 -3.16 -41.47 49.45
CA GLN I 419 -2.44 -40.66 50.44
C GLN I 419 -1.76 -39.44 49.80
N GLU I 420 -2.60 -38.55 49.24
CA GLU I 420 -2.30 -37.19 48.75
C GLU I 420 -1.28 -37.19 47.59
N ILE J 26 9.60 -16.72 33.12
CA ILE J 26 10.94 -17.25 33.61
C ILE J 26 11.21 -18.69 33.21
N PHE J 27 10.21 -19.53 33.08
CA PHE J 27 10.44 -20.97 32.96
C PHE J 27 11.16 -21.35 31.67
N GLU J 28 11.06 -20.53 30.65
CA GLU J 28 11.69 -20.76 29.35
C GLU J 28 13.23 -20.82 29.53
N GLU J 29 13.75 -19.91 30.37
CA GLU J 29 15.18 -19.84 30.61
C GLU J 29 15.64 -21.06 31.40
N ALA J 30 14.86 -21.49 32.38
CA ALA J 30 15.10 -22.69 33.15
C ALA J 30 15.13 -23.94 32.29
N ALA J 31 14.14 -24.11 31.42
CA ALA J 31 14.12 -25.25 30.51
C ALA J 31 15.35 -25.21 29.59
N SER J 32 15.75 -24.03 29.11
CA SER J 32 16.95 -23.89 28.30
C SER J 32 18.21 -24.18 29.10
N PHE J 33 18.19 -23.85 30.38
CA PHE J 33 19.27 -24.10 31.31
C PHE J 33 19.43 -25.61 31.55
N ARG J 34 18.35 -26.35 31.76
CA ARG J 34 18.41 -27.81 31.83
C ARG J 34 19.13 -28.38 30.62
N SER J 35 18.78 -27.85 29.44
CA SER J 35 19.41 -28.28 28.21
C SER J 35 20.90 -27.96 28.22
N TYR J 36 21.23 -26.76 28.72
CA TYR J 36 22.60 -26.29 28.79
C TYR J 36 23.44 -27.22 29.66
N GLN J 37 22.93 -27.60 30.84
CA GLN J 37 23.60 -28.52 31.75
C GLN J 37 23.91 -29.81 31.00
N SER J 38 22.93 -30.32 30.25
CA SER J 38 23.01 -31.61 29.58
C SER J 38 24.07 -31.61 28.46
N LYS J 39 24.36 -30.44 27.91
CA LYS J 39 25.33 -30.30 26.83
C LYS J 39 26.64 -29.68 27.28
N LEU J 40 26.69 -29.16 28.53
CA LEU J 40 27.81 -28.36 29.00
C LEU J 40 29.09 -29.16 28.99
N GLY J 41 30.12 -28.60 28.33
CA GLY J 41 31.45 -29.15 28.25
C GLY J 41 31.53 -30.49 27.52
N ARG J 42 30.43 -30.96 26.89
CA ARG J 42 30.48 -32.19 26.15
C ARG J 42 31.19 -32.01 24.81
N ASP J 43 31.30 -30.77 24.34
CA ASP J 43 31.94 -30.44 23.08
C ASP J 43 33.47 -30.43 23.18
N GLY J 44 34.13 -30.29 22.03
CA GLY J 44 35.59 -30.22 21.97
C GLY J 44 36.23 -31.61 22.01
N ARG J 45 37.54 -31.62 22.32
CA ARG J 45 38.31 -32.85 22.38
C ARG J 45 39.21 -32.92 23.62
N ALA J 46 39.36 -34.15 24.14
CA ALA J 46 40.39 -34.50 25.10
C ALA J 46 41.78 -34.39 24.45
N SER J 47 42.71 -33.83 25.24
CA SER J 47 44.14 -33.87 24.95
C SER J 47 44.72 -35.29 25.01
N ALA J 48 45.74 -35.51 24.16
CA ALA J 48 46.29 -36.85 24.05
C ALA J 48 47.02 -37.24 25.34
N ALA J 49 47.20 -36.30 26.28
CA ALA J 49 47.73 -36.55 27.64
C ALA J 49 46.90 -37.61 28.37
N THR J 50 45.60 -37.76 28.04
CA THR J 50 44.80 -38.77 28.71
C THR J 50 45.02 -40.23 28.25
N ALA J 51 45.89 -40.47 27.26
CA ALA J 51 46.06 -41.77 26.60
C ALA J 51 46.47 -42.91 27.54
N THR J 52 45.63 -43.95 27.62
CA THR J 52 45.81 -45.07 28.53
C THR J 52 46.84 -46.06 27.98
N LEU J 53 47.54 -46.81 28.86
CA LEU J 53 48.39 -47.95 28.46
C LEU J 53 47.65 -48.95 27.56
N THR J 54 48.15 -49.15 26.34
CA THR J 54 47.66 -50.21 25.49
C THR J 54 48.12 -51.57 26.00
N THR J 55 47.16 -52.50 26.13
CA THR J 55 47.50 -53.91 26.27
C THR J 55 47.88 -54.48 24.90
N LYS J 56 49.06 -55.14 24.83
CA LYS J 56 49.49 -55.95 23.69
C LYS J 56 48.72 -57.26 23.64
N ILE J 57 48.01 -57.54 22.52
CA ILE J 57 47.28 -58.82 22.36
C ILE J 57 47.69 -59.49 21.05
N ARG J 58 47.79 -60.83 21.09
CA ARG J 58 48.15 -61.55 19.87
C ARG J 58 46.87 -62.14 19.28
N ILE J 59 46.58 -61.86 17.99
CA ILE J 59 45.50 -62.54 17.29
C ILE J 59 46.07 -63.32 16.10
N PHE J 60 45.92 -64.64 16.20
CA PHE J 60 46.25 -65.51 15.08
C PHE J 60 45.08 -65.47 14.09
N VAL J 61 45.37 -65.20 12.81
CA VAL J 61 44.36 -65.06 11.78
C VAL J 61 44.67 -66.07 10.65
N PRO J 62 43.67 -66.78 10.06
CA PRO J 62 43.95 -67.76 9.01
C PRO J 62 44.59 -67.19 7.74
N ALA J 63 44.15 -65.99 7.32
CA ALA J 63 44.70 -65.23 6.19
C ALA J 63 44.71 -66.00 4.87
N THR J 64 44.01 -67.14 4.81
CA THR J 64 44.09 -68.13 3.74
C THR J 64 42.76 -68.85 3.64
N ASN J 65 42.42 -69.29 2.44
CA ASN J 65 41.07 -69.67 2.09
C ASN J 65 40.79 -71.15 2.37
N SER J 66 41.84 -71.91 2.73
CA SER J 66 41.79 -73.35 2.99
C SER J 66 40.85 -73.69 4.17
N PRO J 67 39.77 -74.49 3.96
CA PRO J 67 38.89 -74.89 5.07
C PRO J 67 39.61 -75.72 6.13
N GLU J 68 40.67 -76.43 5.74
CA GLU J 68 41.45 -77.30 6.62
C GLU J 68 41.98 -76.53 7.83
N LEU J 69 42.73 -75.46 7.57
CA LEU J 69 43.29 -74.62 8.63
C LEU J 69 42.21 -73.80 9.30
N ARG J 70 41.17 -73.32 8.59
CA ARG J 70 40.10 -72.53 9.21
C ARG J 70 39.31 -73.33 10.23
N TRP J 71 39.03 -74.59 9.93
CA TRP J 71 38.39 -75.43 10.92
C TRP J 71 39.32 -75.79 12.09
N GLU J 72 40.59 -76.13 11.80
CA GLU J 72 41.50 -76.38 12.91
C GLU J 72 41.61 -75.14 13.82
N LEU J 73 41.85 -73.96 13.24
CA LEU J 73 41.96 -72.70 14.00
C LEU J 73 40.72 -72.46 14.84
N THR J 74 39.54 -72.78 14.32
CA THR J 74 38.32 -72.69 15.10
C THR J 74 38.41 -73.58 16.32
N LEU J 75 38.81 -74.85 16.14
CA LEU J 75 38.96 -75.79 17.24
C LEU J 75 39.98 -75.31 18.27
N PHE J 76 41.14 -74.86 17.80
CA PHE J 76 42.18 -74.24 18.61
C PHE J 76 41.60 -73.11 19.45
N ALA J 77 40.88 -72.18 18.82
CA ALA J 77 40.34 -71.02 19.50
C ALA J 77 39.27 -71.39 20.52
N LEU J 78 38.40 -72.32 20.18
CA LEU J 78 37.42 -72.81 21.11
C LEU J 78 38.16 -73.36 22.33
N ASP J 79 39.24 -74.10 22.12
CA ASP J 79 40.00 -74.70 23.21
C ASP J 79 40.72 -73.64 24.02
N VAL J 80 41.31 -72.62 23.39
CA VAL J 80 41.89 -71.50 24.13
C VAL J 80 40.90 -70.89 25.11
N ILE J 81 39.67 -70.67 24.68
CA ILE J 81 38.65 -70.10 25.55
C ILE J 81 38.20 -71.10 26.62
N ARG J 82 38.28 -72.41 26.32
CA ARG J 82 37.90 -73.49 27.22
C ARG J 82 38.95 -73.69 28.33
N SER J 83 40.21 -73.29 28.05
CA SER J 83 41.38 -73.49 28.94
C SER J 83 41.29 -72.69 30.23
N PRO J 84 41.58 -73.31 31.40
CA PRO J 84 41.72 -72.57 32.65
C PRO J 84 43.10 -71.90 32.77
N SER J 85 44.10 -72.31 31.95
CA SER J 85 45.48 -71.85 32.08
C SER J 85 45.83 -70.71 31.11
N ALA J 86 44.94 -70.44 30.14
CA ALA J 86 45.14 -69.32 29.21
C ALA J 86 44.95 -67.99 29.93
N ALA J 87 45.77 -66.99 29.54
CA ALA J 87 45.64 -65.61 29.99
C ALA J 87 44.47 -64.91 29.28
N GLU J 88 43.85 -63.94 29.94
CA GLU J 88 42.81 -63.12 29.32
C GLU J 88 43.25 -62.46 28.02
N SER J 89 44.52 -62.05 27.89
CA SER J 89 45.02 -61.49 26.64
C SER J 89 44.90 -62.47 25.48
N MET J 90 45.23 -63.74 25.77
CA MET J 90 45.13 -64.83 24.80
C MET J 90 43.66 -65.11 24.46
N LYS J 91 42.81 -65.11 25.49
CA LYS J 91 41.39 -65.36 25.33
C LYS J 91 40.71 -64.29 24.47
N VAL J 92 41.02 -63.00 24.66
CA VAL J 92 40.49 -61.93 23.83
C VAL J 92 40.92 -62.12 22.38
N GLY J 93 42.19 -62.45 22.18
CA GLY J 93 42.70 -62.68 20.84
C GLY J 93 42.03 -63.86 20.14
N ALA J 94 41.80 -64.92 20.90
CA ALA J 94 40.99 -66.05 20.47
C ALA J 94 39.56 -65.63 20.10
N ALA J 95 38.87 -64.85 20.92
CA ALA J 95 37.52 -64.38 20.63
C ALA J 95 37.41 -63.52 19.35
N PHE J 96 38.48 -62.74 19.12
CA PHE J 96 38.64 -61.94 17.91
C PHE J 96 38.77 -62.83 16.68
N THR J 97 39.65 -63.85 16.76
CA THR J 97 39.87 -64.72 15.61
C THR J 97 38.63 -65.53 15.33
N LEU J 98 37.99 -65.96 16.40
CA LEU J 98 36.76 -66.72 16.27
C LEU J 98 35.64 -65.92 15.55
N ILE J 99 35.30 -64.70 16.00
CA ILE J 99 34.27 -63.88 15.35
C ILE J 99 34.71 -63.28 14.01
N SER J 100 35.97 -63.44 13.63
CA SER J 100 36.40 -63.02 12.32
C SER J 100 36.21 -64.07 11.22
N MET J 101 35.89 -65.32 11.58
CA MET J 101 36.00 -66.45 10.64
C MET J 101 35.11 -66.39 9.37
N TYR J 102 34.00 -65.64 9.42
CA TYR J 102 33.09 -65.27 8.33
C TYR J 102 33.85 -64.86 7.08
N SER J 103 34.81 -63.96 7.30
CA SER J 103 35.17 -63.03 6.24
C SER J 103 36.15 -63.65 5.26
N GLU J 104 36.04 -63.15 4.02
CA GLU J 104 37.01 -63.43 2.99
C GLU J 104 38.41 -62.96 3.45
N ARG J 105 38.44 -61.87 4.24
CA ARG J 105 39.61 -61.14 4.70
C ARG J 105 39.60 -60.98 6.22
N PRO J 106 39.84 -62.03 7.04
CA PRO J 106 39.66 -61.90 8.49
C PRO J 106 40.55 -60.87 9.19
N GLY J 107 41.76 -60.74 8.64
CA GLY J 107 42.69 -59.74 9.12
C GLY J 107 42.21 -58.33 8.86
N ALA J 108 41.63 -58.08 7.68
CA ALA J 108 41.07 -56.79 7.32
C ALA J 108 39.89 -56.44 8.23
N LEU J 109 39.04 -57.41 8.54
CA LEU J 109 37.88 -57.18 9.40
C LEU J 109 38.28 -56.69 10.78
N ILE J 110 39.23 -57.39 11.38
CA ILE J 110 39.74 -56.91 12.65
C ILE J 110 40.44 -55.55 12.53
N ARG J 111 41.43 -55.41 11.66
CA ARG J 111 42.24 -54.20 11.59
C ARG J 111 41.40 -52.96 11.28
N SER J 112 40.35 -53.09 10.48
CA SER J 112 39.55 -51.95 10.04
C SER J 112 38.52 -51.54 11.09
N LEU J 113 38.02 -52.51 11.87
CA LEU J 113 37.01 -52.23 12.86
C LEU J 113 37.52 -52.36 14.29
N LEU J 114 38.84 -52.39 14.49
CA LEU J 114 39.44 -52.47 15.83
C LEU J 114 38.98 -51.33 16.73
N ASN J 115 39.40 -50.11 16.37
CA ASN J 115 38.95 -48.85 16.96
C ASN J 115 38.88 -48.88 18.52
N ASP J 116 39.99 -49.24 19.18
CA ASP J 116 40.03 -49.49 20.62
C ASP J 116 41.35 -48.98 21.21
N PRO J 117 41.34 -47.93 22.06
CA PRO J 117 42.56 -47.42 22.66
C PRO J 117 43.11 -48.27 23.81
N ASP J 118 42.30 -49.20 24.34
CA ASP J 118 42.80 -50.13 25.33
C ASP J 118 43.84 -51.07 24.71
N ILE J 119 43.87 -51.24 23.38
CA ILE J 119 44.49 -52.38 22.72
C ILE J 119 45.48 -51.93 21.66
N GLU J 120 46.63 -52.61 21.68
CA GLU J 120 47.48 -52.76 20.50
C GLU J 120 47.44 -54.23 20.08
N ALA J 121 46.89 -54.49 18.89
CA ALA J 121 46.77 -55.87 18.41
C ALA J 121 47.93 -56.16 17.48
N VAL J 122 48.55 -57.33 17.67
CA VAL J 122 49.52 -57.85 16.71
C VAL J 122 48.83 -59.00 16.01
N ILE J 123 48.76 -58.92 14.67
CA ILE J 123 48.08 -59.91 13.86
C ILE J 123 49.14 -60.85 13.29
N ILE J 124 48.91 -62.14 13.47
CA ILE J 124 49.81 -63.17 12.97
C ILE J 124 49.06 -63.97 11.91
N ASP J 125 49.49 -63.80 10.65
CA ASP J 125 48.85 -64.42 9.50
C ASP J 125 49.41 -65.84 9.51
N VAL J 126 48.67 -66.75 10.15
CA VAL J 126 49.15 -68.11 10.38
C VAL J 126 49.49 -68.78 9.04
N GLY J 127 48.86 -68.33 7.92
CA GLY J 127 49.22 -68.74 6.56
C GLY J 127 49.16 -70.26 6.37
N SER J 128 50.34 -70.89 6.18
CA SER J 128 50.49 -72.32 5.97
C SER J 128 50.06 -73.19 7.15
N MET J 129 50.03 -72.65 8.38
CA MET J 129 49.48 -73.33 9.57
C MET J 129 50.10 -74.72 9.78
N VAL J 130 51.42 -74.74 10.01
CA VAL J 130 52.26 -75.93 9.99
C VAL J 130 52.07 -76.86 11.20
N ASN J 131 51.83 -76.31 12.40
CA ASN J 131 52.12 -77.02 13.65
C ASN J 131 51.22 -78.22 13.94
N GLY J 132 49.92 -78.14 13.67
CA GLY J 132 49.12 -79.28 14.05
C GLY J 132 48.12 -78.84 15.09
N ILE J 133 48.30 -79.23 16.35
CA ILE J 133 47.19 -78.85 17.25
C ILE J 133 47.31 -77.39 17.70
N PRO J 134 48.46 -76.92 18.23
CA PRO J 134 48.69 -75.48 18.39
C PRO J 134 49.04 -74.81 17.07
N VAL J 135 48.96 -73.48 17.08
CA VAL J 135 49.47 -72.64 16.01
C VAL J 135 51.02 -72.67 16.04
N MET J 136 51.67 -72.05 15.06
CA MET J 136 53.08 -71.70 15.15
C MET J 136 53.32 -70.23 14.81
N GLU J 137 54.53 -69.75 15.07
CA GLU J 137 54.96 -68.46 14.58
C GLU J 137 55.16 -68.53 13.07
N ARG J 138 54.39 -67.72 12.32
CA ARG J 138 54.41 -67.71 10.87
C ARG J 138 55.80 -67.36 10.30
N ARG J 139 56.57 -66.51 11.00
CA ARG J 139 58.01 -66.37 10.83
C ARG J 139 58.60 -67.51 11.67
N GLY J 140 59.13 -68.56 11.04
CA GLY J 140 59.50 -69.77 11.76
C GLY J 140 60.47 -69.47 12.90
N ASP J 141 60.13 -69.95 14.12
CA ASP J 141 60.87 -69.74 15.36
C ASP J 141 61.01 -68.26 15.74
N LYS J 142 59.93 -67.49 15.55
CA LYS J 142 59.88 -66.08 15.94
C LYS J 142 60.03 -65.91 17.46
N ALA J 143 59.62 -66.93 18.23
CA ALA J 143 60.02 -67.15 19.62
C ALA J 143 59.85 -68.62 20.00
N GLN J 144 60.57 -69.04 21.06
CA GLN J 144 60.77 -70.44 21.40
C GLN J 144 59.57 -71.03 22.17
N GLU J 145 59.14 -70.29 23.21
CA GLU J 145 58.32 -70.82 24.28
C GLU J 145 56.82 -70.75 23.94
N GLU J 146 56.43 -70.01 22.91
CA GLU J 146 55.04 -69.69 22.60
C GLU J 146 54.22 -70.97 22.41
N MET J 147 54.78 -71.88 21.61
CA MET J 147 54.17 -73.16 21.25
C MET J 147 53.95 -74.02 22.49
N GLU J 148 54.91 -73.97 23.44
CA GLU J 148 54.82 -74.69 24.70
C GLU J 148 53.69 -74.13 25.57
N GLY J 149 53.50 -72.80 25.53
CA GLY J 149 52.39 -72.14 26.20
C GLY J 149 51.06 -72.64 25.64
N LEU J 150 50.95 -72.57 24.32
CA LEU J 150 49.74 -72.98 23.62
C LEU J 150 49.42 -74.46 23.89
N MET J 151 50.43 -75.34 23.87
CA MET J 151 50.18 -76.75 24.12
C MET J 151 49.62 -76.98 25.53
N ARG J 152 50.18 -76.32 26.53
CA ARG J 152 49.69 -76.39 27.91
C ARG J 152 48.25 -75.90 27.98
N ILE J 153 47.98 -74.78 27.29
CA ILE J 153 46.64 -74.21 27.23
C ILE J 153 45.64 -75.24 26.69
N LEU J 154 45.97 -75.89 25.57
CA LEU J 154 45.08 -76.81 24.89
C LEU J 154 44.89 -78.13 25.65
N LYS J 155 45.98 -78.61 26.28
CA LYS J 155 45.92 -79.78 27.15
C LYS J 155 44.97 -79.48 28.32
N THR J 156 45.26 -78.40 29.06
CA THR J 156 44.45 -78.04 30.22
C THR J 156 42.99 -77.81 29.85
N ALA J 157 42.71 -77.31 28.64
CA ALA J 157 41.35 -77.25 28.11
C ALA J 157 40.65 -78.62 28.15
N ARG J 158 41.26 -79.64 27.53
CA ARG J 158 40.75 -81.00 27.47
C ARG J 158 40.64 -81.62 28.87
N ASP J 159 41.69 -81.45 29.67
CA ASP J 159 41.83 -82.09 30.96
C ASP J 159 40.82 -81.54 31.97
N SER J 160 40.65 -80.22 31.98
CA SER J 160 39.73 -79.54 32.89
C SER J 160 38.28 -79.85 32.53
N SER J 161 38.04 -80.03 31.22
CA SER J 161 36.72 -80.40 30.71
C SER J 161 36.40 -81.87 31.00
N LYS J 162 37.40 -82.64 31.47
CA LYS J 162 37.21 -84.06 31.78
C LYS J 162 36.86 -84.80 30.48
N GLY J 163 37.55 -84.42 29.39
CA GLY J 163 37.46 -85.09 28.09
C GLY J 163 36.13 -84.86 27.36
N LYS J 164 35.41 -83.79 27.74
CA LYS J 164 34.19 -83.35 27.05
C LYS J 164 34.55 -82.21 26.12
N THR J 165 34.21 -82.38 24.84
CA THR J 165 34.60 -81.42 23.82
C THR J 165 33.69 -80.20 23.92
N PRO J 166 33.98 -79.09 23.21
CA PRO J 166 33.12 -77.91 23.30
C PRO J 166 31.71 -78.17 22.80
N PHE J 167 31.57 -79.04 21.78
CA PHE J 167 30.31 -79.41 21.13
C PHE J 167 29.52 -80.44 21.96
N VAL J 168 28.22 -80.46 21.76
CA VAL J 168 27.34 -81.43 22.39
C VAL J 168 27.50 -82.83 21.77
N ASP J 169 27.86 -82.92 20.48
CA ASP J 169 28.34 -84.17 19.88
C ASP J 169 29.82 -84.05 19.51
N SER J 170 30.62 -84.91 20.15
CA SER J 170 32.06 -84.95 20.01
C SER J 170 32.51 -85.24 18.58
N ARG J 171 31.65 -85.86 17.76
CA ARG J 171 32.02 -86.14 16.38
C ARG J 171 32.28 -84.84 15.61
N ALA J 172 31.60 -83.76 15.99
CA ALA J 172 31.84 -82.43 15.42
C ALA J 172 33.29 -81.99 15.69
N TYR J 173 33.78 -82.27 16.91
CA TYR J 173 35.14 -82.02 17.35
C TYR J 173 36.16 -82.91 16.65
N GLY J 174 35.74 -84.15 16.42
CA GLY J 174 36.57 -85.10 15.69
C GLY J 174 36.79 -84.76 14.21
N LEU J 175 35.72 -84.31 13.54
CA LEU J 175 35.62 -84.09 12.10
C LEU J 175 36.61 -83.04 11.59
N ARG J 176 37.47 -83.40 10.62
CA ARG J 176 38.34 -82.43 9.97
C ARG J 176 37.74 -82.05 8.61
N ILE J 177 37.20 -80.83 8.56
CA ILE J 177 36.49 -80.30 7.41
C ILE J 177 37.43 -80.01 6.24
N THR J 178 36.94 -80.26 5.00
CA THR J 178 37.74 -80.19 3.79
C THR J 178 37.13 -79.34 2.67
N ASP J 179 35.95 -78.72 2.90
CA ASP J 179 35.21 -77.98 1.88
C ASP J 179 34.56 -76.72 2.45
N MET J 180 34.26 -75.76 1.58
CA MET J 180 33.78 -74.48 2.06
C MET J 180 32.37 -74.59 2.61
N SER J 181 31.52 -75.45 2.03
CA SER J 181 30.10 -75.50 2.40
C SER J 181 29.86 -75.97 3.85
N THR J 182 30.54 -77.05 4.19
CA THR J 182 30.52 -77.54 5.55
C THR J 182 31.23 -76.60 6.53
N LEU J 183 32.34 -75.97 6.09
CA LEU J 183 33.05 -74.98 6.90
C LEU J 183 32.12 -73.85 7.30
N VAL J 184 31.49 -73.19 6.31
CA VAL J 184 30.63 -72.06 6.62
C VAL J 184 29.39 -72.48 7.42
N SER J 185 28.86 -73.66 7.15
CA SER J 185 27.80 -74.16 7.98
C SER J 185 28.24 -74.21 9.45
N ALA J 186 29.44 -74.77 9.71
CA ALA J 186 30.03 -74.96 11.02
C ALA J 186 30.35 -73.63 11.72
N VAL J 187 31.15 -72.82 11.03
CA VAL J 187 31.59 -71.52 11.53
C VAL J 187 30.38 -70.65 11.83
N ILE J 188 29.43 -70.49 10.91
CA ILE J 188 28.26 -69.66 11.09
C ILE J 188 27.49 -70.17 12.30
N THR J 189 27.52 -71.49 12.57
CA THR J 189 26.72 -71.99 13.68
C THR J 189 27.42 -71.69 15.00
N ILE J 190 28.74 -71.80 15.08
CA ILE J 190 29.45 -71.42 16.29
C ILE J 190 29.41 -69.90 16.48
N GLU J 191 29.57 -69.10 15.45
CA GLU J 191 29.46 -67.66 15.60
C GLU J 191 28.10 -67.29 16.15
N ALA J 192 27.07 -67.78 15.51
CA ALA J 192 25.75 -67.47 15.98
C ALA J 192 25.61 -67.79 17.47
N GLN J 193 26.26 -68.86 17.95
CA GLN J 193 26.22 -69.24 19.34
C GLN J 193 26.97 -68.23 20.23
N ILE J 194 27.99 -67.53 19.72
CA ILE J 194 28.63 -66.41 20.41
C ILE J 194 27.69 -65.22 20.43
N TRP J 195 27.13 -64.86 19.28
CA TRP J 195 26.38 -63.64 19.13
C TRP J 195 25.04 -63.70 19.84
N ILE J 196 24.46 -64.88 20.08
CA ILE J 196 23.26 -64.94 20.89
C ILE J 196 23.57 -64.51 22.33
N LEU J 197 24.84 -64.63 22.76
CA LEU J 197 25.26 -64.32 24.13
C LEU J 197 25.23 -62.82 24.39
N ILE J 198 25.85 -62.06 23.49
CA ILE J 198 26.08 -60.63 23.62
C ILE J 198 24.82 -59.89 24.08
N ALA J 199 23.65 -60.29 23.68
CA ALA J 199 22.48 -59.57 24.02
C ALA J 199 22.24 -59.53 25.53
N LYS J 200 22.85 -60.47 26.29
CA LYS J 200 22.76 -60.44 27.75
C LYS J 200 24.13 -60.55 28.46
N ALA J 201 25.24 -60.55 27.72
CA ALA J 201 26.62 -60.73 28.19
C ALA J 201 27.01 -59.76 29.29
N VAL J 202 26.34 -58.60 29.32
CA VAL J 202 26.64 -57.62 30.34
C VAL J 202 25.35 -57.11 31.00
N THR J 203 24.23 -57.78 30.82
CA THR J 203 22.98 -57.40 31.45
C THR J 203 22.21 -58.69 31.76
N ALA J 204 22.32 -59.15 33.02
CA ALA J 204 22.03 -60.51 33.39
C ALA J 204 22.84 -61.54 32.59
N PRO J 205 24.20 -61.60 32.68
CA PRO J 205 25.00 -62.68 32.06
C PRO J 205 24.85 -64.06 32.74
N ASP J 206 24.01 -64.16 33.76
CA ASP J 206 23.47 -65.41 34.27
C ASP J 206 21.95 -65.25 34.25
N THR J 207 21.19 -66.29 33.89
CA THR J 207 19.82 -66.19 33.36
C THR J 207 19.79 -65.71 31.90
N ALA J 208 20.96 -65.54 31.27
CA ALA J 208 21.07 -65.36 29.83
C ALA J 208 20.59 -66.64 29.09
N GLU J 209 20.82 -67.80 29.71
CA GLU J 209 20.72 -69.12 29.10
C GLU J 209 19.31 -69.38 28.59
N GLU J 210 18.27 -68.88 29.28
CA GLU J 210 16.90 -69.09 28.83
C GLU J 210 16.67 -68.48 27.44
N SER J 211 17.01 -67.22 27.34
CA SER J 211 16.80 -66.49 26.12
C SER J 211 17.77 -67.01 25.06
N GLU J 212 19.04 -67.33 25.37
CA GLU J 212 20.00 -67.81 24.39
C GLU J 212 19.46 -69.08 23.73
N THR J 213 18.88 -70.01 24.51
CA THR J 213 18.31 -71.22 23.95
C THR J 213 17.03 -70.98 23.17
N ARG J 214 16.19 -70.02 23.59
CA ARG J 214 15.03 -69.58 22.81
C ARG J 214 15.43 -69.01 21.43
N ARG J 215 16.47 -68.18 21.35
CA ARG J 215 16.93 -67.65 20.09
C ARG J 215 17.62 -68.76 19.30
N TRP J 216 18.27 -69.71 19.97
CA TRP J 216 18.88 -70.84 19.29
C TRP J 216 17.84 -71.69 18.58
N ALA J 217 16.76 -71.96 19.30
CA ALA J 217 15.58 -72.65 18.75
C ALA J 217 15.12 -72.03 17.44
N LYS J 218 14.89 -70.72 17.44
CA LYS J 218 14.55 -69.97 16.25
C LYS J 218 15.55 -70.24 15.14
N TYR J 219 16.85 -70.02 15.31
CA TYR J 219 17.73 -70.09 14.15
C TYR J 219 17.91 -71.50 13.58
N VAL J 220 17.79 -72.52 14.44
CA VAL J 220 17.84 -73.88 13.94
C VAL J 220 16.52 -74.32 13.31
N GLN J 221 15.38 -73.90 13.87
CA GLN J 221 14.08 -74.19 13.27
C GLN J 221 13.92 -73.50 11.92
N GLN J 222 14.53 -72.32 11.73
CA GLN J 222 14.62 -71.65 10.44
C GLN J 222 15.72 -72.23 9.56
N LYS J 223 16.45 -73.26 10.01
CA LYS J 223 17.45 -73.98 9.24
C LYS J 223 18.58 -73.07 8.77
N ARG J 224 18.86 -72.01 9.55
CA ARG J 224 19.95 -71.11 9.24
C ARG J 224 21.28 -71.65 9.80
N VAL J 225 21.21 -72.48 10.87
CA VAL J 225 22.38 -73.00 11.57
C VAL J 225 22.21 -74.50 11.73
N ASN J 226 23.33 -75.22 11.65
CA ASN J 226 23.36 -76.68 11.57
C ASN J 226 23.60 -77.32 12.95
N PRO J 227 22.59 -77.86 13.67
CA PRO J 227 22.68 -78.13 15.12
C PRO J 227 23.66 -79.25 15.47
N PHE J 228 24.23 -79.93 14.46
CA PHE J 228 25.39 -80.80 14.65
C PHE J 228 26.51 -80.07 15.35
N PHE J 229 26.67 -78.79 15.03
CA PHE J 229 27.70 -78.00 15.64
C PHE J 229 27.28 -77.26 16.93
N ALA J 230 26.24 -77.71 17.63
CA ALA J 230 25.84 -77.05 18.87
C ALA J 230 26.95 -77.14 19.94
N LEU J 231 27.18 -76.04 20.65
CA LEU J 231 28.14 -75.94 21.73
C LEU J 231 27.45 -76.10 23.10
N THR J 232 28.18 -76.75 24.02
CA THR J 232 27.73 -77.13 25.35
C THR J 232 27.57 -75.90 26.23
N GLN J 233 26.58 -75.91 27.15
CA GLN J 233 26.41 -74.72 27.98
C GLN J 233 27.67 -74.42 28.82
N GLN J 234 28.53 -75.41 29.10
CA GLN J 234 29.82 -75.14 29.74
C GLN J 234 30.72 -74.23 28.88
N TRP J 235 30.87 -74.52 27.58
CA TRP J 235 31.64 -73.68 26.68
C TRP J 235 30.99 -72.32 26.43
N LEU J 236 29.69 -72.33 26.26
CA LEU J 236 29.00 -71.06 26.15
C LEU J 236 29.15 -70.18 27.41
N THR J 237 29.13 -70.73 28.63
CA THR J 237 29.35 -69.94 29.83
C THR J 237 30.78 -69.40 29.90
N GLU J 238 31.77 -70.19 29.50
CA GLU J 238 33.15 -69.72 29.47
C GLU J 238 33.34 -68.58 28.48
N MET J 239 32.67 -68.65 27.34
CA MET J 239 32.68 -67.55 26.40
C MET J 239 31.85 -66.36 26.84
N ARG J 240 30.68 -66.60 27.42
CA ARG J 240 29.85 -65.52 27.94
C ARG J 240 30.65 -64.73 28.97
N ASN J 241 31.38 -65.41 29.86
CA ASN J 241 32.18 -64.76 30.87
C ASN J 241 33.32 -63.96 30.25
N LEU J 242 33.99 -64.49 29.23
CA LEU J 242 34.97 -63.68 28.51
C LEU J 242 34.39 -62.41 27.91
N LEU J 243 33.18 -62.46 27.39
CA LEU J 243 32.47 -61.26 26.92
C LEU J 243 32.07 -60.27 28.04
N SER J 244 31.63 -60.79 29.18
CA SER J 244 31.34 -59.96 30.34
C SER J 244 32.58 -59.18 30.79
N GLN J 245 33.75 -59.77 30.70
CA GLN J 245 34.90 -59.29 31.41
C GLN J 245 35.85 -58.57 30.50
N SER J 246 35.67 -58.68 29.19
CA SER J 246 36.47 -57.89 28.27
C SER J 246 35.58 -56.86 27.56
N LEU J 247 35.95 -55.60 27.74
CA LEU J 247 35.36 -54.54 26.95
C LEU J 247 35.93 -54.61 25.54
N SER J 248 37.21 -54.99 25.39
CA SER J 248 37.86 -55.03 24.09
C SER J 248 37.12 -55.84 23.04
N VAL J 249 36.65 -57.02 23.46
CA VAL J 249 35.86 -57.80 22.52
C VAL J 249 34.46 -57.20 22.31
N ARG J 250 33.73 -56.75 23.34
CA ARG J 250 32.48 -56.02 23.12
C ARG J 250 32.60 -54.81 22.17
N LYS J 251 33.70 -54.08 22.23
CA LYS J 251 33.95 -52.99 21.33
C LYS J 251 33.97 -53.50 19.90
N PHE J 252 34.75 -54.54 19.60
CA PHE J 252 34.76 -55.13 18.28
C PHE J 252 33.40 -55.66 17.84
N MET J 253 32.70 -56.36 18.73
CA MET J 253 31.32 -56.78 18.44
C MET J 253 30.44 -55.62 18.02
N VAL J 254 30.34 -54.57 18.82
CA VAL J 254 29.49 -53.44 18.50
C VAL J 254 29.93 -52.70 17.26
N GLU J 255 31.24 -52.66 17.00
CA GLU J 255 31.74 -52.05 15.78
C GLU J 255 31.14 -52.75 14.58
N ILE J 256 31.29 -54.10 14.58
CA ILE J 256 30.80 -54.90 13.46
C ILE J 256 29.29 -55.00 13.41
N LEU J 257 28.68 -54.95 14.55
CA LEU J 257 27.23 -54.99 14.56
C LEU J 257 26.61 -53.73 13.96
N ILE J 258 27.16 -52.54 14.26
CA ILE J 258 26.66 -51.33 13.63
C ILE J 258 26.98 -51.39 12.14
N GLU J 259 28.17 -51.89 11.79
CA GLU J 259 28.57 -51.99 10.39
C GLU J 259 27.55 -52.73 9.53
N VAL J 260 27.12 -53.88 10.03
CA VAL J 260 26.20 -54.70 9.27
C VAL J 260 24.74 -54.26 9.39
N LYS J 261 24.38 -53.41 10.36
CA LYS J 261 23.06 -52.78 10.43
C LYS J 261 22.77 -51.85 9.24
N LYS J 262 23.84 -51.34 8.58
CA LYS J 262 23.71 -50.43 7.44
C LYS J 262 23.13 -51.12 6.22
N GLY J 263 22.28 -50.36 5.52
CA GLY J 263 21.34 -50.89 4.55
C GLY J 263 21.95 -51.05 3.16
N GLY J 264 21.04 -51.24 2.19
CA GLY J 264 21.28 -50.91 0.79
C GLY J 264 22.38 -51.73 0.11
N SER J 265 22.78 -52.85 0.75
CA SER J 265 23.92 -53.67 0.37
C SER J 265 23.55 -55.15 0.26
N ALA J 266 24.34 -55.84 -0.56
CA ALA J 266 24.30 -57.29 -0.69
C ALA J 266 24.84 -57.95 0.57
N LYS J 267 24.07 -58.92 1.10
CA LYS J 267 24.37 -59.55 2.39
C LYS J 267 24.57 -61.07 2.24
N GLY J 268 25.63 -61.58 2.88
CA GLY J 268 25.83 -63.01 3.01
C GLY J 268 25.00 -63.56 4.17
N ARG J 269 24.66 -64.86 4.13
CA ARG J 269 23.95 -65.56 5.19
C ARG J 269 24.58 -65.23 6.53
N ALA J 270 25.93 -65.21 6.52
CA ALA J 270 26.73 -64.97 7.71
C ALA J 270 26.37 -63.63 8.40
N VAL J 271 26.50 -62.52 7.69
CA VAL J 271 26.19 -61.23 8.31
C VAL J 271 24.71 -61.10 8.56
N GLU J 272 23.87 -61.76 7.79
CA GLU J 272 22.44 -61.69 7.96
C GLU J 272 22.07 -62.21 9.33
N ILE J 273 22.66 -63.35 9.71
CA ILE J 273 22.33 -63.91 11.02
C ILE J 273 22.76 -62.94 12.13
N ILE J 274 23.95 -62.32 11.95
CA ILE J 274 24.40 -61.27 12.88
C ILE J 274 23.43 -60.11 12.98
N SER J 275 22.97 -59.62 11.84
CA SER J 275 22.06 -58.50 11.77
C SER J 275 20.78 -58.84 12.52
N ASP J 276 20.31 -60.09 12.37
CA ASP J 276 19.08 -60.57 12.97
C ASP J 276 19.25 -60.52 14.48
N ILE J 277 20.38 -61.06 14.96
CA ILE J 277 20.77 -61.03 16.37
C ILE J 277 20.81 -59.60 16.88
N GLY J 278 21.30 -58.68 16.07
CA GLY J 278 21.35 -57.30 16.42
C GLY J 278 20.03 -56.78 16.97
N ASN J 279 18.91 -57.25 16.46
CA ASN J 279 17.63 -56.71 16.87
C ASN J 279 17.29 -57.09 18.33
N TYR J 280 18.08 -58.02 18.90
CA TYR J 280 17.95 -58.37 20.29
C TYR J 280 19.00 -57.63 21.13
N VAL J 281 20.11 -57.26 20.47
CA VAL J 281 21.25 -56.59 21.07
C VAL J 281 20.96 -55.09 21.29
N GLU J 282 20.23 -54.46 20.37
CA GLU J 282 19.86 -53.07 20.53
C GLU J 282 18.97 -52.82 21.76
N GLU J 283 19.15 -51.63 22.34
CA GLU J 283 18.44 -51.09 23.51
C GLU J 283 18.71 -51.92 24.77
N THR J 284 19.70 -52.86 24.70
CA THR J 284 20.16 -53.64 25.84
C THR J 284 20.67 -52.72 26.94
N GLY J 285 20.28 -53.09 28.14
CA GLY J 285 20.69 -52.35 29.31
C GLY J 285 20.07 -50.98 29.38
N MET J 286 18.98 -50.75 28.63
CA MET J 286 18.27 -49.47 28.70
C MET J 286 16.80 -49.64 28.92
N ALA J 287 16.42 -50.76 29.55
CA ALA J 287 15.03 -51.19 29.75
C ALA J 287 14.17 -50.02 30.21
N GLY J 288 14.67 -49.46 31.33
CA GLY J 288 13.87 -48.48 32.02
C GLY J 288 13.64 -47.22 31.19
N PHE J 289 14.63 -46.78 30.41
CA PHE J 289 14.53 -45.59 29.55
C PHE J 289 13.42 -45.75 28.53
N PHE J 290 13.54 -46.76 27.68
CA PHE J 290 12.55 -46.95 26.65
C PHE J 290 11.21 -47.35 27.22
N ALA J 291 11.19 -48.00 28.37
CA ALA J 291 9.92 -48.30 28.99
C ALA J 291 9.22 -47.03 29.47
N THR J 292 9.94 -45.99 29.85
CA THR J 292 9.28 -44.72 30.12
C THR J 292 8.69 -44.09 28.86
N ILE J 293 9.27 -44.34 27.71
CA ILE J 293 8.74 -43.81 26.48
C ILE J 293 7.52 -44.64 26.10
N ARG J 294 7.64 -45.97 26.01
CA ARG J 294 6.52 -46.80 25.66
C ARG J 294 5.33 -46.60 26.60
N PHE J 295 5.58 -46.60 27.92
CA PHE J 295 4.52 -46.78 28.91
C PHE J 295 4.33 -45.57 29.83
N GLY J 296 5.17 -44.53 29.74
CA GLY J 296 4.91 -43.27 30.42
C GLY J 296 4.42 -42.26 29.40
N LEU J 297 5.29 -41.88 28.45
CA LEU J 297 5.03 -40.87 27.44
C LEU J 297 3.88 -41.31 26.52
N GLU J 298 4.08 -42.38 25.75
CA GLU J 298 3.24 -42.52 24.54
C GLU J 298 1.86 -42.98 24.85
N THR J 299 1.68 -43.58 26.04
CA THR J 299 0.37 -43.95 26.57
C THR J 299 -0.46 -42.74 27.01
N ARG J 300 0.19 -41.58 27.25
CA ARG J 300 -0.32 -40.23 27.51
C ARG J 300 -1.64 -40.17 28.28
N TYR J 301 -1.58 -40.77 29.45
CA TYR J 301 -2.68 -40.75 30.41
C TYR J 301 -3.00 -39.34 30.91
N PRO J 302 -4.17 -39.07 31.55
CA PRO J 302 -4.39 -37.83 32.29
C PRO J 302 -3.33 -37.48 33.34
N ALA J 303 -2.69 -38.49 33.91
CA ALA J 303 -1.61 -38.31 34.89
C ALA J 303 -0.39 -37.57 34.35
N LEU J 304 -0.16 -37.62 33.03
CA LEU J 304 0.98 -36.97 32.43
C LEU J 304 0.86 -35.44 32.45
N ALA J 305 -0.35 -34.93 32.77
CA ALA J 305 -0.55 -33.49 32.92
C ALA J 305 -0.19 -32.97 34.32
N LEU J 306 0.25 -33.86 35.23
CA LEU J 306 0.59 -33.45 36.59
C LEU J 306 1.83 -32.60 36.67
N ASN J 307 1.75 -31.55 37.48
CA ASN J 307 2.84 -30.64 37.81
C ASN J 307 4.09 -31.41 38.25
N GLU J 308 3.94 -32.51 39.02
CA GLU J 308 5.06 -33.20 39.64
C GLU J 308 6.07 -33.73 38.60
N PHE J 309 5.50 -34.25 37.53
CA PHE J 309 6.23 -34.93 36.48
C PHE J 309 6.99 -33.97 35.60
N GLN J 310 6.76 -32.67 35.67
CA GLN J 310 7.16 -31.83 34.57
C GLN J 310 8.66 -31.82 34.43
N SER J 311 9.36 -31.83 35.57
CA SER J 311 10.83 -31.88 35.51
C SER J 311 11.30 -33.17 34.87
N ASP J 312 10.60 -34.26 35.17
CA ASP J 312 10.90 -35.55 34.56
C ASP J 312 10.62 -35.54 33.07
N LEU J 313 9.49 -34.99 32.63
CA LEU J 313 9.21 -34.89 31.20
C LEU J 313 10.31 -34.11 30.51
N ASN J 314 10.70 -32.97 31.07
CA ASN J 314 11.80 -32.17 30.55
C ASN J 314 13.08 -32.97 30.50
N THR J 315 13.27 -33.87 31.47
CA THR J 315 14.40 -34.77 31.47
C THR J 315 14.31 -35.69 30.29
N ILE J 316 13.17 -36.35 30.08
CA ILE J 316 13.07 -37.31 28.99
C ILE J 316 13.30 -36.58 27.68
N LYS J 317 12.73 -35.40 27.49
CA LYS J 317 12.91 -34.66 26.25
C LYS J 317 14.39 -34.47 26.03
N SER J 318 15.10 -34.02 27.04
CA SER J 318 16.54 -33.80 26.94
C SER J 318 17.28 -35.09 26.62
N LEU J 319 16.79 -36.21 27.14
CA LEU J 319 17.37 -37.51 26.87
C LEU J 319 17.10 -37.95 25.45
N MET J 320 15.91 -37.68 24.90
CA MET J 320 15.60 -38.03 23.52
C MET J 320 16.53 -37.34 22.56
N LEU J 321 16.62 -36.04 22.75
CA LEU J 321 17.50 -35.29 21.88
C LEU J 321 18.95 -35.68 22.13
N LEU J 322 19.30 -36.03 23.37
CA LEU J 322 20.63 -36.56 23.66
C LEU J 322 20.90 -37.86 22.92
N TYR J 323 19.92 -38.74 22.90
CA TYR J 323 19.99 -40.01 22.21
C TYR J 323 20.30 -39.77 20.75
N ARG J 324 19.54 -38.83 20.18
CA ARG J 324 19.75 -38.40 18.79
C ARG J 324 21.19 -37.92 18.58
N GLU J 325 21.72 -37.15 19.53
CA GLU J 325 23.05 -36.56 19.54
C GLU J 325 24.15 -37.61 19.55
N ILE J 326 23.90 -38.70 20.26
CA ILE J 326 24.91 -39.74 20.35
C ILE J 326 24.99 -40.50 19.02
N GLY J 327 23.84 -40.64 18.32
CA GLY J 327 23.72 -41.23 16.99
C GLY J 327 23.87 -42.74 16.94
N PRO J 328 24.71 -43.34 16.04
CA PRO J 328 24.64 -44.77 15.75
C PRO J 328 24.96 -45.65 16.96
N ARG J 329 25.77 -45.14 17.89
CA ARG J 329 26.20 -45.92 19.03
C ARG J 329 25.10 -46.04 20.04
N ALA J 330 24.02 -45.30 19.95
CA ALA J 330 23.09 -45.08 21.06
C ALA J 330 22.45 -46.36 21.60
N PRO J 331 22.01 -47.23 20.71
CA PRO J 331 21.38 -48.44 21.18
C PRO J 331 22.31 -49.45 21.84
N TYR J 332 23.61 -49.18 21.85
CA TYR J 332 24.62 -50.11 22.30
C TYR J 332 25.51 -49.53 23.40
N MET J 333 25.03 -48.46 24.04
CA MET J 333 25.95 -47.67 24.86
C MET J 333 26.33 -48.39 26.13
N VAL J 334 25.61 -49.45 26.45
CA VAL J 334 25.85 -50.20 27.67
C VAL J 334 27.01 -51.16 27.39
N LEU J 335 26.95 -51.81 26.24
CA LEU J 335 27.90 -52.85 25.88
C LEU J 335 29.22 -52.17 25.63
N LEU J 336 29.20 -51.15 24.77
CA LEU J 336 30.36 -50.35 24.52
C LEU J 336 30.21 -49.37 25.66
N GLU J 337 30.95 -49.62 26.75
CA GLU J 337 30.80 -48.89 28.00
C GLU J 337 31.05 -47.40 27.82
N GLU J 338 30.02 -46.59 28.06
CA GLU J 338 30.06 -45.15 27.82
C GLU J 338 29.39 -44.44 28.97
N SER J 339 30.10 -43.44 29.48
CA SER J 339 29.69 -42.58 30.58
C SER J 339 28.25 -42.04 30.47
N ILE J 340 27.88 -41.73 29.23
CA ILE J 340 26.59 -41.11 29.01
C ILE J 340 25.45 -42.02 29.49
N GLN J 341 25.71 -43.34 29.51
CA GLN J 341 24.77 -44.35 29.99
C GLN J 341 24.01 -43.85 31.24
N THR J 342 24.88 -43.33 32.12
CA THR J 342 24.43 -42.96 33.45
C THR J 342 23.25 -42.05 33.34
N LYS J 343 23.34 -41.14 32.38
CA LYS J 343 22.41 -40.04 32.23
C LYS J 343 21.06 -40.61 31.96
N PHE J 344 21.12 -41.67 31.16
CA PHE J 344 19.94 -42.34 30.73
C PHE J 344 19.28 -43.18 31.84
N ALA J 345 20.04 -43.55 32.85
CA ALA J 345 19.51 -44.41 33.89
C ALA J 345 18.30 -43.81 34.56
N PRO J 346 17.27 -44.61 34.91
CA PRO J 346 16.03 -44.09 35.47
C PRO J 346 16.16 -43.35 36.82
N GLY J 347 17.32 -43.51 37.55
CA GLY J 347 17.67 -42.65 38.67
C GLY J 347 17.40 -41.16 38.34
N GLY J 348 17.62 -40.80 37.05
CA GLY J 348 17.53 -39.45 36.53
C GLY J 348 16.09 -38.96 36.36
N TYR J 349 15.06 -39.82 36.52
CA TYR J 349 13.67 -39.41 36.26
C TYR J 349 12.72 -40.35 36.96
N PRO J 350 12.93 -40.60 38.25
CA PRO J 350 12.30 -41.73 38.92
C PRO J 350 10.80 -41.66 39.12
N LEU J 351 10.24 -40.44 39.12
CA LEU J 351 8.80 -40.34 39.31
C LEU J 351 8.08 -40.77 38.01
N LEU J 352 8.53 -40.26 36.88
CA LEU J 352 8.05 -40.70 35.57
C LEU J 352 8.27 -42.19 35.31
N TRP J 353 9.46 -42.69 35.69
CA TRP J 353 9.77 -44.10 35.51
C TRP J 353 8.93 -44.96 36.39
N SER J 354 8.76 -44.62 37.67
CA SER J 354 7.91 -45.42 38.53
C SER J 354 6.47 -45.52 38.00
N PHE J 355 5.92 -44.40 37.56
CA PHE J 355 4.62 -44.42 36.90
C PHE J 355 4.61 -45.27 35.62
N ALA J 356 5.61 -45.10 34.73
CA ALA J 356 5.74 -45.87 33.50
C ALA J 356 5.83 -47.39 33.75
N MET J 357 6.59 -47.82 34.76
CA MET J 357 6.66 -49.23 35.11
C MET J 357 5.32 -49.70 35.66
N GLY J 358 4.60 -48.85 36.40
CA GLY J 358 3.24 -49.15 36.86
C GLY J 358 2.27 -49.42 35.69
N VAL J 359 2.41 -48.65 34.60
CA VAL J 359 1.70 -48.94 33.38
C VAL J 359 2.19 -50.25 32.75
N ALA J 360 3.50 -50.36 32.48
CA ALA J 360 4.11 -51.48 31.75
C ALA J 360 3.72 -52.83 32.38
N THR J 361 3.90 -52.96 33.70
CA THR J 361 3.57 -54.16 34.45
C THR J 361 2.08 -54.52 34.40
N THR J 362 1.22 -53.52 34.19
CA THR J 362 -0.22 -53.73 34.13
C THR J 362 -0.68 -54.10 32.72
N ILE J 363 0.05 -53.65 31.71
CA ILE J 363 -0.27 -53.85 30.30
C ILE J 363 0.32 -55.18 29.79
N ASP J 364 1.59 -55.46 30.09
CA ASP J 364 2.37 -56.43 29.34
C ASP J 364 2.82 -57.60 30.23
N ARG J 365 2.45 -58.85 29.90
CA ARG J 365 2.95 -60.12 30.49
C ARG J 365 4.49 -60.19 30.59
N SER J 366 5.23 -59.57 29.67
CA SER J 366 6.69 -59.49 29.63
C SER J 366 7.26 -58.60 30.76
N MET J 367 6.50 -57.58 31.19
CA MET J 367 6.95 -56.75 32.29
C MET J 367 6.73 -57.43 33.65
N GLY J 368 7.40 -56.97 34.69
CA GLY J 368 7.30 -57.67 35.95
C GLY J 368 8.23 -58.89 36.06
N ALA J 369 8.53 -59.51 34.91
CA ALA J 369 9.69 -60.38 34.74
C ALA J 369 10.98 -59.57 34.65
N LEU J 370 10.85 -58.31 34.22
CA LEU J 370 11.98 -57.37 34.28
C LEU J 370 12.15 -56.85 35.71
N ASN J 371 13.38 -56.90 36.22
CA ASN J 371 13.64 -56.56 37.61
C ASN J 371 13.66 -55.05 37.80
N ILE J 372 12.64 -54.53 38.52
CA ILE J 372 12.56 -53.09 38.74
C ILE J 372 12.82 -52.69 40.20
N ASN J 373 13.50 -53.57 40.94
CA ASN J 373 13.85 -53.33 42.33
C ASN J 373 14.97 -52.29 42.44
N ARG J 374 14.58 -51.03 42.67
CA ARG J 374 15.50 -49.90 42.90
C ARG J 374 14.96 -49.03 44.04
N GLY J 375 15.86 -48.21 44.61
CA GLY J 375 15.57 -47.38 45.79
C GLY J 375 14.46 -46.34 45.53
N TYR J 376 14.42 -45.90 44.27
CA TYR J 376 13.59 -44.78 43.83
C TYR J 376 12.29 -45.22 43.17
N LEU J 377 11.79 -46.42 43.55
CA LEU J 377 10.61 -46.98 42.92
C LEU J 377 9.32 -46.20 43.21
N GLU J 378 9.32 -45.22 44.11
CA GLU J 378 8.22 -44.28 44.30
C GLU J 378 6.83 -44.91 44.23
N PRO J 379 6.50 -45.88 45.12
CA PRO J 379 5.38 -46.79 44.95
C PRO J 379 4.01 -46.13 44.84
N MET J 380 3.83 -44.91 45.37
CA MET J 380 2.60 -44.17 45.12
C MET J 380 2.34 -43.91 43.64
N TYR J 381 3.39 -43.43 42.95
CA TYR J 381 3.30 -43.10 41.54
C TYR J 381 3.36 -44.32 40.62
N PHE J 382 4.04 -45.39 41.06
CA PHE J 382 3.91 -46.69 40.43
C PHE J 382 2.46 -47.21 40.52
N ARG J 383 1.84 -47.16 41.71
CA ARG J 383 0.45 -47.55 41.89
C ARG J 383 -0.48 -46.63 41.10
N LEU J 384 -0.18 -45.35 40.96
CA LEU J 384 -0.95 -44.54 40.03
C LEU J 384 -0.78 -45.01 38.57
N GLY J 385 0.42 -45.47 38.18
CA GLY J 385 0.68 -46.09 36.89
C GLY J 385 -0.16 -47.35 36.68
N GLN J 386 -0.24 -48.22 37.69
CA GLN J 386 -1.19 -49.34 37.72
C GLN J 386 -2.63 -48.87 37.60
N LYS J 387 -3.05 -47.88 38.40
CA LYS J 387 -4.37 -47.28 38.39
C LYS J 387 -4.77 -46.70 37.03
N SER J 388 -3.84 -46.09 36.29
CA SER J 388 -4.14 -45.53 34.98
C SER J 388 -4.61 -46.60 33.98
N ALA J 389 -4.03 -47.80 34.07
CA ALA J 389 -4.41 -48.98 33.32
C ALA J 389 -5.23 -50.00 34.12
N ARG J 390 -5.84 -49.65 35.28
CA ARG J 390 -6.64 -50.59 36.07
C ARG J 390 -7.85 -49.87 36.63
N HIS J 391 -7.60 -48.96 37.59
CA HIS J 391 -8.65 -48.23 38.28
C HIS J 391 -9.40 -47.27 37.35
N HIS J 392 -8.70 -46.76 36.32
CA HIS J 392 -9.28 -45.91 35.28
C HIS J 392 -9.98 -46.77 34.24
N ALA J 393 -10.80 -47.72 34.73
CA ALA J 393 -11.54 -48.68 33.92
C ALA J 393 -10.65 -49.44 32.95
N GLY J 394 -9.45 -49.87 33.38
CA GLY J 394 -8.49 -50.58 32.52
C GLY J 394 -7.92 -49.74 31.37
N GLY J 395 -7.99 -48.41 31.51
CA GLY J 395 -7.64 -47.48 30.46
C GLY J 395 -8.85 -46.91 29.70
N ILE J 396 -10.01 -47.56 29.74
CA ILE J 396 -11.23 -47.16 29.05
C ILE J 396 -11.83 -45.84 29.52
N ASP J 397 -11.52 -45.41 30.75
CA ASP J 397 -11.97 -44.14 31.31
C ASP J 397 -11.21 -42.95 30.73
N GLN J 398 -10.10 -43.20 30.01
CA GLN J 398 -9.24 -42.18 29.41
C GLN J 398 -8.97 -42.45 27.92
N ASN J 399 -9.99 -42.93 27.19
CA ASN J 399 -10.02 -42.94 25.73
C ASN J 399 -9.68 -41.55 25.17
N MET J 400 -8.73 -41.46 24.23
CA MET J 400 -7.98 -40.22 24.05
C MET J 400 -8.75 -39.20 23.18
N ALA J 401 -9.64 -39.66 22.29
CA ALA J 401 -10.04 -38.89 21.12
C ALA J 401 -11.49 -39.17 20.67
N ASN J 402 -12.00 -38.26 19.83
CA ASN J 402 -13.40 -38.21 19.45
C ASN J 402 -13.65 -38.87 18.09
N ARG J 403 -12.60 -39.45 17.47
CA ARG J 403 -12.65 -39.89 16.08
C ARG J 403 -13.62 -41.07 15.89
N LEU J 404 -13.67 -41.97 16.87
CA LEU J 404 -14.53 -43.14 16.77
C LEU J 404 -16.02 -42.76 16.92
N GLY J 405 -16.32 -41.66 17.63
CA GLY J 405 -17.69 -41.29 17.96
C GLY J 405 -18.51 -42.42 18.58
N LEU J 406 -17.89 -43.15 19.51
CA LEU J 406 -18.44 -44.34 20.13
C LEU J 406 -19.67 -44.01 20.98
N SER J 407 -20.64 -44.93 21.03
CA SER J 407 -21.77 -44.88 21.94
C SER J 407 -21.29 -45.03 23.39
N SER J 408 -22.00 -44.40 24.35
CA SER J 408 -21.79 -44.64 25.78
C SER J 408 -21.83 -46.13 26.14
N ASP J 409 -22.81 -46.84 25.56
CA ASP J 409 -23.02 -48.28 25.72
C ASP J 409 -21.78 -49.06 25.27
N GLN J 410 -21.22 -48.67 24.11
CA GLN J 410 -20.05 -49.27 23.50
C GLN J 410 -18.82 -49.07 24.38
N VAL J 411 -18.66 -47.86 24.96
CA VAL J 411 -17.61 -47.56 25.93
C VAL J 411 -17.72 -48.45 27.17
N ALA J 412 -18.96 -48.67 27.66
CA ALA J 412 -19.20 -49.54 28.81
C ALA J 412 -18.83 -51.00 28.48
N GLU J 413 -19.17 -51.46 27.26
CA GLU J 413 -18.84 -52.80 26.79
C GLU J 413 -17.32 -52.99 26.72
N LEU J 414 -16.59 -51.96 26.24
CA LEU J 414 -15.14 -51.94 26.22
C LEU J 414 -14.56 -52.09 27.63
N ALA J 415 -15.15 -51.38 28.61
CA ALA J 415 -14.74 -51.46 30.01
C ALA J 415 -14.97 -52.85 30.59
N ALA J 416 -16.10 -53.49 30.23
CA ALA J 416 -16.43 -54.85 30.66
C ALA J 416 -15.45 -55.87 30.08
N ALA J 417 -15.08 -55.72 28.80
CA ALA J 417 -14.08 -56.56 28.16
C ALA J 417 -12.68 -56.36 28.75
N VAL J 418 -12.36 -55.10 29.10
CA VAL J 418 -11.15 -54.69 29.80
C VAL J 418 -11.20 -55.04 31.30
N GLN J 419 -12.30 -55.63 31.80
CA GLN J 419 -12.53 -56.06 33.19
C GLN J 419 -12.38 -54.93 34.22
N GLU J 420 -12.60 -53.66 33.81
CA GLU J 420 -12.37 -52.44 34.59
C GLU J 420 -11.04 -52.44 35.37
N ILE K 26 4.98 -31.82 23.80
CA ILE K 26 5.64 -33.06 24.39
C ILE K 26 5.92 -34.07 23.29
N PHE K 27 4.81 -34.55 22.69
CA PHE K 27 4.70 -35.83 22.02
C PHE K 27 5.24 -35.79 20.59
N GLU K 28 5.34 -34.61 19.97
CA GLU K 28 5.91 -34.42 18.64
C GLU K 28 7.33 -35.00 18.57
N GLU K 29 8.07 -34.69 19.63
CA GLU K 29 9.47 -35.07 19.69
C GLU K 29 9.55 -36.58 19.85
N ALA K 30 8.67 -37.16 20.68
CA ALA K 30 8.62 -38.57 21.01
C ALA K 30 8.29 -39.38 19.77
N ALA K 31 7.27 -39.00 19.02
CA ALA K 31 6.89 -39.71 17.82
C ALA K 31 8.00 -39.62 16.79
N SER K 32 8.66 -38.45 16.68
CA SER K 32 9.79 -38.33 15.77
C SER K 32 10.98 -39.16 16.23
N PHE K 33 11.13 -39.32 17.54
CA PHE K 33 12.16 -40.12 18.16
C PHE K 33 11.91 -41.62 17.89
N ARG K 34 10.67 -42.11 18.00
CA ARG K 34 10.32 -43.46 17.60
C ARG K 34 10.75 -43.68 16.14
N SER K 35 10.45 -42.70 15.29
CA SER K 35 10.85 -42.79 13.89
C SER K 35 12.36 -42.83 13.76
N TYR K 36 13.04 -42.03 14.57
CA TYR K 36 14.49 -41.94 14.54
C TYR K 36 15.09 -43.28 14.93
N GLN K 37 14.62 -43.92 16.00
CA GLN K 37 15.09 -45.22 16.44
C GLN K 37 14.95 -46.20 15.27
N SER K 38 13.79 -46.14 14.58
CA SER K 38 13.43 -47.09 13.54
C SER K 38 14.37 -46.97 12.32
N LYS K 39 14.88 -45.74 12.07
CA LYS K 39 15.71 -45.46 10.91
C LYS K 39 17.21 -45.34 11.27
N LEU K 40 17.54 -45.31 12.57
CA LEU K 40 18.88 -45.01 13.05
C LEU K 40 19.90 -46.02 12.54
N GLY K 41 20.98 -45.48 11.96
CA GLY K 41 22.16 -46.21 11.52
C GLY K 41 21.88 -47.19 10.38
N ARG K 42 20.66 -47.16 9.81
CA ARG K 42 20.34 -47.92 8.63
C ARG K 42 21.06 -47.36 7.41
N ASP K 43 21.37 -46.05 7.46
CA ASP K 43 21.80 -45.21 6.34
C ASP K 43 23.23 -45.58 5.94
N GLY K 44 23.56 -45.43 4.66
CA GLY K 44 24.93 -45.66 4.21
C GLY K 44 25.19 -47.14 3.88
N ARG K 45 26.47 -47.54 3.82
CA ARG K 45 26.85 -48.88 3.40
C ARG K 45 27.87 -49.51 4.37
N ALA K 46 27.70 -50.83 4.55
CA ALA K 46 28.62 -51.70 5.28
C ALA K 46 29.95 -51.82 4.55
N SER K 47 31.03 -51.79 5.35
CA SER K 47 32.42 -51.99 4.94
C SER K 47 32.63 -53.34 4.26
N ALA K 48 33.41 -53.34 3.16
CA ALA K 48 33.52 -54.56 2.37
C ALA K 48 34.37 -55.61 3.11
N ALA K 49 35.03 -55.22 4.22
CA ALA K 49 35.74 -56.18 5.07
C ALA K 49 34.78 -57.16 5.73
N THR K 50 33.48 -56.86 5.80
CA THR K 50 32.46 -57.78 6.29
C THR K 50 32.09 -58.90 5.30
N ALA K 51 32.64 -58.91 4.08
CA ALA K 51 32.29 -59.86 3.02
C ALA K 51 32.60 -61.31 3.39
N THR K 52 31.54 -62.12 3.28
CA THR K 52 31.46 -63.50 3.74
C THR K 52 32.22 -64.41 2.76
N LEU K 53 32.85 -65.52 3.25
CA LEU K 53 33.32 -66.59 2.38
C LEU K 53 32.20 -67.09 1.48
N THR K 54 32.43 -66.96 0.18
CA THR K 54 31.53 -67.50 -0.80
C THR K 54 31.78 -69.00 -1.00
N THR K 55 30.81 -69.70 -1.60
CA THR K 55 30.89 -71.14 -1.86
C THR K 55 30.80 -71.41 -3.36
N LYS K 56 31.61 -72.36 -3.87
CA LYS K 56 31.69 -72.58 -5.31
C LYS K 56 30.69 -73.65 -5.74
N ILE K 57 29.78 -73.32 -6.67
CA ILE K 57 28.74 -74.24 -7.10
C ILE K 57 28.79 -74.43 -8.62
N ARG K 58 28.77 -75.70 -9.03
CA ARG K 58 28.76 -76.04 -10.44
C ARG K 58 27.32 -76.02 -10.96
N ILE K 59 27.00 -75.15 -11.95
CA ILE K 59 25.65 -75.10 -12.51
C ILE K 59 25.72 -75.44 -13.99
N PHE K 60 25.11 -76.59 -14.30
CA PHE K 60 25.03 -77.08 -15.66
C PHE K 60 23.88 -76.34 -16.34
N VAL K 61 24.13 -75.91 -17.58
CA VAL K 61 23.16 -75.11 -18.32
C VAL K 61 23.01 -75.69 -19.74
N PRO K 62 21.77 -75.87 -20.26
CA PRO K 62 21.55 -76.56 -21.53
C PRO K 62 22.18 -75.86 -22.73
N ALA K 63 22.21 -74.52 -22.73
CA ALA K 63 23.00 -73.68 -23.61
C ALA K 63 22.70 -73.89 -25.11
N THR K 64 21.54 -74.53 -25.39
CA THR K 64 21.10 -74.97 -26.71
C THR K 64 19.57 -75.00 -26.74
N ASN K 65 19.00 -75.09 -27.94
CA ASN K 65 17.56 -75.11 -28.14
C ASN K 65 16.96 -76.52 -28.10
N SER K 66 17.82 -77.57 -28.16
CA SER K 66 17.45 -78.96 -28.42
C SER K 66 16.65 -79.62 -27.28
N PRO K 67 15.39 -80.09 -27.52
CA PRO K 67 14.59 -80.74 -26.49
C PRO K 67 15.20 -82.00 -25.91
N GLU K 68 15.97 -82.74 -26.71
CA GLU K 68 16.63 -83.99 -26.29
C GLU K 68 17.52 -83.77 -25.07
N LEU K 69 18.40 -82.77 -25.17
CA LEU K 69 19.34 -82.38 -24.13
C LEU K 69 18.58 -81.85 -22.90
N ARG K 70 17.57 -81.00 -23.16
CA ARG K 70 16.82 -80.33 -22.12
C ARG K 70 16.04 -81.30 -21.25
N TRP K 71 15.41 -82.29 -21.86
CA TRP K 71 14.68 -83.26 -21.08
C TRP K 71 15.61 -84.19 -20.31
N GLU K 72 16.70 -84.67 -20.92
CA GLU K 72 17.67 -85.47 -20.20
C GLU K 72 18.27 -84.72 -19.00
N LEU K 73 18.61 -83.45 -19.18
CA LEU K 73 19.11 -82.61 -18.09
C LEU K 73 18.06 -82.45 -16.99
N THR K 74 16.79 -82.31 -17.36
CA THR K 74 15.73 -82.20 -16.38
C THR K 74 15.66 -83.49 -15.57
N LEU K 75 15.70 -84.64 -16.23
CA LEU K 75 15.69 -85.94 -15.55
C LEU K 75 16.89 -86.12 -14.62
N PHE K 76 18.07 -85.76 -15.10
CA PHE K 76 19.28 -85.74 -14.30
C PHE K 76 19.08 -84.88 -13.05
N ALA K 77 18.60 -83.65 -13.21
CA ALA K 77 18.43 -82.72 -12.11
C ALA K 77 17.40 -83.20 -11.10
N LEU K 78 16.27 -83.73 -11.58
CA LEU K 78 15.26 -84.33 -10.71
C LEU K 78 15.93 -85.42 -9.88
N ASP K 79 16.78 -86.23 -10.51
CA ASP K 79 17.42 -87.34 -9.82
C ASP K 79 18.50 -86.87 -8.84
N VAL K 80 19.28 -85.83 -9.19
CA VAL K 80 20.21 -85.23 -8.25
C VAL K 80 19.51 -84.82 -6.95
N ILE K 81 18.34 -84.22 -7.05
CA ILE K 81 17.57 -83.80 -5.89
C ILE K 81 16.93 -85.00 -5.17
N ARG K 82 16.64 -86.10 -5.90
CA ARG K 82 16.10 -87.35 -5.37
C ARG K 82 17.17 -88.15 -4.60
N SER K 83 18.46 -87.92 -4.91
CA SER K 83 19.58 -88.67 -4.35
C SER K 83 19.81 -88.38 -2.87
N PRO K 84 20.06 -89.42 -2.03
CA PRO K 84 20.53 -89.22 -0.67
C PRO K 84 22.05 -88.93 -0.60
N SER K 85 22.82 -89.24 -1.67
CA SER K 85 24.29 -89.15 -1.66
C SER K 85 24.81 -87.85 -2.27
N ALA K 86 23.95 -87.07 -2.94
CA ALA K 86 24.33 -85.76 -3.43
C ALA K 86 24.56 -84.77 -2.28
N ALA K 87 25.57 -83.91 -2.46
CA ALA K 87 25.88 -82.80 -1.58
C ALA K 87 24.88 -81.66 -1.81
N GLU K 88 24.59 -80.86 -0.77
CA GLU K 88 23.75 -79.68 -0.89
C GLU K 88 24.24 -78.68 -1.94
N SER K 89 25.57 -78.56 -2.14
CA SER K 89 26.18 -77.74 -3.18
C SER K 89 25.79 -78.19 -4.59
N MET K 90 25.66 -79.51 -4.79
CA MET K 90 25.19 -80.08 -6.05
C MET K 90 23.68 -79.84 -6.18
N LYS K 91 22.94 -80.04 -5.08
CA LYS K 91 21.49 -79.92 -5.07
C LYS K 91 21.01 -78.51 -5.38
N VAL K 92 21.63 -77.46 -4.81
CA VAL K 92 21.22 -76.10 -5.12
C VAL K 92 21.54 -75.79 -6.59
N GLY K 93 22.71 -76.28 -7.09
CA GLY K 93 23.05 -76.09 -8.48
C GLY K 93 22.05 -76.73 -9.42
N ALA K 94 21.62 -77.95 -9.07
CA ALA K 94 20.52 -78.69 -9.72
C ALA K 94 19.21 -77.89 -9.69
N ALA K 95 18.81 -77.34 -8.54
CA ALA K 95 17.59 -76.54 -8.41
C ALA K 95 17.59 -75.29 -9.29
N PHE K 96 18.77 -74.68 -9.47
CA PHE K 96 19.00 -73.62 -10.46
C PHE K 96 18.79 -74.11 -11.91
N THR K 97 19.38 -75.27 -12.24
CA THR K 97 19.25 -75.84 -13.59
C THR K 97 17.78 -76.12 -13.89
N LEU K 98 17.10 -76.63 -12.86
CA LEU K 98 15.72 -77.05 -12.94
C LEU K 98 14.84 -75.81 -13.23
N ILE K 99 14.83 -74.80 -12.35
CA ILE K 99 13.93 -73.67 -12.56
C ILE K 99 14.48 -72.60 -13.51
N SER K 100 15.22 -73.05 -14.51
CA SER K 100 15.68 -72.21 -15.60
C SER K 100 15.29 -72.78 -16.96
N MET K 101 14.70 -73.99 -17.01
CA MET K 101 14.37 -74.63 -18.27
C MET K 101 13.29 -73.92 -19.13
N TYR K 102 12.50 -73.00 -18.54
CA TYR K 102 11.67 -71.99 -19.20
C TYR K 102 12.38 -71.32 -20.38
N SER K 103 13.60 -70.85 -20.11
CA SER K 103 14.13 -69.68 -20.77
C SER K 103 14.70 -70.03 -22.15
N GLU K 104 14.60 -69.05 -23.05
CA GLU K 104 15.36 -69.07 -24.29
C GLU K 104 16.87 -69.00 -24.00
N ARG K 105 17.25 -68.34 -22.89
CA ARG K 105 18.63 -68.13 -22.46
C ARG K 105 18.85 -68.54 -20.99
N PRO K 106 18.78 -69.85 -20.63
CA PRO K 106 18.82 -70.23 -19.22
C PRO K 106 20.05 -69.76 -18.44
N GLY K 107 21.20 -69.68 -19.14
CA GLY K 107 22.43 -69.17 -18.57
C GLY K 107 22.32 -67.70 -18.17
N ALA K 108 21.70 -66.87 -19.02
CA ALA K 108 21.44 -65.46 -18.72
C ALA K 108 20.55 -65.31 -17.50
N LEU K 109 19.50 -66.13 -17.39
CA LEU K 109 18.59 -66.08 -16.27
C LEU K 109 19.27 -66.34 -14.93
N ILE K 110 20.05 -67.43 -14.86
CA ILE K 110 20.80 -67.74 -13.64
C ILE K 110 21.86 -66.67 -13.34
N ARG K 111 22.67 -66.25 -14.32
CA ARG K 111 23.78 -65.38 -14.03
C ARG K 111 23.27 -64.01 -13.61
N SER K 112 22.21 -63.51 -14.27
CA SER K 112 21.85 -62.11 -14.16
C SER K 112 21.01 -61.81 -12.93
N LEU K 113 20.19 -62.78 -12.55
CA LEU K 113 19.33 -62.59 -11.39
C LEU K 113 19.85 -63.29 -10.14
N LEU K 114 21.15 -63.58 -10.11
CA LEU K 114 21.78 -64.29 -9.01
C LEU K 114 21.76 -63.43 -7.74
N ASN K 115 22.40 -62.26 -7.82
CA ASN K 115 22.47 -61.26 -6.75
C ASN K 115 22.72 -61.84 -5.33
N ASP K 116 23.79 -62.63 -5.15
CA ASP K 116 24.02 -63.38 -3.92
C ASP K 116 25.51 -63.56 -3.64
N PRO K 117 26.07 -62.99 -2.53
CA PRO K 117 27.48 -63.24 -2.18
C PRO K 117 27.80 -64.59 -1.53
N ASP K 118 26.76 -65.33 -1.07
CA ASP K 118 26.99 -66.64 -0.46
C ASP K 118 27.54 -67.66 -1.44
N ILE K 119 27.26 -67.45 -2.73
CA ILE K 119 27.57 -68.42 -3.77
C ILE K 119 28.29 -67.74 -4.93
N GLU K 120 29.29 -68.45 -5.45
CA GLU K 120 29.87 -68.18 -6.75
C GLU K 120 29.62 -69.34 -7.70
N ALA K 121 28.98 -69.05 -8.84
CA ALA K 121 28.72 -70.04 -9.87
C ALA K 121 29.95 -70.28 -10.77
N VAL K 122 30.20 -71.54 -11.09
CA VAL K 122 30.92 -71.90 -12.32
C VAL K 122 29.87 -72.47 -13.26
N ILE K 123 29.76 -71.88 -14.46
CA ILE K 123 28.65 -72.17 -15.34
C ILE K 123 29.16 -73.08 -16.45
N ILE K 124 28.51 -74.24 -16.60
CA ILE K 124 28.97 -75.33 -17.44
C ILE K 124 27.91 -75.51 -18.54
N ASP K 125 28.20 -74.82 -19.64
CA ASP K 125 27.57 -75.08 -20.93
C ASP K 125 27.79 -76.56 -21.30
N VAL K 126 26.69 -77.30 -21.43
CA VAL K 126 26.73 -78.75 -21.69
C VAL K 126 26.98 -79.07 -23.18
N GLY K 127 27.01 -78.03 -24.02
CA GLY K 127 27.19 -78.14 -25.46
C GLY K 127 26.08 -78.94 -26.11
N SER K 128 26.48 -79.80 -27.06
CA SER K 128 25.56 -80.72 -27.69
C SER K 128 25.19 -81.91 -26.79
N MET K 129 25.65 -81.93 -25.52
CA MET K 129 25.21 -82.86 -24.50
C MET K 129 25.21 -84.33 -24.98
N VAL K 130 26.37 -84.81 -25.45
CA VAL K 130 26.45 -86.17 -25.99
C VAL K 130 26.90 -87.19 -24.94
N ASN K 131 26.97 -86.84 -23.65
CA ASN K 131 27.72 -87.61 -22.66
C ASN K 131 27.07 -88.92 -22.18
N GLY K 132 25.74 -89.06 -22.19
CA GLY K 132 25.12 -90.31 -21.75
C GLY K 132 24.27 -90.03 -20.53
N ILE K 133 24.30 -90.91 -19.52
CA ILE K 133 23.56 -90.69 -18.29
C ILE K 133 24.19 -89.57 -17.44
N PRO K 134 25.52 -89.52 -17.18
CA PRO K 134 26.15 -88.32 -16.63
C PRO K 134 26.13 -87.18 -17.65
N VAL K 135 25.98 -85.97 -17.09
CA VAL K 135 25.89 -84.75 -17.88
C VAL K 135 27.22 -84.46 -18.59
N MET K 136 27.10 -83.83 -19.78
CA MET K 136 28.27 -83.36 -20.51
C MET K 136 28.92 -82.12 -19.87
N GLU K 137 30.26 -82.10 -19.86
CA GLU K 137 31.01 -80.99 -19.29
C GLU K 137 32.02 -80.45 -20.31
N ARG K 138 32.02 -79.11 -20.50
CA ARG K 138 32.91 -78.41 -21.42
C ARG K 138 34.40 -78.64 -21.14
N ARG K 139 34.74 -78.98 -19.88
CA ARG K 139 36.07 -79.28 -19.39
C ARG K 139 36.60 -80.67 -19.81
N GLY K 140 35.73 -81.54 -20.35
CA GLY K 140 36.11 -82.85 -20.88
C GLY K 140 36.84 -83.73 -19.86
N ASP K 141 38.07 -84.14 -20.20
CA ASP K 141 38.95 -84.93 -19.36
C ASP K 141 39.42 -84.24 -18.07
N LYS K 142 39.06 -82.97 -17.84
CA LYS K 142 39.33 -82.29 -16.58
C LYS K 142 38.49 -82.85 -15.43
N ALA K 143 37.28 -83.37 -15.72
CA ALA K 143 36.31 -83.84 -14.74
C ALA K 143 36.46 -85.34 -14.40
N GLN K 144 37.70 -85.75 -14.04
CA GLN K 144 38.18 -87.13 -14.09
C GLN K 144 37.30 -88.12 -13.31
N GLU K 145 36.75 -87.66 -12.18
CA GLU K 145 36.10 -88.51 -11.19
C GLU K 145 34.67 -88.05 -10.85
N GLU K 146 34.31 -86.82 -11.25
CA GLU K 146 32.95 -86.31 -11.08
C GLU K 146 31.94 -87.21 -11.79
N MET K 147 32.29 -87.78 -12.97
CA MET K 147 31.46 -88.72 -13.71
C MET K 147 31.04 -89.92 -12.84
N GLU K 148 31.93 -90.41 -11.98
CA GLU K 148 31.62 -91.50 -11.06
C GLU K 148 30.64 -91.05 -9.99
N GLY K 149 30.91 -89.84 -9.46
CA GLY K 149 30.11 -89.18 -8.44
C GLY K 149 28.67 -89.02 -8.90
N LEU K 150 28.48 -88.48 -10.11
CA LEU K 150 27.16 -88.29 -10.70
C LEU K 150 26.45 -89.64 -10.87
N MET K 151 27.14 -90.66 -11.39
CA MET K 151 26.51 -91.96 -11.53
C MET K 151 26.08 -92.55 -10.19
N ARG K 152 26.94 -92.44 -9.16
CA ARG K 152 26.58 -92.87 -7.81
C ARG K 152 25.38 -92.09 -7.29
N ILE K 153 25.34 -90.78 -7.52
CA ILE K 153 24.21 -89.91 -7.18
C ILE K 153 22.92 -90.44 -7.80
N LEU K 154 22.94 -90.76 -9.10
CA LEU K 154 21.77 -91.19 -9.84
C LEU K 154 21.34 -92.60 -9.45
N LYS K 155 22.31 -93.49 -9.22
CA LYS K 155 22.08 -94.85 -8.72
C LYS K 155 21.38 -94.76 -7.37
N THR K 156 22.01 -94.06 -6.41
CA THR K 156 21.46 -93.93 -5.08
C THR K 156 20.08 -93.27 -5.10
N ALA K 157 19.82 -92.33 -6.02
CA ALA K 157 18.48 -91.80 -6.23
C ALA K 157 17.47 -92.93 -6.53
N ARG K 158 17.73 -93.73 -7.58
CA ARG K 158 16.91 -94.87 -8.01
C ARG K 158 16.75 -95.90 -6.88
N ASP K 159 17.86 -96.27 -6.25
CA ASP K 159 17.93 -97.34 -5.28
C ASP K 159 17.20 -96.97 -3.98
N SER K 160 17.40 -95.73 -3.52
CA SER K 160 16.77 -95.24 -2.29
C SER K 160 15.27 -95.08 -2.47
N SER K 161 14.87 -94.72 -3.70
CA SER K 161 13.46 -94.60 -4.08
C SER K 161 12.80 -95.97 -4.24
N LYS K 162 13.58 -97.06 -4.22
CA LYS K 162 13.08 -98.41 -4.37
C LYS K 162 12.45 -98.55 -5.76
N GLY K 163 13.12 -97.97 -6.77
CA GLY K 163 12.78 -98.10 -8.19
C GLY K 163 11.51 -97.33 -8.59
N LYS K 164 11.13 -96.35 -7.76
CA LYS K 164 10.02 -95.44 -8.06
C LYS K 164 10.60 -94.14 -8.63
N THR K 165 10.15 -93.77 -9.82
CA THR K 165 10.60 -92.59 -10.52
C THR K 165 10.12 -91.33 -9.80
N PRO K 166 10.65 -90.12 -10.15
CA PRO K 166 10.14 -88.88 -9.57
C PRO K 166 8.65 -88.69 -9.84
N PHE K 167 8.19 -89.09 -11.05
CA PHE K 167 6.81 -88.94 -11.50
C PHE K 167 5.88 -90.00 -10.91
N VAL K 168 4.59 -89.66 -10.84
CA VAL K 168 3.56 -90.56 -10.34
C VAL K 168 3.29 -91.72 -11.33
N ASP K 169 3.45 -91.47 -12.64
CA ASP K 169 3.56 -92.55 -13.63
C ASP K 169 4.94 -92.58 -14.28
N SER K 170 5.63 -93.72 -14.10
CA SER K 170 6.97 -94.00 -14.59
C SER K 170 7.08 -93.90 -16.10
N ARG K 171 5.96 -94.03 -16.84
CA ARG K 171 6.00 -93.87 -18.28
C ARG K 171 6.52 -92.47 -18.68
N ALA K 172 6.25 -91.46 -17.85
CA ALA K 172 6.79 -90.12 -18.05
C ALA K 172 8.31 -90.14 -18.00
N TYR K 173 8.89 -90.90 -17.06
CA TYR K 173 10.33 -91.10 -16.92
C TYR K 173 10.92 -91.88 -18.10
N GLY K 174 10.14 -92.84 -18.60
CA GLY K 174 10.52 -93.66 -19.74
C GLY K 174 10.58 -92.88 -21.06
N LEU K 175 9.59 -92.01 -21.28
CA LEU K 175 9.49 -91.24 -22.52
C LEU K 175 10.57 -90.17 -22.63
N ARG K 176 11.27 -90.16 -23.78
CA ARG K 176 12.08 -89.03 -24.16
C ARG K 176 11.23 -88.04 -24.92
N ILE K 177 11.80 -86.84 -25.08
CA ILE K 177 11.07 -85.71 -25.62
C ILE K 177 11.87 -85.08 -26.78
N THR K 178 11.15 -84.84 -27.89
CA THR K 178 11.75 -84.40 -29.15
C THR K 178 11.04 -83.18 -29.73
N ASP K 179 9.81 -82.90 -29.28
CA ASP K 179 9.04 -81.72 -29.68
C ASP K 179 9.11 -80.65 -28.61
N MET K 180 9.31 -79.38 -29.02
CA MET K 180 9.33 -78.28 -28.07
C MET K 180 7.99 -78.18 -27.34
N SER K 181 6.87 -78.46 -28.02
CA SER K 181 5.54 -78.42 -27.41
C SER K 181 5.41 -79.38 -26.23
N THR K 182 5.88 -80.63 -26.39
CA THR K 182 5.81 -81.58 -25.29
C THR K 182 6.83 -81.24 -24.20
N LEU K 183 8.00 -80.70 -24.59
CA LEU K 183 9.00 -80.24 -23.63
C LEU K 183 8.46 -79.14 -22.71
N VAL K 184 7.89 -78.07 -23.28
CA VAL K 184 7.34 -77.00 -22.47
C VAL K 184 6.15 -77.48 -21.64
N SER K 185 5.33 -78.36 -22.19
CA SER K 185 4.28 -78.97 -21.38
C SER K 185 4.85 -79.60 -20.12
N ALA K 186 5.89 -80.42 -20.30
CA ALA K 186 6.58 -81.19 -19.26
C ALA K 186 7.26 -80.25 -18.24
N VAL K 187 8.16 -79.41 -18.75
CA VAL K 187 8.95 -78.45 -17.98
C VAL K 187 8.04 -77.54 -17.17
N ILE K 188 7.04 -76.91 -17.77
CA ILE K 188 6.18 -76.00 -17.06
C ILE K 188 5.43 -76.76 -15.97
N THR K 189 5.16 -78.05 -16.18
CA THR K 189 4.40 -78.78 -15.17
C THR K 189 5.29 -79.16 -13.97
N ILE K 190 6.55 -79.54 -14.22
CA ILE K 190 7.49 -79.80 -13.12
C ILE K 190 7.85 -78.48 -12.44
N GLU K 191 8.13 -77.40 -13.17
CA GLU K 191 8.47 -76.11 -12.57
C GLU K 191 7.35 -75.61 -11.69
N ALA K 192 6.11 -75.66 -12.19
CA ALA K 192 4.97 -75.27 -11.39
C ALA K 192 4.95 -76.05 -10.07
N GLN K 193 5.33 -77.32 -10.11
CA GLN K 193 5.41 -78.18 -8.95
C GLN K 193 6.50 -77.79 -7.95
N ILE K 194 7.57 -77.12 -8.40
CA ILE K 194 8.54 -76.50 -7.50
C ILE K 194 7.93 -75.24 -6.86
N TRP K 195 7.34 -74.41 -7.70
CA TRP K 195 6.90 -73.10 -7.28
C TRP K 195 5.68 -73.18 -6.39
N ILE K 196 4.88 -74.24 -6.45
CA ILE K 196 3.80 -74.39 -5.49
C ILE K 196 4.35 -74.57 -4.06
N LEU K 197 5.59 -75.05 -3.94
CA LEU K 197 6.21 -75.32 -2.66
C LEU K 197 6.53 -74.03 -1.91
N ILE K 198 7.23 -73.14 -2.61
CA ILE K 198 7.83 -71.91 -2.07
C ILE K 198 6.92 -71.19 -1.11
N ALA K 199 5.62 -71.13 -1.39
CA ALA K 199 4.76 -70.32 -0.58
C ALA K 199 4.72 -70.78 0.86
N LYS K 200 5.09 -72.05 1.09
CA LYS K 200 5.10 -72.61 2.45
C LYS K 200 6.44 -73.29 2.83
N ALA K 201 7.40 -73.40 1.92
CA ALA K 201 8.72 -74.01 2.11
C ALA K 201 9.57 -73.27 3.12
N VAL K 202 9.08 -72.17 3.66
CA VAL K 202 9.84 -71.44 4.66
C VAL K 202 8.99 -71.21 5.91
N THR K 203 7.66 -71.21 5.75
CA THR K 203 6.78 -70.87 6.86
C THR K 203 6.26 -72.09 7.60
N ALA K 204 6.02 -73.15 6.85
CA ALA K 204 5.51 -74.39 7.41
C ALA K 204 5.68 -75.45 6.34
N PRO K 205 6.91 -75.97 6.15
CA PRO K 205 7.17 -77.01 5.14
C PRO K 205 6.42 -78.32 5.37
N ASP K 206 6.22 -78.72 6.64
CA ASP K 206 5.33 -79.83 6.95
C ASP K 206 3.89 -79.30 6.97
N THR K 207 2.92 -80.11 6.59
CA THR K 207 1.55 -79.71 6.33
C THR K 207 1.37 -78.96 5.00
N ALA K 208 2.43 -78.75 4.21
CA ALA K 208 2.30 -77.87 3.06
C ALA K 208 1.55 -78.54 1.89
N GLU K 209 1.58 -79.89 1.82
CA GLU K 209 0.95 -80.64 0.74
C GLU K 209 -0.55 -80.36 0.64
N GLU K 210 -1.20 -80.14 1.80
CA GLU K 210 -2.62 -79.88 1.86
C GLU K 210 -3.05 -78.65 1.07
N SER K 211 -2.10 -77.80 0.68
CA SER K 211 -2.34 -76.54 0.00
C SER K 211 -1.63 -76.60 -1.33
N GLU K 212 -0.45 -77.22 -1.41
CA GLU K 212 0.24 -77.40 -2.68
C GLU K 212 -0.60 -78.24 -3.65
N THR K 213 -1.33 -79.25 -3.15
CA THR K 213 -2.29 -80.00 -3.93
C THR K 213 -3.49 -79.15 -4.34
N ARG K 214 -3.97 -78.25 -3.49
CA ARG K 214 -5.08 -77.34 -3.82
C ARG K 214 -4.72 -76.38 -4.96
N ARG K 215 -3.50 -75.85 -4.96
CA ARG K 215 -3.01 -75.00 -6.06
C ARG K 215 -2.78 -75.85 -7.31
N TRP K 216 -2.28 -77.07 -7.14
CA TRP K 216 -2.11 -77.98 -8.27
C TRP K 216 -3.46 -78.34 -8.92
N ALA K 217 -4.49 -78.64 -8.11
CA ALA K 217 -5.87 -78.86 -8.56
C ALA K 217 -6.35 -77.76 -9.49
N LYS K 218 -6.17 -76.52 -9.05
CA LYS K 218 -6.42 -75.34 -9.85
C LYS K 218 -5.70 -75.43 -11.20
N TYR K 219 -4.38 -75.53 -11.23
CA TYR K 219 -3.69 -75.39 -12.51
C TYR K 219 -3.96 -76.54 -13.48
N VAL K 220 -4.25 -77.74 -12.94
CA VAL K 220 -4.56 -78.86 -13.81
C VAL K 220 -5.99 -78.74 -14.34
N GLN K 221 -6.93 -78.36 -13.48
CA GLN K 221 -8.32 -78.17 -13.91
C GLN K 221 -8.37 -77.07 -14.99
N GLN K 222 -7.58 -76.00 -14.85
CA GLN K 222 -7.48 -74.95 -15.84
C GLN K 222 -6.60 -75.34 -17.01
N LYS K 223 -6.14 -76.58 -17.06
CA LYS K 223 -5.39 -77.10 -18.22
C LYS K 223 -4.08 -76.36 -18.50
N ARG K 224 -3.49 -75.68 -17.50
CA ARG K 224 -2.20 -75.02 -17.66
C ARG K 224 -1.04 -76.00 -17.53
N VAL K 225 -1.27 -77.10 -16.79
CA VAL K 225 -0.24 -78.10 -16.55
C VAL K 225 -0.78 -79.48 -16.93
N ASN K 226 0.12 -80.33 -17.44
CA ASN K 226 -0.20 -81.61 -18.06
C ASN K 226 -0.01 -82.76 -17.06
N PRO K 227 -1.05 -83.33 -16.40
CA PRO K 227 -0.87 -84.06 -15.13
C PRO K 227 -0.19 -85.43 -15.32
N PHE K 228 0.05 -85.84 -16.57
CA PHE K 228 0.94 -86.95 -16.85
C PHE K 228 2.35 -86.73 -16.26
N PHE K 229 2.78 -85.48 -16.22
CA PHE K 229 4.04 -85.13 -15.59
C PHE K 229 3.97 -84.79 -14.09
N ALA K 230 2.95 -85.25 -13.36
CA ALA K 230 2.90 -85.03 -11.90
C ALA K 230 4.11 -85.72 -11.22
N LEU K 231 4.74 -85.00 -10.29
CA LEU K 231 5.80 -85.53 -9.43
C LEU K 231 5.22 -85.98 -8.09
N THR K 232 5.83 -87.06 -7.57
CA THR K 232 5.37 -87.79 -6.39
C THR K 232 5.57 -86.97 -5.12
N GLN K 233 4.71 -87.13 -4.11
CA GLN K 233 4.87 -86.38 -2.87
C GLN K 233 6.27 -86.63 -2.24
N GLN K 234 6.87 -87.80 -2.47
CA GLN K 234 8.24 -88.10 -2.03
C GLN K 234 9.25 -87.13 -2.67
N TRP K 235 9.20 -86.99 -4.01
CA TRP K 235 10.06 -86.06 -4.70
C TRP K 235 9.80 -84.59 -4.29
N LEU K 236 8.54 -84.24 -4.22
CA LEU K 236 8.18 -82.90 -3.77
C LEU K 236 8.69 -82.59 -2.35
N THR K 237 8.68 -83.56 -1.41
CA THR K 237 9.21 -83.33 -0.08
C THR K 237 10.72 -83.15 -0.11
N GLU K 238 11.43 -83.94 -0.93
CA GLU K 238 12.87 -83.80 -1.08
C GLU K 238 13.29 -82.42 -1.64
N MET K 239 12.49 -81.92 -2.59
CA MET K 239 12.68 -80.58 -3.10
C MET K 239 12.24 -79.50 -2.11
N ARG K 240 11.12 -79.67 -1.42
CA ARG K 240 10.67 -78.69 -0.44
C ARG K 240 11.71 -78.50 0.65
N ASN K 241 12.32 -79.62 1.08
CA ASN K 241 13.36 -79.56 2.08
C ASN K 241 14.60 -78.84 1.55
N LEU K 242 14.99 -79.10 0.30
CA LEU K 242 16.06 -78.32 -0.28
C LEU K 242 15.78 -76.82 -0.30
N LEU K 243 14.55 -76.41 -0.57
CA LEU K 243 14.20 -74.98 -0.51
C LEU K 243 14.20 -74.43 0.92
N SER K 244 13.73 -75.18 1.91
CA SER K 244 13.81 -74.75 3.30
C SER K 244 15.26 -74.50 3.72
N GLN K 245 16.20 -75.33 3.26
CA GLN K 245 17.53 -75.37 3.84
C GLN K 245 18.53 -74.62 2.99
N SER K 246 18.17 -74.19 1.79
CA SER K 246 19.05 -73.30 1.01
C SER K 246 18.42 -71.92 0.92
N LEU K 247 19.18 -70.92 1.39
CA LEU K 247 18.78 -69.55 1.17
C LEU K 247 19.13 -69.13 -0.23
N SER K 248 20.25 -69.66 -0.75
CA SER K 248 20.70 -69.25 -2.08
C SER K 248 19.68 -69.53 -3.19
N VAL K 249 18.97 -70.66 -3.11
CA VAL K 249 17.93 -70.93 -4.10
C VAL K 249 16.71 -70.00 -3.86
N ARG K 250 16.25 -69.78 -2.63
CA ARG K 250 15.16 -68.84 -2.38
C ARG K 250 15.49 -67.42 -2.81
N LYS K 251 16.76 -67.00 -2.72
CA LYS K 251 17.22 -65.71 -3.23
C LYS K 251 16.96 -65.61 -4.72
N PHE K 252 17.42 -66.60 -5.48
CA PHE K 252 17.16 -66.64 -6.92
C PHE K 252 15.66 -66.69 -7.27
N MET K 253 14.91 -67.54 -6.58
CA MET K 253 13.45 -67.56 -6.74
C MET K 253 12.80 -66.21 -6.55
N VAL K 254 13.06 -65.54 -5.44
CA VAL K 254 12.46 -64.25 -5.23
C VAL K 254 12.97 -63.18 -6.21
N GLU K 255 14.20 -63.28 -6.66
CA GLU K 255 14.69 -62.38 -7.71
C GLU K 255 13.83 -62.51 -8.96
N ILE K 256 13.63 -63.76 -9.42
CA ILE K 256 12.81 -64.02 -10.58
C ILE K 256 11.33 -63.78 -10.37
N LEU K 257 10.90 -63.98 -9.17
CA LEU K 257 9.50 -63.70 -8.87
C LEU K 257 9.16 -62.22 -8.98
N ILE K 258 10.03 -61.37 -8.43
CA ILE K 258 9.84 -59.94 -8.55
C ILE K 258 9.91 -59.57 -10.03
N GLU K 259 10.89 -60.16 -10.75
CA GLU K 259 11.11 -59.83 -12.15
C GLU K 259 9.88 -60.06 -13.00
N VAL K 260 9.20 -61.19 -12.81
CA VAL K 260 8.04 -61.54 -13.62
C VAL K 260 6.80 -60.80 -13.20
N LYS K 261 6.79 -60.30 -11.96
CA LYS K 261 5.65 -59.54 -11.47
C LYS K 261 5.51 -58.18 -12.17
N LYS K 262 6.60 -57.70 -12.81
CA LYS K 262 6.63 -56.40 -13.49
C LYS K 262 5.57 -56.29 -14.59
N GLY K 263 4.85 -55.15 -14.70
CA GLY K 263 3.59 -55.13 -15.42
C GLY K 263 3.77 -54.60 -16.83
N GLY K 264 2.65 -54.35 -17.52
CA GLY K 264 2.59 -53.73 -18.83
C GLY K 264 3.15 -54.61 -19.96
N SER K 265 3.83 -55.71 -19.59
CA SER K 265 4.73 -56.45 -20.48
C SER K 265 4.16 -57.83 -20.85
N ALA K 266 4.40 -58.17 -22.11
CA ALA K 266 3.94 -59.42 -22.72
C ALA K 266 4.60 -60.62 -22.03
N LYS K 267 3.78 -61.63 -21.74
CA LYS K 267 4.18 -62.78 -20.93
C LYS K 267 3.94 -64.10 -21.65
N GLY K 268 4.91 -65.03 -21.53
CA GLY K 268 4.73 -66.43 -21.87
C GLY K 268 3.93 -67.17 -20.80
N ARG K 269 3.22 -68.26 -21.16
CA ARG K 269 2.40 -69.05 -20.23
C ARG K 269 3.23 -69.52 -19.04
N ALA K 270 4.50 -69.79 -19.29
CA ALA K 270 5.48 -70.18 -18.30
C ALA K 270 5.61 -69.12 -17.17
N VAL K 271 5.99 -67.90 -17.48
CA VAL K 271 6.14 -66.88 -16.47
C VAL K 271 4.79 -66.47 -15.93
N GLU K 272 3.70 -66.63 -16.68
CA GLU K 272 2.35 -66.33 -16.21
C GLU K 272 1.99 -67.22 -15.03
N ILE K 273 2.35 -68.51 -15.14
CA ILE K 273 2.05 -69.39 -14.03
C ILE K 273 2.89 -69.03 -12.80
N ILE K 274 4.14 -68.64 -13.00
CA ILE K 274 4.96 -68.15 -11.89
C ILE K 274 4.39 -66.91 -11.24
N SER K 275 3.92 -65.97 -12.03
CA SER K 275 3.32 -64.75 -11.54
C SER K 275 2.10 -65.09 -10.70
N ASP K 276 1.32 -66.07 -11.17
CA ASP K 276 0.09 -66.50 -10.52
C ASP K 276 0.44 -67.12 -9.17
N ILE K 277 1.46 -68.00 -9.15
CA ILE K 277 2.01 -68.57 -7.93
C ILE K 277 2.41 -67.46 -6.97
N GLY K 278 3.01 -66.40 -7.50
CA GLY K 278 3.45 -65.26 -6.71
C GLY K 278 2.37 -64.79 -5.78
N ASN K 279 1.10 -64.84 -6.18
CA ASN K 279 0.02 -64.29 -5.37
C ASN K 279 -0.25 -65.12 -4.12
N TYR K 280 0.39 -66.28 -4.00
CA TYR K 280 0.37 -67.11 -2.81
C TYR K 280 1.67 -66.93 -2.01
N VAL K 281 2.75 -66.55 -2.72
CA VAL K 281 4.11 -66.39 -2.19
C VAL K 281 4.25 -65.07 -1.45
N GLU K 282 3.63 -64.01 -1.98
CA GLU K 282 3.67 -62.70 -1.34
C GLU K 282 2.98 -62.72 0.03
N GLU K 283 3.55 -61.90 0.93
CA GLU K 283 3.19 -61.67 2.33
C GLU K 283 3.24 -62.95 3.17
N THR K 284 3.90 -63.99 2.62
CA THR K 284 4.21 -65.22 3.36
C THR K 284 5.11 -64.93 4.56
N GLY K 285 4.73 -65.53 5.69
CA GLY K 285 5.55 -65.38 6.87
C GLY K 285 5.32 -64.01 7.50
N MET K 286 4.26 -63.29 7.08
CA MET K 286 3.94 -62.00 7.70
C MET K 286 2.50 -61.94 8.06
N ALA K 287 1.88 -63.10 8.30
CA ALA K 287 0.44 -63.29 8.58
C ALA K 287 -0.08 -62.31 9.63
N GLY K 288 0.66 -62.36 10.74
CA GLY K 288 0.32 -61.53 11.87
C GLY K 288 0.37 -60.02 11.58
N PHE K 289 1.38 -59.53 10.84
CA PHE K 289 1.50 -58.11 10.48
C PHE K 289 0.28 -57.63 9.72
N PHE K 290 0.02 -58.24 8.57
CA PHE K 290 -1.06 -57.78 7.74
C PHE K 290 -2.40 -58.10 8.40
N ALA K 291 -2.49 -59.13 9.22
CA ALA K 291 -3.73 -59.37 9.96
C ALA K 291 -4.02 -58.29 10.99
N THR K 292 -3.01 -57.64 11.56
CA THR K 292 -3.29 -56.46 12.38
C THR K 292 -3.80 -55.26 11.56
N ILE K 293 -3.43 -55.19 10.30
CA ILE K 293 -3.96 -54.17 9.42
C ILE K 293 -5.40 -54.50 9.04
N ARG K 294 -5.60 -55.67 8.45
CA ARG K 294 -6.89 -56.15 7.99
C ARG K 294 -7.92 -56.13 9.12
N PHE K 295 -7.54 -56.68 10.28
CA PHE K 295 -8.45 -56.85 11.41
C PHE K 295 -7.90 -55.97 12.50
N GLY K 296 -8.70 -55.41 13.40
CA GLY K 296 -8.10 -54.34 14.18
C GLY K 296 -8.09 -52.97 13.49
N LEU K 297 -7.02 -52.68 12.74
CA LEU K 297 -6.76 -51.33 12.23
C LEU K 297 -7.84 -50.89 11.23
N GLU K 298 -7.99 -51.54 10.08
CA GLU K 298 -8.89 -51.03 9.05
C GLU K 298 -10.34 -51.24 9.43
N THR K 299 -10.61 -52.12 10.38
CA THR K 299 -11.96 -52.28 10.92
C THR K 299 -12.33 -51.24 12.01
N ARG K 300 -11.34 -50.55 12.59
CA ARG K 300 -11.44 -49.26 13.28
C ARG K 300 -12.62 -49.10 14.24
N TYR K 301 -12.78 -50.09 15.10
CA TYR K 301 -13.86 -50.17 16.07
C TYR K 301 -13.84 -49.03 17.11
N PRO K 302 -14.93 -48.85 17.90
CA PRO K 302 -14.90 -48.11 19.18
C PRO K 302 -13.74 -48.43 20.12
N ALA K 303 -13.34 -49.71 20.12
CA ALA K 303 -12.24 -50.21 20.94
C ALA K 303 -10.88 -49.57 20.61
N LEU K 304 -10.70 -49.16 19.36
CA LEU K 304 -9.41 -48.66 18.92
C LEU K 304 -9.15 -47.26 19.47
N ALA K 305 -10.11 -46.65 20.18
CA ALA K 305 -9.89 -45.40 20.89
C ALA K 305 -9.12 -45.58 22.20
N LEU K 306 -8.86 -46.82 22.65
CA LEU K 306 -8.17 -47.04 23.91
C LEU K 306 -6.71 -46.58 23.86
N ASN K 307 -6.34 -45.79 24.88
CA ASN K 307 -5.03 -45.20 25.07
C ASN K 307 -3.91 -46.23 25.02
N GLU K 308 -4.20 -47.44 25.53
CA GLU K 308 -3.28 -48.57 25.61
C GLU K 308 -2.65 -48.92 24.26
N PHE K 309 -3.47 -48.83 23.21
CA PHE K 309 -3.01 -49.17 21.88
C PHE K 309 -2.09 -48.15 21.24
N GLN K 310 -2.03 -46.93 21.76
CA GLN K 310 -1.42 -45.85 21.01
C GLN K 310 0.05 -46.13 20.65
N SER K 311 0.78 -46.80 21.57
CA SER K 311 2.15 -47.22 21.31
C SER K 311 2.20 -48.13 20.08
N ASP K 312 1.27 -49.09 20.07
CA ASP K 312 1.15 -50.07 19.01
C ASP K 312 0.78 -49.40 17.69
N LEU K 313 -0.21 -48.50 17.70
CA LEU K 313 -0.59 -47.80 16.50
C LEU K 313 0.59 -47.07 15.93
N ASN K 314 1.33 -46.33 16.75
CA ASN K 314 2.52 -45.64 16.28
C ASN K 314 3.57 -46.60 15.74
N THR K 315 3.61 -47.81 16.31
CA THR K 315 4.45 -48.86 15.79
C THR K 315 4.01 -49.21 14.40
N ILE K 316 2.72 -49.50 14.20
CA ILE K 316 2.24 -49.91 12.90
C ILE K 316 2.57 -48.82 11.91
N LYS K 317 2.33 -47.54 12.26
CA LYS K 317 2.56 -46.47 11.32
C LYS K 317 4.03 -46.55 10.85
N SER K 318 4.95 -46.67 11.81
CA SER K 318 6.37 -46.77 11.52
C SER K 318 6.68 -47.99 10.64
N LEU K 319 5.97 -49.09 10.85
CA LEU K 319 6.12 -50.31 10.08
C LEU K 319 5.61 -50.11 8.66
N MET K 320 4.47 -49.46 8.48
CA MET K 320 3.92 -49.25 7.15
C MET K 320 4.88 -48.41 6.34
N LEU K 321 5.33 -47.32 6.93
CA LEU K 321 6.22 -46.47 6.17
C LEU K 321 7.55 -47.20 5.95
N LEU K 322 7.97 -48.04 6.89
CA LEU K 322 9.17 -48.85 6.74
C LEU K 322 8.99 -49.83 5.57
N TYR K 323 7.82 -50.47 5.50
CA TYR K 323 7.49 -51.40 4.44
C TYR K 323 7.61 -50.70 3.09
N ARG K 324 7.07 -49.49 3.01
CA ARG K 324 7.16 -48.65 1.82
C ARG K 324 8.63 -48.39 1.46
N GLU K 325 9.46 -48.12 2.48
CA GLU K 325 10.85 -47.78 2.31
C GLU K 325 11.63 -48.98 1.77
N ILE K 326 11.24 -50.18 2.20
CA ILE K 326 11.95 -51.39 1.77
C ILE K 326 11.70 -51.64 0.29
N GLY K 327 10.47 -51.29 -0.19
CA GLY K 327 10.02 -51.36 -1.57
C GLY K 327 9.84 -52.78 -2.11
N PRO K 328 10.40 -53.18 -3.29
CA PRO K 328 9.98 -54.39 -4.01
C PRO K 328 10.10 -55.67 -3.21
N ARG K 329 11.13 -55.73 -2.36
CA ARG K 329 11.43 -56.96 -1.66
C ARG K 329 10.48 -57.20 -0.52
N ALA K 330 9.71 -56.18 -0.11
CA ALA K 330 8.96 -56.21 1.15
C ALA K 330 8.03 -57.43 1.34
N PRO K 331 7.26 -57.83 0.32
CA PRO K 331 6.36 -58.96 0.47
C PRO K 331 7.04 -60.32 0.55
N TYR K 332 8.35 -60.38 0.42
CA TYR K 332 9.10 -61.62 0.34
C TYR K 332 10.21 -61.69 1.39
N MET K 333 10.08 -60.85 2.44
CA MET K 333 11.27 -60.63 3.25
C MET K 333 11.63 -61.82 4.07
N VAL K 334 10.71 -62.76 4.14
CA VAL K 334 10.93 -63.94 4.99
C VAL K 334 11.71 -64.93 4.15
N LEU K 335 11.33 -65.07 2.91
CA LEU K 335 11.94 -66.04 2.02
C LEU K 335 13.36 -65.58 1.76
N LEU K 336 13.52 -64.34 1.29
CA LEU K 336 14.86 -63.80 1.18
C LEU K 336 15.07 -63.30 2.60
N GLU K 337 15.79 -64.09 3.40
CA GLU K 337 15.91 -63.82 4.83
C GLU K 337 16.54 -62.46 5.09
N GLU K 338 15.78 -61.59 5.75
CA GLU K 338 16.16 -60.21 5.97
C GLU K 338 15.81 -59.88 7.40
N SER K 339 16.83 -59.33 8.07
CA SER K 339 16.84 -59.00 9.47
C SER K 339 15.65 -58.12 9.87
N ILE K 340 15.27 -57.24 8.93
CA ILE K 340 14.23 -56.27 9.21
C ILE K 340 12.92 -56.99 9.59
N GLN K 341 12.74 -58.21 9.10
CA GLN K 341 11.54 -58.99 9.33
C GLN K 341 11.20 -58.95 10.81
N THR K 342 12.24 -59.05 11.63
CA THR K 342 12.04 -59.16 13.07
C THR K 342 11.16 -58.03 13.54
N LYS K 343 11.39 -56.86 12.95
CA LYS K 343 10.76 -55.62 13.39
C LYS K 343 9.28 -55.74 13.15
N PHE K 344 8.96 -56.39 12.02
CA PHE K 344 7.61 -56.61 11.59
C PHE K 344 6.90 -57.63 12.46
N ALA K 345 7.64 -58.51 13.13
CA ALA K 345 7.00 -59.56 13.90
C ALA K 345 6.08 -59.02 15.01
N PRO K 346 4.93 -59.64 15.24
CA PRO K 346 3.91 -59.12 16.16
C PRO K 346 4.29 -58.92 17.63
N GLY K 347 5.43 -59.49 18.06
CA GLY K 347 6.02 -59.13 19.34
C GLY K 347 6.19 -57.63 19.51
N GLY K 348 6.35 -56.93 18.39
CA GLY K 348 6.50 -55.49 18.38
C GLY K 348 5.20 -54.74 18.67
N TYR K 349 4.02 -55.38 18.66
CA TYR K 349 2.74 -54.65 18.84
C TYR K 349 1.67 -55.61 19.36
N PRO K 350 1.94 -56.31 20.43
CA PRO K 350 1.18 -57.49 20.81
C PRO K 350 -0.24 -57.20 21.29
N LEU K 351 -0.52 -55.97 21.79
CA LEU K 351 -1.88 -55.67 22.26
C LEU K 351 -2.81 -55.54 21.07
N LEU K 352 -2.40 -54.74 20.09
CA LEU K 352 -3.11 -54.60 18.83
C LEU K 352 -3.17 -55.93 18.08
N TRP K 353 -2.09 -56.75 18.07
CA TRP K 353 -2.08 -58.04 17.41
C TRP K 353 -3.04 -59.02 18.08
N SER K 354 -3.00 -59.13 19.39
CA SER K 354 -3.92 -60.04 20.08
C SER K 354 -5.37 -59.66 19.82
N PHE K 355 -5.68 -58.38 19.91
CA PHE K 355 -6.99 -57.86 19.55
C PHE K 355 -7.36 -58.15 18.10
N ALA K 356 -6.46 -57.88 17.16
CA ALA K 356 -6.66 -58.15 15.75
C ALA K 356 -6.94 -59.64 15.47
N MET K 357 -6.20 -60.57 16.10
CA MET K 357 -6.44 -62.00 15.97
C MET K 357 -7.82 -62.32 16.54
N GLY K 358 -8.20 -61.68 17.65
CA GLY K 358 -9.53 -61.81 18.24
C GLY K 358 -10.66 -61.44 17.27
N VAL K 359 -10.48 -60.34 16.53
CA VAL K 359 -11.38 -59.98 15.44
C VAL K 359 -11.30 -61.02 14.32
N ALA K 360 -10.09 -61.28 13.80
CA ALA K 360 -9.85 -62.16 12.63
C ALA K 360 -10.52 -63.52 12.79
N THR K 361 -10.28 -64.20 13.91
CA THR K 361 -10.88 -65.52 14.17
C THR K 361 -12.42 -65.46 14.30
N THR K 362 -12.98 -64.32 14.72
CA THR K 362 -14.42 -64.13 14.88
C THR K 362 -15.09 -63.82 13.54
N ILE K 363 -14.36 -63.18 12.61
CA ILE K 363 -14.90 -62.71 11.35
C ILE K 363 -14.71 -63.75 10.25
N ASP K 364 -13.47 -64.21 10.09
CA ASP K 364 -13.01 -64.89 8.89
C ASP K 364 -12.77 -66.38 9.19
N ARG K 365 -13.46 -67.26 8.44
CA ARG K 365 -13.48 -68.71 8.57
C ARG K 365 -12.08 -69.33 8.58
N SER K 366 -11.17 -68.80 7.74
CA SER K 366 -9.86 -69.42 7.59
C SER K 366 -8.89 -68.92 8.67
N MET K 367 -9.13 -67.72 9.22
CA MET K 367 -8.36 -67.27 10.38
C MET K 367 -8.80 -68.09 11.60
N GLY K 368 -7.98 -68.11 12.66
CA GLY K 368 -8.23 -69.03 13.77
C GLY K 368 -7.77 -70.46 13.53
N ALA K 369 -7.73 -70.88 12.27
CA ALA K 369 -6.99 -72.06 11.86
C ALA K 369 -5.48 -71.74 11.72
N LEU K 370 -5.13 -70.44 11.63
CA LEU K 370 -3.72 -70.04 11.71
C LEU K 370 -3.24 -70.05 13.17
N ASN K 371 -2.05 -70.63 13.40
CA ASN K 371 -1.48 -70.94 14.70
C ASN K 371 -1.14 -69.68 15.51
N ILE K 372 -1.94 -69.45 16.58
CA ILE K 372 -1.67 -68.34 17.50
C ILE K 372 -1.18 -68.79 18.88
N ASN K 373 -0.55 -69.95 18.94
CA ASN K 373 0.38 -70.24 20.01
C ASN K 373 1.71 -69.46 19.82
N ARG K 374 1.73 -68.13 20.10
CA ARG K 374 2.95 -67.31 20.25
C ARG K 374 2.97 -66.70 21.67
N GLY K 375 4.17 -66.37 22.15
CA GLY K 375 4.42 -66.08 23.57
C GLY K 375 3.83 -64.78 24.13
N TYR K 376 2.99 -64.03 23.39
CA TYR K 376 2.64 -62.64 23.70
C TYR K 376 1.23 -62.28 23.24
N LEU K 377 0.38 -63.29 23.02
CA LEU K 377 -1.03 -63.06 22.74
C LEU K 377 -1.75 -62.63 24.01
N GLU K 378 -1.95 -61.34 24.23
CA GLU K 378 -2.68 -60.87 25.41
C GLU K 378 -4.16 -61.29 25.35
N PRO K 379 -4.65 -62.19 26.22
CA PRO K 379 -5.96 -62.80 26.01
C PRO K 379 -7.10 -61.83 26.30
N MET K 380 -6.87 -60.80 27.13
CA MET K 380 -7.86 -59.77 27.39
C MET K 380 -8.18 -58.98 26.12
N TYR K 381 -7.11 -58.64 25.39
CA TYR K 381 -7.18 -57.88 24.14
C TYR K 381 -7.74 -58.76 23.00
N PHE K 382 -7.39 -60.04 22.97
CA PHE K 382 -8.00 -60.99 22.07
C PHE K 382 -9.50 -61.13 22.31
N ARG K 383 -9.93 -61.27 23.58
CA ARG K 383 -11.33 -61.30 23.92
C ARG K 383 -12.02 -59.99 23.59
N LEU K 384 -11.35 -58.84 23.71
CA LEU K 384 -11.87 -57.57 23.20
C LEU K 384 -12.03 -57.57 21.67
N GLY K 385 -11.18 -58.27 20.94
CA GLY K 385 -11.34 -58.53 19.52
C GLY K 385 -12.61 -59.34 19.21
N GLN K 386 -12.82 -60.42 19.95
CA GLN K 386 -14.07 -61.17 19.89
C GLN K 386 -15.29 -60.30 20.29
N LYS K 387 -15.21 -59.55 21.39
CA LYS K 387 -16.25 -58.65 21.87
C LYS K 387 -16.61 -57.55 20.86
N SER K 388 -15.62 -57.01 20.13
CA SER K 388 -15.89 -55.99 19.13
C SER K 388 -16.55 -56.61 17.89
N ALA K 389 -16.00 -57.73 17.40
CA ALA K 389 -16.53 -58.40 16.21
C ALA K 389 -17.86 -59.14 16.44
N ARG K 390 -18.18 -59.57 17.67
CA ARG K 390 -19.35 -60.37 18.00
C ARG K 390 -20.27 -59.71 19.03
N HIS K 391 -19.73 -59.23 20.14
CA HIS K 391 -20.56 -58.84 21.29
C HIS K 391 -21.38 -57.57 21.00
N HIS K 392 -20.88 -56.69 20.13
CA HIS K 392 -21.59 -55.49 19.72
C HIS K 392 -22.61 -55.81 18.62
N ALA K 393 -23.52 -56.73 18.95
CA ALA K 393 -24.59 -57.16 18.07
C ALA K 393 -24.05 -57.72 16.75
N GLY K 394 -22.96 -58.53 16.79
CA GLY K 394 -22.32 -59.07 15.59
C GLY K 394 -21.51 -58.03 14.82
N GLY K 395 -20.94 -57.06 15.56
CA GLY K 395 -20.31 -55.88 14.98
C GLY K 395 -21.29 -54.79 14.55
N ILE K 396 -22.58 -55.12 14.38
CA ILE K 396 -23.63 -54.24 13.87
C ILE K 396 -23.81 -52.96 14.69
N ASP K 397 -23.60 -53.04 16.02
CA ASP K 397 -23.61 -51.87 16.88
C ASP K 397 -22.58 -50.83 16.43
N GLN K 398 -21.43 -51.29 15.90
CA GLN K 398 -20.25 -50.49 15.60
C GLN K 398 -20.35 -49.67 14.29
N ASN K 399 -21.45 -49.78 13.52
CA ASN K 399 -21.68 -49.11 12.26
C ASN K 399 -21.45 -47.59 12.32
N MET K 400 -20.80 -46.99 11.30
CA MET K 400 -20.32 -45.61 11.39
C MET K 400 -21.38 -44.59 10.96
N ALA K 401 -22.15 -44.89 9.90
CA ALA K 401 -22.77 -43.83 9.10
C ALA K 401 -24.07 -44.26 8.41
N ASN K 402 -24.98 -43.30 8.19
CA ASN K 402 -26.40 -43.59 7.98
C ASN K 402 -26.76 -43.76 6.51
N ARG K 403 -25.79 -43.72 5.59
CA ARG K 403 -26.02 -43.47 4.18
C ARG K 403 -26.73 -44.62 3.48
N LEU K 404 -26.66 -45.84 4.04
CA LEU K 404 -27.28 -47.04 3.47
C LEU K 404 -28.69 -47.28 4.03
N GLY K 405 -29.45 -46.21 4.29
CA GLY K 405 -30.86 -46.23 4.62
C GLY K 405 -31.15 -46.75 6.03
N LEU K 406 -30.30 -46.40 6.99
CA LEU K 406 -30.26 -46.97 8.33
C LEU K 406 -31.55 -46.75 9.13
N SER K 407 -31.90 -47.76 9.95
CA SER K 407 -33.08 -47.79 10.82
C SER K 407 -32.84 -48.74 12.01
N SER K 408 -33.51 -48.49 13.14
CA SER K 408 -33.43 -49.33 14.34
C SER K 408 -33.76 -50.80 14.05
N ASP K 409 -34.87 -50.98 13.31
CA ASP K 409 -35.40 -52.28 12.92
C ASP K 409 -34.37 -53.05 12.09
N GLN K 410 -33.74 -52.33 11.14
CA GLN K 410 -32.74 -52.85 10.22
C GLN K 410 -31.50 -53.31 11.00
N VAL K 411 -31.08 -52.51 12.00
CA VAL K 411 -29.98 -52.85 12.89
C VAL K 411 -30.28 -54.12 13.67
N ALA K 412 -31.53 -54.26 14.15
CA ALA K 412 -31.96 -55.44 14.89
C ALA K 412 -31.92 -56.69 13.98
N GLU K 413 -32.37 -56.54 12.72
CA GLU K 413 -32.38 -57.61 11.73
C GLU K 413 -30.95 -58.09 11.46
N LEU K 414 -30.01 -57.13 11.34
CA LEU K 414 -28.59 -57.40 11.16
C LEU K 414 -28.03 -58.21 12.32
N ALA K 415 -28.41 -57.83 13.55
CA ALA K 415 -27.99 -58.52 14.76
C ALA K 415 -28.52 -59.95 14.80
N ALA K 416 -29.77 -60.17 14.35
CA ALA K 416 -30.38 -61.50 14.30
C ALA K 416 -29.66 -62.39 13.29
N ALA K 417 -29.37 -61.83 12.11
CA ALA K 417 -28.66 -62.55 11.05
C ALA K 417 -27.22 -62.91 11.47
N VAL K 418 -26.57 -61.98 12.19
CA VAL K 418 -25.25 -62.10 12.79
C VAL K 418 -25.25 -63.14 13.92
N GLN K 419 -26.41 -63.36 14.57
CA GLN K 419 -26.60 -64.26 15.71
C GLN K 419 -25.60 -63.99 16.85
N GLU K 420 -25.31 -62.72 17.09
CA GLU K 420 -24.26 -62.30 18.00
C GLU K 420 -24.60 -60.93 18.64
N ILE L 26 -3.31 -41.39 10.99
CA ILE L 26 -4.62 -42.08 11.31
C ILE L 26 -4.85 -43.28 10.37
N PHE L 27 -6.10 -43.77 10.31
CA PHE L 27 -6.61 -44.78 9.38
C PHE L 27 -6.27 -44.56 7.91
N GLU L 28 -6.10 -43.31 7.46
CA GLU L 28 -5.75 -42.94 6.10
C GLU L 28 -4.50 -43.65 5.60
N GLU L 29 -3.53 -43.80 6.51
CA GLU L 29 -2.28 -44.44 6.14
C GLU L 29 -2.52 -45.91 5.78
N ALA L 30 -3.38 -46.61 6.52
CA ALA L 30 -3.78 -47.98 6.27
C ALA L 30 -4.46 -48.12 4.91
N ALA L 31 -5.43 -47.26 4.61
CA ALA L 31 -6.10 -47.29 3.33
C ALA L 31 -5.09 -47.05 2.18
N SER L 32 -4.16 -46.09 2.37
CA SER L 32 -3.14 -45.83 1.37
C SER L 32 -2.16 -47.00 1.25
N PHE L 33 -1.93 -47.70 2.37
CA PHE L 33 -1.08 -48.86 2.42
C PHE L 33 -1.71 -50.05 1.68
N ARG L 34 -3.01 -50.29 1.84
CA ARG L 34 -3.72 -51.25 1.02
C ARG L 34 -3.53 -50.95 -0.45
N SER L 35 -3.63 -49.66 -0.80
CA SER L 35 -3.41 -49.23 -2.17
C SER L 35 -1.98 -49.53 -2.60
N TYR L 36 -1.05 -49.31 -1.70
CA TYR L 36 0.36 -49.51 -1.96
C TYR L 36 0.63 -50.99 -2.27
N GLN L 37 0.14 -51.88 -1.41
CA GLN L 37 0.24 -53.32 -1.64
C GLN L 37 -0.29 -53.68 -3.03
N SER L 38 -1.45 -53.11 -3.40
CA SER L 38 -2.16 -53.43 -4.63
C SER L 38 -1.36 -53.01 -5.87
N LYS L 39 -0.55 -51.96 -5.72
CA LYS L 39 0.23 -51.43 -6.84
C LYS L 39 1.71 -51.79 -6.76
N LEU L 40 2.14 -52.39 -5.64
CA LEU L 40 3.55 -52.64 -5.34
C LEU L 40 4.18 -53.54 -6.41
N GLY L 41 5.32 -53.10 -6.97
CA GLY L 41 5.92 -53.71 -8.16
C GLY L 41 4.97 -53.41 -9.32
N ARG L 42 4.64 -54.42 -10.15
CA ARG L 42 3.55 -54.30 -11.11
C ARG L 42 3.77 -53.13 -12.07
N ASP L 43 5.06 -52.76 -12.26
CA ASP L 43 5.51 -51.68 -13.13
C ASP L 43 6.86 -52.07 -13.75
N GLY L 44 7.44 -51.17 -14.57
CA GLY L 44 8.74 -51.42 -15.18
C GLY L 44 8.68 -52.46 -16.31
N ARG L 45 9.83 -53.11 -16.57
CA ARG L 45 9.94 -54.16 -17.57
C ARG L 45 10.63 -55.39 -16.98
N ALA L 46 10.07 -56.56 -17.35
CA ALA L 46 10.70 -57.85 -17.13
C ALA L 46 11.91 -58.00 -18.05
N SER L 47 13.00 -58.56 -17.49
CA SER L 47 14.23 -58.83 -18.23
C SER L 47 14.02 -59.88 -19.32
N ALA L 48 14.70 -59.68 -20.45
CA ALA L 48 14.65 -60.59 -21.59
C ALA L 48 15.14 -62.01 -21.24
N ALA L 49 15.88 -62.15 -20.14
CA ALA L 49 16.32 -63.45 -19.62
C ALA L 49 15.13 -64.37 -19.29
N THR L 50 13.96 -63.78 -19.01
CA THR L 50 12.74 -64.52 -18.69
C THR L 50 12.04 -65.12 -19.92
N ALA L 51 12.52 -64.86 -21.14
CA ALA L 51 11.81 -65.18 -22.38
C ALA L 51 11.65 -66.69 -22.58
N THR L 52 10.38 -67.13 -22.73
CA THR L 52 9.97 -68.53 -22.77
C THR L 52 10.32 -69.15 -24.12
N LEU L 53 10.59 -70.47 -24.15
CA LEU L 53 10.70 -71.28 -25.36
C LEU L 53 9.48 -71.05 -26.29
N THR L 54 9.69 -70.50 -27.50
CA THR L 54 8.62 -70.40 -28.47
C THR L 54 8.27 -71.78 -29.04
N THR L 55 6.99 -71.94 -29.44
CA THR L 55 6.49 -73.16 -30.04
C THR L 55 6.32 -72.92 -31.53
N LYS L 56 6.96 -73.75 -32.38
CA LYS L 56 7.01 -73.51 -33.82
C LYS L 56 5.81 -74.12 -34.55
N ILE L 57 4.67 -73.40 -34.50
CA ILE L 57 3.40 -73.83 -35.09
C ILE L 57 3.39 -73.58 -36.61
N ARG L 58 2.67 -74.43 -37.35
CA ARG L 58 2.53 -74.26 -38.80
C ARG L 58 1.10 -73.76 -39.02
N ILE L 59 0.92 -72.58 -39.67
CA ILE L 59 -0.41 -72.02 -39.91
C ILE L 59 -0.65 -71.86 -41.41
N PHE L 60 -1.67 -72.56 -41.89
CA PHE L 60 -2.18 -72.50 -43.24
C PHE L 60 -2.87 -71.15 -43.47
N VAL L 61 -2.67 -70.57 -44.65
CA VAL L 61 -3.33 -69.31 -45.00
C VAL L 61 -3.84 -69.43 -46.46
N PRO L 62 -5.09 -69.03 -46.78
CA PRO L 62 -5.55 -69.03 -48.16
C PRO L 62 -4.91 -67.99 -49.06
N ALA L 63 -4.67 -66.78 -48.53
CA ALA L 63 -3.98 -65.65 -49.15
C ALA L 63 -4.51 -65.23 -50.53
N THR L 64 -5.72 -65.68 -50.89
CA THR L 64 -6.26 -65.63 -52.25
C THR L 64 -7.78 -65.59 -52.20
N ASN L 65 -8.41 -65.01 -53.25
CA ASN L 65 -9.83 -64.66 -53.27
C ASN L 65 -10.74 -65.85 -53.61
N SER L 66 -10.15 -66.97 -54.08
CA SER L 66 -10.89 -68.03 -54.74
C SER L 66 -11.72 -68.83 -53.73
N PRO L 67 -13.07 -68.89 -53.87
CA PRO L 67 -13.90 -69.67 -52.95
C PRO L 67 -13.60 -71.15 -52.91
N GLU L 68 -13.11 -71.73 -54.03
CA GLU L 68 -12.81 -73.16 -54.14
C GLU L 68 -11.83 -73.59 -53.05
N LEU L 69 -10.65 -72.92 -53.03
CA LEU L 69 -9.63 -73.24 -52.06
C LEU L 69 -10.04 -72.83 -50.65
N ARG L 70 -10.77 -71.72 -50.47
CA ARG L 70 -11.17 -71.28 -49.15
C ARG L 70 -12.13 -72.26 -48.50
N TRP L 71 -13.07 -72.82 -49.27
CA TRP L 71 -13.95 -73.82 -48.68
C TRP L 71 -13.25 -75.16 -48.49
N GLU L 72 -12.41 -75.60 -49.44
CA GLU L 72 -11.68 -76.85 -49.23
C GLU L 72 -10.74 -76.76 -48.01
N LEU L 73 -10.06 -75.61 -47.83
CA LEU L 73 -9.21 -75.35 -46.67
C LEU L 73 -10.01 -75.32 -45.38
N THR L 74 -11.24 -74.82 -45.41
CA THR L 74 -12.12 -74.86 -44.24
C THR L 74 -12.42 -76.31 -43.88
N LEU L 75 -12.77 -77.14 -44.87
CA LEU L 75 -13.05 -78.56 -44.66
C LEU L 75 -11.81 -79.29 -44.12
N PHE L 76 -10.65 -79.04 -44.70
CA PHE L 76 -9.39 -79.55 -44.22
C PHE L 76 -9.12 -79.15 -42.78
N ALA L 77 -9.31 -77.88 -42.42
CA ALA L 77 -9.09 -77.39 -41.06
C ALA L 77 -10.06 -78.02 -40.06
N LEU L 78 -11.34 -78.12 -40.44
CA LEU L 78 -12.34 -78.81 -39.63
C LEU L 78 -11.86 -80.24 -39.36
N ASP L 79 -11.32 -80.91 -40.37
CA ASP L 79 -10.86 -82.29 -40.25
C ASP L 79 -9.59 -82.39 -39.42
N VAL L 80 -8.64 -81.47 -39.55
CA VAL L 80 -7.48 -81.46 -38.68
C VAL L 80 -7.92 -81.45 -37.23
N ILE L 81 -8.90 -80.62 -36.88
CA ILE L 81 -9.37 -80.52 -35.50
C ILE L 81 -10.19 -81.76 -35.09
N ARG L 82 -10.83 -82.44 -36.06
CA ARG L 82 -11.60 -83.67 -35.87
C ARG L 82 -10.68 -84.89 -35.66
N SER L 83 -9.42 -84.82 -36.15
CA SER L 83 -8.47 -85.94 -36.16
C SER L 83 -7.99 -86.32 -34.75
N PRO L 84 -7.89 -87.63 -34.44
CA PRO L 84 -7.23 -88.09 -33.22
C PRO L 84 -5.70 -88.12 -33.33
N SER L 85 -5.14 -88.06 -34.55
CA SER L 85 -3.72 -88.25 -34.79
C SER L 85 -2.95 -86.93 -34.97
N ALA L 86 -3.67 -85.81 -35.14
CA ALA L 86 -3.03 -84.51 -35.32
C ALA L 86 -2.31 -84.02 -34.05
N ALA L 87 -1.15 -83.36 -34.28
CA ALA L 87 -0.32 -82.66 -33.29
C ALA L 87 -1.02 -81.37 -32.84
N GLU L 88 -0.88 -80.97 -31.55
CA GLU L 88 -1.48 -79.73 -31.06
C GLU L 88 -0.89 -78.51 -31.77
N SER L 89 0.38 -78.61 -32.20
CA SER L 89 1.07 -77.60 -33.00
C SER L 89 0.39 -77.38 -34.37
N MET L 90 -0.17 -78.44 -34.94
CA MET L 90 -0.98 -78.38 -36.15
C MET L 90 -2.35 -77.80 -35.82
N LYS L 91 -2.97 -78.28 -34.75
CA LYS L 91 -4.34 -77.92 -34.38
C LYS L 91 -4.50 -76.44 -34.05
N VAL L 92 -3.56 -75.84 -33.33
CA VAL L 92 -3.67 -74.40 -33.08
C VAL L 92 -3.56 -73.63 -34.41
N GLY L 93 -2.67 -74.05 -35.33
CA GLY L 93 -2.54 -73.41 -36.64
C GLY L 93 -3.79 -73.61 -37.51
N ALA L 94 -4.44 -74.77 -37.41
CA ALA L 94 -5.76 -75.03 -37.97
C ALA L 94 -6.81 -74.07 -37.39
N ALA L 95 -6.87 -73.90 -36.06
CA ALA L 95 -7.81 -72.97 -35.44
C ALA L 95 -7.57 -71.53 -35.87
N PHE L 96 -6.30 -71.13 -36.05
CA PHE L 96 -5.83 -69.82 -36.50
C PHE L 96 -6.27 -69.58 -37.94
N THR L 97 -6.22 -70.59 -38.82
CA THR L 97 -6.75 -70.37 -40.14
C THR L 97 -8.26 -70.26 -40.10
N LEU L 98 -8.88 -71.16 -39.33
CA LEU L 98 -10.33 -71.36 -39.33
C LEU L 98 -11.09 -70.12 -38.82
N ILE L 99 -10.58 -69.42 -37.78
CA ILE L 99 -11.12 -68.12 -37.34
C ILE L 99 -10.46 -66.90 -38.00
N SER L 100 -9.99 -67.05 -39.25
CA SER L 100 -9.37 -65.95 -39.98
C SER L 100 -9.89 -65.87 -41.43
N MET L 101 -10.74 -66.81 -41.86
CA MET L 101 -11.32 -66.84 -43.20
C MET L 101 -12.21 -65.63 -43.52
N TYR L 102 -12.67 -64.88 -42.50
CA TYR L 102 -13.24 -63.53 -42.58
C TYR L 102 -12.48 -62.61 -43.54
N SER L 103 -11.16 -62.55 -43.33
CA SER L 103 -10.33 -61.44 -43.75
C SER L 103 -10.07 -61.51 -45.25
N GLU L 104 -9.94 -60.32 -45.84
CA GLU L 104 -9.38 -60.22 -47.18
C GLU L 104 -7.92 -60.70 -47.20
N ARG L 105 -7.20 -60.52 -46.08
CA ARG L 105 -5.80 -60.90 -45.92
C ARG L 105 -5.62 -61.69 -44.61
N PRO L 106 -6.03 -62.97 -44.53
CA PRO L 106 -5.96 -63.74 -43.29
C PRO L 106 -4.57 -63.83 -42.64
N GLY L 107 -3.54 -63.79 -43.48
CA GLY L 107 -2.15 -63.80 -43.06
C GLY L 107 -1.77 -62.53 -42.29
N ALA L 108 -2.23 -61.38 -42.80
CA ALA L 108 -2.06 -60.09 -42.17
C ALA L 108 -2.78 -60.04 -40.83
N LEU L 109 -4.00 -60.58 -40.78
CA LEU L 109 -4.80 -60.60 -39.55
C LEU L 109 -4.10 -61.37 -38.43
N ILE L 110 -3.61 -62.57 -38.73
CA ILE L 110 -2.85 -63.30 -37.73
C ILE L 110 -1.55 -62.56 -37.35
N ARG L 111 -0.70 -62.19 -38.32
CA ARG L 111 0.61 -61.65 -37.97
C ARG L 111 0.51 -60.31 -37.21
N SER L 112 -0.52 -59.50 -37.48
CA SER L 112 -0.68 -58.19 -36.84
C SER L 112 -1.33 -58.24 -35.46
N LEU L 113 -2.15 -59.28 -35.21
CA LEU L 113 -2.80 -59.44 -33.92
C LEU L 113 -2.32 -60.71 -33.20
N LEU L 114 -1.12 -61.21 -33.52
CA LEU L 114 -0.54 -62.35 -32.83
C LEU L 114 -0.29 -62.03 -31.36
N ASN L 115 0.59 -61.05 -31.12
CA ASN L 115 1.05 -60.62 -29.79
C ASN L 115 1.28 -61.78 -28.80
N ASP L 116 2.08 -62.82 -29.16
CA ASP L 116 2.20 -64.03 -28.32
C ASP L 116 3.64 -64.55 -28.27
N PRO L 117 4.36 -64.44 -27.12
CA PRO L 117 5.70 -64.99 -26.99
C PRO L 117 5.80 -66.50 -26.83
N ASP L 118 4.66 -67.16 -26.58
CA ASP L 118 4.62 -68.61 -26.58
C ASP L 118 4.84 -69.18 -27.97
N ILE L 119 4.71 -68.37 -29.03
CA ILE L 119 4.53 -68.85 -30.40
C ILE L 119 5.56 -68.27 -31.36
N GLU L 120 6.05 -69.16 -32.23
CA GLU L 120 6.68 -68.82 -33.49
C GLU L 120 5.80 -69.42 -34.58
N ALA L 121 5.37 -68.62 -35.58
CA ALA L 121 4.45 -69.15 -36.59
C ALA L 121 5.13 -69.23 -37.95
N VAL L 122 5.22 -70.44 -38.54
CA VAL L 122 5.51 -70.46 -39.96
C VAL L 122 4.19 -70.28 -40.71
N ILE L 123 4.10 -69.18 -41.47
CA ILE L 123 2.87 -68.73 -42.12
C ILE L 123 2.95 -69.19 -43.59
N ILE L 124 1.99 -70.04 -44.03
CA ILE L 124 2.12 -70.64 -45.35
C ILE L 124 0.86 -70.39 -46.17
N ASP L 125 1.00 -69.60 -47.24
CA ASP L 125 0.05 -69.57 -48.35
C ASP L 125 -0.09 -70.99 -48.93
N VAL L 126 -1.31 -71.56 -48.83
CA VAL L 126 -1.60 -72.91 -49.28
C VAL L 126 -1.57 -73.02 -50.81
N GLY L 127 -1.65 -71.89 -51.54
CA GLY L 127 -1.76 -71.86 -53.00
C GLY L 127 -3.01 -72.59 -53.52
N SER L 128 -2.87 -73.24 -54.67
CA SER L 128 -3.88 -74.18 -55.15
C SER L 128 -4.01 -75.37 -54.19
N MET L 129 -5.25 -75.83 -53.96
CA MET L 129 -5.50 -76.89 -53.00
C MET L 129 -5.23 -78.24 -53.67
N VAL L 130 -3.94 -78.64 -53.77
CA VAL L 130 -3.46 -79.58 -54.79
C VAL L 130 -4.11 -80.97 -54.73
N ASN L 131 -4.26 -81.52 -53.51
CA ASN L 131 -4.80 -82.86 -53.28
C ASN L 131 -6.25 -82.80 -52.82
N GLY L 132 -6.97 -83.93 -52.94
CA GLY L 132 -8.43 -84.04 -52.83
C GLY L 132 -9.05 -83.47 -51.54
N ILE L 133 -8.29 -83.58 -50.43
CA ILE L 133 -8.54 -82.89 -49.16
C ILE L 133 -7.27 -82.17 -48.67
N PRO L 134 -6.06 -82.78 -48.72
CA PRO L 134 -4.84 -82.12 -48.22
C PRO L 134 -4.38 -80.89 -49.00
N VAL L 135 -3.92 -79.91 -48.23
CA VAL L 135 -3.05 -78.84 -48.74
C VAL L 135 -1.75 -79.44 -49.30
N MET L 136 -1.19 -78.81 -50.34
CA MET L 136 0.24 -78.93 -50.62
C MET L 136 0.93 -77.65 -50.19
N GLU L 137 2.01 -77.77 -49.40
CA GLU L 137 2.79 -76.65 -48.88
C GLU L 137 3.37 -75.83 -50.04
N ARG L 138 3.61 -74.52 -49.87
CA ARG L 138 4.14 -73.68 -50.94
C ARG L 138 5.50 -74.15 -51.49
N ARG L 139 6.32 -74.79 -50.65
CA ARG L 139 7.59 -75.37 -51.06
C ARG L 139 7.47 -76.80 -51.61
N GLY L 140 6.25 -77.32 -51.78
CA GLY L 140 6.03 -78.71 -52.19
C GLY L 140 6.23 -79.68 -51.02
N ASP L 141 7.29 -80.49 -51.08
CA ASP L 141 7.75 -81.25 -49.92
C ASP L 141 9.26 -81.49 -50.00
N LYS L 142 9.90 -81.70 -48.84
CA LYS L 142 11.24 -82.27 -48.79
C LYS L 142 11.15 -83.79 -49.03
N ALA L 143 10.15 -84.44 -48.41
CA ALA L 143 9.70 -85.80 -48.70
C ALA L 143 8.17 -85.84 -48.63
N GLN L 144 7.55 -86.73 -49.43
CA GLN L 144 6.09 -86.84 -49.46
C GLN L 144 5.51 -87.37 -48.15
N GLU L 145 6.38 -87.90 -47.26
CA GLU L 145 6.08 -88.28 -45.88
C GLU L 145 5.43 -87.12 -45.10
N GLU L 146 5.79 -85.87 -45.45
CA GLU L 146 5.23 -84.67 -44.84
C GLU L 146 3.74 -84.55 -45.18
N MET L 147 3.44 -84.63 -46.48
CA MET L 147 2.08 -84.56 -47.00
C MET L 147 1.27 -85.76 -46.50
N GLU L 148 1.90 -86.92 -46.40
CA GLU L 148 1.29 -88.11 -45.82
C GLU L 148 0.94 -87.92 -44.34
N GLY L 149 1.62 -87.02 -43.59
CA GLY L 149 1.17 -86.62 -42.27
C GLY L 149 -0.25 -86.08 -42.29
N LEU L 150 -0.48 -85.11 -43.18
CA LEU L 150 -1.79 -84.51 -43.38
C LEU L 150 -2.78 -85.55 -43.87
N MET L 151 -2.38 -86.41 -44.82
CA MET L 151 -3.27 -87.46 -45.31
C MET L 151 -3.73 -88.40 -44.17
N ARG L 152 -2.79 -88.83 -43.31
CA ARG L 152 -3.10 -89.67 -42.15
C ARG L 152 -4.04 -88.94 -41.19
N ILE L 153 -3.77 -87.66 -40.96
CA ILE L 153 -4.61 -86.81 -40.11
C ILE L 153 -6.05 -86.81 -40.61
N LEU L 154 -6.24 -86.57 -41.92
CA LEU L 154 -7.57 -86.44 -42.53
C LEU L 154 -8.30 -87.78 -42.62
N LYS L 155 -7.56 -88.85 -42.93
CA LYS L 155 -8.10 -90.21 -42.90
C LYS L 155 -8.60 -90.55 -41.51
N THR L 156 -7.72 -90.40 -40.51
CA THR L 156 -8.07 -90.74 -39.14
C THR L 156 -9.22 -89.88 -38.63
N ALA L 157 -9.36 -88.64 -39.09
CA ALA L 157 -10.55 -87.84 -38.82
C ALA L 157 -11.84 -88.56 -39.25
N ARG L 158 -11.93 -88.96 -40.54
CA ARG L 158 -13.05 -89.71 -41.08
C ARG L 158 -13.29 -91.02 -40.32
N ASP L 159 -12.22 -91.81 -40.14
CA ASP L 159 -12.41 -93.15 -39.60
C ASP L 159 -12.76 -93.16 -38.10
N SER L 160 -12.22 -92.21 -37.32
CA SER L 160 -12.54 -92.10 -35.91
C SER L 160 -13.97 -91.59 -35.71
N SER L 161 -14.43 -90.74 -36.63
CA SER L 161 -15.79 -90.24 -36.64
C SER L 161 -16.80 -91.29 -37.11
N LYS L 162 -16.30 -92.43 -37.61
CA LYS L 162 -17.15 -93.52 -38.09
C LYS L 162 -17.96 -93.02 -39.29
N GLY L 163 -17.30 -92.23 -40.16
CA GLY L 163 -17.86 -91.77 -41.42
C GLY L 163 -18.95 -90.69 -41.26
N LYS L 164 -18.96 -90.01 -40.11
CA LYS L 164 -19.85 -88.89 -39.87
C LYS L 164 -19.07 -87.60 -40.07
N THR L 165 -19.57 -86.71 -40.93
CA THR L 165 -18.88 -85.47 -41.26
C THR L 165 -19.00 -84.49 -40.09
N PRO L 166 -18.25 -83.36 -40.07
CA PRO L 166 -18.36 -82.39 -38.98
C PRO L 166 -19.76 -81.80 -38.87
N PHE L 167 -20.44 -81.61 -40.01
CA PHE L 167 -21.78 -81.04 -40.13
C PHE L 167 -22.90 -82.02 -39.78
N VAL L 168 -24.04 -81.48 -39.35
CA VAL L 168 -25.24 -82.24 -39.07
C VAL L 168 -25.88 -82.81 -40.35
N ASP L 169 -25.73 -82.10 -41.48
CA ASP L 169 -26.03 -82.64 -42.80
C ASP L 169 -24.75 -82.78 -43.63
N SER L 170 -24.45 -84.02 -44.02
CA SER L 170 -23.24 -84.38 -44.76
C SER L 170 -23.15 -83.69 -46.12
N ARG L 171 -24.30 -83.28 -46.68
CA ARG L 171 -24.28 -82.57 -47.96
C ARG L 171 -23.50 -81.27 -47.87
N ALA L 172 -23.46 -80.64 -46.69
CA ALA L 172 -22.63 -79.46 -46.46
C ALA L 172 -21.14 -79.78 -46.65
N TYR L 173 -20.72 -80.97 -46.18
CA TYR L 173 -19.37 -81.51 -46.36
C TYR L 173 -19.11 -81.85 -47.83
N GLY L 174 -20.13 -82.41 -48.49
CA GLY L 174 -20.05 -82.78 -49.89
C GLY L 174 -19.89 -81.60 -50.85
N LEU L 175 -20.61 -80.50 -50.58
CA LEU L 175 -20.74 -79.35 -51.48
C LEU L 175 -19.41 -78.60 -51.63
N ARG L 176 -18.95 -78.44 -52.88
CA ARG L 176 -17.79 -77.63 -53.19
C ARG L 176 -18.28 -76.28 -53.70
N ILE L 177 -18.19 -75.28 -52.83
CA ILE L 177 -18.61 -73.91 -53.06
C ILE L 177 -17.77 -73.24 -54.15
N THR L 178 -18.45 -72.43 -54.98
CA THR L 178 -17.87 -71.78 -56.15
C THR L 178 -17.97 -70.25 -56.13
N ASP L 179 -18.79 -69.66 -55.22
CA ASP L 179 -19.07 -68.23 -55.22
C ASP L 179 -18.90 -67.63 -53.82
N MET L 180 -18.53 -66.34 -53.76
CA MET L 180 -18.21 -65.65 -52.52
C MET L 180 -19.42 -65.61 -51.59
N SER L 181 -20.64 -65.47 -52.12
CA SER L 181 -21.81 -65.28 -51.27
C SER L 181 -22.12 -66.53 -50.46
N THR L 182 -22.07 -67.71 -51.09
CA THR L 182 -22.28 -68.95 -50.36
C THR L 182 -21.08 -69.27 -49.47
N LEU L 183 -19.86 -68.89 -49.90
CA LEU L 183 -18.67 -69.04 -49.06
C LEU L 183 -18.84 -68.29 -47.75
N VAL L 184 -19.10 -66.96 -47.79
CA VAL L 184 -19.21 -66.19 -46.57
C VAL L 184 -20.42 -66.64 -45.75
N SER L 185 -21.52 -67.04 -46.38
CA SER L 185 -22.63 -67.66 -45.65
C SER L 185 -22.16 -68.85 -44.80
N ALA L 186 -21.37 -69.75 -45.43
CA ALA L 186 -20.75 -70.88 -44.77
C ALA L 186 -19.72 -70.50 -43.68
N VAL L 187 -18.70 -69.72 -44.06
CA VAL L 187 -17.60 -69.30 -43.19
C VAL L 187 -18.12 -68.57 -41.96
N ILE L 188 -19.00 -67.57 -42.11
CA ILE L 188 -19.49 -66.86 -40.95
C ILE L 188 -20.32 -67.79 -40.06
N THR L 189 -20.88 -68.87 -40.61
CA THR L 189 -21.68 -69.78 -39.81
C THR L 189 -20.78 -70.73 -39.01
N ILE L 190 -19.70 -71.22 -39.61
CA ILE L 190 -18.76 -72.04 -38.85
C ILE L 190 -18.01 -71.16 -37.84
N GLU L 191 -17.56 -69.96 -38.21
CA GLU L 191 -16.87 -69.07 -37.28
C GLU L 191 -17.74 -68.73 -36.09
N ALA L 192 -18.99 -68.37 -36.33
CA ALA L 192 -19.93 -68.14 -35.24
C ALA L 192 -19.99 -69.35 -34.31
N GLN L 193 -19.94 -70.55 -34.86
CA GLN L 193 -19.96 -71.79 -34.10
C GLN L 193 -18.70 -72.00 -33.26
N ILE L 194 -17.56 -71.42 -33.64
CA ILE L 194 -16.37 -71.41 -32.80
C ILE L 194 -16.58 -70.39 -31.69
N TRP L 195 -17.01 -69.19 -32.04
CA TRP L 195 -17.03 -68.07 -31.13
C TRP L 195 -18.18 -68.24 -30.13
N ILE L 196 -19.23 -69.05 -30.37
CA ILE L 196 -20.19 -69.35 -29.28
C ILE L 196 -19.52 -70.09 -28.12
N LEU L 197 -18.39 -70.76 -28.41
CA LEU L 197 -17.71 -71.61 -27.45
C LEU L 197 -16.87 -70.77 -26.48
N ILE L 198 -16.09 -69.82 -27.01
CA ILE L 198 -15.10 -69.02 -26.29
C ILE L 198 -15.67 -68.41 -24.98
N ALA L 199 -16.94 -68.07 -24.95
CA ALA L 199 -17.60 -67.50 -23.77
C ALA L 199 -17.58 -68.41 -22.55
N LYS L 200 -17.50 -69.73 -22.81
CA LYS L 200 -17.43 -70.69 -21.71
C LYS L 200 -16.29 -71.72 -21.81
N ALA L 201 -15.46 -71.65 -22.85
CA ALA L 201 -14.37 -72.60 -23.10
C ALA L 201 -13.42 -72.69 -21.92
N VAL L 202 -13.24 -71.56 -21.21
CA VAL L 202 -12.32 -71.54 -20.10
C VAL L 202 -13.05 -71.75 -18.77
N THR L 203 -14.25 -71.19 -18.66
CA THR L 203 -14.93 -71.15 -17.38
C THR L 203 -15.76 -72.40 -17.07
N ALA L 204 -16.39 -73.00 -18.08
CA ALA L 204 -17.13 -74.27 -17.96
C ALA L 204 -17.27 -74.90 -19.36
N PRO L 205 -16.16 -75.45 -19.90
CA PRO L 205 -16.21 -76.18 -21.17
C PRO L 205 -17.05 -77.44 -21.08
N ASP L 206 -17.29 -77.98 -19.89
CA ASP L 206 -18.34 -78.96 -19.70
C ASP L 206 -19.61 -78.18 -19.35
N THR L 207 -20.79 -78.60 -19.86
CA THR L 207 -22.07 -77.91 -19.67
C THR L 207 -22.22 -76.61 -20.49
N ALA L 208 -21.27 -76.34 -21.40
CA ALA L 208 -21.38 -75.21 -22.32
C ALA L 208 -22.59 -75.32 -23.28
N GLU L 209 -23.02 -76.55 -23.60
CA GLU L 209 -24.03 -76.83 -24.61
C GLU L 209 -25.31 -76.04 -24.39
N GLU L 210 -25.77 -75.90 -23.14
CA GLU L 210 -27.00 -75.16 -22.85
C GLU L 210 -26.95 -73.75 -23.45
N SER L 211 -25.85 -73.07 -23.18
CA SER L 211 -25.69 -71.70 -23.59
C SER L 211 -25.38 -71.65 -25.07
N GLU L 212 -24.41 -72.44 -25.55
CA GLU L 212 -23.95 -72.30 -26.91
C GLU L 212 -25.06 -72.69 -27.91
N THR L 213 -25.90 -73.67 -27.60
CA THR L 213 -27.04 -74.02 -28.45
C THR L 213 -28.12 -72.95 -28.41
N ARG L 214 -28.43 -72.43 -27.22
CA ARG L 214 -29.44 -71.39 -27.03
C ARG L 214 -29.05 -70.14 -27.85
N ARG L 215 -27.78 -69.77 -27.74
CA ARG L 215 -27.23 -68.58 -28.37
C ARG L 215 -26.99 -68.83 -29.85
N TRP L 216 -26.84 -70.07 -30.27
CA TRP L 216 -26.83 -70.42 -31.69
C TRP L 216 -28.21 -70.28 -32.31
N ALA L 217 -29.21 -70.76 -31.60
CA ALA L 217 -30.62 -70.60 -31.97
C ALA L 217 -31.00 -69.14 -32.27
N LYS L 218 -30.60 -68.22 -31.40
CA LYS L 218 -30.64 -66.79 -31.66
C LYS L 218 -30.12 -66.39 -33.05
N TYR L 219 -28.87 -66.71 -33.41
CA TYR L 219 -28.30 -66.22 -34.64
C TYR L 219 -28.96 -66.80 -35.91
N VAL L 220 -29.51 -68.01 -35.84
CA VAL L 220 -30.27 -68.58 -36.95
C VAL L 220 -31.68 -67.99 -37.03
N GLN L 221 -32.33 -67.78 -35.88
CA GLN L 221 -33.64 -67.16 -35.85
C GLN L 221 -33.58 -65.75 -36.44
N GLN L 222 -32.51 -65.02 -36.15
CA GLN L 222 -32.26 -63.72 -36.76
C GLN L 222 -31.64 -63.80 -38.14
N LYS L 223 -31.45 -65.02 -38.67
CA LYS L 223 -30.96 -65.24 -40.03
C LYS L 223 -29.59 -64.61 -40.34
N ARG L 224 -28.74 -64.48 -39.32
CA ARG L 224 -27.36 -64.09 -39.51
C ARG L 224 -26.49 -65.27 -39.94
N VAL L 225 -26.91 -66.51 -39.61
CA VAL L 225 -26.11 -67.68 -39.94
C VAL L 225 -27.00 -68.70 -40.64
N ASN L 226 -26.40 -69.41 -41.62
CA ASN L 226 -27.09 -70.34 -42.49
C ASN L 226 -27.08 -71.76 -41.93
N PRO L 227 -28.22 -72.30 -41.38
CA PRO L 227 -28.19 -73.48 -40.52
C PRO L 227 -27.84 -74.78 -41.27
N PHE L 228 -27.78 -74.72 -42.62
CA PHE L 228 -27.26 -75.81 -43.41
C PHE L 228 -25.85 -76.18 -42.97
N PHE L 229 -25.09 -75.20 -42.52
CA PHE L 229 -23.74 -75.41 -42.04
C PHE L 229 -23.63 -75.65 -40.52
N ALA L 230 -24.69 -76.14 -39.87
CA ALA L 230 -24.58 -76.51 -38.45
C ALA L 230 -23.58 -77.64 -38.23
N LEU L 231 -22.73 -77.50 -37.20
CA LEU L 231 -21.75 -78.50 -36.83
C LEU L 231 -22.29 -79.35 -35.66
N THR L 232 -21.92 -80.64 -35.71
CA THR L 232 -22.35 -81.65 -34.74
C THR L 232 -21.66 -81.39 -33.40
N GLN L 233 -22.33 -81.79 -32.31
CA GLN L 233 -21.76 -81.64 -30.98
C GLN L 233 -20.41 -82.30 -30.81
N GLN L 234 -20.15 -83.40 -31.56
CA GLN L 234 -18.84 -84.05 -31.63
C GLN L 234 -17.74 -83.04 -32.02
N TRP L 235 -17.95 -82.39 -33.17
CA TRP L 235 -16.99 -81.43 -33.69
C TRP L 235 -16.85 -80.21 -32.78
N LEU L 236 -17.99 -79.69 -32.33
CA LEU L 236 -18.01 -78.58 -31.40
C LEU L 236 -17.18 -78.89 -30.15
N THR L 237 -17.32 -80.09 -29.57
CA THR L 237 -16.60 -80.45 -28.36
C THR L 237 -15.10 -80.58 -28.63
N GLU L 238 -14.71 -81.14 -29.77
CA GLU L 238 -13.30 -81.24 -30.15
C GLU L 238 -12.66 -79.86 -30.31
N MET L 239 -13.40 -78.92 -30.87
CA MET L 239 -12.91 -77.55 -30.93
C MET L 239 -12.97 -76.82 -29.59
N ARG L 240 -14.03 -77.02 -28.79
CA ARG L 240 -14.10 -76.43 -27.46
C ARG L 240 -12.93 -76.89 -26.59
N ASN L 241 -12.55 -78.17 -26.69
CA ASN L 241 -11.42 -78.67 -25.95
C ASN L 241 -10.11 -78.06 -26.44
N LEU L 242 -9.93 -77.89 -27.77
CA LEU L 242 -8.77 -77.14 -28.24
C LEU L 242 -8.67 -75.71 -27.68
N LEU L 243 -9.80 -75.02 -27.57
CA LEU L 243 -9.84 -73.69 -26.94
C LEU L 243 -9.50 -73.73 -25.44
N SER L 244 -10.04 -74.71 -24.69
CA SER L 244 -9.70 -74.89 -23.28
C SER L 244 -8.20 -75.13 -23.07
N GLN L 245 -7.58 -75.92 -23.93
CA GLN L 245 -6.25 -76.41 -23.69
C GLN L 245 -5.17 -75.48 -24.26
N SER L 246 -5.52 -74.60 -25.21
CA SER L 246 -4.51 -73.69 -25.75
C SER L 246 -4.79 -72.25 -25.31
N LEU L 247 -3.76 -71.65 -24.68
CA LEU L 247 -3.77 -70.23 -24.42
C LEU L 247 -3.48 -69.45 -25.70
N SER L 248 -2.64 -70.01 -26.61
CA SER L 248 -2.33 -69.33 -27.86
C SER L 248 -3.57 -69.00 -28.69
N VAL L 249 -4.53 -69.93 -28.74
CA VAL L 249 -5.77 -69.62 -29.47
C VAL L 249 -6.56 -68.51 -28.77
N ARG L 250 -6.73 -68.59 -27.45
CA ARG L 250 -7.47 -67.57 -26.72
C ARG L 250 -6.80 -66.21 -26.79
N LYS L 251 -5.46 -66.17 -26.83
CA LYS L 251 -4.72 -64.95 -27.02
C LYS L 251 -5.02 -64.34 -28.37
N PHE L 252 -5.06 -65.12 -29.45
CA PHE L 252 -5.48 -64.56 -30.73
C PHE L 252 -6.93 -64.08 -30.71
N MET L 253 -7.83 -64.91 -30.20
CA MET L 253 -9.23 -64.53 -30.14
C MET L 253 -9.46 -63.25 -29.35
N VAL L 254 -8.93 -63.12 -28.14
CA VAL L 254 -9.16 -61.92 -27.37
C VAL L 254 -8.45 -60.71 -27.97
N GLU L 255 -7.30 -60.92 -28.64
CA GLU L 255 -6.64 -59.82 -29.35
C GLU L 255 -7.56 -59.25 -30.43
N ILE L 256 -8.12 -60.12 -31.27
CA ILE L 256 -9.02 -59.67 -32.32
C ILE L 256 -10.36 -59.23 -31.78
N LEU L 257 -10.81 -59.80 -30.67
CA LEU L 257 -12.06 -59.37 -30.04
C LEU L 257 -11.98 -57.94 -29.53
N ILE L 258 -10.87 -57.57 -28.89
CA ILE L 258 -10.65 -56.20 -28.48
C ILE L 258 -10.48 -55.31 -29.72
N GLU L 259 -9.79 -55.77 -30.76
CA GLU L 259 -9.58 -55.02 -31.99
C GLU L 259 -10.88 -54.65 -32.72
N VAL L 260 -11.86 -55.56 -32.73
CA VAL L 260 -13.15 -55.28 -33.37
C VAL L 260 -14.14 -54.60 -32.43
N LYS L 261 -13.90 -54.62 -31.11
CA LYS L 261 -14.72 -53.91 -30.13
C LYS L 261 -14.58 -52.38 -30.25
N LYS L 262 -13.49 -51.92 -30.91
CA LYS L 262 -13.27 -50.51 -31.26
C LYS L 262 -14.43 -49.94 -32.09
N GLY L 263 -14.80 -48.68 -31.82
CA GLY L 263 -15.95 -48.06 -32.48
C GLY L 263 -15.56 -47.36 -33.80
N GLY L 264 -16.34 -46.33 -34.14
CA GLY L 264 -15.99 -45.30 -35.10
C GLY L 264 -15.67 -45.82 -36.50
N SER L 265 -16.16 -47.04 -36.81
CA SER L 265 -15.89 -47.74 -38.05
C SER L 265 -17.12 -48.51 -38.51
N ALA L 266 -17.24 -48.67 -39.84
CA ALA L 266 -18.20 -49.57 -40.44
C ALA L 266 -17.82 -51.03 -40.19
N LYS L 267 -18.85 -51.86 -39.94
CA LYS L 267 -18.64 -53.26 -39.69
C LYS L 267 -19.30 -54.15 -40.75
N GLY L 268 -18.56 -55.16 -41.22
CA GLY L 268 -19.14 -56.24 -42.02
C GLY L 268 -19.89 -57.25 -41.14
N ARG L 269 -20.85 -57.99 -41.71
CA ARG L 269 -21.71 -58.91 -40.96
C ARG L 269 -20.89 -59.88 -40.11
N ALA L 270 -19.76 -60.29 -40.69
CA ALA L 270 -18.82 -61.21 -40.07
C ALA L 270 -18.31 -60.67 -38.71
N VAL L 271 -17.68 -59.49 -38.71
CA VAL L 271 -17.16 -58.95 -37.45
C VAL L 271 -18.26 -58.45 -36.55
N GLU L 272 -19.43 -58.11 -37.10
CA GLU L 272 -20.58 -57.71 -36.32
C GLU L 272 -20.97 -58.87 -35.41
N ILE L 273 -21.08 -60.09 -35.98
CA ILE L 273 -21.49 -61.21 -35.16
C ILE L 273 -20.45 -61.54 -34.10
N ILE L 274 -19.15 -61.42 -34.42
CA ILE L 274 -18.11 -61.56 -33.41
C ILE L 274 -18.26 -60.57 -32.27
N SER L 275 -18.48 -59.30 -32.60
CA SER L 275 -18.62 -58.26 -31.61
C SER L 275 -19.86 -58.56 -30.75
N ASP L 276 -20.92 -59.09 -31.36
CA ASP L 276 -22.17 -59.41 -30.71
C ASP L 276 -21.96 -60.52 -29.70
N ILE L 277 -21.23 -61.56 -30.12
CA ILE L 277 -20.75 -62.63 -29.27
C ILE L 277 -19.92 -62.09 -28.10
N GLY L 278 -19.10 -61.08 -28.38
CA GLY L 278 -18.29 -60.40 -27.39
C GLY L 278 -19.08 -60.07 -26.13
N ASN L 279 -20.36 -59.70 -26.24
CA ASN L 279 -21.17 -59.28 -25.10
C ASN L 279 -21.46 -60.42 -24.11
N TYR L 280 -21.16 -61.64 -24.55
CA TYR L 280 -21.29 -62.85 -23.74
C TYR L 280 -19.91 -63.29 -23.21
N VAL L 281 -18.85 -62.91 -23.95
CA VAL L 281 -17.45 -63.23 -23.65
C VAL L 281 -16.93 -62.30 -22.56
N GLU L 282 -17.35 -61.03 -22.54
CA GLU L 282 -16.98 -60.07 -21.50
C GLU L 282 -17.46 -60.49 -20.10
N GLU L 283 -16.62 -60.16 -19.11
CA GLU L 283 -16.81 -60.44 -17.68
C GLU L 283 -16.87 -61.94 -17.37
N THR L 284 -16.55 -62.78 -18.37
CA THR L 284 -16.48 -64.22 -18.16
C THR L 284 -15.36 -64.55 -17.19
N GLY L 285 -15.71 -65.49 -16.30
CA GLY L 285 -14.78 -65.94 -15.30
C GLY L 285 -14.63 -64.95 -14.17
N MET L 286 -15.47 -63.91 -14.11
CA MET L 286 -15.41 -62.97 -13.01
C MET L 286 -16.76 -62.78 -12.35
N ALA L 287 -17.64 -63.80 -12.42
CA ALA L 287 -19.04 -63.71 -11.99
C ALA L 287 -19.18 -63.10 -10.58
N GLY L 288 -18.44 -63.71 -9.67
CA GLY L 288 -18.42 -63.25 -8.30
C GLY L 288 -17.96 -61.80 -8.10
N PHE L 289 -16.94 -61.29 -8.80
CA PHE L 289 -16.50 -59.90 -8.70
C PHE L 289 -17.62 -58.93 -9.04
N PHE L 290 -18.13 -59.00 -10.26
CA PHE L 290 -19.17 -58.09 -10.70
C PHE L 290 -20.44 -58.35 -9.93
N ALA L 291 -20.70 -59.57 -9.46
CA ALA L 291 -21.86 -59.82 -8.63
C ALA L 291 -21.76 -59.12 -7.27
N THR L 292 -20.57 -58.91 -6.74
CA THR L 292 -20.46 -58.09 -5.53
C THR L 292 -20.78 -56.62 -5.81
N ILE L 293 -20.57 -56.17 -7.03
CA ILE L 293 -20.86 -54.81 -7.41
C ILE L 293 -22.37 -54.67 -7.62
N ARG L 294 -22.94 -55.49 -8.49
CA ARG L 294 -24.30 -55.33 -8.91
C ARG L 294 -25.24 -55.67 -7.75
N PHE L 295 -24.82 -56.58 -6.85
CA PHE L 295 -25.71 -57.07 -5.79
C PHE L 295 -24.97 -56.86 -4.49
N GLY L 296 -25.66 -56.54 -3.40
CA GLY L 296 -24.88 -56.11 -2.26
C GLY L 296 -24.52 -54.62 -2.32
N LEU L 297 -23.43 -54.33 -3.04
CA LEU L 297 -22.88 -52.98 -3.14
C LEU L 297 -23.88 -51.99 -3.72
N GLU L 298 -24.34 -52.17 -4.98
CA GLU L 298 -25.21 -51.16 -5.58
C GLU L 298 -26.57 -51.06 -4.91
N THR L 299 -27.02 -52.17 -4.33
CA THR L 299 -28.28 -52.26 -3.60
C THR L 299 -28.24 -51.57 -2.23
N ARG L 300 -27.04 -51.38 -1.66
CA ARG L 300 -26.76 -50.50 -0.52
C ARG L 300 -27.81 -50.55 0.61
N TYR L 301 -28.13 -51.80 1.00
CA TYR L 301 -28.85 -52.13 2.22
C TYR L 301 -28.13 -51.57 3.46
N PRO L 302 -28.82 -51.50 4.62
CA PRO L 302 -28.24 -51.09 5.90
C PRO L 302 -26.90 -51.73 6.25
N ALA L 303 -26.68 -52.95 5.79
CA ALA L 303 -25.46 -53.71 6.05
C ALA L 303 -24.18 -53.04 5.52
N LEU L 304 -24.25 -52.09 4.58
CA LEU L 304 -23.05 -51.34 4.18
C LEU L 304 -22.53 -50.36 5.24
N ALA L 305 -23.29 -50.17 6.30
CA ALA L 305 -22.84 -49.39 7.46
C ALA L 305 -21.89 -50.18 8.37
N LEU L 306 -21.77 -51.50 8.16
CA LEU L 306 -20.97 -52.35 9.01
C LEU L 306 -19.48 -52.14 8.71
N ASN L 307 -18.76 -51.73 9.76
CA ASN L 307 -17.31 -51.61 9.76
C ASN L 307 -16.63 -52.95 9.50
N GLU L 308 -17.32 -54.08 9.76
CA GLU L 308 -16.90 -55.44 9.41
C GLU L 308 -16.54 -55.56 7.93
N PHE L 309 -17.35 -54.94 7.10
CA PHE L 309 -17.13 -54.93 5.67
C PHE L 309 -16.06 -53.95 5.25
N GLN L 310 -15.55 -53.10 6.13
CA GLN L 310 -14.81 -51.96 5.64
C GLN L 310 -13.55 -52.39 4.89
N SER L 311 -12.89 -53.45 5.35
CA SER L 311 -11.72 -53.96 4.64
C SER L 311 -12.15 -54.53 3.29
N ASP L 312 -13.30 -55.18 3.20
CA ASP L 312 -13.80 -55.65 1.91
C ASP L 312 -14.15 -54.48 1.00
N LEU L 313 -14.83 -53.46 1.51
CA LEU L 313 -15.22 -52.31 0.74
C LEU L 313 -13.99 -51.60 0.17
N ASN L 314 -12.99 -51.34 1.00
CA ASN L 314 -11.79 -50.69 0.50
C ASN L 314 -11.06 -51.63 -0.46
N THR L 315 -11.20 -52.95 -0.29
CA THR L 315 -10.71 -53.88 -1.29
C THR L 315 -11.43 -53.65 -2.61
N ILE L 316 -12.76 -53.60 -2.62
CA ILE L 316 -13.49 -53.46 -3.88
C ILE L 316 -13.07 -52.16 -4.54
N LYS L 317 -12.94 -51.08 -3.75
CA LYS L 317 -12.48 -49.79 -4.28
C LYS L 317 -11.18 -49.99 -5.03
N SER L 318 -10.22 -50.62 -4.36
CA SER L 318 -8.90 -50.89 -4.92
C SER L 318 -8.99 -51.77 -6.17
N LEU L 319 -9.94 -52.70 -6.19
CA LEU L 319 -10.16 -53.57 -7.34
C LEU L 319 -10.71 -52.79 -8.52
N MET L 320 -11.64 -51.87 -8.27
CA MET L 320 -12.18 -51.10 -9.37
C MET L 320 -11.14 -50.20 -10.00
N LEU L 321 -10.36 -49.53 -9.18
CA LEU L 321 -9.30 -48.72 -9.75
C LEU L 321 -8.24 -49.60 -10.42
N LEU L 322 -8.01 -50.80 -9.89
CA LEU L 322 -7.11 -51.75 -10.51
C LEU L 322 -7.62 -52.20 -11.88
N TYR L 323 -8.91 -52.45 -11.95
CA TYR L 323 -9.56 -52.83 -13.20
C TYR L 323 -9.35 -51.73 -14.23
N ARG L 324 -9.55 -50.48 -13.81
CA ARG L 324 -9.30 -49.33 -14.65
C ARG L 324 -7.86 -49.33 -15.14
N GLU L 325 -6.92 -49.63 -14.24
CA GLU L 325 -5.49 -49.63 -14.53
C GLU L 325 -5.10 -50.69 -15.55
N ILE L 326 -5.80 -51.83 -15.53
CA ILE L 326 -5.50 -52.91 -16.46
C ILE L 326 -5.94 -52.52 -17.87
N GLY L 327 -7.04 -51.74 -17.97
CA GLY L 327 -7.58 -51.19 -19.22
C GLY L 327 -8.26 -52.21 -20.12
N PRO L 328 -7.98 -52.26 -21.45
CA PRO L 328 -8.84 -52.94 -22.41
C PRO L 328 -9.00 -54.44 -22.16
N ARG L 329 -7.94 -55.07 -21.62
CA ARG L 329 -7.88 -56.50 -21.41
C ARG L 329 -8.77 -56.93 -20.27
N ALA L 330 -9.17 -56.00 -19.39
CA ALA L 330 -9.77 -56.30 -18.09
C ALA L 330 -11.00 -57.25 -18.15
N PRO L 331 -11.96 -57.06 -19.08
CA PRO L 331 -13.12 -57.93 -19.13
C PRO L 331 -12.85 -59.35 -19.60
N TYR L 332 -11.64 -59.65 -20.03
CA TYR L 332 -11.31 -60.92 -20.63
C TYR L 332 -10.12 -61.58 -19.91
N MET L 333 -9.87 -61.19 -18.65
CA MET L 333 -8.59 -61.55 -18.06
C MET L 333 -8.51 -63.04 -17.75
N VAL L 334 -9.64 -63.73 -17.81
CA VAL L 334 -9.68 -65.15 -17.51
C VAL L 334 -9.40 -65.96 -18.77
N LEU L 335 -9.78 -65.43 -19.92
CA LEU L 335 -9.53 -66.10 -21.20
C LEU L 335 -8.07 -65.87 -21.56
N LEU L 336 -7.71 -64.60 -21.66
CA LEU L 336 -6.34 -64.19 -21.82
C LEU L 336 -5.77 -64.31 -20.40
N GLU L 337 -5.33 -65.52 -20.06
CA GLU L 337 -5.22 -65.91 -18.66
C GLU L 337 -4.09 -65.12 -18.01
N GLU L 338 -4.42 -64.32 -16.97
CA GLU L 338 -3.50 -63.39 -16.36
C GLU L 338 -3.65 -63.46 -14.84
N SER L 339 -2.49 -63.57 -14.19
CA SER L 339 -2.23 -63.61 -12.75
C SER L 339 -3.07 -62.66 -11.89
N ILE L 340 -3.32 -61.46 -12.43
CA ILE L 340 -4.04 -60.46 -11.66
C ILE L 340 -5.46 -60.95 -11.34
N GLN L 341 -6.00 -61.87 -12.13
CA GLN L 341 -7.31 -62.49 -11.90
C GLN L 341 -7.46 -62.86 -10.43
N THR L 342 -6.38 -63.44 -9.88
CA THR L 342 -6.44 -63.97 -8.53
C THR L 342 -6.89 -62.89 -7.57
N LYS L 343 -6.44 -61.65 -7.83
CA LYS L 343 -6.66 -60.50 -6.96
C LYS L 343 -8.15 -60.24 -6.91
N PHE L 344 -8.75 -60.38 -8.09
CA PHE L 344 -10.16 -60.15 -8.32
C PHE L 344 -11.02 -61.28 -7.78
N ALA L 345 -10.46 -62.45 -7.61
CA ALA L 345 -11.28 -63.55 -7.14
C ALA L 345 -11.88 -63.28 -5.78
N PRO L 346 -13.13 -63.74 -5.53
CA PRO L 346 -13.71 -63.71 -4.18
C PRO L 346 -12.79 -64.50 -3.24
N GLY L 347 -13.06 -64.44 -1.93
CA GLY L 347 -11.99 -64.79 -1.02
C GLY L 347 -10.95 -63.70 -0.83
N GLY L 348 -10.79 -62.82 -1.80
CA GLY L 348 -10.18 -61.52 -1.58
C GLY L 348 -11.12 -60.60 -0.78
N TYR L 349 -12.43 -60.93 -0.71
CA TYR L 349 -13.45 -60.07 -0.10
C TYR L 349 -14.66 -60.90 0.30
N PRO L 350 -14.43 -61.98 1.05
CA PRO L 350 -15.43 -63.02 1.21
C PRO L 350 -16.68 -62.66 2.01
N LEU L 351 -16.61 -61.67 2.92
CA LEU L 351 -17.79 -61.29 3.70
C LEU L 351 -18.76 -60.56 2.80
N LEU L 352 -18.27 -59.54 2.10
CA LEU L 352 -19.05 -58.78 1.14
C LEU L 352 -19.56 -59.67 0.01
N TRP L 353 -18.73 -60.60 -0.48
CA TRP L 353 -19.15 -61.53 -1.53
C TRP L 353 -20.23 -62.48 -1.05
N SER L 354 -20.08 -63.08 0.12
CA SER L 354 -21.09 -64.00 0.62
C SER L 354 -22.44 -63.27 0.82
N PHE L 355 -22.39 -62.08 1.38
CA PHE L 355 -23.55 -61.21 1.46
C PHE L 355 -24.15 -60.87 0.10
N ALA L 356 -23.34 -60.44 -0.87
CA ALA L 356 -23.77 -60.16 -2.24
C ALA L 356 -24.44 -61.34 -2.92
N MET L 357 -23.90 -62.56 -2.76
CA MET L 357 -24.53 -63.77 -3.30
C MET L 357 -25.88 -64.02 -2.60
N GLY L 358 -25.95 -63.76 -1.29
CA GLY L 358 -27.18 -63.86 -0.52
C GLY L 358 -28.27 -62.92 -1.07
N VAL L 359 -27.90 -61.69 -1.42
CA VAL L 359 -28.79 -60.77 -2.13
C VAL L 359 -29.15 -61.36 -3.50
N ALA L 360 -28.15 -61.63 -4.36
CA ALA L 360 -28.33 -61.95 -5.77
C ALA L 360 -29.30 -63.12 -5.93
N THR L 361 -29.06 -64.23 -5.23
CA THR L 361 -29.86 -65.43 -5.32
C THR L 361 -31.29 -65.22 -4.81
N THR L 362 -31.52 -64.20 -3.96
CA THR L 362 -32.85 -63.90 -3.46
C THR L 362 -33.61 -63.01 -4.44
N ILE L 363 -32.94 -62.06 -5.09
CA ILE L 363 -33.62 -61.10 -5.95
C ILE L 363 -33.76 -61.58 -7.40
N ASP L 364 -32.87 -62.49 -7.82
CA ASP L 364 -32.70 -62.94 -9.19
C ASP L 364 -32.88 -64.47 -9.27
N ARG L 365 -33.71 -64.96 -10.20
CA ARG L 365 -33.97 -66.38 -10.45
C ARG L 365 -32.79 -67.11 -11.11
N SER L 366 -32.04 -66.37 -11.93
CA SER L 366 -30.96 -66.88 -12.76
C SER L 366 -29.65 -67.06 -11.96
N MET L 367 -29.35 -66.06 -11.10
CA MET L 367 -28.30 -66.23 -10.11
C MET L 367 -28.66 -67.35 -9.15
N GLY L 368 -27.67 -68.09 -8.64
CA GLY L 368 -28.02 -69.29 -7.90
C GLY L 368 -28.11 -70.54 -8.78
N ALA L 369 -28.23 -70.38 -10.11
CA ALA L 369 -27.80 -71.44 -11.02
C ALA L 369 -26.27 -71.50 -11.10
N LEU L 370 -25.66 -70.33 -10.85
CA LEU L 370 -24.23 -70.09 -10.66
C LEU L 370 -23.74 -70.75 -9.36
N ASN L 371 -22.64 -71.51 -9.49
CA ASN L 371 -22.05 -72.30 -8.43
C ASN L 371 -21.29 -71.43 -7.44
N ILE L 372 -21.72 -71.50 -6.15
CA ILE L 372 -21.05 -70.81 -5.05
C ILE L 372 -20.45 -71.77 -4.02
N ASN L 373 -20.27 -73.04 -4.39
CA ASN L 373 -19.50 -73.95 -3.57
C ASN L 373 -18.00 -73.65 -3.71
N ARG L 374 -17.53 -72.63 -2.98
CA ARG L 374 -16.12 -72.23 -2.90
C ARG L 374 -15.75 -71.98 -1.45
N GLY L 375 -14.47 -72.25 -1.08
CA GLY L 375 -13.96 -72.27 0.29
C GLY L 375 -14.12 -70.94 1.04
N TYR L 376 -13.91 -69.84 0.30
CA TYR L 376 -14.06 -68.49 0.81
C TYR L 376 -15.52 -68.09 0.94
N LEU L 377 -16.07 -68.14 2.16
CA LEU L 377 -17.51 -67.92 2.34
C LEU L 377 -17.84 -67.68 3.78
N GLU L 378 -18.96 -66.99 4.01
CA GLU L 378 -19.57 -66.95 5.31
C GLU L 378 -21.07 -67.12 5.18
N PRO L 379 -21.69 -68.26 5.58
CA PRO L 379 -23.14 -68.40 5.61
C PRO L 379 -23.90 -67.41 6.49
N MET L 380 -23.27 -66.88 7.54
CA MET L 380 -23.87 -65.81 8.35
C MET L 380 -24.11 -64.54 7.51
N TYR L 381 -23.08 -64.11 6.76
CA TYR L 381 -23.16 -62.95 5.88
C TYR L 381 -24.03 -63.23 4.65
N PHE L 382 -24.01 -64.45 4.13
CA PHE L 382 -24.92 -64.83 3.06
C PHE L 382 -26.39 -64.76 3.51
N ARG L 383 -26.70 -65.32 4.69
CA ARG L 383 -28.03 -65.23 5.27
C ARG L 383 -28.40 -63.78 5.57
N LEU L 384 -27.46 -62.93 5.99
CA LEU L 384 -27.71 -61.49 6.09
C LEU L 384 -28.07 -60.88 4.72
N GLY L 385 -27.40 -61.31 3.63
CA GLY L 385 -27.72 -60.92 2.26
C GLY L 385 -29.15 -61.31 1.88
N GLN L 386 -29.50 -62.57 2.12
CA GLN L 386 -30.84 -63.09 1.95
C GLN L 386 -31.87 -62.35 2.81
N LYS L 387 -31.56 -62.11 4.09
CA LYS L 387 -32.38 -61.32 5.01
C LYS L 387 -32.58 -59.87 4.53
N SER L 388 -31.58 -59.27 3.91
CA SER L 388 -31.70 -57.90 3.41
C SER L 388 -32.69 -57.82 2.25
N ALA L 389 -32.59 -58.78 1.30
CA ALA L 389 -33.43 -58.83 0.11
C ALA L 389 -34.85 -59.38 0.40
N ARG L 390 -34.96 -60.42 1.25
CA ARG L 390 -36.22 -61.11 1.47
C ARG L 390 -36.85 -60.77 2.82
N HIS L 391 -36.08 -60.84 3.91
CA HIS L 391 -36.62 -60.69 5.26
C HIS L 391 -37.10 -59.26 5.54
N HIS L 392 -36.53 -58.26 4.86
CA HIS L 392 -36.97 -56.86 4.94
C HIS L 392 -38.24 -56.65 4.09
N ALA L 393 -39.22 -57.54 4.26
CA ALA L 393 -40.50 -57.51 3.54
C ALA L 393 -40.32 -57.55 2.02
N GLY L 394 -39.46 -58.44 1.52
CA GLY L 394 -39.16 -58.61 0.10
C GLY L 394 -38.65 -57.35 -0.59
N GLY L 395 -37.89 -56.54 0.17
CA GLY L 395 -37.37 -55.26 -0.26
C GLY L 395 -38.33 -54.09 -0.06
N ILE L 396 -39.63 -54.35 0.11
CA ILE L 396 -40.66 -53.32 0.23
C ILE L 396 -40.60 -52.54 1.54
N ASP L 397 -39.91 -53.06 2.57
CA ASP L 397 -39.56 -52.33 3.79
C ASP L 397 -38.23 -51.58 3.67
N GLN L 398 -37.54 -51.71 2.53
CA GLN L 398 -36.13 -51.37 2.35
C GLN L 398 -35.95 -50.39 1.19
N ASN L 399 -36.34 -49.14 1.46
CA ASN L 399 -36.04 -47.99 0.61
C ASN L 399 -34.66 -47.42 0.91
N MET L 400 -34.41 -46.18 0.45
CA MET L 400 -33.22 -45.40 0.73
C MET L 400 -33.09 -45.02 2.22
N ARG L 403 -38.35 -39.93 -0.12
CA ARG L 403 -38.63 -38.95 -1.20
C ARG L 403 -39.80 -39.41 -2.08
N LEU L 404 -40.17 -40.70 -2.01
CA LEU L 404 -41.07 -41.37 -2.94
C LEU L 404 -42.54 -40.95 -2.77
N GLY L 405 -42.88 -40.46 -1.56
CA GLY L 405 -44.17 -39.85 -1.23
C GLY L 405 -45.28 -40.86 -0.91
N LEU L 406 -44.90 -42.12 -0.69
CA LEU L 406 -45.85 -43.21 -0.47
C LEU L 406 -46.50 -43.12 0.92
N SER L 407 -47.80 -43.47 0.99
CA SER L 407 -48.52 -43.71 2.22
C SER L 407 -47.94 -44.94 2.96
N SER L 408 -48.07 -44.97 4.29
CA SER L 408 -47.83 -46.17 5.11
C SER L 408 -48.57 -47.41 4.57
N ASP L 409 -49.87 -47.22 4.22
CA ASP L 409 -50.74 -48.25 3.68
C ASP L 409 -50.18 -48.81 2.36
N GLN L 410 -49.72 -47.90 1.48
CA GLN L 410 -49.15 -48.23 0.18
C GLN L 410 -47.86 -49.04 0.34
N VAL L 411 -47.02 -48.68 1.34
CA VAL L 411 -45.80 -49.43 1.67
C VAL L 411 -46.16 -50.84 2.16
N ALA L 412 -47.22 -50.96 2.97
CA ALA L 412 -47.69 -52.26 3.43
C ALA L 412 -48.20 -53.12 2.26
N GLU L 413 -48.90 -52.50 1.30
CA GLU L 413 -49.39 -53.17 0.09
C GLU L 413 -48.21 -53.71 -0.74
N LEU L 414 -47.14 -52.91 -0.87
CA LEU L 414 -45.90 -53.30 -1.54
C LEU L 414 -45.26 -54.50 -0.84
N ALA L 415 -45.26 -54.51 0.51
CA ALA L 415 -44.74 -55.63 1.29
C ALA L 415 -45.56 -56.91 1.07
N ALA L 416 -46.90 -56.78 0.95
CA ALA L 416 -47.79 -57.90 0.68
C ALA L 416 -47.56 -58.46 -0.73
N ALA L 417 -47.36 -57.59 -1.72
CA ALA L 417 -47.05 -57.99 -3.08
C ALA L 417 -45.67 -58.67 -3.18
N VAL L 418 -44.70 -58.17 -2.41
CA VAL L 418 -43.35 -58.71 -2.24
C VAL L 418 -43.39 -60.08 -1.53
N GLN L 419 -44.42 -60.32 -0.68
CA GLN L 419 -44.77 -61.59 -0.04
C GLN L 419 -43.59 -62.25 0.68
N GLU L 420 -42.78 -61.42 1.37
CA GLU L 420 -41.58 -61.88 2.05
C GLU L 420 -41.30 -61.03 3.28
N ILE M 26 -18.45 -44.48 -0.73
CA ILE M 26 -18.31 -45.86 -1.34
C ILE M 26 -18.95 -45.88 -2.73
N PHE M 27 -20.27 -45.65 -2.77
CA PHE M 27 -21.15 -45.89 -3.91
C PHE M 27 -20.75 -45.15 -5.19
N GLU M 28 -20.12 -43.98 -5.01
CA GLU M 28 -19.73 -43.11 -6.11
C GLU M 28 -18.79 -43.85 -7.09
N GLU M 29 -17.89 -44.61 -6.48
CA GLU M 29 -16.86 -45.29 -7.26
C GLU M 29 -17.49 -46.42 -8.07
N ALA M 30 -18.45 -47.14 -7.46
CA ALA M 30 -19.24 -48.20 -8.07
C ALA M 30 -20.06 -47.69 -9.24
N ALA M 31 -20.78 -46.58 -9.03
CA ALA M 31 -21.55 -45.97 -10.08
C ALA M 31 -20.65 -45.56 -11.26
N SER M 32 -19.49 -44.97 -10.95
CA SER M 32 -18.53 -44.58 -11.99
C SER M 32 -17.92 -45.79 -12.68
N PHE M 33 -17.77 -46.90 -11.93
CA PHE M 33 -17.24 -48.14 -12.45
C PHE M 33 -18.23 -48.80 -13.43
N ARG M 34 -19.52 -48.81 -13.10
CA ARG M 34 -20.53 -49.26 -14.04
C ARG M 34 -20.43 -48.47 -15.35
N SER M 35 -20.27 -47.15 -15.22
CA SER M 35 -20.11 -46.29 -16.37
C SER M 35 -18.85 -46.67 -17.14
N TYR M 36 -17.77 -46.99 -16.42
CA TYR M 36 -16.48 -47.35 -16.99
C TYR M 36 -16.62 -48.62 -17.83
N GLN M 37 -17.27 -49.65 -17.28
CA GLN M 37 -17.53 -50.89 -18.00
C GLN M 37 -18.23 -50.58 -19.33
N SER M 38 -19.23 -49.69 -19.26
CA SER M 38 -20.10 -49.38 -20.39
C SER M 38 -19.33 -48.65 -21.50
N LYS M 39 -18.33 -47.84 -21.13
CA LYS M 39 -17.64 -46.97 -22.09
C LYS M 39 -16.23 -47.46 -22.43
N LEU M 40 -15.72 -48.44 -21.67
CA LEU M 40 -14.42 -49.08 -21.94
C LEU M 40 -14.55 -49.94 -23.18
N GLY M 41 -13.55 -49.76 -24.07
CA GLY M 41 -13.67 -50.23 -25.45
C GLY M 41 -14.86 -49.54 -26.14
N ARG M 42 -15.20 -49.94 -27.38
CA ARG M 42 -16.25 -49.16 -28.04
C ARG M 42 -15.67 -47.77 -28.44
N ASP M 43 -14.32 -47.66 -28.57
CA ASP M 43 -13.58 -46.45 -28.91
C ASP M 43 -12.46 -46.81 -29.88
N GLY M 44 -11.85 -45.82 -30.57
CA GLY M 44 -10.63 -46.05 -31.35
C GLY M 44 -10.89 -46.71 -32.72
N ARG M 45 -9.83 -47.30 -33.30
CA ARG M 45 -9.93 -47.91 -34.62
C ARG M 45 -9.53 -49.40 -34.60
N ALA M 46 -10.38 -50.21 -35.23
CA ALA M 46 -10.02 -51.56 -35.66
C ALA M 46 -9.04 -51.49 -36.83
N SER M 47 -8.01 -52.35 -36.82
CA SER M 47 -7.09 -52.54 -37.94
C SER M 47 -7.81 -53.01 -39.23
N ALA M 48 -7.36 -52.46 -40.38
CA ALA M 48 -7.93 -52.83 -41.67
C ALA M 48 -7.62 -54.29 -42.04
N ALA M 49 -6.72 -54.96 -41.31
CA ALA M 49 -6.50 -56.40 -41.45
C ALA M 49 -7.77 -57.22 -41.10
N THR M 50 -8.69 -56.66 -40.29
CA THR M 50 -9.95 -57.29 -39.93
C THR M 50 -11.03 -57.19 -41.03
N ALA M 51 -10.77 -56.50 -42.14
CA ALA M 51 -11.81 -56.21 -43.15
C ALA M 51 -12.29 -57.49 -43.85
N THR M 52 -13.62 -57.63 -43.83
CA THR M 52 -14.37 -58.82 -44.22
C THR M 52 -14.32 -59.07 -45.74
N LEU M 53 -14.29 -60.35 -46.15
CA LEU M 53 -14.34 -60.76 -47.56
C LEU M 53 -15.64 -60.27 -48.19
N THR M 54 -15.55 -59.11 -48.85
CA THR M 54 -16.68 -58.40 -49.41
C THR M 54 -17.33 -59.16 -50.57
N THR M 55 -18.61 -58.87 -50.81
CA THR M 55 -19.43 -59.59 -51.77
C THR M 55 -19.69 -58.71 -53.01
N LYS M 56 -19.27 -59.17 -54.20
CA LYS M 56 -19.47 -58.44 -55.44
C LYS M 56 -20.93 -58.57 -55.94
N ILE M 57 -21.61 -57.44 -56.20
CA ILE M 57 -23.02 -57.41 -56.61
C ILE M 57 -23.24 -56.42 -57.74
N ARG M 58 -24.30 -56.64 -58.55
CA ARG M 58 -24.57 -55.79 -59.71
C ARG M 58 -25.86 -55.01 -59.47
N ILE M 59 -25.86 -53.68 -59.71
CA ILE M 59 -27.04 -52.84 -59.52
C ILE M 59 -27.37 -52.09 -60.81
N PHE M 60 -28.35 -52.59 -61.54
CA PHE M 60 -28.78 -51.99 -62.80
C PHE M 60 -29.66 -50.75 -62.53
N VAL M 61 -29.35 -49.61 -63.17
CA VAL M 61 -29.96 -48.31 -62.82
C VAL M 61 -30.28 -47.50 -64.09
N PRO M 62 -31.33 -46.64 -64.10
CA PRO M 62 -31.75 -45.95 -65.33
C PRO M 62 -30.89 -44.77 -65.76
N ALA M 63 -30.56 -43.89 -64.80
CA ALA M 63 -29.75 -42.68 -64.97
C ALA M 63 -30.31 -41.73 -66.06
N THR M 64 -31.61 -41.86 -66.39
CA THR M 64 -32.30 -41.08 -67.43
C THR M 64 -33.74 -40.73 -67.03
N ASN M 65 -34.47 -39.95 -67.85
CA ASN M 65 -35.81 -39.49 -67.55
C ASN M 65 -36.94 -40.44 -67.97
N SER M 66 -36.70 -41.32 -68.95
CA SER M 66 -37.72 -42.04 -69.72
C SER M 66 -38.63 -42.91 -68.84
N PRO M 67 -39.97 -42.67 -68.79
CA PRO M 67 -40.90 -43.56 -68.10
C PRO M 67 -40.95 -44.99 -68.63
N GLU M 68 -40.70 -45.16 -69.94
CA GLU M 68 -40.76 -46.45 -70.62
C GLU M 68 -39.80 -47.46 -69.97
N LEU M 69 -38.52 -47.07 -69.92
CA LEU M 69 -37.50 -47.97 -69.44
C LEU M 69 -37.53 -48.05 -67.91
N ARG M 70 -37.87 -46.94 -67.22
CA ARG M 70 -38.03 -46.94 -65.77
C ARG M 70 -39.09 -47.93 -65.33
N TRP M 71 -40.23 -47.96 -66.01
CA TRP M 71 -41.25 -48.92 -65.66
C TRP M 71 -40.86 -50.36 -66.00
N GLU M 72 -40.30 -50.59 -67.19
CA GLU M 72 -39.85 -51.93 -67.57
C GLU M 72 -38.79 -52.47 -66.58
N LEU M 73 -37.85 -51.64 -66.16
CA LEU M 73 -36.84 -51.95 -65.16
C LEU M 73 -37.45 -52.34 -63.81
N THR M 74 -38.54 -51.66 -63.40
CA THR M 74 -39.20 -52.08 -62.18
C THR M 74 -39.84 -53.45 -62.35
N LEU M 75 -40.48 -53.74 -63.49
CA LEU M 75 -41.07 -55.03 -63.78
C LEU M 75 -40.01 -56.13 -63.79
N PHE M 76 -38.87 -55.89 -64.43
CA PHE M 76 -37.69 -56.74 -64.37
C PHE M 76 -37.25 -57.03 -62.94
N ALA M 77 -37.11 -55.99 -62.10
CA ALA M 77 -36.66 -56.13 -60.72
C ALA M 77 -37.68 -56.91 -59.88
N LEU M 78 -38.97 -56.62 -60.05
CA LEU M 78 -40.05 -57.37 -59.41
C LEU M 78 -39.90 -58.85 -59.74
N ASP M 79 -39.62 -59.16 -61.02
CA ASP M 79 -39.48 -60.53 -61.47
C ASP M 79 -38.23 -61.18 -60.90
N VAL M 80 -37.09 -60.47 -60.88
CA VAL M 80 -35.88 -61.01 -60.28
C VAL M 80 -36.14 -61.46 -58.86
N ILE M 81 -36.87 -60.68 -58.07
CA ILE M 81 -37.18 -61.02 -56.68
C ILE M 81 -38.18 -62.17 -56.57
N ARG M 82 -39.05 -62.30 -57.58
CA ARG M 82 -40.05 -63.37 -57.65
C ARG M 82 -39.41 -64.71 -58.09
N SER M 83 -38.27 -64.67 -58.79
CA SER M 83 -37.60 -65.85 -59.35
C SER M 83 -37.04 -66.80 -58.29
N PRO M 84 -37.26 -68.13 -58.45
CA PRO M 84 -36.57 -69.13 -57.61
C PRO M 84 -35.13 -69.41 -58.05
N SER M 85 -34.76 -69.01 -59.28
CA SER M 85 -33.47 -69.34 -59.87
C SER M 85 -32.44 -68.21 -59.75
N ALA M 86 -32.90 -67.02 -59.35
CA ALA M 86 -31.99 -65.90 -59.10
C ALA M 86 -31.11 -66.14 -57.87
N ALA M 87 -29.85 -65.67 -57.98
CA ALA M 87 -28.90 -65.63 -56.86
C ALA M 87 -29.25 -64.46 -55.93
N GLU M 88 -28.93 -64.60 -54.63
CA GLU M 88 -29.14 -63.55 -53.64
C GLU M 88 -28.44 -62.24 -54.01
N SER M 89 -27.27 -62.34 -54.65
CA SER M 89 -26.53 -61.17 -55.16
C SER M 89 -27.34 -60.37 -56.20
N MET M 90 -28.03 -61.09 -57.10
CA MET M 90 -28.92 -60.49 -58.07
C MET M 90 -30.16 -59.91 -57.39
N LYS M 91 -30.72 -60.63 -56.40
CA LYS M 91 -31.91 -60.20 -55.68
C LYS M 91 -31.69 -58.90 -54.92
N VAL M 92 -30.56 -58.76 -54.22
CA VAL M 92 -30.31 -57.52 -53.50
C VAL M 92 -30.05 -56.38 -54.50
N GLY M 93 -29.37 -56.63 -55.62
CA GLY M 93 -29.19 -55.63 -56.68
C GLY M 93 -30.52 -55.12 -57.24
N ALA M 94 -31.43 -56.06 -57.48
CA ALA M 94 -32.80 -55.77 -57.82
C ALA M 94 -33.52 -54.94 -56.73
N ALA M 95 -33.44 -55.32 -55.46
CA ALA M 95 -34.08 -54.58 -54.37
C ALA M 95 -33.55 -53.16 -54.24
N PHE M 96 -32.23 -52.97 -54.46
CA PHE M 96 -31.58 -51.66 -54.41
C PHE M 96 -32.10 -50.75 -55.53
N THR M 97 -32.18 -51.29 -56.75
CA THR M 97 -32.66 -50.46 -57.85
C THR M 97 -34.14 -50.20 -57.71
N LEU M 98 -34.91 -51.21 -57.25
CA LEU M 98 -36.34 -51.09 -57.01
C LEU M 98 -36.73 -50.02 -55.97
N ILE M 99 -35.87 -49.84 -54.99
CA ILE M 99 -36.00 -48.76 -54.01
C ILE M 99 -35.29 -47.44 -54.42
N SER M 100 -34.54 -47.33 -55.54
CA SER M 100 -33.81 -46.10 -55.85
C SER M 100 -34.50 -45.24 -56.94
N MET M 101 -35.64 -45.70 -57.46
CA MET M 101 -36.29 -45.14 -58.63
C MET M 101 -36.84 -43.73 -58.42
N TYR M 102 -37.05 -43.30 -57.17
CA TYR M 102 -37.39 -41.94 -56.78
C TYR M 102 -36.47 -40.91 -57.45
N SER M 103 -35.17 -41.20 -57.37
CA SER M 103 -34.19 -40.16 -57.64
C SER M 103 -34.03 -39.88 -59.13
N GLU M 104 -33.66 -38.62 -59.38
CA GLU M 104 -33.17 -38.14 -60.66
C GLU M 104 -31.89 -38.90 -61.05
N ARG M 105 -31.10 -39.31 -60.04
CA ARG M 105 -29.82 -39.99 -60.19
C ARG M 105 -29.77 -41.25 -59.31
N PRO M 106 -30.45 -42.36 -59.68
CA PRO M 106 -30.47 -43.56 -58.83
C PRO M 106 -29.12 -44.18 -58.48
N GLY M 107 -28.19 -44.05 -59.42
CA GLY M 107 -26.80 -44.45 -59.23
C GLY M 107 -26.11 -43.68 -58.10
N ALA M 108 -26.34 -42.36 -58.06
CA ALA M 108 -25.76 -41.50 -57.04
C ALA M 108 -26.33 -41.83 -55.65
N LEU M 109 -27.64 -42.07 -55.57
CA LEU M 109 -28.28 -42.39 -54.30
C LEU M 109 -27.70 -43.67 -53.70
N ILE M 110 -27.60 -44.74 -54.51
CA ILE M 110 -27.00 -45.97 -54.01
C ILE M 110 -25.53 -45.75 -53.63
N ARG M 111 -24.69 -45.19 -54.51
CA ARG M 111 -23.26 -45.08 -54.23
C ARG M 111 -22.97 -44.24 -52.99
N SER M 112 -23.78 -43.20 -52.77
CA SER M 112 -23.58 -42.25 -51.68
C SER M 112 -24.02 -42.79 -50.32
N LEU M 113 -25.05 -43.63 -50.32
CA LEU M 113 -25.59 -44.15 -49.06
C LEU M 113 -25.38 -45.65 -48.92
N LEU M 114 -24.52 -46.28 -49.74
CA LEU M 114 -24.24 -47.70 -49.61
C LEU M 114 -23.59 -48.00 -48.26
N ASN M 115 -22.41 -47.40 -48.02
CA ASN M 115 -21.70 -47.39 -46.75
C ASN M 115 -21.59 -48.79 -46.10
N ASP M 116 -21.07 -49.76 -46.88
CA ASP M 116 -21.12 -51.17 -46.51
C ASP M 116 -19.88 -51.92 -46.98
N PRO M 117 -18.98 -52.38 -46.06
CA PRO M 117 -17.84 -53.21 -46.47
C PRO M 117 -18.16 -54.67 -46.76
N ASP M 118 -19.36 -55.13 -46.38
CA ASP M 118 -19.84 -56.46 -46.75
C ASP M 118 -20.12 -56.55 -48.26
N ILE M 119 -20.26 -55.40 -48.95
CA ILE M 119 -20.67 -55.31 -50.36
C ILE M 119 -19.68 -54.48 -51.18
N GLU M 120 -19.42 -54.96 -52.40
CA GLU M 120 -18.87 -54.17 -53.50
C GLU M 120 -19.92 -54.11 -54.61
N ALA M 121 -20.47 -52.91 -54.85
CA ALA M 121 -21.47 -52.74 -55.89
C ALA M 121 -20.80 -52.27 -57.19
N VAL M 122 -21.19 -52.87 -58.33
CA VAL M 122 -20.95 -52.24 -59.62
C VAL M 122 -22.29 -51.72 -60.13
N ILE M 123 -22.36 -50.39 -60.33
CA ILE M 123 -23.60 -49.78 -60.79
C ILE M 123 -23.54 -49.78 -62.32
N ILE M 124 -24.66 -50.11 -62.97
CA ILE M 124 -24.69 -50.32 -64.41
C ILE M 124 -25.79 -49.43 -64.98
N ASP M 125 -25.37 -48.38 -65.69
CA ASP M 125 -26.32 -47.55 -66.43
C ASP M 125 -26.93 -48.39 -67.57
N VAL M 126 -28.27 -48.58 -67.54
CA VAL M 126 -28.94 -49.47 -68.47
C VAL M 126 -29.18 -48.82 -69.84
N GLY M 127 -28.87 -47.52 -69.98
CA GLY M 127 -28.83 -46.83 -71.28
C GLY M 127 -30.16 -46.91 -72.05
N SER M 128 -30.13 -47.59 -73.19
CA SER M 128 -31.25 -47.67 -74.12
C SER M 128 -32.38 -48.58 -73.63
N MET M 129 -32.08 -49.63 -72.83
CA MET M 129 -33.01 -50.69 -72.44
C MET M 129 -33.80 -51.27 -73.65
N VAL M 130 -33.06 -51.77 -74.66
CA VAL M 130 -33.67 -52.27 -75.90
C VAL M 130 -34.37 -53.63 -75.75
N ASN M 131 -33.81 -54.54 -74.93
CA ASN M 131 -34.33 -55.90 -74.84
C ASN M 131 -35.66 -55.93 -74.08
N GLY M 132 -36.53 -56.90 -74.44
CA GLY M 132 -37.94 -56.88 -74.09
C GLY M 132 -38.20 -56.98 -72.58
N ILE M 133 -38.02 -58.18 -72.04
CA ILE M 133 -38.19 -58.43 -70.61
C ILE M 133 -36.88 -58.09 -69.86
N PRO M 134 -35.68 -58.55 -70.30
CA PRO M 134 -34.44 -58.35 -69.53
C PRO M 134 -33.84 -56.95 -69.62
N VAL M 135 -32.75 -56.77 -68.87
CA VAL M 135 -31.97 -55.53 -68.89
C VAL M 135 -30.88 -55.56 -69.97
N MET M 136 -30.52 -54.36 -70.48
CA MET M 136 -29.36 -54.19 -71.33
C MET M 136 -28.10 -54.00 -70.48
N GLU M 137 -26.99 -54.61 -70.92
CA GLU M 137 -25.68 -54.26 -70.36
C GLU M 137 -25.21 -52.92 -70.94
N ARG M 138 -24.21 -52.30 -70.28
CA ARG M 138 -23.59 -51.09 -70.82
C ARG M 138 -22.74 -51.38 -72.07
N ARG M 139 -21.92 -52.45 -72.08
CA ARG M 139 -21.02 -52.73 -73.20
C ARG M 139 -21.61 -53.81 -74.12
N GLY M 140 -22.16 -54.85 -73.50
CA GLY M 140 -22.59 -56.06 -74.19
C GLY M 140 -21.58 -57.22 -74.11
N ASP M 141 -20.39 -57.02 -73.53
CA ASP M 141 -19.37 -58.05 -73.40
C ASP M 141 -19.65 -58.99 -72.22
N LYS M 142 -20.59 -59.94 -72.44
CA LYS M 142 -21.12 -60.83 -71.40
C LYS M 142 -21.29 -62.29 -71.85
N ALA M 143 -20.83 -62.65 -73.06
CA ALA M 143 -20.87 -63.98 -73.64
C ALA M 143 -22.31 -64.47 -73.90
N GLN M 144 -23.29 -63.60 -73.65
CA GLN M 144 -24.72 -63.90 -73.70
C GLN M 144 -25.17 -64.84 -72.57
N GLU M 145 -24.25 -65.41 -71.77
CA GLU M 145 -24.68 -66.30 -70.70
C GLU M 145 -25.30 -65.57 -69.51
N GLU M 146 -24.81 -64.36 -69.22
CA GLU M 146 -25.48 -63.47 -68.28
C GLU M 146 -26.91 -63.16 -68.76
N MET M 147 -27.08 -62.86 -70.05
CA MET M 147 -28.40 -62.57 -70.60
C MET M 147 -29.29 -63.82 -70.55
N GLU M 148 -28.71 -64.99 -70.79
CA GLU M 148 -29.41 -66.26 -70.66
C GLU M 148 -29.81 -66.51 -69.20
N GLY M 149 -28.94 -66.12 -68.27
CA GLY M 149 -29.21 -66.18 -66.85
C GLY M 149 -30.42 -65.32 -66.51
N LEU M 150 -30.42 -64.04 -66.95
CA LEU M 150 -31.55 -63.12 -66.79
C LEU M 150 -32.81 -63.72 -67.38
N MET M 151 -32.74 -64.25 -68.61
CA MET M 151 -33.91 -64.83 -69.26
C MET M 151 -34.49 -66.00 -68.45
N ARG M 152 -33.62 -66.90 -67.96
CA ARG M 152 -34.03 -68.02 -67.13
C ARG M 152 -34.66 -67.50 -65.84
N ILE M 153 -34.05 -66.48 -65.23
CA ILE M 153 -34.54 -65.85 -64.01
C ILE M 153 -35.98 -65.38 -64.22
N LEU M 154 -36.22 -64.63 -65.30
CA LEU M 154 -37.51 -64.00 -65.60
C LEU M 154 -38.57 -65.04 -65.96
N LYS M 155 -38.17 -66.05 -66.74
CA LYS M 155 -39.04 -67.16 -67.08
C LYS M 155 -39.45 -67.90 -65.80
N THR M 156 -38.48 -68.34 -65.01
CA THR M 156 -38.76 -69.08 -63.78
C THR M 156 -39.60 -68.26 -62.81
N ALA M 157 -39.46 -66.94 -62.79
CA ALA M 157 -40.37 -66.07 -62.04
C ALA M 157 -41.83 -66.28 -62.44
N ARG M 158 -42.12 -66.16 -63.74
CA ARG M 158 -43.44 -66.38 -64.31
C ARG M 158 -43.94 -67.81 -64.06
N ASP M 159 -43.09 -68.80 -64.34
CA ASP M 159 -43.44 -70.21 -64.35
C ASP M 159 -43.74 -70.72 -62.93
N SER M 160 -42.91 -70.28 -61.97
CA SER M 160 -43.05 -70.69 -60.57
C SER M 160 -44.28 -70.04 -59.95
N SER M 161 -44.59 -68.82 -60.39
CA SER M 161 -45.76 -68.10 -59.93
C SER M 161 -47.03 -68.57 -60.65
N LYS M 162 -46.92 -69.53 -61.58
CA LYS M 162 -48.07 -70.14 -62.24
C LYS M 162 -48.83 -69.07 -63.05
N GLY M 163 -48.06 -68.21 -63.73
CA GLY M 163 -48.58 -67.19 -64.64
C GLY M 163 -49.27 -66.01 -63.96
N LYS M 164 -48.99 -65.81 -62.66
CA LYS M 164 -49.49 -64.66 -61.90
C LYS M 164 -48.37 -63.61 -61.85
N THR M 165 -48.68 -62.39 -62.30
CA THR M 165 -47.70 -61.32 -62.22
C THR M 165 -47.61 -60.79 -60.79
N PRO M 166 -46.63 -59.92 -60.42
CA PRO M 166 -46.48 -59.45 -59.05
C PRO M 166 -47.70 -58.72 -58.49
N PHE M 167 -48.44 -58.02 -59.35
CA PHE M 167 -49.61 -57.23 -58.97
C PHE M 167 -50.86 -58.09 -58.81
N VAL M 168 -51.83 -57.56 -58.05
CA VAL M 168 -53.13 -58.18 -57.86
C VAL M 168 -53.99 -58.15 -59.15
N ASP M 169 -53.83 -57.12 -59.99
CA ASP M 169 -54.28 -57.16 -61.39
C ASP M 169 -53.10 -57.09 -62.36
N SER M 170 -52.90 -58.17 -63.12
CA SER M 170 -51.82 -58.34 -64.08
C SER M 170 -51.72 -57.28 -65.18
N ARG M 171 -52.81 -56.55 -65.44
CA ARG M 171 -52.83 -55.43 -66.39
C ARG M 171 -51.79 -54.38 -66.00
N ALA M 172 -51.50 -54.20 -64.70
CA ALA M 172 -50.43 -53.32 -64.27
C ALA M 172 -49.06 -53.74 -64.82
N TYR M 173 -48.79 -55.05 -64.91
CA TYR M 173 -47.58 -55.59 -65.53
C TYR M 173 -47.58 -55.34 -67.05
N GLY M 174 -48.76 -55.49 -67.66
CA GLY M 174 -48.93 -55.26 -69.08
C GLY M 174 -48.69 -53.82 -69.55
N LEU M 175 -48.67 -52.82 -68.65
CA LEU M 175 -48.46 -51.44 -69.05
C LEU M 175 -47.00 -51.16 -69.47
N ARG M 176 -46.84 -50.35 -70.52
CA ARG M 176 -45.62 -49.60 -70.80
C ARG M 176 -45.96 -48.11 -70.81
N ILE M 177 -45.35 -47.36 -69.88
CA ILE M 177 -45.89 -46.10 -69.42
C ILE M 177 -45.27 -44.95 -70.22
N THR M 178 -46.13 -44.01 -70.66
CA THR M 178 -45.69 -42.83 -71.40
C THR M 178 -45.48 -41.59 -70.51
N ASP M 179 -46.16 -41.51 -69.36
CA ASP M 179 -46.28 -40.28 -68.59
C ASP M 179 -45.56 -40.39 -67.25
N MET M 180 -44.80 -39.35 -66.89
CA MET M 180 -44.09 -39.30 -65.62
C MET M 180 -45.08 -39.36 -64.45
N SER M 181 -46.25 -38.73 -64.57
CA SER M 181 -47.19 -38.64 -63.45
C SER M 181 -47.72 -40.01 -63.03
N THR M 182 -48.11 -40.83 -64.00
CA THR M 182 -48.57 -42.18 -63.71
C THR M 182 -47.41 -43.07 -63.29
N LEU M 183 -46.22 -42.89 -63.88
CA LEU M 183 -45.02 -43.59 -63.45
C LEU M 183 -44.74 -43.35 -61.96
N VAL M 184 -44.63 -42.10 -61.51
CA VAL M 184 -44.35 -41.84 -60.10
C VAL M 184 -45.49 -42.32 -59.21
N SER M 185 -46.73 -42.21 -59.66
CA SER M 185 -47.84 -42.82 -58.94
C SER M 185 -47.62 -44.32 -58.69
N ALA M 186 -47.17 -45.05 -59.73
CA ALA M 186 -46.82 -46.46 -59.70
C ALA M 186 -45.61 -46.75 -58.78
N VAL M 187 -44.48 -46.10 -59.09
CA VAL M 187 -43.20 -46.28 -58.41
C VAL M 187 -43.34 -46.02 -56.92
N ILE M 188 -43.92 -44.89 -56.52
CA ILE M 188 -44.05 -44.59 -55.09
C ILE M 188 -44.98 -45.60 -54.41
N THR M 189 -45.91 -46.21 -55.16
CA THR M 189 -46.81 -47.19 -54.57
C THR M 189 -46.12 -48.53 -54.35
N ILE M 190 -45.31 -48.99 -55.31
CA ILE M 190 -44.55 -50.22 -55.13
C ILE M 190 -43.44 -50.02 -54.10
N GLU M 191 -42.77 -48.87 -54.11
CA GLU M 191 -41.79 -48.59 -53.07
C GLU M 191 -42.43 -48.56 -51.69
N ALA M 192 -43.54 -47.87 -51.53
CA ALA M 192 -44.23 -47.86 -50.25
C ALA M 192 -44.52 -49.31 -49.83
N GLN M 193 -44.81 -50.22 -50.77
CA GLN M 193 -45.02 -51.64 -50.51
C GLN M 193 -43.78 -52.38 -50.04
N ILE M 194 -42.56 -51.94 -50.41
CA ILE M 194 -41.33 -52.45 -49.82
C ILE M 194 -41.17 -51.90 -48.41
N TRP M 195 -41.34 -50.59 -48.27
CA TRP M 195 -41.04 -49.89 -47.04
C TRP M 195 -42.01 -50.23 -45.93
N ILE M 196 -43.25 -50.65 -46.22
CA ILE M 196 -44.16 -51.13 -45.17
C ILE M 196 -43.59 -52.37 -44.50
N LEU M 197 -42.76 -53.14 -45.24
CA LEU M 197 -42.21 -54.40 -44.76
C LEU M 197 -41.13 -54.19 -43.69
N ILE M 198 -40.17 -53.28 -43.94
CA ILE M 198 -39.01 -53.00 -43.10
C ILE M 198 -39.35 -52.91 -41.62
N ALA M 199 -40.49 -52.34 -41.24
CA ALA M 199 -40.81 -52.14 -39.83
C ALA M 199 -40.92 -53.43 -39.06
N LYS M 200 -41.16 -54.55 -39.79
CA LYS M 200 -41.33 -55.86 -39.18
C LYS M 200 -40.45 -56.96 -39.80
N ALA M 201 -39.76 -56.70 -40.91
CA ALA M 201 -39.01 -57.69 -41.66
C ALA M 201 -37.96 -58.40 -40.81
N VAL M 202 -37.39 -57.69 -39.84
CA VAL M 202 -36.32 -58.24 -39.03
C VAL M 202 -36.88 -58.74 -37.70
N THR M 203 -37.92 -58.08 -37.16
CA THR M 203 -38.36 -58.37 -35.80
C THR M 203 -39.41 -59.49 -35.74
N ALA M 204 -40.33 -59.55 -36.71
CA ALA M 204 -41.39 -60.56 -36.72
C ALA M 204 -41.98 -60.69 -38.13
N PRO M 205 -41.21 -61.16 -39.15
CA PRO M 205 -41.69 -61.21 -40.55
C PRO M 205 -42.90 -62.09 -40.82
N ASP M 206 -43.07 -63.22 -40.11
CA ASP M 206 -44.36 -63.90 -40.12
C ASP M 206 -45.22 -63.25 -39.04
N THR M 207 -46.52 -63.06 -39.31
CA THR M 207 -47.39 -62.19 -38.52
C THR M 207 -47.17 -60.70 -38.81
N ALA M 208 -46.30 -60.37 -39.77
CA ALA M 208 -46.18 -58.97 -40.20
C ALA M 208 -47.38 -58.53 -41.04
N GLU M 209 -48.02 -59.51 -41.70
CA GLU M 209 -49.01 -59.29 -42.75
C GLU M 209 -50.15 -58.40 -42.26
N GLU M 210 -50.59 -58.60 -41.01
CA GLU M 210 -51.73 -57.86 -40.47
C GLU M 210 -51.42 -56.36 -40.48
N SER M 211 -50.32 -56.04 -39.78
CA SER M 211 -49.86 -54.67 -39.67
C SER M 211 -49.53 -54.06 -41.04
N GLU M 212 -49.00 -54.85 -41.97
CA GLU M 212 -48.64 -54.31 -43.27
C GLU M 212 -49.90 -54.00 -44.09
N THR M 213 -50.97 -54.79 -43.93
CA THR M 213 -52.24 -54.45 -44.59
C THR M 213 -52.92 -53.25 -43.94
N ARG M 214 -52.88 -53.18 -42.60
CA ARG M 214 -53.43 -52.11 -41.78
C ARG M 214 -52.82 -50.76 -42.17
N ARG M 215 -51.52 -50.75 -42.48
CA ARG M 215 -50.79 -49.56 -42.88
C ARG M 215 -50.77 -49.35 -44.38
N TRP M 216 -51.10 -50.36 -45.19
CA TRP M 216 -51.41 -50.14 -46.59
C TRP M 216 -52.72 -49.36 -46.74
N ALA M 217 -53.73 -49.81 -45.98
CA ALA M 217 -55.06 -49.20 -45.91
C ALA M 217 -54.98 -47.67 -45.76
N LYS M 218 -54.22 -47.20 -44.77
CA LYS M 218 -53.96 -45.80 -44.53
C LYS M 218 -53.45 -45.09 -45.78
N TYR M 219 -52.40 -45.52 -46.46
CA TYR M 219 -51.89 -44.73 -47.57
C TYR M 219 -52.83 -44.65 -48.77
N VAL M 220 -53.66 -45.67 -49.01
CA VAL M 220 -54.64 -45.59 -50.08
C VAL M 220 -55.84 -44.75 -49.66
N GLN M 221 -56.29 -44.86 -48.39
CA GLN M 221 -57.39 -44.06 -47.87
C GLN M 221 -57.02 -42.56 -47.90
N GLN M 222 -55.75 -42.25 -47.62
CA GLN M 222 -55.16 -40.91 -47.68
C GLN M 222 -54.86 -40.52 -49.14
N LYS M 223 -55.06 -41.42 -50.09
CA LYS M 223 -54.84 -41.14 -51.51
C LYS M 223 -53.38 -40.77 -51.87
N ARG M 224 -52.44 -41.21 -51.05
CA ARG M 224 -51.02 -41.02 -51.26
C ARG M 224 -50.46 -42.10 -52.21
N VAL M 225 -51.13 -43.27 -52.33
CA VAL M 225 -50.66 -44.37 -53.19
C VAL M 225 -51.84 -44.90 -54.02
N ASN M 226 -51.56 -45.36 -55.25
CA ASN M 226 -52.55 -45.74 -56.24
C ASN M 226 -52.80 -47.25 -56.21
N PRO M 227 -53.93 -47.77 -55.65
CA PRO M 227 -54.09 -49.19 -55.34
C PRO M 227 -54.24 -50.12 -56.55
N PHE M 228 -54.30 -49.56 -57.76
CA PHE M 228 -54.17 -50.32 -58.99
C PHE M 228 -52.84 -51.10 -58.99
N PHE M 229 -51.80 -50.50 -58.42
CA PHE M 229 -50.48 -51.11 -58.33
C PHE M 229 -50.23 -51.94 -57.07
N ALA M 230 -51.28 -52.40 -56.37
CA ALA M 230 -51.10 -53.32 -55.25
C ALA M 230 -50.41 -54.61 -55.69
N LEU M 231 -49.46 -55.06 -54.85
CA LEU M 231 -48.69 -56.28 -55.06
C LEU M 231 -49.28 -57.40 -54.22
N THR M 232 -49.23 -58.63 -54.77
CA THR M 232 -49.83 -59.80 -54.13
C THR M 232 -49.03 -60.22 -52.90
N GLN M 233 -49.69 -60.81 -51.89
CA GLN M 233 -49.02 -61.34 -50.70
C GLN M 233 -47.87 -62.29 -51.11
N GLN M 234 -47.98 -63.02 -52.23
CA GLN M 234 -46.93 -63.89 -52.71
C GLN M 234 -45.65 -63.13 -53.06
N TRP M 235 -45.74 -61.96 -53.70
CA TRP M 235 -44.56 -61.17 -54.01
C TRP M 235 -44.09 -60.41 -52.77
N LEU M 236 -45.01 -59.85 -51.97
CA LEU M 236 -44.63 -59.22 -50.72
C LEU M 236 -43.88 -60.17 -49.76
N THR M 237 -44.25 -61.46 -49.69
CA THR M 237 -43.55 -62.42 -48.84
C THR M 237 -42.15 -62.70 -49.40
N GLU M 238 -42.02 -62.83 -50.72
CA GLU M 238 -40.73 -63.02 -51.38
C GLU M 238 -39.79 -61.86 -51.11
N MET M 239 -40.31 -60.64 -51.15
CA MET M 239 -39.55 -59.45 -50.81
C MET M 239 -39.28 -59.33 -49.31
N ARG M 240 -40.26 -59.60 -48.46
CA ARG M 240 -40.06 -59.56 -47.02
C ARG M 240 -38.96 -60.52 -46.59
N ASN M 241 -38.93 -61.73 -47.18
CA ASN M 241 -37.89 -62.69 -46.88
C ASN M 241 -36.53 -62.19 -47.36
N LEU M 242 -36.46 -61.59 -48.55
CA LEU M 242 -35.21 -60.96 -49.00
C LEU M 242 -34.69 -59.92 -47.99
N LEU M 243 -35.59 -59.10 -47.45
CA LEU M 243 -35.22 -58.14 -46.42
C LEU M 243 -34.76 -58.78 -45.11
N SER M 244 -35.47 -59.82 -44.65
CA SER M 244 -35.05 -60.53 -43.45
C SER M 244 -33.62 -61.07 -43.59
N GLN M 245 -33.29 -61.67 -44.75
CA GLN M 245 -32.11 -62.52 -44.86
C GLN M 245 -30.94 -61.79 -45.53
N SER M 246 -31.13 -60.54 -45.95
CA SER M 246 -30.02 -59.68 -46.37
C SER M 246 -29.84 -58.53 -45.38
N LEU M 247 -28.61 -58.43 -44.86
CA LEU M 247 -28.26 -57.25 -44.07
C LEU M 247 -27.99 -56.07 -44.99
N SER M 248 -27.40 -56.32 -46.16
CA SER M 248 -26.95 -55.24 -47.03
C SER M 248 -28.11 -54.34 -47.45
N VAL M 249 -29.26 -54.94 -47.74
CA VAL M 249 -30.42 -54.10 -48.11
C VAL M 249 -30.95 -53.35 -46.88
N ARG M 250 -31.06 -53.96 -45.70
CA ARG M 250 -31.46 -53.24 -44.49
C ARG M 250 -30.51 -52.09 -44.16
N LYS M 251 -29.20 -52.24 -44.41
CA LYS M 251 -28.22 -51.18 -44.26
C LYS M 251 -28.59 -49.99 -45.14
N PHE M 252 -28.82 -50.22 -46.44
CA PHE M 252 -29.26 -49.16 -47.35
C PHE M 252 -30.60 -48.52 -46.96
N MET M 253 -31.57 -49.34 -46.58
CA MET M 253 -32.85 -48.82 -46.07
C MET M 253 -32.64 -47.89 -44.89
N VAL M 254 -31.91 -48.31 -43.85
CA VAL M 254 -31.72 -47.45 -42.70
C VAL M 254 -30.87 -46.22 -43.04
N GLU M 255 -29.93 -46.34 -43.97
CA GLU M 255 -29.17 -45.17 -44.42
C GLU M 255 -30.10 -44.12 -45.02
N ILE M 256 -30.99 -44.52 -45.94
CA ILE M 256 -31.99 -43.66 -46.59
C ILE M 256 -32.98 -43.15 -45.57
N LEU M 257 -33.38 -43.99 -44.64
CA LEU M 257 -34.38 -43.61 -43.67
C LEU M 257 -33.84 -42.51 -42.75
N ILE M 258 -32.59 -42.59 -42.28
CA ILE M 258 -31.95 -41.51 -41.53
C ILE M 258 -31.82 -40.27 -42.41
N GLU M 259 -31.46 -40.43 -43.69
CA GLU M 259 -31.31 -39.32 -44.61
C GLU M 259 -32.60 -38.48 -44.73
N VAL M 260 -33.75 -39.14 -44.88
CA VAL M 260 -35.04 -38.47 -45.06
C VAL M 260 -35.60 -37.96 -43.73
N LYS M 261 -35.14 -38.50 -42.60
CA LYS M 261 -35.53 -37.99 -41.29
C LYS M 261 -34.99 -36.59 -40.99
N LYS M 262 -33.98 -36.13 -41.74
CA LYS M 262 -33.46 -34.77 -41.63
C LYS M 262 -34.53 -33.74 -42.02
N GLY M 263 -34.56 -32.61 -41.30
CA GLY M 263 -35.53 -31.55 -41.54
C GLY M 263 -35.02 -30.54 -42.57
N GLY M 264 -35.49 -29.29 -42.44
CA GLY M 264 -34.92 -28.11 -43.09
C GLY M 264 -34.87 -28.20 -44.62
N SER M 265 -35.75 -29.03 -45.18
CA SER M 265 -35.77 -29.33 -46.60
C SER M 265 -37.20 -29.37 -47.16
N ALA M 266 -37.32 -28.94 -48.42
CA ALA M 266 -38.44 -29.30 -49.28
C ALA M 266 -38.42 -30.81 -49.54
N LYS M 267 -39.61 -31.42 -49.57
CA LYS M 267 -39.78 -32.85 -49.70
C LYS M 267 -40.75 -33.18 -50.85
N GLY M 268 -40.40 -34.18 -51.66
CA GLY M 268 -41.35 -34.78 -52.60
C GLY M 268 -42.26 -35.77 -51.88
N ARG M 269 -43.46 -36.00 -52.44
CA ARG M 269 -44.43 -36.99 -51.97
C ARG M 269 -43.75 -38.35 -51.75
N ALA M 270 -42.79 -38.67 -52.62
CA ALA M 270 -41.97 -39.87 -52.58
C ALA M 270 -41.25 -40.02 -51.23
N VAL M 271 -40.37 -39.08 -50.87
CA VAL M 271 -39.66 -39.17 -49.62
C VAL M 271 -40.56 -38.94 -48.40
N GLU M 272 -41.68 -38.23 -48.59
CA GLU M 272 -42.66 -38.03 -47.54
C GLU M 272 -43.22 -39.37 -47.09
N ILE M 273 -43.56 -40.24 -48.05
CA ILE M 273 -44.09 -41.55 -47.71
C ILE M 273 -43.06 -42.33 -46.90
N ILE M 274 -41.81 -42.31 -47.34
CA ILE M 274 -40.75 -42.97 -46.58
C ILE M 274 -40.62 -42.42 -45.16
N SER M 275 -40.66 -41.11 -44.99
CA SER M 275 -40.57 -40.53 -43.66
C SER M 275 -41.75 -40.97 -42.78
N ASP M 276 -42.92 -41.11 -43.39
CA ASP M 276 -44.13 -41.54 -42.73
C ASP M 276 -44.00 -42.99 -42.26
N ILE M 277 -43.43 -43.83 -43.08
CA ILE M 277 -43.07 -45.19 -42.73
C ILE M 277 -42.07 -45.17 -41.56
N GLY M 278 -41.11 -44.25 -41.62
CA GLY M 278 -40.00 -44.11 -40.67
C GLY M 278 -40.48 -44.18 -39.22
N ASN M 279 -41.63 -43.56 -38.90
CA ASN M 279 -42.04 -43.48 -37.51
C ASN M 279 -42.71 -44.78 -37.01
N TYR M 280 -42.81 -45.75 -37.92
CA TYR M 280 -43.14 -47.11 -37.51
C TYR M 280 -41.89 -48.00 -37.41
N VAL M 281 -40.86 -47.63 -38.18
CA VAL M 281 -39.59 -48.35 -38.26
C VAL M 281 -38.71 -48.01 -37.05
N GLU M 282 -38.73 -46.77 -36.56
CA GLU M 282 -37.99 -46.39 -35.37
C GLU M 282 -38.43 -47.16 -34.13
N GLU M 283 -37.46 -47.43 -33.25
CA GLU M 283 -37.58 -48.17 -31.99
C GLU M 283 -38.02 -49.62 -32.22
N THR M 284 -38.04 -50.09 -33.48
CA THR M 284 -38.43 -51.48 -33.75
C THR M 284 -37.43 -52.45 -33.15
N GLY M 285 -37.95 -53.53 -32.55
CA GLY M 285 -37.13 -54.54 -31.94
C GLY M 285 -36.58 -54.11 -30.58
N MET M 286 -36.94 -52.90 -30.10
CA MET M 286 -36.47 -52.38 -28.80
C MET M 286 -37.64 -52.09 -27.87
N ALA M 287 -38.74 -52.83 -28.05
CA ALA M 287 -39.98 -52.75 -27.29
C ALA M 287 -39.68 -52.74 -25.79
N GLY M 288 -38.95 -53.77 -25.37
CA GLY M 288 -38.69 -53.92 -23.96
C GLY M 288 -37.90 -52.75 -23.35
N PHE M 289 -36.91 -52.20 -24.06
CA PHE M 289 -36.12 -51.05 -23.58
C PHE M 289 -37.01 -49.85 -23.32
N PHE M 290 -37.66 -49.39 -24.38
CA PHE M 290 -38.47 -48.21 -24.24
C PHE M 290 -39.68 -48.49 -23.37
N ALA M 291 -40.17 -49.73 -23.27
CA ALA M 291 -41.24 -50.05 -22.34
C ALA M 291 -40.80 -49.92 -20.87
N THR M 292 -39.55 -50.18 -20.55
CA THR M 292 -39.07 -49.87 -19.20
C THR M 292 -38.94 -48.36 -18.97
N ILE M 293 -38.73 -47.56 -20.00
CA ILE M 293 -38.78 -46.11 -19.87
C ILE M 293 -40.23 -45.65 -19.66
N ARG M 294 -41.15 -46.01 -20.59
CA ARG M 294 -42.55 -45.64 -20.55
C ARG M 294 -43.21 -46.06 -19.23
N PHE M 295 -43.13 -47.36 -18.96
CA PHE M 295 -43.98 -47.95 -17.95
C PHE M 295 -43.21 -48.29 -16.68
N GLY M 296 -41.94 -47.89 -16.62
CA GLY M 296 -41.12 -48.01 -15.42
C GLY M 296 -40.58 -46.67 -14.94
N LEU M 297 -39.57 -46.18 -15.66
CA LEU M 297 -38.84 -44.96 -15.35
C LEU M 297 -39.78 -43.74 -15.23
N GLU M 298 -40.70 -43.54 -16.20
CA GLU M 298 -41.47 -42.31 -16.37
C GLU M 298 -42.77 -42.37 -15.59
N THR M 299 -43.24 -43.56 -15.23
CA THR M 299 -44.47 -43.72 -14.42
C THR M 299 -44.27 -43.36 -12.95
N ARG M 300 -43.00 -43.32 -12.50
CA ARG M 300 -42.50 -42.81 -11.21
C ARG M 300 -43.42 -43.11 -10.03
N TYR M 301 -43.90 -44.35 -9.96
CA TYR M 301 -44.56 -44.89 -8.78
C TYR M 301 -43.59 -44.89 -7.59
N PRO M 302 -44.12 -44.85 -6.35
CA PRO M 302 -43.35 -45.09 -5.12
C PRO M 302 -42.37 -46.25 -5.13
N ALA M 303 -42.72 -47.31 -5.88
CA ALA M 303 -41.93 -48.52 -6.03
C ALA M 303 -40.49 -48.27 -6.55
N LEU M 304 -40.20 -47.14 -7.22
CA LEU M 304 -38.84 -46.87 -7.65
C LEU M 304 -37.85 -46.65 -6.50
N ALA M 305 -38.38 -46.37 -5.29
CA ALA M 305 -37.53 -46.22 -4.12
C ALA M 305 -37.08 -47.55 -3.54
N LEU M 306 -37.68 -48.67 -3.96
CA LEU M 306 -37.32 -49.98 -3.42
C LEU M 306 -35.95 -50.37 -3.96
N ASN M 307 -35.02 -50.63 -3.05
CA ASN M 307 -33.58 -50.57 -3.33
C ASN M 307 -33.18 -51.60 -4.39
N GLU M 308 -33.94 -52.69 -4.52
CA GLU M 308 -33.70 -53.77 -5.48
C GLU M 308 -33.66 -53.25 -6.92
N PHE M 309 -34.43 -52.22 -7.27
CA PHE M 309 -34.40 -51.63 -8.59
C PHE M 309 -33.17 -50.76 -8.84
N GLN M 310 -32.44 -50.40 -7.79
CA GLN M 310 -31.48 -49.33 -7.91
C GLN M 310 -30.39 -49.68 -8.93
N SER M 311 -29.93 -50.92 -8.92
CA SER M 311 -28.93 -51.36 -9.87
C SER M 311 -29.47 -51.28 -11.32
N ASP M 312 -30.74 -51.65 -11.50
CA ASP M 312 -31.41 -51.53 -12.79
C ASP M 312 -31.51 -50.07 -13.24
N LEU M 313 -31.92 -49.17 -12.33
CA LEU M 313 -32.01 -47.75 -12.63
C LEU M 313 -30.64 -47.24 -13.10
N ASN M 314 -29.58 -47.59 -12.38
CA ASN M 314 -28.22 -47.21 -12.74
C ASN M 314 -27.83 -47.76 -14.12
N THR M 315 -28.36 -48.95 -14.43
CA THR M 315 -28.17 -49.52 -15.75
C THR M 315 -28.83 -48.64 -16.79
N ILE M 316 -30.10 -48.32 -16.58
CA ILE M 316 -30.89 -47.60 -17.59
C ILE M 316 -30.25 -46.24 -17.84
N LYS M 317 -29.81 -45.57 -16.78
CA LYS M 317 -29.17 -44.27 -16.92
C LYS M 317 -27.98 -44.40 -17.86
N SER M 318 -27.13 -45.39 -17.61
CA SER M 318 -25.96 -45.63 -18.45
C SER M 318 -26.35 -45.92 -19.90
N LEU M 319 -27.47 -46.63 -20.09
CA LEU M 319 -27.98 -46.97 -21.42
C LEU M 319 -28.44 -45.72 -22.14
N MET M 320 -29.12 -44.81 -21.45
CA MET M 320 -29.55 -43.57 -22.05
C MET M 320 -28.36 -42.76 -22.54
N LEU M 321 -27.31 -42.68 -21.71
CA LEU M 321 -26.09 -42.01 -22.15
C LEU M 321 -25.51 -42.68 -23.40
N LEU M 322 -25.50 -44.03 -23.41
CA LEU M 322 -25.00 -44.80 -24.54
C LEU M 322 -25.82 -44.48 -25.79
N TYR M 323 -27.15 -44.45 -25.65
CA TYR M 323 -28.06 -44.20 -26.75
C TYR M 323 -27.69 -42.89 -27.41
N ARG M 324 -27.51 -41.87 -26.56
CA ARG M 324 -27.21 -40.52 -26.97
C ARG M 324 -25.82 -40.46 -27.62
N GLU M 325 -24.91 -41.34 -27.21
CA GLU M 325 -23.55 -41.42 -27.73
C GLU M 325 -23.53 -42.07 -29.11
N ILE M 326 -24.42 -43.04 -29.33
CA ILE M 326 -24.47 -43.73 -30.62
C ILE M 326 -25.01 -42.79 -31.69
N GLY M 327 -25.93 -41.89 -31.30
CA GLY M 327 -26.47 -40.85 -32.18
C GLY M 327 -27.49 -41.35 -33.20
N PRO M 328 -27.38 -40.98 -34.50
CA PRO M 328 -28.48 -41.14 -35.46
C PRO M 328 -28.93 -42.58 -35.64
N ARG M 329 -28.02 -43.54 -35.50
CA ARG M 329 -28.34 -44.94 -35.78
C ARG M 329 -29.15 -45.57 -34.66
N ALA M 330 -29.19 -44.93 -33.49
CA ALA M 330 -29.70 -45.54 -32.24
C ALA M 330 -31.14 -46.04 -32.35
N PRO M 331 -32.09 -45.34 -32.99
CA PRO M 331 -33.46 -45.85 -33.09
C PRO M 331 -33.67 -47.04 -34.02
N TYR M 332 -32.63 -47.48 -34.73
CA TYR M 332 -32.81 -48.48 -35.79
C TYR M 332 -31.94 -49.72 -35.59
N MET M 333 -31.31 -49.84 -34.42
CA MET M 333 -30.16 -50.71 -34.27
C MET M 333 -30.52 -52.20 -34.26
N VAL M 334 -31.81 -52.52 -34.41
CA VAL M 334 -32.15 -53.92 -34.55
C VAL M 334 -32.22 -54.28 -36.03
N LEU M 335 -32.67 -53.34 -36.84
CA LEU M 335 -32.70 -53.57 -38.29
C LEU M 335 -31.30 -53.54 -38.85
N LEU M 336 -30.58 -52.46 -38.51
CA LEU M 336 -29.19 -52.40 -38.84
C LEU M 336 -28.59 -53.19 -37.70
N GLU M 337 -28.29 -54.48 -37.91
CA GLU M 337 -27.89 -55.36 -36.82
C GLU M 337 -26.60 -54.84 -36.20
N GLU M 338 -26.67 -54.52 -34.90
CA GLU M 338 -25.57 -53.86 -34.20
C GLU M 338 -25.43 -54.51 -32.86
N SER M 339 -24.18 -54.91 -32.59
CA SER M 339 -23.76 -55.57 -31.36
C SER M 339 -24.22 -54.83 -30.11
N ILE M 340 -24.22 -53.50 -30.21
CA ILE M 340 -24.53 -52.69 -29.05
C ILE M 340 -25.95 -52.98 -28.55
N GLN M 341 -26.81 -53.36 -29.47
CA GLN M 341 -28.21 -53.61 -29.15
C GLN M 341 -28.33 -54.60 -28.00
N THR M 342 -27.41 -55.57 -27.96
CA THR M 342 -27.47 -56.60 -26.91
C THR M 342 -27.46 -55.96 -25.53
N LYS M 343 -26.71 -54.86 -25.40
CA LYS M 343 -26.57 -54.16 -24.12
C LYS M 343 -27.92 -53.63 -23.69
N PHE M 344 -28.67 -53.16 -24.68
CA PHE M 344 -30.00 -52.60 -24.50
C PHE M 344 -31.05 -53.68 -24.25
N ALA M 345 -30.78 -54.94 -24.56
CA ALA M 345 -31.76 -55.98 -24.32
C ALA M 345 -32.14 -56.08 -22.84
N PRO M 346 -33.42 -56.36 -22.47
CA PRO M 346 -33.87 -56.39 -21.08
C PRO M 346 -33.20 -57.39 -20.14
N GLY M 347 -32.41 -58.33 -20.66
CA GLY M 347 -31.49 -59.10 -19.84
C GLY M 347 -30.57 -58.23 -19.00
N GLY M 348 -30.31 -56.99 -19.45
CA GLY M 348 -29.51 -56.01 -18.77
C GLY M 348 -30.22 -55.37 -17.56
N TYR M 349 -31.54 -55.55 -17.39
CA TYR M 349 -32.30 -54.85 -16.36
C TYR M 349 -33.59 -55.59 -16.06
N PRO M 350 -33.53 -56.90 -15.84
CA PRO M 350 -34.73 -57.75 -15.86
C PRO M 350 -35.74 -57.57 -14.72
N LEU M 351 -35.28 -57.07 -13.55
CA LEU M 351 -36.21 -56.82 -12.45
C LEU M 351 -37.10 -55.64 -12.78
N LEU M 352 -36.48 -54.54 -13.16
CA LEU M 352 -37.21 -53.36 -13.59
C LEU M 352 -38.07 -53.63 -14.83
N TRP M 353 -37.56 -54.41 -15.79
CA TRP M 353 -38.34 -54.81 -16.96
C TRP M 353 -39.55 -55.65 -16.58
N SER M 354 -39.41 -56.66 -15.70
CA SER M 354 -40.56 -57.43 -15.27
C SER M 354 -41.68 -56.56 -14.69
N PHE M 355 -41.31 -55.65 -13.79
CA PHE M 355 -42.21 -54.67 -13.21
C PHE M 355 -42.83 -53.77 -14.26
N ALA M 356 -42.01 -53.20 -15.16
CA ALA M 356 -42.47 -52.32 -16.23
C ALA M 356 -43.45 -53.00 -17.20
N MET M 357 -43.20 -54.26 -17.56
CA MET M 357 -44.16 -55.00 -18.36
C MET M 357 -45.45 -55.26 -17.56
N GLY M 358 -45.33 -55.49 -16.24
CA GLY M 358 -46.48 -55.57 -15.36
C GLY M 358 -47.39 -54.35 -15.41
N VAL M 359 -46.76 -53.17 -15.37
CA VAL M 359 -47.44 -51.90 -15.59
C VAL M 359 -48.01 -51.82 -17.03
N ALA M 360 -47.16 -52.01 -18.04
CA ALA M 360 -47.51 -51.84 -19.46
C ALA M 360 -48.74 -52.66 -19.86
N THR M 361 -48.74 -53.94 -19.53
CA THR M 361 -49.81 -54.87 -19.84
C THR M 361 -51.10 -54.51 -19.11
N THR M 362 -51.01 -53.83 -17.96
CA THR M 362 -52.16 -53.35 -17.19
C THR M 362 -52.77 -52.11 -17.83
N ILE M 363 -51.91 -51.17 -18.29
CA ILE M 363 -52.37 -49.83 -18.56
C ILE M 363 -52.54 -49.54 -20.05
N ASP M 364 -51.94 -50.33 -20.96
CA ASP M 364 -52.07 -50.10 -22.38
C ASP M 364 -52.88 -51.24 -23.03
N ARG M 365 -54.03 -50.90 -23.65
CA ARG M 365 -54.91 -51.88 -24.29
C ARG M 365 -54.12 -52.72 -25.30
N SER M 366 -53.23 -52.09 -26.09
CA SER M 366 -52.59 -52.83 -27.17
C SER M 366 -51.51 -53.80 -26.65
N MET M 367 -51.05 -53.63 -25.41
CA MET M 367 -50.09 -54.55 -24.82
C MET M 367 -50.77 -55.87 -24.45
N GLY M 368 -49.95 -56.87 -24.12
CA GLY M 368 -50.48 -58.21 -23.84
C GLY M 368 -50.56 -59.08 -25.09
N ALA M 369 -50.72 -58.45 -26.27
CA ALA M 369 -50.46 -59.12 -27.54
C ALA M 369 -48.95 -59.20 -27.83
N LEU M 370 -48.15 -58.37 -27.13
CA LEU M 370 -46.69 -58.44 -27.22
C LEU M 370 -46.17 -59.62 -26.39
N ASN M 371 -45.43 -60.50 -27.07
CA ASN M 371 -45.01 -61.78 -26.49
C ASN M 371 -43.86 -61.57 -25.53
N ILE M 372 -44.06 -61.89 -24.22
CA ILE M 372 -43.03 -61.68 -23.19
C ILE M 372 -42.66 -62.99 -22.49
N ASN M 373 -42.62 -64.07 -23.26
CA ASN M 373 -41.94 -65.28 -22.85
C ASN M 373 -40.40 -65.09 -22.93
N ARG M 374 -39.77 -64.59 -21.85
CA ARG M 374 -38.32 -64.50 -21.69
C ARG M 374 -37.85 -65.40 -20.53
N GLY M 375 -36.55 -65.73 -20.53
CA GLY M 375 -35.92 -66.52 -19.47
C GLY M 375 -35.78 -65.74 -18.15
N TYR M 376 -35.61 -64.43 -18.29
CA TYR M 376 -35.33 -63.53 -17.17
C TYR M 376 -36.58 -62.84 -16.61
N LEU M 377 -37.78 -63.30 -16.97
CA LEU M 377 -39.00 -62.75 -16.40
C LEU M 377 -39.10 -63.04 -14.91
N GLU M 378 -39.26 -61.99 -14.10
CA GLU M 378 -39.39 -62.13 -12.65
C GLU M 378 -40.84 -61.92 -12.25
N PRO M 379 -41.69 -62.97 -12.18
CA PRO M 379 -43.13 -62.79 -12.04
C PRO M 379 -43.58 -62.14 -10.74
N MET M 380 -42.80 -62.24 -9.64
CA MET M 380 -43.04 -61.48 -8.41
C MET M 380 -43.06 -59.97 -8.67
N TYR M 381 -42.08 -59.51 -9.44
CA TYR M 381 -41.95 -58.10 -9.77
C TYR M 381 -42.89 -57.68 -10.91
N PHE M 382 -43.23 -58.59 -11.83
CA PHE M 382 -44.32 -58.35 -12.78
C PHE M 382 -45.64 -58.13 -12.05
N ARG M 383 -45.98 -59.00 -11.10
CA ARG M 383 -47.16 -58.86 -10.25
C ARG M 383 -47.09 -57.60 -9.40
N LEU M 384 -45.92 -57.18 -8.93
CA LEU M 384 -45.81 -55.87 -8.29
C LEU M 384 -46.15 -54.74 -9.26
N GLY M 385 -45.72 -54.84 -10.53
CA GLY M 385 -46.08 -53.88 -11.56
C GLY M 385 -47.60 -53.84 -11.81
N GLN M 386 -48.21 -55.03 -11.93
CA GLN M 386 -49.64 -55.21 -12.06
C GLN M 386 -50.39 -54.60 -10.86
N LYS M 387 -50.10 -55.04 -9.63
CA LYS M 387 -50.87 -54.62 -8.46
C LYS M 387 -50.78 -53.12 -8.19
N SER M 388 -49.58 -52.56 -8.38
CA SER M 388 -49.34 -51.14 -8.20
C SER M 388 -50.08 -50.30 -9.25
N ALA M 389 -50.08 -50.72 -10.53
CA ALA M 389 -50.86 -50.09 -11.60
C ALA M 389 -52.38 -50.22 -11.43
N ARG M 390 -52.88 -51.42 -11.08
CA ARG M 390 -54.30 -51.69 -10.88
C ARG M 390 -54.88 -50.90 -9.69
N LEU M 404 -57.84 -29.11 -5.67
CA LEU M 404 -59.11 -29.85 -5.40
C LEU M 404 -58.87 -31.04 -4.46
N GLY M 405 -57.71 -31.71 -4.62
CA GLY M 405 -57.34 -32.96 -3.93
C GLY M 405 -58.25 -34.12 -4.35
N LEU M 406 -58.43 -35.12 -3.45
CA LEU M 406 -59.48 -36.12 -3.56
C LEU M 406 -60.49 -36.02 -2.41
N SER M 407 -61.25 -34.92 -2.36
CA SER M 407 -62.31 -34.76 -1.37
C SER M 407 -63.47 -35.71 -1.68
N SER M 408 -64.18 -36.12 -0.62
CA SER M 408 -65.35 -36.99 -0.67
C SER M 408 -65.02 -38.30 -1.41
N ASP M 409 -63.81 -38.84 -1.13
CA ASP M 409 -63.30 -40.07 -1.71
C ASP M 409 -63.35 -40.05 -3.24
N GLN M 410 -62.86 -38.96 -3.86
CA GLN M 410 -62.84 -38.83 -5.32
C GLN M 410 -61.91 -39.87 -5.97
N VAL M 411 -60.73 -40.05 -5.34
CA VAL M 411 -59.76 -41.06 -5.76
C VAL M 411 -60.33 -42.46 -5.59
N ALA M 412 -61.09 -42.70 -4.51
CA ALA M 412 -61.76 -43.98 -4.28
C ALA M 412 -62.83 -44.24 -5.36
N GLU M 413 -63.58 -43.21 -5.78
CA GLU M 413 -64.57 -43.29 -6.84
C GLU M 413 -63.90 -43.67 -8.17
N LEU M 414 -62.74 -43.08 -8.44
CA LEU M 414 -61.94 -43.40 -9.62
C LEU M 414 -61.50 -44.86 -9.60
N ALA M 415 -61.06 -45.36 -8.43
CA ALA M 415 -60.68 -46.76 -8.25
C ALA M 415 -61.86 -47.70 -8.46
N ALA M 416 -63.08 -47.32 -8.03
CA ALA M 416 -64.30 -48.11 -8.22
C ALA M 416 -64.67 -48.18 -9.71
N ALA M 417 -64.54 -47.04 -10.42
CA ALA M 417 -64.78 -46.99 -11.87
C ALA M 417 -63.77 -47.84 -12.64
N VAL M 418 -62.49 -47.80 -12.22
CA VAL M 418 -61.41 -48.63 -12.75
C VAL M 418 -61.57 -50.11 -12.37
N GLN M 419 -62.32 -50.42 -11.30
CA GLN M 419 -62.51 -51.73 -10.66
C GLN M 419 -61.20 -52.52 -10.50
N GLU M 420 -60.15 -51.80 -10.07
CA GLU M 420 -58.79 -52.26 -9.78
C GLU M 420 -58.20 -53.06 -10.96
#